data_8F2L
#
_entry.id   8F2L
#
_cell.length_a   161.735
_cell.length_b   161.735
_cell.length_c   249.235
_cell.angle_alpha   90.00
_cell.angle_beta   90.00
_cell.angle_gamma   120.00
#
_symmetry.space_group_name_H-M   'P 32'
#
loop_
_entity.id
_entity.type
_entity.pdbx_description
1 polymer 'Homoserine O-acetyltransferase'
2 non-polymer L-HOMOSERINE
#
_entity_poly.entity_id   1
_entity_poly.type   'polypeptide(L)'
_entity_poly.pdbx_seq_one_letter_code
;TQTLPAEGEIGLIDVGSLQLESGAVIDDVCIAVQRWGKLSPARDNVVVVLHALTGDSHITGPAGPGHPTPGWWDGVAGPG
APIDTTRWCAVATNVLGGCRGSTGPSSLARDGKPWGSRFPLISIRDQVQADVAALAALGITEVAAVVGGSMGGARALEWV
VGYPDRVRAGLLLAVGARATADQIGTQTTQIAAIKADPDWQSGDYHETGRAPDAGLRLARRFAHLTYRGEIELDTRFANH
NQGNEDPTAGGRYAVQSYLEHQGDKLLSRFDAGSYVILTEALNSHDVGRGRGGVSAALRACPVPVVVGGITSDRLYPLRL
QQELADLLPGCAGLRVVESVYGHDGFLVETEAVGELIRQTLGLADREG
;
_entity_poly.pdbx_strand_id   B,A,C,D,E,F,G,H,I,J,K,L
#
# COMPACT_ATOMS: atom_id res chain seq x y z
N THR A 1 -6.08 -15.76 -39.95
CA THR A 1 -7.26 -15.94 -40.82
C THR A 1 -7.89 -14.58 -41.16
N GLN A 2 -7.87 -13.62 -40.25
CA GLN A 2 -8.36 -12.28 -40.55
C GLN A 2 -7.16 -11.37 -40.73
N THR A 3 -7.40 -10.17 -41.26
CA THR A 3 -6.31 -9.36 -41.76
C THR A 3 -5.88 -8.31 -40.75
N LEU A 4 -4.54 -8.16 -40.59
CA LEU A 4 -4.02 -6.99 -39.91
C LEU A 4 -4.37 -5.80 -40.77
N PRO A 5 -5.00 -4.77 -40.22
CA PRO A 5 -5.30 -3.60 -41.03
C PRO A 5 -4.01 -2.97 -41.54
N ALA A 6 -4.18 -2.01 -42.44
CA ALA A 6 -3.04 -1.23 -42.87
C ALA A 6 -2.52 -0.41 -41.69
N GLU A 7 -1.25 -0.02 -41.76
CA GLU A 7 -0.69 0.84 -40.73
C GLU A 7 -1.56 2.08 -40.58
N GLY A 8 -2.00 2.35 -39.34
CA GLY A 8 -2.84 3.50 -39.04
C GLY A 8 -4.33 3.24 -39.14
N GLU A 9 -4.74 2.42 -40.10
CA GLU A 9 -6.14 2.16 -40.32
C GLU A 9 -6.72 1.35 -39.15
N ILE A 10 -8.00 1.61 -38.84
CA ILE A 10 -8.73 0.79 -37.89
C ILE A 10 -9.22 -0.47 -38.59
N GLY A 11 -9.17 -1.59 -37.88
CA GLY A 11 -9.82 -2.81 -38.34
C GLY A 11 -10.66 -3.37 -37.23
N LEU A 12 -11.72 -4.06 -37.62
CA LEU A 12 -12.67 -4.63 -36.68
C LEU A 12 -12.55 -6.15 -36.75
N ILE A 13 -12.20 -6.76 -35.63
CA ILE A 13 -11.82 -8.15 -35.56
C ILE A 13 -12.92 -8.90 -34.85
N ASP A 14 -13.51 -9.86 -35.56
CA ASP A 14 -14.55 -10.70 -35.03
C ASP A 14 -13.90 -11.77 -34.16
N VAL A 15 -14.15 -11.71 -32.86
CA VAL A 15 -13.63 -12.74 -31.97
C VAL A 15 -14.70 -13.74 -31.61
N GLY A 16 -15.96 -13.50 -32.00
CA GLY A 16 -16.96 -14.52 -31.78
C GLY A 16 -17.54 -14.52 -30.38
N SER A 17 -17.86 -15.72 -29.90
CA SER A 17 -18.45 -15.85 -28.58
C SER A 17 -17.34 -15.78 -27.57
N LEU A 18 -17.58 -15.03 -26.49
CA LEU A 18 -16.60 -14.84 -25.43
C LEU A 18 -17.25 -15.12 -24.08
N GLN A 19 -16.66 -16.00 -23.29
CA GLN A 19 -17.21 -16.32 -21.98
C GLN A 19 -16.51 -15.55 -20.87
N LEU A 20 -17.27 -14.67 -20.22
CA LEU A 20 -16.78 -13.81 -19.15
C LEU A 20 -16.52 -14.60 -17.87
N GLU A 21 -15.76 -13.96 -16.99
CA GLU A 21 -15.42 -14.61 -15.73
C GLU A 21 -16.67 -15.00 -14.94
N SER A 22 -17.76 -14.27 -15.09
CA SER A 22 -19.02 -14.58 -14.43
C SER A 22 -19.68 -15.85 -14.94
N GLY A 23 -19.20 -16.41 -16.03
CA GLY A 23 -19.87 -17.49 -16.69
C GLY A 23 -20.77 -17.06 -17.83
N ALA A 24 -21.34 -15.85 -17.75
CA ALA A 24 -22.14 -15.32 -18.84
C ALA A 24 -21.33 -15.32 -20.14
N VAL A 25 -22.04 -15.33 -21.26
CA VAL A 25 -21.40 -15.33 -22.56
C VAL A 25 -21.95 -14.19 -23.39
N ILE A 26 -21.06 -13.40 -23.98
CA ILE A 26 -21.42 -12.35 -24.93
C ILE A 26 -21.17 -12.89 -26.33
N ASP A 27 -22.14 -12.73 -27.22
CA ASP A 27 -21.98 -13.25 -28.56
C ASP A 27 -21.62 -12.12 -29.51
N ASP A 28 -20.85 -12.46 -30.55
CA ASP A 28 -20.48 -11.51 -31.59
C ASP A 28 -19.63 -10.36 -31.04
N VAL A 29 -18.59 -10.70 -30.27
CA VAL A 29 -17.70 -9.68 -29.73
C VAL A 29 -16.78 -9.17 -30.84
N CYS A 30 -16.55 -7.87 -30.86
CA CYS A 30 -15.72 -7.23 -31.87
C CYS A 30 -14.75 -6.29 -31.19
N ILE A 31 -13.45 -6.43 -31.50
CA ILE A 31 -12.38 -5.64 -30.90
C ILE A 31 -11.75 -4.81 -32.01
N ALA A 32 -11.84 -3.49 -31.90
CA ALA A 32 -11.19 -2.63 -32.87
C ALA A 32 -9.69 -2.65 -32.65
N VAL A 33 -8.92 -2.59 -33.74
CA VAL A 33 -7.48 -2.80 -33.66
C VAL A 33 -6.74 -1.85 -34.59
N GLN A 34 -5.52 -1.47 -34.18
CA GLN A 34 -4.63 -0.66 -35.00
C GLN A 34 -3.19 -1.10 -34.75
N ARG A 35 -2.36 -0.91 -35.77
CA ARG A 35 -0.98 -1.38 -35.67
C ARG A 35 -0.07 -0.41 -36.41
N TRP A 36 1.16 -0.33 -35.94
CA TRP A 36 2.19 0.53 -36.50
C TRP A 36 3.46 -0.30 -36.51
N GLY A 37 4.20 -0.24 -37.62
CA GLY A 37 5.32 -1.14 -37.77
C GLY A 37 4.88 -2.49 -38.30
N LYS A 38 5.84 -3.23 -38.80
CA LYS A 38 5.54 -4.38 -39.62
C LYS A 38 5.59 -5.63 -38.74
N LEU A 39 4.70 -6.58 -39.00
CA LEU A 39 4.68 -7.82 -38.23
C LEU A 39 5.69 -8.80 -38.81
N SER A 40 6.58 -9.32 -37.96
CA SER A 40 7.68 -10.18 -38.39
C SER A 40 7.18 -11.52 -38.94
N PRO A 41 8.01 -12.20 -39.74
CA PRO A 41 7.56 -13.48 -40.30
C PRO A 41 7.27 -14.51 -39.23
N ALA A 42 8.04 -14.51 -38.14
CA ALA A 42 7.71 -15.41 -37.04
C ALA A 42 6.50 -14.92 -36.26
N ARG A 43 6.02 -13.71 -36.50
CA ARG A 43 4.86 -13.21 -35.77
C ARG A 43 5.17 -13.12 -34.28
N ASP A 44 6.39 -12.71 -33.96
CA ASP A 44 6.88 -12.78 -32.59
C ASP A 44 7.33 -11.44 -32.04
N ASN A 45 7.03 -10.34 -32.73
CA ASN A 45 7.53 -9.02 -32.35
C ASN A 45 6.39 -8.09 -31.98
N VAL A 46 5.26 -8.64 -31.52
CA VAL A 46 4.13 -7.79 -31.17
C VAL A 46 4.39 -7.10 -29.84
N VAL A 47 4.15 -5.79 -29.80
CA VAL A 47 4.22 -5.00 -28.59
C VAL A 47 2.83 -4.40 -28.39
N VAL A 48 2.06 -4.97 -27.47
CA VAL A 48 0.68 -4.56 -27.20
C VAL A 48 0.70 -3.31 -26.34
N VAL A 49 0.04 -2.25 -26.80
CA VAL A 49 -0.07 -1.01 -26.05
C VAL A 49 -1.52 -0.89 -25.55
N LEU A 50 -1.70 -0.81 -24.24
CA LEU A 50 -3.00 -0.92 -23.61
C LEU A 50 -3.44 0.44 -23.04
N HIS A 51 -4.56 0.96 -23.53
CA HIS A 51 -4.98 2.31 -23.17
C HIS A 51 -5.64 2.35 -21.79
N ALA A 52 -5.82 3.57 -21.28
CA ALA A 52 -6.35 3.78 -19.94
C ALA A 52 -7.86 3.93 -20.02
N LEU A 53 -8.48 4.55 -19.02
CA LEU A 53 -9.93 4.56 -18.89
C LEU A 53 -10.63 5.05 -20.16
N THR A 54 -10.27 6.25 -20.65
CA THR A 54 -10.97 6.83 -21.80
C THR A 54 -10.23 6.64 -23.13
N GLY A 55 -9.18 5.83 -23.17
CA GLY A 55 -8.43 5.70 -24.41
C GLY A 55 -9.06 4.76 -25.44
N ASP A 56 -8.47 4.78 -26.63
CA ASP A 56 -8.90 3.94 -27.76
C ASP A 56 -7.66 3.36 -28.44
N SER A 57 -7.85 2.81 -29.64
CA SER A 57 -6.78 2.18 -30.39
C SER A 57 -5.82 3.15 -31.03
N HIS A 58 -6.11 4.45 -31.02
CA HIS A 58 -5.31 5.46 -31.72
C HIS A 58 -4.20 5.96 -30.81
N ILE A 59 -3.14 5.16 -30.68
CA ILE A 59 -2.08 5.52 -29.74
C ILE A 59 -1.18 6.62 -30.29
N THR A 60 -0.95 6.67 -31.59
CA THR A 60 -0.07 7.70 -32.14
C THR A 60 -0.60 8.22 -33.47
N GLY A 61 -0.12 9.39 -33.84
CA GLY A 61 -0.51 9.99 -35.09
C GLY A 61 -1.28 11.28 -34.86
N PRO A 62 -1.48 12.03 -35.93
CA PRO A 62 -2.20 13.29 -35.84
C PRO A 62 -3.69 13.04 -36.01
N ALA A 63 -4.46 14.09 -35.73
CA ALA A 63 -5.89 14.07 -36.03
C ALA A 63 -6.10 13.83 -37.52
N GLY A 64 -7.20 13.18 -37.84
CA GLY A 64 -7.49 12.86 -39.22
C GLY A 64 -8.89 12.35 -39.35
N PRO A 65 -9.19 11.69 -40.46
CA PRO A 65 -10.51 11.05 -40.59
C PRO A 65 -10.65 9.91 -39.59
N GLY A 66 -11.76 9.92 -38.85
CA GLY A 66 -11.98 8.91 -37.82
C GLY A 66 -11.24 9.14 -36.52
N HIS A 67 -10.40 10.18 -36.45
CA HIS A 67 -9.65 10.50 -35.24
C HIS A 67 -9.62 12.01 -35.09
N PRO A 68 -10.58 12.57 -34.38
CA PRO A 68 -10.66 14.03 -34.26
C PRO A 68 -9.45 14.67 -33.58
N THR A 69 -8.69 13.91 -32.79
CA THR A 69 -7.54 14.42 -32.05
C THR A 69 -6.41 13.47 -32.15
N PRO A 70 -5.15 13.92 -32.06
CA PRO A 70 -4.00 13.04 -32.19
C PRO A 70 -4.03 11.92 -31.16
N GLY A 71 -3.19 10.93 -31.42
CA GLY A 71 -3.18 9.74 -30.58
C GLY A 71 -2.88 10.11 -29.13
N TRP A 72 -3.38 9.30 -28.20
CA TRP A 72 -3.23 9.56 -26.75
C TRP A 72 -1.79 9.47 -26.25
N TRP A 73 -0.93 8.72 -26.93
CA TRP A 73 0.51 8.66 -26.56
C TRP A 73 1.29 9.14 -27.77
N ASP A 74 0.78 10.17 -28.44
CA ASP A 74 1.41 10.62 -29.70
C ASP A 74 2.91 10.54 -29.59
N GLY A 75 3.47 9.77 -30.49
CA GLY A 75 4.90 9.64 -30.58
C GLY A 75 5.52 8.39 -29.98
N VAL A 76 4.73 7.54 -29.31
CA VAL A 76 5.33 6.44 -28.56
C VAL A 76 5.84 5.33 -29.51
N ALA A 77 5.24 5.22 -30.70
CA ALA A 77 5.58 4.19 -31.66
C ALA A 77 5.92 4.86 -32.97
N GLY A 78 7.03 4.43 -33.58
CA GLY A 78 7.48 4.98 -34.82
C GLY A 78 8.93 4.58 -35.08
N PRO A 79 9.45 5.02 -36.24
CA PRO A 79 10.87 4.78 -36.55
C PRO A 79 11.77 5.48 -35.56
N GLY A 80 12.55 4.69 -34.83
CA GLY A 80 13.47 5.24 -33.86
C GLY A 80 12.84 5.61 -32.53
N ALA A 81 11.52 5.51 -32.40
CA ALA A 81 10.79 5.85 -31.19
C ALA A 81 11.00 4.77 -30.12
N PRO A 82 10.59 5.01 -28.87
CA PRO A 82 10.73 3.97 -27.84
C PRO A 82 10.19 2.61 -28.29
N ILE A 83 8.96 2.57 -28.79
CA ILE A 83 8.47 1.38 -29.49
C ILE A 83 8.85 1.60 -30.95
N ASP A 84 10.02 1.10 -31.31
CA ASP A 84 10.63 1.29 -32.62
C ASP A 84 9.95 0.42 -33.69
N THR A 85 9.14 1.02 -34.56
CA THR A 85 8.38 0.20 -35.51
C THR A 85 9.21 -0.30 -36.68
N THR A 86 10.46 0.14 -36.80
CA THR A 86 11.31 -0.53 -37.78
C THR A 86 11.67 -1.94 -37.32
N ARG A 87 11.39 -2.27 -36.06
CA ARG A 87 11.76 -3.58 -35.47
C ARG A 87 10.58 -4.21 -34.71
N TRP A 88 9.66 -3.43 -34.16
CA TRP A 88 8.56 -3.94 -33.34
C TRP A 88 7.23 -3.68 -34.04
N CYS A 89 6.22 -4.50 -33.73
CA CYS A 89 4.88 -4.30 -34.26
C CYS A 89 3.96 -3.82 -33.13
N ALA A 90 3.68 -2.53 -33.13
CA ALA A 90 2.86 -1.94 -32.09
C ALA A 90 1.38 -2.15 -32.41
N VAL A 91 0.70 -2.98 -31.62
CA VAL A 91 -0.72 -3.27 -31.75
C VAL A 91 -1.45 -2.68 -30.55
N ALA A 92 -2.58 -2.01 -30.79
CA ALA A 92 -3.41 -1.46 -29.73
C ALA A 92 -4.87 -1.77 -30.02
N THR A 93 -5.57 -2.35 -29.03
CA THR A 93 -7.02 -2.55 -29.17
C THR A 93 -7.82 -1.39 -28.58
N ASN A 94 -9.11 -1.40 -28.89
CA ASN A 94 -10.10 -0.72 -28.06
C ASN A 94 -10.66 -1.78 -27.10
N VAL A 95 -10.58 -1.53 -25.80
CA VAL A 95 -10.88 -2.59 -24.83
C VAL A 95 -12.35 -3.04 -24.94
N LEU A 96 -12.61 -4.30 -24.60
CA LEU A 96 -13.98 -4.75 -24.49
C LEU A 96 -14.75 -3.86 -23.53
N GLY A 97 -15.92 -3.40 -23.94
CA GLY A 97 -16.66 -2.42 -23.18
C GLY A 97 -16.51 -0.98 -23.64
N GLY A 98 -15.63 -0.71 -24.61
CA GLY A 98 -15.40 0.64 -25.08
C GLY A 98 -16.50 1.15 -25.98
N CYS A 99 -16.23 2.32 -26.57
CA CYS A 99 -17.16 3.00 -27.45
C CYS A 99 -16.45 3.57 -28.66
N ARG A 100 -15.36 2.93 -29.09
CA ARG A 100 -14.54 3.39 -30.22
C ARG A 100 -14.17 2.23 -31.11
N GLY A 101 -15.14 1.36 -31.38
CA GLY A 101 -14.93 0.25 -32.26
C GLY A 101 -15.36 -1.07 -31.65
N SER A 102 -15.05 -1.29 -30.38
CA SER A 102 -15.30 -2.57 -29.77
C SER A 102 -16.70 -2.62 -29.15
N THR A 103 -17.12 -3.85 -28.82
CA THR A 103 -18.43 -4.10 -28.24
C THR A 103 -18.54 -3.48 -26.84
N GLY A 104 -19.46 -2.55 -26.67
CA GLY A 104 -19.73 -1.93 -25.40
C GLY A 104 -21.22 -1.62 -25.29
N PRO A 105 -21.61 -0.98 -24.20
CA PRO A 105 -23.03 -0.64 -24.05
C PRO A 105 -23.61 0.12 -25.24
N SER A 106 -22.82 1.00 -25.85
CA SER A 106 -23.31 1.77 -26.96
C SER A 106 -23.44 0.96 -28.23
N SER A 107 -22.69 -0.15 -28.34
CA SER A 107 -22.76 -0.99 -29.52
C SER A 107 -24.16 -1.59 -29.65
N LEU A 108 -24.50 -2.00 -30.87
CA LEU A 108 -25.82 -2.55 -31.11
C LEU A 108 -25.81 -4.02 -30.73
N ALA A 109 -26.79 -4.43 -29.93
CA ALA A 109 -26.86 -5.83 -29.54
C ALA A 109 -27.47 -6.62 -30.69
N ARG A 110 -27.53 -7.94 -30.64
CA ARG A 110 -27.99 -8.68 -31.85
C ARG A 110 -29.42 -8.33 -32.24
N ASP A 111 -30.21 -7.88 -31.30
CA ASP A 111 -31.64 -7.61 -31.58
C ASP A 111 -31.79 -6.30 -32.35
N GLY A 112 -30.69 -5.74 -32.86
CA GLY A 112 -30.75 -4.40 -33.43
C GLY A 112 -30.83 -3.26 -32.44
N LYS A 113 -31.08 -3.53 -31.15
CA LYS A 113 -31.08 -2.45 -30.19
C LYS A 113 -29.76 -2.40 -29.43
N PRO A 114 -29.33 -1.22 -28.96
CA PRO A 114 -28.08 -1.13 -28.21
C PRO A 114 -28.07 -2.03 -26.98
N TRP A 115 -26.91 -2.63 -26.70
CA TRP A 115 -26.76 -3.44 -25.50
C TRP A 115 -27.30 -2.71 -24.28
N GLY A 116 -26.75 -1.54 -24.01
CA GLY A 116 -27.29 -0.70 -22.94
C GLY A 116 -27.26 -1.36 -21.58
N SER A 117 -28.39 -1.28 -20.88
CA SER A 117 -28.44 -1.82 -19.53
C SER A 117 -28.18 -3.33 -19.50
N ARG A 118 -28.26 -3.99 -20.66
CA ARG A 118 -28.03 -5.44 -20.79
C ARG A 118 -26.56 -5.78 -20.94
N PHE A 119 -25.69 -4.81 -21.08
CA PHE A 119 -24.28 -5.15 -21.14
C PHE A 119 -23.83 -5.66 -19.77
N PRO A 120 -23.21 -6.84 -19.72
CA PRO A 120 -22.83 -7.42 -18.43
C PRO A 120 -21.55 -6.82 -17.87
N LEU A 121 -21.48 -6.82 -16.54
CA LEU A 121 -20.27 -6.34 -15.85
C LEU A 121 -19.09 -7.24 -16.20
N ILE A 122 -17.96 -6.63 -16.50
CA ILE A 122 -16.74 -7.29 -16.94
C ILE A 122 -15.59 -6.85 -16.04
N SER A 123 -14.54 -7.68 -16.01
CA SER A 123 -13.34 -7.45 -15.24
C SER A 123 -12.13 -7.13 -16.13
N ILE A 124 -11.10 -6.58 -15.50
CA ILE A 124 -9.84 -6.41 -16.20
C ILE A 124 -9.44 -7.73 -16.85
N ARG A 125 -9.68 -8.84 -16.14
CA ARG A 125 -9.28 -10.15 -16.65
C ARG A 125 -10.03 -10.50 -17.92
N ASP A 126 -11.32 -10.16 -17.96
CA ASP A 126 -12.14 -10.28 -19.16
C ASP A 126 -11.58 -9.45 -20.31
N GLN A 127 -11.21 -8.20 -20.02
CA GLN A 127 -10.70 -7.33 -21.07
C GLN A 127 -9.50 -7.96 -21.74
N VAL A 128 -8.70 -8.70 -20.97
CA VAL A 128 -7.51 -9.35 -21.50
C VAL A 128 -7.87 -10.57 -22.33
N GLN A 129 -8.88 -11.34 -21.93
CA GLN A 129 -9.33 -12.43 -22.79
C GLN A 129 -9.65 -11.89 -24.18
N ALA A 130 -10.46 -10.83 -24.23
CA ALA A 130 -10.86 -10.25 -25.51
C ALA A 130 -9.65 -9.78 -26.31
N ASP A 131 -8.65 -9.17 -25.66
CA ASP A 131 -7.49 -8.78 -26.43
C ASP A 131 -6.73 -10.00 -26.94
N VAL A 132 -6.57 -11.00 -26.08
CA VAL A 132 -5.89 -12.23 -26.47
C VAL A 132 -6.66 -12.95 -27.56
N ALA A 133 -8.00 -12.93 -27.46
CA ALA A 133 -8.83 -13.51 -28.53
C ALA A 133 -8.63 -12.79 -29.86
N ALA A 134 -8.55 -11.47 -29.84
CA ALA A 134 -8.35 -10.72 -31.07
C ALA A 134 -7.01 -11.06 -31.71
N LEU A 135 -5.93 -11.05 -30.94
CA LEU A 135 -4.64 -11.35 -31.54
C LEU A 135 -4.62 -12.76 -32.11
N ALA A 136 -5.30 -13.71 -31.46
CA ALA A 136 -5.40 -15.06 -32.01
C ALA A 136 -6.13 -15.06 -33.35
N ALA A 137 -7.22 -14.30 -33.43
CA ALA A 137 -7.97 -14.19 -34.67
C ALA A 137 -7.11 -13.65 -35.79
N LEU A 138 -6.01 -12.98 -35.46
CA LEU A 138 -5.07 -12.46 -36.44
C LEU A 138 -3.86 -13.36 -36.64
N GLY A 139 -3.84 -14.54 -36.05
CA GLY A 139 -2.70 -15.42 -36.17
C GLY A 139 -1.55 -15.13 -35.22
N ILE A 140 -1.72 -14.15 -34.32
CA ILE A 140 -0.73 -13.87 -33.27
C ILE A 140 -1.15 -14.63 -32.02
N THR A 141 -0.26 -15.51 -31.55
CA THR A 141 -0.57 -16.38 -30.39
C THR A 141 0.37 -16.05 -29.23
N GLU A 142 1.40 -15.25 -29.50
CA GLU A 142 2.32 -14.85 -28.42
C GLU A 142 2.81 -13.42 -28.68
N VAL A 143 2.81 -12.60 -27.64
CA VAL A 143 3.31 -11.21 -27.75
C VAL A 143 4.70 -11.11 -27.12
N ALA A 144 5.46 -10.11 -27.52
CA ALA A 144 6.81 -9.91 -26.99
C ALA A 144 6.75 -9.07 -25.72
N ALA A 145 5.92 -8.04 -25.72
CA ALA A 145 5.84 -7.15 -24.56
C ALA A 145 4.45 -6.56 -24.44
N VAL A 146 4.04 -6.31 -23.20
CA VAL A 146 2.75 -5.60 -22.95
C VAL A 146 3.13 -4.31 -22.23
N VAL A 147 2.58 -3.17 -22.67
CA VAL A 147 2.95 -1.86 -22.07
C VAL A 147 1.66 -1.11 -21.78
N GLY A 148 1.53 -0.66 -20.54
CA GLY A 148 0.35 0.15 -20.22
C GLY A 148 0.44 0.95 -18.95
N GLY A 149 -0.35 2.01 -18.85
CA GLY A 149 -0.46 2.83 -17.64
C GLY A 149 -1.89 2.99 -17.19
N SER A 150 -2.12 3.15 -15.89
CA SER A 150 -3.49 3.27 -15.30
C SER A 150 -4.28 1.97 -15.51
N MET A 151 -5.45 2.06 -16.13
CA MET A 151 -6.29 0.87 -16.42
C MET A 151 -5.51 -0.06 -17.33
N GLY A 152 -4.68 0.50 -18.23
CA GLY A 152 -3.87 -0.30 -19.14
C GLY A 152 -2.71 -1.00 -18.47
N GLY A 153 -2.41 -0.65 -17.23
CA GLY A 153 -1.36 -1.33 -16.48
C GLY A 153 -1.97 -2.48 -15.75
N ALA A 154 -3.25 -2.40 -15.46
CA ALA A 154 -4.00 -3.49 -14.82
C ALA A 154 -4.24 -4.53 -15.89
N ARG A 155 -4.42 -4.08 -17.12
CA ARG A 155 -4.60 -4.98 -18.28
C ARG A 155 -3.26 -5.68 -18.55
N ALA A 156 -2.16 -5.00 -18.29
CA ALA A 156 -0.82 -5.57 -18.51
C ALA A 156 -0.39 -6.49 -17.37
N LEU A 157 -0.77 -6.20 -16.13
CA LEU A 157 -0.47 -7.09 -14.99
C LEU A 157 -1.33 -8.36 -15.06
N GLU A 158 -2.58 -8.24 -15.46
CA GLU A 158 -3.42 -9.45 -15.60
C GLU A 158 -2.95 -10.28 -16.81
N TRP A 159 -2.29 -9.66 -17.78
CA TRP A 159 -1.74 -10.37 -18.96
C TRP A 159 -0.47 -11.11 -18.59
N VAL A 160 0.45 -10.47 -17.88
CA VAL A 160 1.73 -11.11 -17.50
C VAL A 160 1.46 -12.21 -16.48
N VAL A 161 0.46 -12.07 -15.64
CA VAL A 161 0.18 -13.04 -14.55
C VAL A 161 -0.70 -14.17 -15.08
N GLY A 162 -1.63 -13.88 -15.99
CA GLY A 162 -2.57 -14.87 -16.51
C GLY A 162 -2.12 -15.57 -17.77
N TYR A 163 -1.30 -14.92 -18.59
CA TYR A 163 -0.75 -15.52 -19.83
C TYR A 163 0.77 -15.49 -19.75
N PRO A 164 1.38 -16.08 -18.71
CA PRO A 164 2.83 -15.97 -18.49
C PRO A 164 3.78 -16.58 -19.52
N ASP A 165 3.28 -17.48 -20.35
CA ASP A 165 4.14 -18.22 -21.31
C ASP A 165 3.93 -17.65 -22.70
N ARG A 166 3.06 -16.65 -22.84
CA ARG A 166 2.72 -16.06 -24.14
C ARG A 166 3.06 -14.57 -24.13
N VAL A 167 3.97 -14.12 -23.27
CA VAL A 167 4.44 -12.74 -23.25
C VAL A 167 5.84 -12.77 -22.65
N ARG A 168 6.75 -11.99 -23.22
CA ARG A 168 8.16 -12.10 -22.86
C ARG A 168 8.63 -11.08 -21.84
N ALA A 169 7.98 -9.92 -21.77
CA ALA A 169 8.29 -8.87 -20.81
C ALA A 169 7.10 -7.95 -20.69
N GLY A 170 7.05 -7.22 -19.58
CA GLY A 170 5.96 -6.29 -19.34
C GLY A 170 6.45 -4.96 -18.80
N LEU A 171 5.72 -3.91 -19.14
CA LEU A 171 5.95 -2.58 -18.58
C LEU A 171 4.69 -2.14 -17.85
N LEU A 172 4.78 -2.09 -16.52
CA LEU A 172 3.65 -1.74 -15.65
C LEU A 172 3.91 -0.36 -15.11
N LEU A 173 3.05 0.57 -15.52
CA LEU A 173 3.26 2.00 -15.21
C LEU A 173 2.07 2.60 -14.47
N ALA A 174 2.33 3.26 -13.35
CA ALA A 174 1.33 4.00 -12.55
C ALA A 174 0.06 3.18 -12.36
N VAL A 175 0.22 2.06 -11.67
CA VAL A 175 -0.82 1.06 -11.44
C VAL A 175 -0.50 0.34 -10.15
N GLY A 176 -1.48 -0.43 -9.64
CA GLY A 176 -1.28 -1.21 -8.44
C GLY A 176 -1.76 -2.64 -8.61
N ALA A 177 -1.44 -3.46 -7.59
CA ALA A 177 -1.85 -4.86 -7.61
C ALA A 177 -3.38 -5.00 -7.50
N ARG A 178 -4.06 -4.09 -6.81
CA ARG A 178 -5.51 -4.12 -6.70
C ARG A 178 -6.04 -2.70 -6.61
N ALA A 179 -7.36 -2.57 -6.66
CA ALA A 179 -7.98 -1.26 -6.44
C ALA A 179 -7.81 -0.83 -4.97
N THR A 180 -7.48 0.45 -4.75
CA THR A 180 -7.37 0.98 -3.41
C THR A 180 -8.71 1.54 -2.93
N ALA A 181 -8.87 1.65 -1.60
CA ALA A 181 -10.09 2.24 -1.07
C ALA A 181 -10.34 3.61 -1.66
N ASP A 182 -9.28 4.43 -1.75
CA ASP A 182 -9.47 5.78 -2.28
C ASP A 182 -9.98 5.74 -3.71
N GLN A 183 -9.35 4.90 -4.55
CA GLN A 183 -9.78 4.71 -5.93
C GLN A 183 -11.24 4.26 -6.02
N ILE A 184 -11.59 3.22 -5.26
CA ILE A 184 -12.97 2.74 -5.25
C ILE A 184 -13.90 3.85 -4.78
N GLY A 185 -13.47 4.62 -3.77
CA GLY A 185 -14.27 5.71 -3.24
C GLY A 185 -14.59 6.73 -4.30
N THR A 186 -13.55 7.28 -4.95
CA THR A 186 -13.82 8.30 -5.95
C THR A 186 -14.57 7.69 -7.13
N GLN A 187 -14.26 6.45 -7.48
CA GLN A 187 -14.78 5.86 -8.70
C GLN A 187 -16.24 5.42 -8.57
N THR A 188 -16.62 4.78 -7.46
CA THR A 188 -18.04 4.49 -7.27
C THR A 188 -18.86 5.77 -7.21
N THR A 189 -18.32 6.83 -6.59
CA THR A 189 -19.09 8.08 -6.52
C THR A 189 -19.24 8.70 -7.89
N GLN A 190 -18.20 8.60 -8.71
CA GLN A 190 -18.31 9.05 -10.11
C GLN A 190 -19.45 8.32 -10.82
N ILE A 191 -19.48 6.98 -10.70
CA ILE A 191 -20.60 6.23 -11.26
C ILE A 191 -21.91 6.76 -10.71
N ALA A 192 -21.96 7.00 -9.39
CA ALA A 192 -23.18 7.47 -8.75
C ALA A 192 -23.68 8.77 -9.38
N ALA A 193 -22.76 9.67 -9.72
CA ALA A 193 -23.16 10.93 -10.35
C ALA A 193 -23.74 10.69 -11.73
N ILE A 194 -23.15 9.77 -12.49
CA ILE A 194 -23.74 9.44 -13.79
C ILE A 194 -25.15 8.91 -13.58
N LYS A 195 -25.30 7.93 -12.68
CA LYS A 195 -26.59 7.29 -12.44
C LYS A 195 -27.61 8.22 -11.80
N ALA A 196 -27.18 9.27 -11.10
CA ALA A 196 -28.13 10.21 -10.51
C ALA A 196 -28.69 11.20 -11.52
N ASP A 197 -28.05 11.34 -12.67
CA ASP A 197 -28.58 12.16 -13.75
C ASP A 197 -29.92 11.60 -14.20
N PRO A 198 -30.94 12.45 -14.38
CA PRO A 198 -32.25 11.93 -14.82
C PRO A 198 -32.22 11.29 -16.19
N ASP A 199 -31.40 11.79 -17.10
CA ASP A 199 -31.40 11.23 -18.44
C ASP A 199 -30.63 9.92 -18.51
N TRP A 200 -30.10 9.42 -17.39
CA TRP A 200 -29.43 8.12 -17.39
C TRP A 200 -30.37 7.02 -17.85
N GLN A 201 -31.63 7.07 -17.43
CA GLN A 201 -32.64 6.09 -17.85
C GLN A 201 -32.13 4.66 -17.71
N SER A 202 -31.70 4.32 -16.50
CA SER A 202 -31.30 2.96 -16.16
C SER A 202 -30.23 2.41 -17.10
N GLY A 203 -29.55 3.29 -17.84
CA GLY A 203 -28.54 2.87 -18.79
C GLY A 203 -29.02 2.62 -20.20
N ASP A 204 -30.30 2.82 -20.48
CA ASP A 204 -30.86 2.60 -21.82
C ASP A 204 -31.29 3.90 -22.48
N TYR A 205 -30.45 4.93 -22.37
CA TYR A 205 -30.67 6.25 -22.96
C TYR A 205 -30.29 6.33 -24.43
N HIS A 206 -29.75 5.25 -25.00
CA HIS A 206 -28.97 5.35 -26.24
C HIS A 206 -29.77 5.87 -27.43
N GLU A 207 -31.00 5.40 -27.64
CA GLU A 207 -31.77 5.86 -28.79
C GLU A 207 -32.94 6.75 -28.40
N THR A 208 -32.80 7.51 -27.33
CA THR A 208 -33.90 8.33 -26.81
C THR A 208 -33.68 9.81 -27.00
N GLY A 209 -32.69 10.21 -27.81
CA GLY A 209 -32.31 11.59 -28.01
C GLY A 209 -31.98 12.44 -26.79
N ARG A 210 -31.99 11.87 -25.61
CA ARG A 210 -31.44 12.57 -24.45
C ARG A 210 -30.50 11.61 -23.70
N ALA A 211 -29.44 12.18 -23.14
CA ALA A 211 -28.36 11.43 -22.50
C ALA A 211 -27.92 12.11 -21.22
N PRO A 212 -27.25 11.36 -20.29
CA PRO A 212 -26.83 11.90 -18.98
C PRO A 212 -25.55 12.72 -19.01
N ASP A 213 -25.59 13.84 -19.76
CA ASP A 213 -24.39 14.64 -19.98
C ASP A 213 -23.94 15.34 -18.71
N ALA A 214 -24.88 15.86 -17.91
CA ALA A 214 -24.50 16.52 -16.67
C ALA A 214 -23.75 15.58 -15.76
N GLY A 215 -24.25 14.35 -15.62
CA GLY A 215 -23.58 13.39 -14.75
C GLY A 215 -22.22 12.98 -15.26
N LEU A 216 -22.12 12.72 -16.57
CA LEU A 216 -20.83 12.34 -17.12
C LEU A 216 -19.82 13.47 -16.97
N ARG A 217 -20.28 14.73 -17.10
CA ARG A 217 -19.40 15.89 -16.89
C ARG A 217 -18.96 15.99 -15.44
N LEU A 218 -19.87 15.74 -14.49
CA LEU A 218 -19.48 15.70 -13.08
C LEU A 218 -18.42 14.62 -12.84
N ALA A 219 -18.63 13.43 -13.39
CA ALA A 219 -17.67 12.35 -13.19
C ALA A 219 -16.29 12.72 -13.71
N ARG A 220 -16.22 13.30 -14.93
CA ARG A 220 -14.92 13.60 -15.52
C ARG A 220 -14.19 14.70 -14.76
N ARG A 221 -14.94 15.71 -14.30
CA ARG A 221 -14.30 16.79 -13.56
C ARG A 221 -13.66 16.26 -12.29
N PHE A 222 -14.37 15.42 -11.53
CA PHE A 222 -13.76 14.87 -10.32
C PHE A 222 -12.60 13.96 -10.67
N ALA A 223 -12.79 13.08 -11.64
CA ALA A 223 -11.70 12.20 -12.04
C ALA A 223 -10.49 13.01 -12.48
N HIS A 224 -10.72 14.05 -13.30
CA HIS A 224 -9.59 14.78 -13.84
C HIS A 224 -8.70 15.26 -12.71
N LEU A 225 -9.29 15.72 -11.62
CA LEU A 225 -8.49 16.18 -10.49
C LEU A 225 -7.55 15.12 -9.97
N THR A 226 -7.95 13.83 -9.99
CA THR A 226 -7.08 12.80 -9.44
C THR A 226 -5.84 12.61 -10.29
N TYR A 227 -5.96 12.84 -11.62
CA TYR A 227 -4.87 12.72 -12.56
C TYR A 227 -3.85 13.86 -12.49
N ARG A 228 -4.15 14.93 -11.79
CA ARG A 228 -3.25 16.10 -11.77
C ARG A 228 -2.39 16.16 -10.51
N GLY A 229 -1.41 17.05 -10.49
CA GLY A 229 -0.59 17.29 -9.30
C GLY A 229 -1.08 18.54 -8.62
N GLU A 230 -1.08 18.56 -7.28
CA GLU A 230 -1.67 19.72 -6.57
C GLU A 230 -0.85 20.94 -6.88
N ILE A 231 0.47 20.82 -6.87
CA ILE A 231 1.23 22.05 -7.10
C ILE A 231 1.07 22.55 -8.53
N GLU A 232 1.34 21.71 -9.55
CA GLU A 232 1.24 22.16 -10.94
CA GLU A 232 1.26 22.19 -10.92
C GLU A 232 -0.10 22.82 -11.21
N LEU A 233 -1.19 22.23 -10.68
CA LEU A 233 -2.48 22.90 -10.82
C LEU A 233 -2.48 24.28 -10.20
N ASP A 234 -1.97 24.40 -8.99
CA ASP A 234 -2.00 25.70 -8.36
C ASP A 234 -1.10 26.68 -9.11
N THR A 235 0.01 26.19 -9.64
CA THR A 235 0.90 27.05 -10.43
C THR A 235 0.21 27.46 -11.73
N ARG A 236 -0.54 26.54 -12.34
CA ARG A 236 -1.20 26.83 -13.60
C ARG A 236 -2.33 27.84 -13.46
N PHE A 237 -3.21 27.65 -12.46
CA PHE A 237 -4.47 28.38 -12.35
C PHE A 237 -4.61 29.27 -11.12
N ALA A 238 -4.01 28.91 -9.99
CA ALA A 238 -4.20 29.63 -8.73
C ALA A 238 -5.70 29.84 -8.50
N ASN A 239 -6.08 30.94 -7.85
CA ASN A 239 -7.48 31.30 -7.72
C ASN A 239 -7.88 32.40 -8.70
N HIS A 240 -7.19 32.47 -9.84
CA HIS A 240 -7.47 33.46 -10.85
C HIS A 240 -8.83 33.21 -11.47
N ASN A 241 -9.43 34.29 -11.94
CA ASN A 241 -10.68 34.18 -12.65
C ASN A 241 -10.43 33.77 -14.09
N GLN A 242 -11.47 33.26 -14.70
CA GLN A 242 -11.49 32.94 -16.12
C GLN A 242 -11.70 34.22 -16.91
N GLY A 243 -10.71 34.59 -17.73
CA GLY A 243 -10.83 35.80 -18.51
C GLY A 243 -11.24 36.99 -17.67
N ASN A 244 -12.41 37.56 -17.98
CA ASN A 244 -12.92 38.70 -17.23
C ASN A 244 -14.17 38.36 -16.44
N GLU A 245 -14.36 37.09 -16.10
CA GLU A 245 -15.56 36.70 -15.37
C GLU A 245 -15.35 36.96 -13.89
N ASP A 246 -16.44 37.32 -13.20
CA ASP A 246 -16.36 37.60 -11.77
C ASP A 246 -17.08 36.50 -11.00
N PRO A 247 -16.36 35.59 -10.35
CA PRO A 247 -17.05 34.54 -9.59
C PRO A 247 -17.94 35.09 -8.48
N THR A 248 -17.62 36.27 -7.92
CA THR A 248 -18.42 36.78 -6.82
C THR A 248 -19.75 37.35 -7.28
N ALA A 249 -19.97 37.38 -8.60
CA ALA A 249 -21.24 37.75 -9.21
C ALA A 249 -21.67 36.71 -10.23
N GLY A 250 -21.28 35.44 -10.02
CA GLY A 250 -21.73 34.35 -10.86
C GLY A 250 -20.76 33.83 -11.90
N GLY A 251 -19.54 34.40 -12.00
CA GLY A 251 -18.54 33.94 -12.94
C GLY A 251 -17.80 32.71 -12.49
N ARG A 252 -16.82 32.31 -13.29
CA ARG A 252 -16.06 31.09 -13.07
C ARG A 252 -14.60 31.41 -12.79
N TYR A 253 -13.95 30.60 -11.97
CA TYR A 253 -12.51 30.67 -11.81
C TYR A 253 -11.83 29.96 -12.96
N ALA A 254 -10.54 30.28 -13.16
CA ALA A 254 -9.84 29.70 -14.31
C ALA A 254 -9.82 28.17 -14.25
N VAL A 255 -9.52 27.60 -13.07
CA VAL A 255 -9.53 26.12 -12.97
C VAL A 255 -10.93 25.58 -13.14
N GLN A 256 -11.93 26.30 -12.62
CA GLN A 256 -13.29 25.83 -12.79
C GLN A 256 -13.65 25.74 -14.26
N SER A 257 -13.41 26.82 -15.01
CA SER A 257 -13.64 26.82 -16.44
C SER A 257 -12.85 25.73 -17.14
N TYR A 258 -11.58 25.56 -16.78
CA TYR A 258 -10.77 24.50 -17.37
C TYR A 258 -11.44 23.14 -17.18
N LEU A 259 -11.86 22.85 -15.94
CA LEU A 259 -12.52 21.58 -15.66
C LEU A 259 -13.80 21.44 -16.48
N GLU A 260 -14.56 22.51 -16.65
CA GLU A 260 -15.75 22.45 -17.50
C GLU A 260 -15.40 21.99 -18.91
N HIS A 261 -14.31 22.54 -19.48
CA HIS A 261 -13.91 22.14 -20.83
C HIS A 261 -13.48 20.68 -20.86
N GLN A 262 -12.74 20.23 -19.85
CA GLN A 262 -12.34 18.83 -19.82
C GLN A 262 -13.57 17.93 -19.96
N GLY A 263 -14.67 18.32 -19.33
CA GLY A 263 -15.89 17.53 -19.45
C GLY A 263 -16.53 17.64 -20.81
N ASP A 264 -16.57 18.85 -21.36
CA ASP A 264 -17.10 19.01 -22.71
C ASP A 264 -16.30 18.18 -23.70
N LYS A 265 -14.96 18.21 -23.60
CA LYS A 265 -14.11 17.44 -24.50
C LYS A 265 -14.46 15.96 -24.45
N LEU A 266 -14.77 15.44 -23.27
CA LEU A 266 -15.10 14.01 -23.17
C LEU A 266 -16.46 13.72 -23.78
N LEU A 267 -17.46 14.59 -23.54
CA LEU A 267 -18.80 14.31 -24.04
C LEU A 267 -18.80 14.10 -25.55
N SER A 268 -18.04 14.91 -26.27
CA SER A 268 -18.11 14.82 -27.72
C SER A 268 -17.41 13.60 -28.28
N ARG A 269 -16.86 12.71 -27.45
CA ARG A 269 -16.13 11.56 -27.97
C ARG A 269 -16.29 10.29 -27.16
N PHE A 270 -17.12 10.26 -26.12
CA PHE A 270 -17.16 9.15 -25.18
C PHE A 270 -18.58 8.91 -24.69
N ASP A 271 -18.84 7.67 -24.32
CA ASP A 271 -20.16 7.16 -23.98
C ASP A 271 -20.28 6.97 -22.47
N ALA A 272 -21.33 7.56 -21.88
CA ALA A 272 -21.55 7.43 -20.45
C ALA A 272 -21.62 5.96 -20.02
N GLY A 273 -22.30 5.13 -20.80
CA GLY A 273 -22.42 3.72 -20.46
C GLY A 273 -21.08 3.03 -20.41
N SER A 274 -20.16 3.41 -21.28
CA SER A 274 -18.84 2.81 -21.22
C SER A 274 -18.10 3.30 -19.98
N TYR A 275 -18.21 4.60 -19.67
CA TYR A 275 -17.64 5.11 -18.43
C TYR A 275 -18.07 4.27 -17.24
N VAL A 276 -19.35 3.90 -17.17
CA VAL A 276 -19.82 3.13 -16.02
C VAL A 276 -19.23 1.73 -16.05
N ILE A 277 -19.39 1.02 -17.16
CA ILE A 277 -18.92 -0.36 -17.24
C ILE A 277 -17.42 -0.44 -16.98
N LEU A 278 -16.67 0.52 -17.51
CA LEU A 278 -15.21 0.46 -17.39
C LEU A 278 -14.74 0.81 -15.97
N THR A 279 -15.39 1.76 -15.31
CA THR A 279 -15.06 2.04 -13.91
C THR A 279 -15.37 0.85 -13.01
N GLU A 280 -16.49 0.16 -13.26
CA GLU A 280 -16.77 -1.08 -12.54
C GLU A 280 -15.60 -2.05 -12.66
N ALA A 281 -15.07 -2.22 -13.86
CA ALA A 281 -13.95 -3.14 -14.06
C ALA A 281 -12.73 -2.68 -13.30
N LEU A 282 -12.54 -1.36 -13.20
CA LEU A 282 -11.46 -0.80 -12.37
C LEU A 282 -11.64 -1.17 -10.90
N ASN A 283 -12.87 -1.02 -10.39
CA ASN A 283 -13.11 -1.34 -8.99
C ASN A 283 -12.84 -2.81 -8.70
N SER A 284 -13.24 -3.67 -9.63
CA SER A 284 -13.10 -5.11 -9.46
C SER A 284 -11.66 -5.58 -9.64
N HIS A 285 -10.74 -4.67 -9.95
CA HIS A 285 -9.35 -5.04 -10.18
C HIS A 285 -8.74 -5.61 -8.90
N ASP A 286 -8.14 -6.80 -9.03
CA ASP A 286 -7.56 -7.52 -7.90
C ASP A 286 -6.77 -8.72 -8.40
N VAL A 287 -5.47 -8.56 -8.58
CA VAL A 287 -4.67 -9.60 -9.19
C VAL A 287 -4.60 -10.87 -8.35
N GLY A 288 -5.02 -10.81 -7.08
CA GLY A 288 -4.91 -11.95 -6.20
C GLY A 288 -6.16 -12.80 -6.13
N ARG A 289 -7.29 -12.26 -6.57
CA ARG A 289 -8.55 -12.99 -6.57
C ARG A 289 -8.40 -14.36 -7.26
N GLY A 290 -8.90 -15.40 -6.61
CA GLY A 290 -8.83 -16.76 -7.12
C GLY A 290 -7.44 -17.32 -7.23
N ARG A 291 -6.44 -16.62 -6.68
CA ARG A 291 -5.07 -17.12 -6.70
C ARG A 291 -4.39 -17.03 -5.33
N GLY A 292 -5.16 -16.84 -4.25
CA GLY A 292 -4.57 -16.83 -2.93
C GLY A 292 -4.03 -15.50 -2.49
N GLY A 293 -4.42 -14.41 -3.13
CA GLY A 293 -4.03 -13.09 -2.69
C GLY A 293 -2.90 -12.49 -3.52
N VAL A 294 -2.74 -11.19 -3.35
CA VAL A 294 -1.79 -10.43 -4.16
C VAL A 294 -0.39 -11.05 -4.08
N SER A 295 0.12 -11.31 -2.86
CA SER A 295 1.48 -11.82 -2.75
C SER A 295 1.66 -13.14 -3.48
N ALA A 296 0.76 -14.08 -3.23
CA ALA A 296 0.88 -15.39 -3.85
C ALA A 296 0.94 -15.26 -5.36
N ALA A 297 0.04 -14.45 -5.91
CA ALA A 297 -0.04 -14.35 -7.35
C ALA A 297 1.24 -13.76 -7.93
N LEU A 298 1.67 -12.62 -7.38
CA LEU A 298 2.86 -11.97 -7.90
C LEU A 298 4.11 -12.79 -7.65
N ARG A 299 4.21 -13.41 -6.46
CA ARG A 299 5.44 -14.16 -6.17
C ARG A 299 5.61 -15.30 -7.17
N ALA A 300 4.51 -15.85 -7.68
CA ALA A 300 4.55 -16.94 -8.66
C ALA A 300 4.76 -16.50 -10.10
N CYS A 301 4.76 -15.20 -10.40
CA CYS A 301 4.89 -14.75 -11.78
C CYS A 301 6.35 -14.49 -12.11
N PRO A 302 6.97 -15.29 -12.97
CA PRO A 302 8.40 -15.12 -13.27
C PRO A 302 8.73 -14.17 -14.42
N VAL A 303 7.72 -13.59 -15.06
CA VAL A 303 7.94 -12.77 -16.27
C VAL A 303 8.81 -11.56 -15.94
N PRO A 304 9.87 -11.27 -16.70
CA PRO A 304 10.58 -10.00 -16.53
C PRO A 304 9.66 -8.81 -16.79
N VAL A 305 9.67 -7.86 -15.85
CA VAL A 305 8.79 -6.70 -15.96
C VAL A 305 9.57 -5.48 -15.50
N VAL A 306 9.21 -4.33 -16.08
CA VAL A 306 9.66 -3.02 -15.60
C VAL A 306 8.48 -2.37 -14.90
N VAL A 307 8.73 -1.77 -13.73
CA VAL A 307 7.68 -1.10 -12.96
C VAL A 307 8.09 0.34 -12.73
N GLY A 308 7.24 1.27 -13.15
CA GLY A 308 7.50 2.68 -12.94
C GLY A 308 6.33 3.38 -12.28
N GLY A 309 6.66 4.31 -11.38
CA GLY A 309 5.64 5.09 -10.71
C GLY A 309 6.06 6.55 -10.65
N ILE A 310 5.06 7.43 -10.55
CA ILE A 310 5.29 8.87 -10.55
C ILE A 310 5.26 9.42 -9.13
N THR A 311 6.27 10.23 -8.79
CA THR A 311 6.40 10.75 -7.43
C THR A 311 5.15 11.49 -6.97
N SER A 312 4.56 12.32 -7.83
CA SER A 312 3.44 13.18 -7.48
C SER A 312 2.08 12.58 -7.82
N ASP A 313 2.02 11.29 -8.15
CA ASP A 313 0.77 10.67 -8.59
C ASP A 313 -0.21 10.60 -7.42
N ARG A 314 -1.39 11.17 -7.58
CA ARG A 314 -2.38 11.16 -6.49
C ARG A 314 -3.43 10.06 -6.62
N LEU A 315 -3.57 9.44 -7.80
CA LEU A 315 -4.56 8.38 -7.93
C LEU A 315 -3.98 7.00 -7.65
N TYR A 316 -2.77 6.70 -8.15
CA TYR A 316 -2.06 5.45 -7.93
C TYR A 316 -0.71 5.77 -7.30
N PRO A 317 -0.68 6.11 -6.01
CA PRO A 317 0.55 6.62 -5.37
C PRO A 317 1.73 5.68 -5.49
N LEU A 318 2.91 6.27 -5.40
CA LEU A 318 4.15 5.53 -5.53
C LEU A 318 4.18 4.25 -4.68
N ARG A 319 3.52 4.25 -3.51
CA ARG A 319 3.57 3.04 -2.69
C ARG A 319 3.02 1.83 -3.44
N LEU A 320 2.02 2.03 -4.32
CA LEU A 320 1.43 0.91 -5.05
C LEU A 320 2.42 0.30 -6.01
N GLN A 321 3.31 1.11 -6.59
CA GLN A 321 4.31 0.60 -7.51
C GLN A 321 5.43 -0.08 -6.75
N GLN A 322 5.81 0.47 -5.61
CA GLN A 322 6.77 -0.22 -4.76
C GLN A 322 6.28 -1.65 -4.45
N GLU A 323 4.99 -1.82 -4.18
CA GLU A 323 4.51 -3.17 -3.90
C GLU A 323 4.71 -4.08 -5.10
N LEU A 324 4.37 -3.60 -6.29
CA LEU A 324 4.56 -4.42 -7.48
C LEU A 324 6.02 -4.77 -7.65
N ALA A 325 6.90 -3.77 -7.46
CA ALA A 325 8.34 -4.03 -7.57
C ALA A 325 8.82 -5.05 -6.54
N ASP A 326 8.28 -4.97 -5.31
CA ASP A 326 8.70 -5.84 -4.20
C ASP A 326 8.34 -7.30 -4.44
N LEU A 327 7.18 -7.54 -5.05
CA LEU A 327 6.61 -8.89 -5.08
C LEU A 327 6.93 -9.70 -6.33
N LEU A 328 7.08 -9.06 -7.49
CA LEU A 328 7.35 -9.68 -8.78
C LEU A 328 8.85 -9.99 -8.88
N PRO A 329 9.26 -11.28 -8.87
CA PRO A 329 10.70 -11.59 -8.93
C PRO A 329 11.36 -11.16 -10.22
N GLY A 330 10.57 -11.02 -11.29
CA GLY A 330 11.06 -10.54 -12.55
C GLY A 330 11.36 -9.04 -12.59
N CYS A 331 11.18 -8.32 -11.49
CA CYS A 331 11.39 -6.88 -11.43
C CYS A 331 12.69 -6.60 -10.68
N ALA A 332 13.61 -5.86 -11.31
CA ALA A 332 14.89 -5.56 -10.67
C ALA A 332 14.73 -4.59 -9.51
N GLY A 333 13.79 -3.66 -9.61
CA GLY A 333 13.56 -2.68 -8.58
C GLY A 333 12.65 -1.59 -9.09
N LEU A 334 11.99 -0.85 -8.20
CA LEU A 334 11.12 0.19 -8.70
C LEU A 334 11.97 1.18 -9.46
N ARG A 335 11.46 1.58 -10.62
CA ARG A 335 12.00 2.70 -11.38
C ARG A 335 11.09 3.89 -11.12
N VAL A 336 11.64 4.94 -10.51
CA VAL A 336 10.87 6.11 -10.12
C VAL A 336 10.98 7.17 -11.21
N VAL A 337 9.86 7.50 -11.83
CA VAL A 337 9.76 8.56 -12.82
C VAL A 337 9.52 9.88 -12.11
N GLU A 338 10.43 10.82 -12.27
CA GLU A 338 10.28 12.10 -11.61
C GLU A 338 9.38 13.01 -12.47
N SER A 339 8.27 13.47 -11.89
CA SER A 339 7.30 14.26 -12.61
C SER A 339 6.42 15.02 -11.64
N VAL A 340 6.06 16.24 -12.05
CA VAL A 340 5.20 17.10 -11.27
C VAL A 340 3.76 17.02 -11.73
N TYR A 341 3.47 16.18 -12.72
CA TYR A 341 2.20 16.18 -13.43
C TYR A 341 1.24 15.10 -12.95
N GLY A 342 1.53 14.49 -11.80
CA GLY A 342 0.65 13.50 -11.23
C GLY A 342 0.50 12.29 -12.13
N HIS A 343 -0.70 11.71 -12.10
CA HIS A 343 -0.97 10.49 -12.84
C HIS A 343 -0.68 10.67 -14.33
N ASP A 344 -1.05 11.82 -14.89
CA ASP A 344 -0.84 12.04 -16.32
C ASP A 344 0.65 12.08 -16.64
N GLY A 345 1.49 11.93 -15.62
CA GLY A 345 2.92 12.02 -15.83
C GLY A 345 3.47 10.99 -16.79
N PHE A 346 2.89 9.79 -16.82
CA PHE A 346 3.47 8.74 -17.67
C PHE A 346 3.25 9.01 -19.16
N LEU A 347 2.28 9.84 -19.51
CA LEU A 347 2.08 10.27 -20.89
C LEU A 347 2.84 11.53 -21.24
N VAL A 348 3.41 12.22 -20.26
CA VAL A 348 4.01 13.53 -20.47
C VAL A 348 5.54 13.46 -20.47
N GLU A 349 6.11 12.69 -19.55
CA GLU A 349 7.56 12.66 -19.38
C GLU A 349 8.15 11.71 -20.40
N THR A 350 8.14 12.16 -21.66
CA THR A 350 8.34 11.24 -22.77
C THR A 350 9.73 10.63 -22.76
N GLU A 351 10.75 11.44 -22.47
CA GLU A 351 12.10 10.85 -22.33
C GLU A 351 12.18 9.87 -21.17
N ALA A 352 11.72 10.28 -19.97
CA ALA A 352 11.84 9.40 -18.81
C ALA A 352 11.07 8.09 -18.98
N VAL A 353 9.82 8.16 -19.46
CA VAL A 353 9.05 6.94 -19.66
C VAL A 353 9.56 6.18 -20.88
N GLY A 354 9.89 6.90 -21.94
CA GLY A 354 10.46 6.25 -23.11
C GLY A 354 11.72 5.48 -22.75
N GLU A 355 12.51 6.04 -21.86
CA GLU A 355 13.70 5.34 -21.43
C GLU A 355 13.33 3.95 -20.92
N LEU A 356 12.23 3.87 -20.15
CA LEU A 356 11.74 2.60 -19.59
C LEU A 356 11.17 1.68 -20.65
N ILE A 357 10.47 2.23 -21.66
CA ILE A 357 9.94 1.41 -22.74
C ILE A 357 11.10 0.69 -23.43
N ARG A 358 12.19 1.41 -23.70
CA ARG A 358 13.36 0.77 -24.30
C ARG A 358 13.87 -0.37 -23.42
N GLN A 359 13.93 -0.14 -22.11
CA GLN A 359 14.38 -1.18 -21.20
C GLN A 359 13.52 -2.42 -21.29
N THR A 360 12.18 -2.24 -21.37
CA THR A 360 11.27 -3.37 -21.45
C THR A 360 11.49 -4.16 -22.73
N LEU A 361 11.51 -3.46 -23.87
CA LEU A 361 11.76 -4.15 -25.11
C LEU A 361 13.13 -4.79 -25.10
N GLY A 362 14.10 -4.15 -24.45
CA GLY A 362 15.40 -4.77 -24.27
C GLY A 362 15.28 -6.13 -23.63
N LEU A 363 14.41 -6.24 -22.61
CA LEU A 363 14.19 -7.51 -21.93
C LEU A 363 13.49 -8.52 -22.84
N ALA A 364 12.56 -8.06 -23.66
CA ALA A 364 11.90 -8.96 -24.58
C ALA A 364 12.87 -9.51 -25.61
N ASP A 365 13.87 -8.73 -26.02
CA ASP A 365 14.92 -9.26 -26.88
C ASP A 365 15.66 -10.41 -26.21
N ARG A 366 16.10 -10.18 -24.97
CA ARG A 366 16.90 -11.17 -24.27
C ARG A 366 16.22 -12.54 -24.23
N GLU A 367 14.90 -12.56 -24.41
CA GLU A 367 14.02 -13.67 -24.03
C GLU A 367 13.33 -14.32 -25.27
N THR B 1 -24.94 44.99 26.22
CA THR B 1 -26.38 45.17 26.00
C THR B 1 -27.18 43.84 25.98
N GLN B 2 -26.63 42.82 25.32
CA GLN B 2 -27.16 41.46 25.32
C GLN B 2 -26.14 40.58 26.03
N THR B 3 -26.58 39.39 26.44
CA THR B 3 -25.76 38.54 27.30
C THR B 3 -25.46 37.18 26.71
N LEU B 4 -24.33 36.66 27.12
CA LEU B 4 -24.01 35.29 26.78
C LEU B 4 -25.09 34.37 27.34
N PRO B 5 -25.49 33.36 26.58
CA PRO B 5 -26.40 32.35 27.09
C PRO B 5 -25.75 31.60 28.24
N ALA B 6 -26.55 30.77 28.91
CA ALA B 6 -25.95 29.92 29.93
C ALA B 6 -25.07 28.89 29.25
N GLU B 7 -24.05 28.42 29.99
CA GLU B 7 -23.12 27.46 29.42
C GLU B 7 -23.88 26.28 28.86
N GLY B 8 -23.58 25.95 27.62
CA GLY B 8 -24.24 24.86 26.93
C GLY B 8 -25.47 25.29 26.18
N GLU B 9 -26.27 26.17 26.74
CA GLU B 9 -27.42 26.63 25.98
C GLU B 9 -27.00 27.56 24.85
N ILE B 10 -27.79 27.48 23.80
CA ILE B 10 -27.72 28.38 22.65
C ILE B 10 -28.43 29.69 22.92
N GLY B 11 -27.83 30.74 22.39
CA GLY B 11 -28.50 32.01 22.32
C GLY B 11 -28.39 32.53 20.89
N LEU B 12 -29.32 33.38 20.53
CA LEU B 12 -29.35 33.98 19.21
C LEU B 12 -29.04 35.45 19.46
N ILE B 13 -28.06 35.97 18.74
CA ILE B 13 -27.54 37.29 19.00
C ILE B 13 -28.00 38.16 17.84
N ASP B 14 -28.76 39.19 18.15
CA ASP B 14 -29.24 40.13 17.14
C ASP B 14 -28.11 41.12 16.85
N VAL B 15 -27.57 41.05 15.63
CA VAL B 15 -26.47 41.94 15.21
C VAL B 15 -26.96 43.04 14.30
N GLY B 16 -28.24 43.02 13.90
CA GLY B 16 -28.78 44.08 13.09
C GLY B 16 -28.46 43.93 11.61
N SER B 17 -28.33 45.07 10.95
CA SER B 17 -28.00 45.14 9.54
C SER B 17 -26.50 45.03 9.36
N LEU B 18 -26.09 44.27 8.35
CA LEU B 18 -24.68 44.02 8.07
C LEU B 18 -24.39 44.39 6.62
N GLN B 19 -23.35 45.19 6.39
CA GLN B 19 -22.96 45.53 5.02
C GLN B 19 -21.84 44.61 4.54
N LEU B 20 -22.17 43.76 3.58
CA LEU B 20 -21.22 42.80 3.07
C LEU B 20 -20.14 43.51 2.25
N GLU B 21 -19.08 42.77 1.96
CA GLU B 21 -17.99 43.25 1.12
C GLU B 21 -18.52 43.61 -0.26
N SER B 22 -19.56 42.91 -0.71
CA SER B 22 -20.21 43.10 -2.00
C SER B 22 -20.92 44.45 -2.09
N GLY B 23 -21.00 45.20 -1.00
CA GLY B 23 -21.78 46.42 -0.97
C GLY B 23 -23.22 46.23 -0.52
N ALA B 24 -23.81 45.08 -0.84
CA ALA B 24 -25.15 44.75 -0.41
C ALA B 24 -25.28 44.86 1.10
N VAL B 25 -26.52 45.05 1.55
CA VAL B 25 -26.80 45.14 2.96
C VAL B 25 -27.86 44.11 3.30
N ILE B 26 -27.56 43.28 4.27
CA ILE B 26 -28.42 42.20 4.71
C ILE B 26 -29.14 42.64 5.96
N ASP B 27 -30.45 42.43 5.98
CA ASP B 27 -31.24 42.92 7.10
C ASP B 27 -31.50 41.81 8.11
N ASP B 28 -31.54 42.18 9.39
CA ASP B 28 -31.94 41.29 10.47
C ASP B 28 -30.99 40.09 10.60
N VAL B 29 -29.68 40.36 10.71
CA VAL B 29 -28.75 39.24 10.85
C VAL B 29 -28.84 38.67 12.26
N CYS B 30 -28.82 37.33 12.34
CA CYS B 30 -28.89 36.60 13.61
C CYS B 30 -27.79 35.56 13.63
N ILE B 31 -26.96 35.58 14.68
CA ILE B 31 -25.84 34.65 14.81
C ILE B 31 -26.02 33.79 16.06
N ALA B 32 -26.12 32.48 15.88
CA ALA B 32 -26.23 31.60 17.04
C ALA B 32 -24.88 31.50 17.77
N VAL B 33 -24.94 31.39 19.09
CA VAL B 33 -23.74 31.43 19.92
C VAL B 33 -23.90 30.41 21.05
N GLN B 34 -22.77 29.86 21.48
CA GLN B 34 -22.63 28.93 22.59
C GLN B 34 -21.31 29.22 23.28
N ARG B 35 -21.24 28.92 24.58
CA ARG B 35 -20.05 29.24 25.34
C ARG B 35 -19.81 28.25 26.46
N TRP B 36 -18.54 28.13 26.86
CA TRP B 36 -18.09 27.26 27.96
C TRP B 36 -17.08 28.03 28.80
N GLY B 37 -17.23 27.98 30.12
CA GLY B 37 -16.43 28.79 31.02
C GLY B 37 -17.01 30.17 31.23
N LYS B 38 -16.53 30.84 32.28
CA LYS B 38 -17.13 32.10 32.72
C LYS B 38 -16.47 33.27 32.01
N LEU B 39 -17.28 34.30 31.72
CA LEU B 39 -16.73 35.49 31.08
C LEU B 39 -16.09 36.32 32.17
N SER B 40 -14.79 36.61 32.03
CA SER B 40 -14.09 37.32 33.09
C SER B 40 -14.60 38.75 33.24
N PRO B 41 -14.38 39.36 34.41
CA PRO B 41 -14.98 40.70 34.66
C PRO B 41 -14.56 41.75 33.65
N ALA B 42 -13.29 41.73 33.21
CA ALA B 42 -12.85 42.62 32.15
C ALA B 42 -13.33 42.19 30.78
N ARG B 43 -13.88 40.99 30.67
CA ARG B 43 -14.34 40.46 29.39
C ARG B 43 -13.17 40.30 28.41
N ASP B 44 -12.02 39.87 28.94
CA ASP B 44 -10.75 39.83 28.21
C ASP B 44 -10.18 38.43 28.07
N ASN B 45 -10.99 37.40 28.35
CA ASN B 45 -10.54 36.01 28.34
C ASN B 45 -11.35 35.15 27.34
N VAL B 46 -11.92 35.77 26.31
CA VAL B 46 -12.68 35.05 25.30
C VAL B 46 -11.72 34.38 24.30
N VAL B 47 -11.95 33.09 24.04
CA VAL B 47 -11.23 32.30 23.06
C VAL B 47 -12.25 31.85 22.01
N VAL B 48 -12.26 32.47 20.84
CA VAL B 48 -13.26 32.12 19.82
C VAL B 48 -12.81 30.85 19.09
N VAL B 49 -13.64 29.82 19.11
CA VAL B 49 -13.38 28.58 18.39
C VAL B 49 -14.24 28.63 17.13
N LEU B 50 -13.61 28.51 15.97
CA LEU B 50 -14.26 28.75 14.69
C LEU B 50 -14.41 27.43 13.93
N HIS B 51 -15.64 27.06 13.65
CA HIS B 51 -15.93 25.77 13.04
C HIS B 51 -15.68 25.78 11.53
N ALA B 52 -15.61 24.59 10.95
CA ALA B 52 -15.33 24.40 9.53
C ALA B 52 -16.62 24.32 8.73
N LEU B 53 -16.55 23.73 7.54
CA LEU B 53 -17.62 23.87 6.54
C LEU B 53 -18.99 23.48 7.10
N THR B 54 -19.14 22.25 7.59
CA THR B 54 -20.46 21.82 8.05
C THR B 54 -20.60 21.86 9.57
N GLY B 55 -19.69 22.51 10.27
CA GLY B 55 -19.78 22.58 11.71
C GLY B 55 -20.76 23.65 12.17
N ASP B 56 -21.05 23.62 13.48
CA ASP B 56 -21.94 24.57 14.14
C ASP B 56 -21.30 25.06 15.45
N SER B 57 -22.12 25.69 16.31
CA SER B 57 -21.65 26.22 17.60
C SER B 57 -21.38 25.14 18.65
N HIS B 58 -21.78 23.89 18.42
CA HIS B 58 -21.69 22.84 19.42
C HIS B 58 -20.30 22.19 19.36
N ILE B 59 -19.29 22.87 19.93
CA ILE B 59 -17.93 22.37 19.79
C ILE B 59 -17.68 21.18 20.70
N THR B 60 -18.24 21.19 21.89
CA THR B 60 -17.95 20.11 22.82
C THR B 60 -19.21 19.73 23.58
N GLY B 61 -19.21 18.51 24.10
CA GLY B 61 -20.34 18.03 24.84
C GLY B 61 -20.99 16.83 24.18
N PRO B 62 -21.94 16.22 24.89
CA PRO B 62 -22.61 15.03 24.38
C PRO B 62 -23.84 15.39 23.59
N ALA B 63 -24.39 14.38 22.92
CA ALA B 63 -25.67 14.54 22.26
C ALA B 63 -26.74 14.86 23.30
N GLY B 64 -27.74 15.62 22.88
CA GLY B 64 -28.79 15.99 23.78
C GLY B 64 -29.95 16.65 23.07
N PRO B 65 -30.78 17.33 23.85
CA PRO B 65 -31.86 18.12 23.25
C PRO B 65 -31.28 19.28 22.45
N GLY B 66 -31.75 19.43 21.21
CA GLY B 66 -31.22 20.44 20.33
C GLY B 66 -29.90 20.07 19.68
N HIS B 67 -29.30 18.94 20.07
CA HIS B 67 -28.01 18.50 19.55
C HIS B 67 -28.00 17.01 19.29
N PRO B 68 -28.34 16.59 18.07
CA PRO B 68 -28.36 15.16 17.78
C PRO B 68 -27.00 14.45 17.91
N THR B 69 -25.88 15.16 17.78
CA THR B 69 -24.56 14.55 17.86
C THR B 69 -23.60 15.35 18.74
N PRO B 70 -22.67 14.67 19.39
CA PRO B 70 -21.71 15.37 20.26
C PRO B 70 -20.98 16.47 19.52
N GLY B 71 -20.27 17.29 20.31
CA GLY B 71 -19.59 18.42 19.73
C GLY B 71 -18.62 17.97 18.65
N TRP B 72 -18.49 18.79 17.62
CA TRP B 72 -17.62 18.40 16.54
C TRP B 72 -16.16 18.41 16.97
N TRP B 73 -15.85 19.10 18.07
CA TRP B 73 -14.52 19.07 18.66
C TRP B 73 -14.58 18.59 20.11
N ASP B 74 -15.28 17.48 20.35
CA ASP B 74 -15.60 17.09 21.72
C ASP B 74 -14.37 17.04 22.62
N GLY B 75 -14.43 17.75 23.74
CA GLY B 75 -13.36 17.74 24.70
C GLY B 75 -12.39 18.89 24.59
N VAL B 76 -12.48 19.73 23.55
CA VAL B 76 -11.44 20.73 23.37
C VAL B 76 -11.57 21.85 24.42
N ALA B 77 -12.78 22.09 24.93
CA ALA B 77 -13.04 23.14 25.91
C ALA B 77 -13.67 22.53 27.14
N GLY B 78 -13.13 22.88 28.31
CA GLY B 78 -13.66 22.35 29.54
C GLY B 78 -12.64 22.50 30.66
N PRO B 79 -13.02 22.07 31.86
CA PRO B 79 -12.08 22.12 32.99
C PRO B 79 -10.83 21.29 32.71
N GLY B 80 -9.69 21.97 32.68
CA GLY B 80 -8.42 21.29 32.42
C GLY B 80 -8.16 20.99 30.96
N ALA B 81 -9.12 21.26 30.07
CA ALA B 81 -8.98 20.96 28.66
C ALA B 81 -7.95 21.90 28.00
N PRO B 82 -7.59 21.61 26.74
CA PRO B 82 -6.71 22.54 26.01
C PRO B 82 -7.18 23.99 26.08
N ILE B 83 -8.45 24.25 25.77
CA ILE B 83 -9.07 25.53 26.12
C ILE B 83 -9.61 25.33 27.53
N ASP B 84 -8.79 25.64 28.53
CA ASP B 84 -9.16 25.40 29.92
C ASP B 84 -10.17 26.43 30.41
N THR B 85 -11.42 26.00 30.60
CA THR B 85 -12.51 26.92 30.96
C THR B 85 -12.48 27.39 32.41
N THR B 86 -11.58 26.87 33.27
CA THR B 86 -11.43 27.51 34.57
C THR B 86 -10.74 28.86 34.48
N ARG B 87 -10.17 29.18 33.31
CA ARG B 87 -9.45 30.45 33.12
C ARG B 87 -9.94 31.13 31.86
N TRP B 88 -10.52 30.37 30.95
CA TRP B 88 -10.90 30.93 29.64
C TRP B 88 -12.38 30.76 29.36
N CYS B 89 -12.90 31.58 28.46
CA CYS B 89 -14.29 31.47 28.05
C CYS B 89 -14.34 31.15 26.56
N ALA B 90 -14.57 29.89 26.23
CA ALA B 90 -14.62 29.47 24.84
C ALA B 90 -15.96 29.82 24.24
N VAL B 91 -15.95 30.72 23.24
CA VAL B 91 -17.16 31.14 22.51
C VAL B 91 -17.09 30.61 21.09
N ALA B 92 -18.19 30.06 20.61
CA ALA B 92 -18.26 29.54 19.26
C ALA B 92 -19.57 30.01 18.64
N THR B 93 -19.49 30.67 17.49
CA THR B 93 -20.68 31.08 16.76
C THR B 93 -21.12 30.00 15.78
N ASN B 94 -22.33 30.14 15.26
CA ASN B 94 -22.70 29.48 14.03
C ASN B 94 -22.44 30.48 12.93
N VAL B 95 -21.64 30.09 11.92
CA VAL B 95 -21.13 31.05 10.97
C VAL B 95 -22.28 31.68 10.19
N LEU B 96 -22.09 32.95 9.76
CA LEU B 96 -23.04 33.58 8.84
C LEU B 96 -23.15 32.77 7.55
N GLY B 97 -24.38 32.54 7.09
CA GLY B 97 -24.63 31.67 5.98
C GLY B 97 -24.96 30.25 6.36
N GLY B 98 -24.81 29.88 7.64
CA GLY B 98 -25.03 28.54 8.11
C GLY B 98 -26.50 28.17 8.23
N CYS B 99 -26.74 27.00 8.85
CA CYS B 99 -28.09 26.46 8.95
C CYS B 99 -28.39 25.86 10.32
N ARG B 100 -27.82 26.43 11.39
CA ARG B 100 -28.04 25.92 12.73
C ARG B 100 -28.27 27.06 13.69
N GLY B 101 -29.05 28.06 13.28
CA GLY B 101 -29.32 29.14 14.19
C GLY B 101 -29.03 30.47 13.54
N SER B 102 -27.96 30.52 12.77
CA SER B 102 -27.52 31.78 12.19
C SER B 102 -28.22 32.00 10.85
N THR B 103 -28.19 33.26 10.40
CA THR B 103 -28.91 33.65 9.18
C THR B 103 -28.31 33.01 7.94
N GLY B 104 -29.10 32.21 7.25
CA GLY B 104 -28.64 31.57 6.04
C GLY B 104 -29.72 31.38 5.01
N PRO B 105 -29.38 30.74 3.90
CA PRO B 105 -30.41 30.50 2.87
C PRO B 105 -31.65 29.83 3.43
N SER B 106 -31.50 28.92 4.38
CA SER B 106 -32.67 28.22 4.92
C SER B 106 -33.51 29.10 5.85
N SER B 107 -32.94 30.17 6.39
CA SER B 107 -33.61 31.09 7.30
C SER B 107 -34.71 31.89 6.59
N LEU B 108 -35.65 32.42 7.39
CA LEU B 108 -36.77 33.22 6.90
C LEU B 108 -36.38 34.70 6.82
N ALA B 109 -36.67 35.33 5.67
CA ALA B 109 -36.37 36.75 5.46
C ALA B 109 -37.47 37.64 6.05
N ARG B 110 -37.33 38.94 5.93
CA ARG B 110 -38.35 39.77 6.56
C ARG B 110 -39.67 39.73 5.82
N ASP B 111 -39.76 39.04 4.68
CA ASP B 111 -41.02 38.85 3.96
C ASP B 111 -41.71 37.53 4.29
N GLY B 112 -41.22 36.80 5.30
CA GLY B 112 -41.77 35.52 5.72
C GLY B 112 -41.40 34.29 4.91
N LYS B 113 -40.80 34.43 3.81
CA LYS B 113 -40.37 33.29 3.01
C LYS B 113 -38.89 33.03 3.24
N PRO B 114 -38.42 31.79 3.06
CA PRO B 114 -36.98 31.51 3.19
C PRO B 114 -36.13 32.34 2.21
N TRP B 115 -34.98 32.79 2.69
CA TRP B 115 -34.04 33.56 1.86
C TRP B 115 -33.81 32.87 0.51
N GLY B 116 -33.35 31.62 0.54
CA GLY B 116 -33.20 30.82 -0.66
C GLY B 116 -32.22 31.44 -1.62
N SER B 117 -32.59 31.47 -2.89
CA SER B 117 -31.67 32.00 -3.90
C SER B 117 -31.32 33.46 -3.68
N ARG B 118 -32.06 34.18 -2.84
CA ARG B 118 -31.84 35.60 -2.61
C ARG B 118 -30.73 35.88 -1.61
N PHE B 119 -30.25 34.87 -0.92
CA PHE B 119 -29.15 35.10 -0.01
C PHE B 119 -27.93 35.47 -0.84
N PRO B 120 -27.27 36.60 -0.55
CA PRO B 120 -26.14 37.02 -1.38
C PRO B 120 -24.88 36.22 -1.12
N LEU B 121 -24.05 36.09 -2.15
CA LEU B 121 -22.74 35.50 -1.92
C LEU B 121 -22.00 36.33 -0.88
N ILE B 122 -21.36 35.62 0.04
CA ILE B 122 -20.64 36.25 1.13
C ILE B 122 -19.22 35.70 1.11
N SER B 123 -18.32 36.43 1.74
CA SER B 123 -16.92 36.04 1.80
C SER B 123 -16.52 35.57 3.19
N ILE B 124 -15.37 34.89 3.26
CA ILE B 124 -14.79 34.57 4.57
C ILE B 124 -14.69 35.85 5.40
N ARG B 125 -14.38 36.96 4.75
CA ARG B 125 -14.28 38.23 5.45
C ARG B 125 -15.63 38.67 6.01
N ASP B 126 -16.69 38.49 5.24
CA ASP B 126 -18.02 38.77 5.77
C ASP B 126 -18.26 37.94 7.02
N GLN B 127 -17.95 36.64 6.94
CA GLN B 127 -18.17 35.76 8.08
C GLN B 127 -17.45 36.25 9.33
N VAL B 128 -16.26 36.83 9.15
CA VAL B 128 -15.53 37.34 10.31
C VAL B 128 -16.18 38.61 10.80
N GLN B 129 -16.63 39.48 9.88
CA GLN B 129 -17.35 40.68 10.31
C GLN B 129 -18.57 40.32 11.15
N ALA B 130 -19.35 39.33 10.71
CA ALA B 130 -20.53 38.94 11.47
C ALA B 130 -20.18 38.48 12.89
N ASP B 131 -19.11 37.69 13.06
CA ASP B 131 -18.78 37.23 14.41
C ASP B 131 -18.36 38.40 15.30
N VAL B 132 -17.55 39.31 14.77
CA VAL B 132 -17.11 40.44 15.55
C VAL B 132 -18.30 41.32 15.96
N ALA B 133 -19.26 41.49 15.04
CA ALA B 133 -20.47 42.22 15.39
C ALA B 133 -21.20 41.56 16.54
N ALA B 134 -21.32 40.23 16.47
CA ALA B 134 -22.03 39.45 17.50
C ALA B 134 -21.32 39.55 18.86
N LEU B 135 -20.01 39.39 18.87
CA LEU B 135 -19.31 39.56 20.14
C LEU B 135 -19.48 40.99 20.64
N ALA B 136 -19.59 41.95 19.72
CA ALA B 136 -19.85 43.35 20.10
C ALA B 136 -21.20 43.50 20.79
N ALA B 137 -22.24 42.92 20.21
CA ALA B 137 -23.57 43.02 20.79
C ALA B 137 -23.63 42.43 22.19
N LEU B 138 -22.67 41.58 22.55
CA LEU B 138 -22.56 40.99 23.88
C LEU B 138 -21.56 41.73 24.75
N GLY B 139 -21.05 42.87 24.28
CA GLY B 139 -20.09 43.62 25.06
C GLY B 139 -18.67 43.13 25.02
N ILE B 140 -18.35 42.15 24.20
CA ILE B 140 -16.97 41.69 24.05
C ILE B 140 -16.37 42.38 22.84
N THR B 141 -15.34 43.21 23.04
CA THR B 141 -14.70 43.96 21.96
C THR B 141 -13.24 43.54 21.73
N GLU B 142 -12.71 42.63 22.54
CA GLU B 142 -11.38 42.11 22.28
C GLU B 142 -11.42 40.64 22.66
N VAL B 143 -10.76 39.82 21.86
CA VAL B 143 -10.73 38.39 22.14
C VAL B 143 -9.31 38.06 22.52
N ALA B 144 -9.17 37.05 23.37
CA ALA B 144 -7.84 36.66 23.78
C ALA B 144 -7.12 35.94 22.64
N ALA B 145 -7.85 35.08 21.93
CA ALA B 145 -7.28 34.25 20.88
C ALA B 145 -8.39 33.77 19.96
N VAL B 146 -8.01 33.41 18.73
CA VAL B 146 -8.88 32.67 17.81
C VAL B 146 -8.23 31.32 17.52
N VAL B 147 -9.06 30.28 17.40
CA VAL B 147 -8.61 28.94 17.04
C VAL B 147 -9.56 28.38 15.99
N GLY B 148 -9.00 27.78 14.93
CA GLY B 148 -9.83 27.19 13.89
C GLY B 148 -9.03 26.30 12.95
N GLY B 149 -9.71 25.34 12.34
CA GLY B 149 -9.11 24.54 11.29
C GLY B 149 -9.99 24.54 10.05
N SER B 150 -9.41 24.16 8.93
CA SER B 150 -10.14 24.15 7.65
C SER B 150 -10.77 25.54 7.47
N MET B 151 -12.04 25.64 7.11
CA MET B 151 -12.66 26.95 6.96
C MET B 151 -12.52 27.80 8.21
N GLY B 152 -12.61 27.17 9.40
CA GLY B 152 -12.44 27.91 10.63
C GLY B 152 -11.07 28.56 10.74
N GLY B 153 -10.04 27.89 10.21
CA GLY B 153 -8.74 28.52 10.16
C GLY B 153 -8.71 29.72 9.22
N ALA B 154 -9.45 29.63 8.11
CA ALA B 154 -9.61 30.78 7.22
C ALA B 154 -10.28 31.93 7.96
N ARG B 155 -11.31 31.63 8.75
CA ARG B 155 -11.90 32.66 9.60
C ARG B 155 -10.87 33.21 10.57
N ALA B 156 -10.12 32.32 11.23
CA ALA B 156 -9.09 32.79 12.13
C ALA B 156 -8.10 33.70 11.42
N LEU B 157 -7.62 33.28 10.25
CA LEU B 157 -6.65 34.09 9.53
C LEU B 157 -7.22 35.47 9.23
N GLU B 158 -8.41 35.53 8.62
CA GLU B 158 -8.97 36.84 8.29
C GLU B 158 -9.28 37.64 9.52
N TRP B 159 -9.44 36.98 10.67
CA TRP B 159 -9.67 37.70 11.93
C TRP B 159 -8.38 38.38 12.37
N VAL B 160 -7.30 37.61 12.49
CA VAL B 160 -6.05 38.17 13.01
C VAL B 160 -5.47 39.20 12.05
N VAL B 161 -5.72 39.05 10.76
CA VAL B 161 -5.14 39.96 9.78
C VAL B 161 -5.95 41.25 9.67
N GLY B 162 -7.26 41.16 9.75
CA GLY B 162 -8.15 42.30 9.64
C GLY B 162 -8.47 43.05 10.94
N TYR B 163 -8.21 42.42 12.10
CA TYR B 163 -8.50 43.02 13.41
C TYR B 163 -7.36 42.83 14.41
N PRO B 164 -6.13 43.19 14.03
CA PRO B 164 -4.98 42.85 14.89
C PRO B 164 -4.99 43.53 16.24
N ASP B 165 -5.68 44.66 16.36
CA ASP B 165 -5.77 45.44 17.57
C ASP B 165 -6.72 44.84 18.58
N ARG B 166 -7.53 43.88 18.14
CA ARG B 166 -8.63 43.30 18.90
C ARG B 166 -8.54 41.78 19.00
N VAL B 167 -7.32 41.24 18.88
CA VAL B 167 -7.07 39.82 19.10
C VAL B 167 -5.63 39.68 19.54
N ARG B 168 -5.39 38.82 20.53
CA ARG B 168 -4.07 38.78 21.14
C ARG B 168 -3.20 37.67 20.57
N ALA B 169 -3.81 36.59 20.09
CA ALA B 169 -3.05 35.52 19.47
C ALA B 169 -4.00 34.68 18.65
N GLY B 170 -3.45 33.90 17.72
CA GLY B 170 -4.25 33.03 16.90
C GLY B 170 -3.59 31.67 16.72
N LEU B 171 -4.42 30.63 16.60
CA LEU B 171 -3.99 29.28 16.24
C LEU B 171 -4.65 28.93 14.92
N LEU B 172 -3.84 28.81 13.87
CA LEU B 172 -4.32 28.51 12.54
C LEU B 172 -3.94 27.09 12.19
N LEU B 173 -4.93 26.25 12.00
CA LEU B 173 -4.70 24.82 11.80
C LEU B 173 -5.17 24.35 10.41
N ALA B 174 -4.27 23.79 9.60
CA ALA B 174 -4.56 23.14 8.31
C ALA B 174 -5.40 24.06 7.42
N VAL B 175 -4.72 25.14 7.01
CA VAL B 175 -5.31 26.23 6.25
C VAL B 175 -4.21 26.90 5.44
N GLY B 176 -4.60 27.76 4.50
CA GLY B 176 -3.64 28.50 3.71
C GLY B 176 -4.02 29.96 3.53
N ALA B 177 -3.08 30.72 2.95
CA ALA B 177 -3.32 32.13 2.68
C ALA B 177 -4.46 32.36 1.69
N ARG B 178 -4.66 31.46 0.73
CA ARG B 178 -5.77 31.62 -0.21
C ARG B 178 -6.26 30.26 -0.68
N ALA B 179 -7.38 30.27 -1.40
CA ALA B 179 -7.90 29.05 -2.02
C ALA B 179 -6.95 28.59 -3.12
N THR B 180 -6.68 27.28 -3.16
CA THR B 180 -5.80 26.68 -4.16
C THR B 180 -6.61 26.26 -5.38
N ALA B 181 -5.90 26.06 -6.50
CA ALA B 181 -6.55 25.60 -7.72
C ALA B 181 -7.30 24.30 -7.47
N ASP B 182 -6.65 23.36 -6.78
CA ASP B 182 -7.25 22.05 -6.48
C ASP B 182 -8.51 22.19 -5.62
N GLN B 183 -8.45 22.99 -4.53
CA GLN B 183 -9.63 23.22 -3.68
C GLN B 183 -10.78 23.77 -4.48
N ILE B 184 -10.53 24.84 -5.24
CA ILE B 184 -11.57 25.44 -6.07
C ILE B 184 -12.08 24.41 -7.06
N GLY B 185 -11.20 23.59 -7.60
CA GLY B 185 -11.60 22.57 -8.53
C GLY B 185 -12.61 21.62 -7.92
N THR B 186 -12.27 20.98 -6.79
CA THR B 186 -13.20 20.04 -6.19
C THR B 186 -14.42 20.76 -5.65
N GLN B 187 -14.24 21.97 -5.15
CA GLN B 187 -15.33 22.65 -4.49
C GLN B 187 -16.35 23.23 -5.50
N THR B 188 -15.89 23.87 -6.57
CA THR B 188 -16.84 24.34 -7.58
C THR B 188 -17.61 23.17 -8.20
N THR B 189 -16.96 22.03 -8.38
CA THR B 189 -17.64 20.87 -8.93
C THR B 189 -18.62 20.27 -7.94
N GLN B 190 -18.29 20.27 -6.64
CA GLN B 190 -19.26 19.88 -5.62
C GLN B 190 -20.52 20.75 -5.72
N ILE B 191 -20.35 22.07 -5.84
CA ILE B 191 -21.50 22.94 -6.07
C ILE B 191 -22.26 22.52 -7.32
N ALA B 192 -21.54 22.20 -8.40
CA ALA B 192 -22.21 21.82 -9.64
C ALA B 192 -23.07 20.58 -9.46
N ALA B 193 -22.59 19.62 -8.66
CA ALA B 193 -23.34 18.40 -8.45
C ALA B 193 -24.66 18.68 -7.74
N ILE B 194 -24.63 19.58 -6.76
CA ILE B 194 -25.87 19.98 -6.11
C ILE B 194 -26.78 20.68 -7.11
N LYS B 195 -26.23 21.66 -7.84
CA LYS B 195 -27.05 22.45 -8.77
C LYS B 195 -27.59 21.62 -9.93
N ALA B 196 -26.93 20.50 -10.25
CA ALA B 196 -27.40 19.62 -11.32
C ALA B 196 -28.56 18.73 -10.88
N ASP B 197 -28.75 18.56 -9.59
CA ASP B 197 -29.90 17.86 -9.07
C ASP B 197 -31.16 18.61 -9.47
N PRO B 198 -32.16 17.95 -10.06
CA PRO B 198 -33.39 18.66 -10.47
C PRO B 198 -34.17 19.29 -9.33
N ASP B 199 -34.10 18.72 -8.14
CA ASP B 199 -34.82 19.33 -7.03
C ASP B 199 -34.09 20.53 -6.47
N TRP B 200 -32.95 20.92 -7.03
CA TRP B 200 -32.29 22.15 -6.61
C TRP B 200 -33.20 23.35 -6.82
N GLN B 201 -33.90 23.39 -7.95
CA GLN B 201 -34.86 24.45 -8.25
C GLN B 201 -34.27 25.81 -7.95
N SER B 202 -33.12 26.09 -8.57
CA SER B 202 -32.45 27.38 -8.48
C SER B 202 -32.11 27.79 -7.05
N GLY B 203 -32.09 26.86 -6.10
CA GLY B 203 -31.78 27.20 -4.74
C GLY B 203 -32.97 27.62 -3.92
N ASP B 204 -34.17 27.58 -4.50
CA ASP B 204 -35.41 27.94 -3.85
C ASP B 204 -36.28 26.72 -3.61
N TYR B 205 -35.64 25.62 -3.18
CA TYR B 205 -36.35 24.38 -2.89
C TYR B 205 -36.99 24.31 -1.51
N HIS B 206 -36.66 25.21 -0.60
CA HIS B 206 -37.11 25.07 0.77
C HIS B 206 -38.62 25.11 0.82
N GLU B 207 -39.23 24.24 1.62
CA GLU B 207 -40.67 24.32 1.73
C GLU B 207 -41.42 24.00 0.44
N THR B 208 -40.84 23.15 -0.41
CA THR B 208 -41.52 22.65 -1.59
C THR B 208 -41.78 21.17 -1.46
N GLY B 209 -41.17 20.52 -0.46
CA GLY B 209 -41.26 19.08 -0.29
C GLY B 209 -40.31 18.28 -1.15
N ARG B 210 -39.46 18.95 -1.92
CA ARG B 210 -38.38 18.34 -2.65
C ARG B 210 -37.10 19.10 -2.29
N ALA B 211 -35.99 18.36 -2.22
CA ALA B 211 -34.72 18.95 -1.90
C ALA B 211 -33.68 18.26 -2.77
N PRO B 212 -32.50 18.89 -2.97
CA PRO B 212 -31.47 18.27 -3.82
C PRO B 212 -30.60 17.26 -3.06
N ASP B 213 -31.22 16.21 -2.54
CA ASP B 213 -30.49 15.28 -1.70
C ASP B 213 -29.46 14.47 -2.49
N ALA B 214 -29.82 14.05 -3.70
CA ALA B 214 -28.86 13.27 -4.49
C ALA B 214 -27.59 14.07 -4.70
N GLY B 215 -27.73 15.34 -5.09
CA GLY B 215 -26.57 16.17 -5.35
C GLY B 215 -25.74 16.45 -4.11
N LEU B 216 -26.41 16.73 -2.97
CA LEU B 216 -25.70 16.99 -1.73
C LEU B 216 -24.93 15.76 -1.27
N ARG B 217 -25.50 14.57 -1.46
CA ARG B 217 -24.76 13.36 -1.10
C ARG B 217 -23.55 13.18 -2.00
N LEU B 218 -23.69 13.46 -3.29
CA LEU B 218 -22.53 13.41 -4.16
C LEU B 218 -21.45 14.38 -3.68
N ALA B 219 -21.85 15.61 -3.39
CA ALA B 219 -20.86 16.60 -2.96
C ALA B 219 -20.12 16.12 -1.72
N ARG B 220 -20.87 15.60 -0.75
CA ARG B 220 -20.27 15.17 0.53
C ARG B 220 -19.37 13.94 0.33
N ARG B 221 -19.75 13.01 -0.52
CA ARG B 221 -18.89 11.86 -0.73
C ARG B 221 -17.54 12.29 -1.29
N PHE B 222 -17.54 13.12 -2.34
CA PHE B 222 -16.28 13.57 -2.93
C PHE B 222 -15.47 14.41 -1.96
N ALA B 223 -16.14 15.31 -1.24
CA ALA B 223 -15.49 16.14 -0.25
C ALA B 223 -14.88 15.29 0.86
N HIS B 224 -15.61 14.27 1.34
CA HIS B 224 -15.11 13.44 2.42
C HIS B 224 -13.77 12.83 2.05
N LEU B 225 -13.66 12.32 0.84
CA LEU B 225 -12.40 11.73 0.41
C LEU B 225 -11.23 12.72 0.49
N THR B 226 -11.48 13.99 0.26
CA THR B 226 -10.37 14.92 0.40
C THR B 226 -9.94 15.02 1.85
N TYR B 227 -10.86 14.80 2.77
CA TYR B 227 -10.53 14.95 4.19
C TYR B 227 -9.71 13.79 4.73
N ARG B 228 -9.64 12.67 4.00
CA ARG B 228 -9.01 11.44 4.51
C ARG B 228 -7.55 11.38 4.10
N GLY B 229 -6.85 10.39 4.65
CA GLY B 229 -5.49 10.07 4.26
C GLY B 229 -5.52 8.79 3.42
N GLU B 230 -4.77 8.79 2.31
CA GLU B 230 -4.89 7.68 1.38
C GLU B 230 -4.65 6.32 2.06
N ILE B 231 -3.56 6.21 2.80
CA ILE B 231 -3.19 4.90 3.33
C ILE B 231 -4.21 4.42 4.36
N GLU B 232 -4.53 5.29 5.31
CA GLU B 232 -5.53 4.93 6.32
C GLU B 232 -6.81 4.42 5.69
N LEU B 233 -7.32 5.09 4.65
CA LEU B 233 -8.52 4.57 4.00
C LEU B 233 -8.29 3.19 3.43
N ASP B 234 -7.16 2.98 2.76
CA ASP B 234 -6.93 1.66 2.19
C ASP B 234 -6.79 0.63 3.29
N THR B 235 -6.20 1.01 4.42
CA THR B 235 -6.03 0.04 5.51
C THR B 235 -7.37 -0.35 6.10
N ARG B 236 -8.27 0.63 6.26
CA ARG B 236 -9.56 0.37 6.88
C ARG B 236 -10.46 -0.46 5.98
N PHE B 237 -10.56 -0.10 4.70
CA PHE B 237 -11.55 -0.69 3.81
C PHE B 237 -10.99 -1.56 2.70
N ALA B 238 -9.84 -1.23 2.16
CA ALA B 238 -9.28 -1.93 0.99
C ALA B 238 -10.36 -2.06 -0.08
N ASN B 239 -10.32 -3.17 -0.82
CA ASN B 239 -11.33 -3.50 -1.81
C ASN B 239 -12.34 -4.51 -1.27
N HIS B 240 -12.50 -4.55 0.05
CA HIS B 240 -13.43 -5.48 0.66
C HIS B 240 -14.87 -5.10 0.33
N ASN B 241 -15.73 -6.11 0.33
CA ASN B 241 -17.14 -5.86 0.12
C ASN B 241 -17.79 -5.36 1.39
N GLN B 242 -18.96 -4.77 1.24
CA GLN B 242 -19.79 -4.39 2.36
C GLN B 242 -20.52 -5.65 2.80
N GLY B 243 -20.20 -6.13 4.00
CA GLY B 243 -20.84 -7.32 4.53
C GLY B 243 -20.83 -8.47 3.55
N ASN B 244 -22.04 -8.90 3.18
CA ASN B 244 -22.20 -10.01 2.25
C ASN B 244 -22.74 -9.56 0.88
N GLU B 245 -22.58 -8.29 0.55
CA GLU B 245 -22.99 -7.84 -0.76
C GLU B 245 -21.90 -8.20 -1.74
N ASP B 246 -22.29 -8.47 -2.98
CA ASP B 246 -21.32 -8.75 -4.04
C ASP B 246 -21.32 -7.65 -5.09
N PRO B 247 -20.29 -6.81 -5.16
CA PRO B 247 -20.28 -5.74 -6.18
C PRO B 247 -20.40 -6.25 -7.61
N THR B 248 -19.97 -7.49 -7.90
CA THR B 248 -20.07 -7.93 -9.28
C THR B 248 -21.50 -8.26 -9.65
N ALA B 249 -22.41 -8.27 -8.69
CA ALA B 249 -23.81 -8.52 -8.96
C ALA B 249 -24.63 -7.38 -8.41
N GLY B 250 -24.01 -6.20 -8.32
CA GLY B 250 -24.71 -4.99 -7.94
C GLY B 250 -24.57 -4.55 -6.51
N GLY B 251 -23.86 -5.30 -5.66
CA GLY B 251 -23.64 -4.90 -4.29
C GLY B 251 -22.58 -3.81 -4.21
N ARG B 252 -22.25 -3.42 -2.99
CA ARG B 252 -21.36 -2.29 -2.77
C ARG B 252 -20.05 -2.72 -2.13
N TYR B 253 -19.00 -1.96 -2.39
CA TYR B 253 -17.77 -2.13 -1.65
C TYR B 253 -17.89 -1.47 -0.28
N ALA B 254 -17.02 -1.87 0.64
CA ALA B 254 -17.11 -1.33 2.00
C ALA B 254 -16.89 0.19 2.03
N VAL B 255 -15.86 0.69 1.34
CA VAL B 255 -15.62 2.13 1.32
C VAL B 255 -16.78 2.84 0.64
N GLN B 256 -17.34 2.23 -0.40
CA GLN B 256 -18.49 2.80 -1.08
C GLN B 256 -19.67 2.93 -0.11
N SER B 257 -20.01 1.84 0.58
CA SER B 257 -21.10 1.86 1.56
C SER B 257 -20.86 2.93 2.60
N TYR B 258 -19.64 3.02 3.12
CA TYR B 258 -19.28 4.04 4.11
C TYR B 258 -19.54 5.43 3.57
N LEU B 259 -19.11 5.72 2.35
CA LEU B 259 -19.31 7.05 1.81
C LEU B 259 -20.79 7.37 1.74
N GLU B 260 -21.61 6.41 1.30
CA GLU B 260 -23.06 6.63 1.30
C GLU B 260 -23.55 7.02 2.67
N HIS B 261 -23.04 6.37 3.72
CA HIS B 261 -23.48 6.70 5.06
C HIS B 261 -23.10 8.13 5.42
N GLN B 262 -21.88 8.55 5.09
CA GLN B 262 -21.45 9.93 5.34
C GLN B 262 -22.42 10.94 4.71
N GLY B 263 -22.96 10.61 3.55
CA GLY B 263 -23.90 11.52 2.92
C GLY B 263 -25.23 11.55 3.64
N ASP B 264 -25.76 10.39 4.03
CA ASP B 264 -26.99 10.38 4.81
C ASP B 264 -26.82 11.16 6.11
N LYS B 265 -25.68 10.96 6.77
CA LYS B 265 -25.44 11.70 8.02
C LYS B 265 -25.52 13.20 7.78
N LEU B 266 -25.03 13.69 6.63
CA LEU B 266 -25.09 15.12 6.38
C LEU B 266 -26.50 15.57 6.07
N LEU B 267 -27.25 14.79 5.29
CA LEU B 267 -28.61 15.21 4.90
C LEU B 267 -29.48 15.47 6.12
N SER B 268 -29.34 14.64 7.15
CA SER B 268 -30.23 14.73 8.30
C SER B 268 -29.95 15.91 9.20
N ARG B 269 -28.95 16.73 8.87
CA ARG B 269 -28.57 17.84 9.74
C ARG B 269 -28.11 19.06 8.99
N PHE B 270 -28.17 19.07 7.67
CA PHE B 270 -27.55 20.14 6.91
C PHE B 270 -28.37 20.47 5.67
N ASP B 271 -28.25 21.72 5.24
CA ASP B 271 -29.03 22.31 4.17
C ASP B 271 -28.18 22.53 2.93
N ALA B 272 -28.64 22.01 1.78
CA ALA B 272 -27.88 22.19 0.53
C ALA B 272 -27.59 23.66 0.23
N GLY B 273 -28.55 24.55 0.49
CA GLY B 273 -28.30 25.95 0.22
C GLY B 273 -27.11 26.49 0.98
N SER B 274 -26.90 26.05 2.22
CA SER B 274 -25.75 26.52 2.96
C SER B 274 -24.47 25.91 2.41
N TYR B 275 -24.51 24.63 2.05
CA TYR B 275 -23.35 24.01 1.41
C TYR B 275 -22.84 24.85 0.23
N VAL B 276 -23.76 25.35 -0.61
CA VAL B 276 -23.35 26.18 -1.74
C VAL B 276 -22.76 27.51 -1.25
N ILE B 277 -23.52 28.27 -0.45
CA ILE B 277 -23.07 29.60 -0.06
C ILE B 277 -21.71 29.55 0.64
N LEU B 278 -21.53 28.59 1.53
CA LEU B 278 -20.29 28.54 2.31
C LEU B 278 -19.11 28.03 1.47
N THR B 279 -19.36 27.07 0.58
CA THR B 279 -18.29 26.64 -0.32
C THR B 279 -17.89 27.77 -1.27
N GLU B 280 -18.87 28.52 -1.79
CA GLU B 280 -18.54 29.72 -2.55
C GLU B 280 -17.62 30.61 -1.73
N ALA B 281 -17.91 30.78 -0.44
CA ALA B 281 -17.06 31.62 0.40
C ALA B 281 -15.67 31.04 0.55
N LEU B 282 -15.57 29.70 0.59
CA LEU B 282 -14.26 29.06 0.59
C LEU B 282 -13.50 29.38 -0.69
N ASN B 283 -14.17 29.28 -1.84
CA ASN B 283 -13.52 29.55 -3.14
C ASN B 283 -12.94 30.96 -3.18
N SER B 284 -13.70 31.94 -2.68
CA SER B 284 -13.29 33.34 -2.69
C SER B 284 -12.22 33.66 -1.66
N HIS B 285 -11.82 32.72 -0.82
CA HIS B 285 -10.86 33.01 0.24
C HIS B 285 -9.53 33.44 -0.37
N ASP B 286 -8.97 34.54 0.15
CA ASP B 286 -7.73 35.15 -0.32
C ASP B 286 -7.29 36.26 0.65
N VAL B 287 -6.39 35.96 1.59
CA VAL B 287 -6.05 36.96 2.59
C VAL B 287 -5.41 38.20 1.99
N GLY B 288 -4.96 38.13 0.72
CA GLY B 288 -4.26 39.24 0.08
C GLY B 288 -5.12 40.16 -0.75
N ARG B 289 -6.34 39.74 -1.12
CA ARG B 289 -7.20 40.60 -1.92
C ARG B 289 -7.32 41.97 -1.28
N GLY B 290 -7.16 43.00 -2.10
CA GLY B 290 -7.28 44.39 -1.68
C GLY B 290 -6.25 44.90 -0.70
N ARG B 291 -5.18 44.13 -0.47
CA ARG B 291 -4.11 44.56 0.44
C ARG B 291 -2.71 44.25 -0.11
N GLY B 292 -2.55 44.14 -1.42
CA GLY B 292 -1.25 43.94 -2.04
C GLY B 292 -0.75 42.50 -2.19
N GLY B 293 -1.62 41.50 -2.12
CA GLY B 293 -1.18 40.14 -2.31
C GLY B 293 -0.95 39.44 -0.98
N VAL B 294 -0.77 38.12 -1.06
CA VAL B 294 -0.61 37.32 0.16
C VAL B 294 0.60 37.82 0.97
N SER B 295 1.76 37.93 0.33
CA SER B 295 2.96 38.30 1.09
C SER B 295 2.80 39.65 1.77
N ALA B 296 2.36 40.66 1.02
CA ALA B 296 2.22 41.98 1.63
C ALA B 296 1.32 41.92 2.87
N ALA B 297 0.17 41.27 2.74
CA ALA B 297 -0.83 41.29 3.81
C ALA B 297 -0.30 40.60 5.05
N LEU B 298 0.25 39.39 4.89
CA LEU B 298 0.79 38.65 6.02
C LEU B 298 2.01 39.36 6.61
N ARG B 299 2.87 39.90 5.76
CA ARG B 299 4.07 40.53 6.28
C ARG B 299 3.72 41.67 7.21
N ALA B 300 2.57 42.31 6.99
CA ALA B 300 2.12 43.43 7.80
C ALA B 300 1.38 43.02 9.08
N CYS B 301 1.05 41.74 9.24
CA CYS B 301 0.23 41.34 10.36
C CYS B 301 1.13 41.03 11.55
N PRO B 302 1.05 41.79 12.65
CA PRO B 302 1.95 41.55 13.77
C PRO B 302 1.45 40.58 14.83
N VAL B 303 0.24 40.03 14.70
CA VAL B 303 -0.34 39.20 15.77
C VAL B 303 0.53 37.95 15.96
N PRO B 304 0.95 37.60 17.19
CA PRO B 304 1.60 36.29 17.38
C PRO B 304 0.64 35.16 17.04
N VAL B 305 1.14 34.17 16.30
CA VAL B 305 0.31 33.05 15.89
C VAL B 305 1.10 31.75 15.95
N VAL B 306 0.35 30.68 16.20
CA VAL B 306 0.81 29.31 16.05
C VAL B 306 0.16 28.76 14.78
N VAL B 307 0.97 28.13 13.94
CA VAL B 307 0.52 27.58 12.67
C VAL B 307 0.83 26.09 12.67
N GLY B 308 -0.18 25.28 12.43
CA GLY B 308 0.00 23.83 12.38
C GLY B 308 -0.55 23.22 11.11
N GLY B 309 0.15 22.21 10.62
CA GLY B 309 -0.32 21.46 9.46
C GLY B 309 -0.15 19.96 9.64
N ILE B 310 -0.98 19.20 8.94
CA ILE B 310 -0.97 17.74 9.04
C ILE B 310 -0.14 17.14 7.91
N THR B 311 0.75 16.20 8.26
CA THR B 311 1.67 15.60 7.28
C THR B 311 0.93 15.00 6.10
N SER B 312 -0.17 14.30 6.34
CA SER B 312 -0.88 13.54 5.32
C SER B 312 -2.06 14.27 4.71
N ASP B 313 -2.18 15.59 4.92
CA ASP B 313 -3.32 16.38 4.44
C ASP B 313 -3.33 16.51 2.92
N ARG B 314 -4.41 16.06 2.27
CA ARG B 314 -4.52 16.08 0.81
C ARG B 314 -5.31 17.26 0.27
N LEU B 315 -6.08 17.93 1.13
CA LEU B 315 -6.89 19.08 0.78
C LEU B 315 -6.21 20.41 1.08
N TYR B 316 -5.50 20.49 2.20
CA TYR B 316 -4.72 21.68 2.55
C TYR B 316 -3.29 21.23 2.80
N PRO B 317 -2.56 20.92 1.73
CA PRO B 317 -1.24 20.32 1.89
C PRO B 317 -0.30 21.15 2.76
N LEU B 318 0.64 20.46 3.39
CA LEU B 318 1.56 21.11 4.32
C LEU B 318 2.23 22.33 3.70
N ARG B 319 2.49 22.32 2.39
CA ARG B 319 3.18 23.46 1.79
C ARG B 319 2.44 24.76 2.10
N LEU B 320 1.10 24.71 2.20
CA LEU B 320 0.30 25.90 2.46
C LEU B 320 0.53 26.44 3.86
N GLN B 321 0.75 25.56 4.82
CA GLN B 321 1.02 26.03 6.17
C GLN B 321 2.44 26.57 6.25
N GLN B 322 3.38 25.89 5.60
CA GLN B 322 4.73 26.43 5.51
C GLN B 322 4.69 27.85 4.96
N GLU B 323 3.86 28.11 3.94
CA GLU B 323 3.78 29.46 3.40
C GLU B 323 3.33 30.44 4.47
N LEU B 324 2.31 30.08 5.25
CA LEU B 324 1.85 30.96 6.33
C LEU B 324 2.95 31.18 7.36
N ALA B 325 3.62 30.12 7.79
CA ALA B 325 4.68 30.28 8.77
C ALA B 325 5.78 31.18 8.22
N ASP B 326 6.10 31.04 6.92
CA ASP B 326 7.20 31.78 6.31
C ASP B 326 6.94 33.28 6.34
N LEU B 327 5.69 33.67 6.13
CA LEU B 327 5.30 35.03 5.84
C LEU B 327 4.82 35.83 7.05
N LEU B 328 4.22 35.17 8.06
CA LEU B 328 3.69 35.82 9.25
C LEU B 328 4.79 36.01 10.29
N PRO B 329 5.21 37.26 10.55
CA PRO B 329 6.29 37.48 11.54
C PRO B 329 5.92 37.08 12.93
N GLY B 330 4.62 37.07 13.27
CA GLY B 330 4.24 36.64 14.59
C GLY B 330 4.34 35.17 14.84
N CYS B 331 4.72 34.39 13.84
CA CYS B 331 4.77 32.94 13.92
C CYS B 331 6.21 32.51 14.09
N ALA B 332 6.50 31.72 15.14
CA ALA B 332 7.88 31.33 15.34
C ALA B 332 8.36 30.37 14.26
N GLY B 333 7.47 29.52 13.75
CA GLY B 333 7.87 28.55 12.76
C GLY B 333 6.80 27.51 12.58
N LEU B 334 6.80 26.80 11.46
CA LEU B 334 5.75 25.82 11.25
C LEU B 334 5.80 24.79 12.36
N ARG B 335 4.65 24.43 12.90
CA ARG B 335 4.51 23.28 13.79
C ARG B 335 3.90 22.14 13.00
N VAL B 336 4.63 21.06 12.84
CA VAL B 336 4.16 19.95 12.03
C VAL B 336 3.47 18.96 12.95
N VAL B 337 2.16 18.79 12.78
CA VAL B 337 1.38 17.79 13.51
C VAL B 337 1.44 16.48 12.74
N GLU B 338 2.04 15.48 13.34
CA GLU B 338 2.26 14.22 12.66
C GLU B 338 0.99 13.38 12.83
N SER B 339 0.38 13.00 11.71
CA SER B 339 -0.90 12.30 11.73
C SER B 339 -1.13 11.57 10.41
N VAL B 340 -1.77 10.40 10.49
CA VAL B 340 -2.10 9.60 9.31
C VAL B 340 -3.51 9.84 8.79
N TYR B 341 -4.26 10.75 9.41
CA TYR B 341 -5.70 10.85 9.16
C TYR B 341 -6.05 11.97 8.20
N GLY B 342 -5.05 12.54 7.52
CA GLY B 342 -5.29 13.57 6.56
C GLY B 342 -5.89 14.80 7.19
N HIS B 343 -6.74 15.47 6.41
CA HIS B 343 -7.28 16.74 6.85
C HIS B 343 -8.00 16.61 8.19
N ASP B 344 -8.74 15.52 8.39
CA ASP B 344 -9.43 15.38 9.67
C ASP B 344 -8.47 15.19 10.83
N GLY B 345 -7.17 15.12 10.53
CA GLY B 345 -6.19 14.88 11.58
C GLY B 345 -6.21 15.92 12.67
N PHE B 346 -6.53 17.17 12.36
CA PHE B 346 -6.45 18.20 13.40
C PHE B 346 -7.53 18.04 14.44
N LEU B 347 -8.60 17.31 14.13
CA LEU B 347 -9.63 16.98 15.10
C LEU B 347 -9.35 15.68 15.83
N VAL B 348 -8.42 14.86 15.32
CA VAL B 348 -8.23 13.50 15.83
C VAL B 348 -7.03 13.43 16.77
N GLU B 349 -5.95 14.14 16.45
CA GLU B 349 -4.70 14.07 17.20
C GLU B 349 -4.78 15.03 18.39
N THR B 350 -5.57 14.61 19.40
CA THR B 350 -5.97 15.57 20.42
C THR B 350 -4.80 16.04 21.26
N GLU B 351 -3.87 15.14 21.57
CA GLU B 351 -2.68 15.54 22.33
C GLU B 351 -1.76 16.49 21.54
N ALA B 352 -1.41 16.14 20.30
CA ALA B 352 -0.50 16.99 19.53
C ALA B 352 -1.10 18.36 19.29
N VAL B 353 -2.38 18.40 18.95
CA VAL B 353 -3.03 19.68 18.72
C VAL B 353 -3.23 20.41 20.03
N GLY B 354 -3.47 19.69 21.12
CA GLY B 354 -3.58 20.34 22.41
C GLY B 354 -2.36 21.18 22.74
N GLU B 355 -1.15 20.66 22.48
CA GLU B 355 0.06 21.44 22.71
C GLU B 355 -0.01 22.79 22.00
N LEU B 356 -0.49 22.79 20.75
CA LEU B 356 -0.57 24.05 20.01
C LEU B 356 -1.63 24.95 20.61
N ILE B 357 -2.76 24.39 21.04
CA ILE B 357 -3.73 25.22 21.70
C ILE B 357 -3.13 25.84 22.96
N ARG B 358 -2.34 25.07 23.71
CA ARG B 358 -1.77 25.60 24.96
C ARG B 358 -0.78 26.74 24.68
N GLN B 359 0.14 26.50 23.76
CA GLN B 359 1.10 27.53 23.32
C GLN B 359 0.35 28.71 22.74
N THR B 360 -0.72 28.46 21.98
CA THR B 360 -1.47 29.63 21.49
C THR B 360 -2.03 30.43 22.68
N LEU B 361 -2.73 29.75 23.61
CA LEU B 361 -3.29 30.46 24.75
C LEU B 361 -2.21 31.03 25.66
N GLY B 362 -1.07 30.35 25.77
CA GLY B 362 0.07 30.96 26.45
C GLY B 362 0.45 32.29 25.85
N LEU B 363 0.47 32.39 24.52
CA LEU B 363 0.78 33.66 23.88
C LEU B 363 -0.29 34.71 24.14
N ALA B 364 -1.55 34.35 24.18
CA ALA B 364 -2.56 35.38 24.53
C ALA B 364 -2.34 35.95 25.93
N ASP B 365 -1.73 35.19 26.82
CA ASP B 365 -1.58 35.62 28.23
C ASP B 365 -0.31 36.44 28.38
N ARG B 366 0.67 36.23 27.53
CA ARG B 366 1.88 37.07 27.55
C ARG B 366 1.45 38.51 27.30
N GLU B 367 0.36 38.70 26.55
CA GLU B 367 -0.15 40.05 26.28
C GLU B 367 -1.58 40.18 26.82
N THR C 1 24.83 -46.23 -25.99
CA THR C 1 26.30 -46.25 -25.90
C THR C 1 26.85 -47.68 -25.64
N GLN C 2 26.19 -48.46 -24.77
CA GLN C 2 26.52 -49.87 -24.57
C GLN C 2 25.37 -50.69 -25.10
N THR C 3 25.60 -51.99 -25.26
CA THR C 3 24.67 -52.85 -25.98
C THR C 3 24.09 -53.92 -25.08
N LEU C 4 22.86 -54.29 -25.39
CA LEU C 4 22.29 -55.45 -24.73
C LEU C 4 23.20 -56.65 -24.99
N PRO C 5 23.39 -57.53 -24.01
CA PRO C 5 24.17 -58.75 -24.24
C PRO C 5 23.49 -59.62 -25.27
N ALA C 6 24.17 -60.70 -25.65
CA ALA C 6 23.54 -61.62 -26.59
C ALA C 6 22.36 -62.29 -25.92
N GLU C 7 21.37 -62.68 -26.73
CA GLU C 7 20.17 -63.30 -26.19
C GLU C 7 20.64 -64.41 -25.29
N GLY C 8 20.26 -64.32 -24.02
CA GLY C 8 20.68 -65.30 -23.03
C GLY C 8 21.96 -65.00 -22.29
N GLU C 9 22.95 -64.43 -22.97
CA GLU C 9 24.18 -64.15 -22.20
C GLU C 9 23.95 -63.05 -21.17
N ILE C 10 24.65 -63.14 -20.04
CA ILE C 10 24.64 -62.10 -19.02
C ILE C 10 25.55 -61.01 -19.55
N GLY C 11 25.20 -59.76 -19.28
CA GLY C 11 26.13 -58.67 -19.54
C GLY C 11 26.16 -57.79 -18.30
N LEU C 12 27.26 -57.07 -18.15
CA LEU C 12 27.48 -56.22 -16.98
C LEU C 12 27.40 -54.80 -17.51
N ILE C 13 26.56 -54.00 -16.87
CA ILE C 13 26.27 -52.66 -17.37
C ILE C 13 26.88 -51.68 -16.38
N ASP C 14 27.81 -50.89 -16.87
CA ASP C 14 28.47 -49.90 -16.06
C ASP C 14 27.55 -48.69 -15.98
N VAL C 15 27.00 -48.41 -14.80
CA VAL C 15 26.08 -47.28 -14.63
C VAL C 15 26.73 -46.10 -13.96
N GLY C 16 27.99 -46.22 -13.53
CA GLY C 16 28.68 -45.08 -12.96
C GLY C 16 28.35 -44.83 -11.50
N SER C 17 28.38 -43.56 -11.12
CA SER C 17 28.11 -43.14 -9.76
C SER C 17 26.60 -42.96 -9.56
N LEU C 18 26.13 -43.42 -8.41
CA LEU C 18 24.71 -43.39 -8.06
C LEU C 18 24.55 -42.64 -6.74
N GLN C 19 23.66 -41.65 -6.71
CA GLN C 19 23.36 -40.94 -5.48
C GLN C 19 22.11 -41.52 -4.84
N LEU C 20 22.29 -42.17 -3.70
CA LEU C 20 21.21 -42.85 -3.02
C LEU C 20 20.27 -41.84 -2.35
N GLU C 21 19.13 -42.38 -1.94
CA GLU C 21 18.15 -41.58 -1.20
C GLU C 21 18.76 -41.07 0.10
N SER C 22 19.69 -41.83 0.68
CA SER C 22 20.37 -41.43 1.89
C SER C 22 21.26 -40.22 1.67
N GLY C 23 21.43 -39.78 0.43
CA GLY C 23 22.39 -38.74 0.14
C GLY C 23 23.76 -39.28 -0.22
N ALA C 24 24.12 -40.44 0.34
CA ALA C 24 25.38 -41.11 0.03
C ALA C 24 25.53 -41.36 -1.46
N VAL C 25 26.78 -41.48 -1.89
CA VAL C 25 27.10 -41.72 -3.29
C VAL C 25 27.93 -42.98 -3.34
N ILE C 26 27.47 -43.94 -4.13
CA ILE C 26 28.18 -45.19 -4.34
C ILE C 26 28.89 -45.13 -5.68
N ASP C 27 30.14 -45.55 -5.69
CA ASP C 27 30.97 -45.43 -6.87
C ASP C 27 30.94 -46.74 -7.66
N ASP C 28 31.00 -46.62 -8.99
CA ASP C 28 31.13 -47.77 -9.88
C ASP C 28 29.96 -48.75 -9.77
N VAL C 29 28.74 -48.27 -9.88
CA VAL C 29 27.67 -49.26 -9.78
C VAL C 29 27.67 -50.10 -11.06
N CYS C 30 27.51 -51.40 -10.90
CA CYS C 30 27.48 -52.30 -12.05
C CYS C 30 26.24 -53.17 -11.88
N ILE C 31 25.39 -53.19 -12.90
CA ILE C 31 24.14 -53.92 -12.86
C ILE C 31 24.18 -55.01 -13.91
N ALA C 32 24.07 -56.26 -13.49
CA ALA C 32 24.02 -57.38 -14.43
C ALA C 32 22.68 -57.44 -15.14
N VAL C 33 22.70 -57.87 -16.41
CA VAL C 33 21.52 -57.82 -17.26
C VAL C 33 21.47 -59.06 -18.14
N GLN C 34 20.26 -59.51 -18.45
CA GLN C 34 19.99 -60.58 -19.40
C GLN C 34 18.68 -60.26 -20.09
N ARG C 35 18.52 -60.75 -21.32
CA ARG C 35 17.33 -60.42 -22.11
C ARG C 35 16.97 -61.54 -23.06
N TRP C 36 15.70 -61.57 -23.45
CA TRP C 36 15.11 -62.53 -24.38
C TRP C 36 14.22 -61.77 -25.35
N GLY C 37 14.37 -62.08 -26.63
CA GLY C 37 13.72 -61.36 -27.70
C GLY C 37 14.46 -60.10 -28.13
N LYS C 38 14.14 -59.65 -29.33
CA LYS C 38 14.93 -58.62 -29.96
C LYS C 38 14.43 -57.24 -29.60
N LEU C 39 15.37 -56.30 -29.46
CA LEU C 39 15.02 -54.94 -29.07
C LEU C 39 14.51 -54.24 -30.32
N SER C 40 13.29 -53.68 -30.25
CA SER C 40 12.74 -53.10 -31.47
C SER C 40 13.54 -51.88 -31.88
N PRO C 41 13.47 -51.49 -33.16
CA PRO C 41 14.29 -50.36 -33.62
C PRO C 41 13.99 -49.08 -32.86
N ALA C 42 12.72 -48.84 -32.51
CA ALA C 42 12.34 -47.68 -31.72
C ALA C 42 12.75 -47.82 -30.27
N ARG C 43 13.14 -49.02 -29.86
CA ARG C 43 13.50 -49.29 -28.47
C ARG C 43 12.29 -49.11 -27.54
N ASP C 44 11.12 -49.52 -28.02
CA ASP C 44 9.85 -49.22 -27.36
C ASP C 44 9.08 -50.45 -26.92
N ASN C 45 9.71 -51.64 -26.92
CA ASN C 45 9.06 -52.90 -26.60
C ASN C 45 9.72 -53.65 -25.43
N VAL C 46 10.40 -52.92 -24.54
CA VAL C 46 11.06 -53.54 -23.38
C VAL C 46 10.04 -53.83 -22.28
N VAL C 47 10.09 -55.06 -21.76
CA VAL C 47 9.29 -55.51 -20.62
C VAL C 47 10.26 -55.93 -19.52
N VAL C 48 10.40 -55.10 -18.49
CA VAL C 48 11.34 -55.38 -17.40
C VAL C 48 10.70 -56.40 -16.44
N VAL C 49 11.38 -57.51 -16.21
CA VAL C 49 10.92 -58.54 -15.27
C VAL C 49 11.73 -58.38 -14.00
N LEU C 50 11.05 -58.14 -12.87
CA LEU C 50 11.74 -57.76 -11.65
C LEU C 50 11.67 -58.92 -10.65
N HIS C 51 12.85 -59.42 -10.27
CA HIS C 51 12.96 -60.60 -9.43
C HIS C 51 12.72 -60.23 -7.97
N ALA C 52 12.48 -61.27 -7.15
CA ALA C 52 12.19 -61.10 -5.74
C ALA C 52 13.48 -61.23 -4.94
N LEU C 53 13.36 -61.50 -3.64
CA LEU C 53 14.50 -61.35 -2.71
C LEU C 53 15.74 -62.11 -3.17
N THR C 54 15.63 -63.42 -3.40
CA THR C 54 16.80 -64.23 -3.72
C THR C 54 16.99 -64.45 -5.22
N GLY C 55 16.23 -63.76 -6.05
CA GLY C 55 16.33 -63.96 -7.47
C GLY C 55 17.50 -63.21 -8.08
N ASP C 56 17.73 -63.54 -9.36
CA ASP C 56 18.77 -62.92 -10.19
C ASP C 56 18.16 -62.65 -11.57
N SER C 57 19.03 -62.34 -12.53
CA SER C 57 18.62 -62.00 -13.90
C SER C 57 18.17 -63.19 -14.73
N HIS C 58 18.34 -64.42 -14.24
CA HIS C 58 18.06 -65.62 -15.00
C HIS C 58 16.58 -66.02 -14.84
N ILE C 59 15.69 -65.30 -15.54
CA ILE C 59 14.26 -65.52 -15.32
C ILE C 59 13.81 -66.82 -15.96
N THR C 60 14.36 -67.16 -17.11
CA THR C 60 13.89 -68.35 -17.80
C THR C 60 15.06 -69.07 -18.43
N GLY C 61 14.85 -70.35 -18.72
CA GLY C 61 15.86 -71.15 -19.35
C GLY C 61 16.37 -72.26 -18.46
N PRO C 62 17.17 -73.15 -19.02
CA PRO C 62 17.67 -74.30 -18.26
C PRO C 62 18.99 -73.99 -17.58
N ALA C 63 19.35 -74.89 -16.67
CA ALA C 63 20.67 -74.82 -16.05
C ALA C 63 21.74 -74.95 -17.11
N GLY C 64 22.86 -74.32 -16.86
CA GLY C 64 23.94 -74.35 -17.80
C GLY C 64 25.19 -73.76 -17.20
N PRO C 65 26.13 -73.41 -18.06
CA PRO C 65 27.32 -72.71 -17.60
C PRO C 65 26.92 -71.34 -17.07
N GLY C 66 27.42 -70.99 -15.89
CA GLY C 66 27.09 -69.74 -15.24
C GLY C 66 25.74 -69.73 -14.58
N HIS C 67 24.94 -70.79 -14.73
CA HIS C 67 23.59 -70.87 -14.16
C HIS C 67 23.31 -72.25 -13.59
N PRO C 68 23.65 -72.47 -12.31
CA PRO C 68 23.44 -73.82 -11.75
C PRO C 68 21.97 -74.25 -11.72
N THR C 69 21.02 -73.32 -11.74
CA THR C 69 19.63 -73.72 -11.66
C THR C 69 18.81 -73.00 -12.73
N PRO C 70 17.77 -73.65 -13.24
CA PRO C 70 16.94 -73.01 -14.27
C PRO C 70 16.39 -71.68 -13.81
N GLY C 71 15.80 -70.96 -14.77
CA GLY C 71 15.30 -69.63 -14.47
C GLY C 71 14.26 -69.68 -13.37
N TRP C 72 14.26 -68.66 -12.53
CA TRP C 72 13.34 -68.67 -11.42
C TRP C 72 11.90 -68.50 -11.88
N TRP C 73 11.70 -67.94 -13.08
CA TRP C 73 10.36 -67.87 -13.65
C TRP C 73 10.30 -68.62 -14.98
N ASP C 74 10.79 -69.85 -15.00
CA ASP C 74 11.00 -70.56 -16.25
C ASP C 74 9.76 -70.58 -17.14
N GLY C 75 9.94 -70.15 -18.38
CA GLY C 75 8.86 -70.17 -19.35
C GLY C 75 8.10 -68.89 -19.49
N VAL C 76 8.34 -67.90 -18.63
CA VAL C 76 7.48 -66.72 -18.68
C VAL C 76 7.78 -65.90 -19.95
N ALA C 77 9.00 -66.01 -20.47
CA ALA C 77 9.43 -65.26 -21.64
C ALA C 77 9.93 -66.20 -22.72
N GLY C 78 9.41 -66.03 -23.92
CA GLY C 78 9.80 -66.87 -25.03
C GLY C 78 8.81 -66.77 -26.17
N PRO C 79 9.08 -67.48 -27.25
CA PRO C 79 8.14 -67.51 -28.37
C PRO C 79 6.77 -68.01 -27.93
N GLY C 80 5.77 -67.15 -28.07
CA GLY C 80 4.41 -67.51 -27.72
C GLY C 80 4.10 -67.51 -26.24
N ALA C 81 5.12 -67.27 -25.40
CA ALA C 81 4.95 -67.28 -23.97
C ALA C 81 4.14 -66.09 -23.50
N PRO C 82 3.77 -66.07 -22.22
CA PRO C 82 3.07 -64.89 -21.68
C PRO C 82 3.75 -63.58 -22.05
N ILE C 83 5.05 -63.45 -21.80
CA ILE C 83 5.85 -62.39 -22.42
C ILE C 83 6.33 -62.96 -23.73
N ASP C 84 5.58 -62.72 -24.80
CA ASP C 84 5.91 -63.27 -26.12
C ASP C 84 7.09 -62.53 -26.74
N THR C 85 8.26 -63.20 -26.80
CA THR C 85 9.49 -62.56 -27.29
C THR C 85 9.53 -62.38 -28.82
N THR C 86 8.56 -62.90 -29.57
CA THR C 86 8.47 -62.51 -30.97
C THR C 86 8.02 -61.06 -31.13
N ARG C 87 7.51 -60.42 -30.06
CA ARG C 87 7.10 -59.02 -30.12
C ARG C 87 7.70 -58.18 -29.01
N TRP C 88 8.05 -58.80 -27.89
CA TRP C 88 8.50 -58.07 -26.72
C TRP C 88 9.95 -58.41 -26.46
N CYS C 89 10.65 -57.49 -25.80
CA CYS C 89 12.03 -57.73 -25.38
C CYS C 89 12.02 -57.75 -23.84
N ALA C 90 12.07 -58.95 -23.27
CA ALA C 90 12.06 -59.12 -21.82
C ALA C 90 13.47 -58.90 -21.27
N VAL C 91 13.65 -57.85 -20.46
CA VAL C 91 14.93 -57.51 -19.82
C VAL C 91 14.80 -57.73 -18.32
N ALA C 92 15.81 -58.37 -17.72
CA ALA C 92 15.83 -58.63 -16.28
C ALA C 92 17.21 -58.30 -15.74
N THR C 93 17.27 -57.42 -14.75
CA THR C 93 18.52 -57.10 -14.09
C THR C 93 18.75 -57.99 -12.88
N ASN C 94 19.98 -57.97 -12.39
CA ASN C 94 20.24 -58.38 -11.03
C ASN C 94 20.20 -57.11 -10.18
N VAL C 95 19.37 -57.13 -9.13
CA VAL C 95 19.04 -55.91 -8.41
C VAL C 95 20.28 -55.33 -7.76
N LEU C 96 20.30 -54.00 -7.61
CA LEU C 96 21.36 -53.38 -6.81
C LEU C 96 21.36 -53.92 -5.38
N GLY C 97 22.53 -54.27 -4.88
CA GLY C 97 22.65 -54.92 -3.59
C GLY C 97 22.71 -56.43 -3.65
N GLY C 98 22.45 -57.03 -4.82
CA GLY C 98 22.44 -58.45 -4.99
C GLY C 98 23.83 -59.06 -5.03
N CYS C 99 23.87 -60.36 -5.40
CA CYS C 99 25.11 -61.13 -5.37
C CYS C 99 25.27 -62.03 -6.60
N ARG C 100 24.77 -61.61 -7.75
CA ARG C 100 24.87 -62.42 -8.96
C ARG C 100 25.23 -61.55 -10.16
N GLY C 101 26.18 -60.65 -9.95
CA GLY C 101 26.62 -59.79 -11.03
C GLY C 101 26.62 -58.34 -10.64
N SER C 102 25.60 -57.91 -9.91
CA SER C 102 25.41 -56.50 -9.59
C SER C 102 26.21 -56.14 -8.33
N THR C 103 26.39 -54.83 -8.11
CA THR C 103 27.18 -54.33 -6.99
C THR C 103 26.48 -54.60 -5.66
N GLY C 104 27.11 -55.38 -4.81
CA GLY C 104 26.55 -55.70 -3.51
C GLY C 104 27.59 -55.85 -2.44
N PRO C 105 27.18 -56.21 -1.24
CA PRO C 105 28.17 -56.44 -0.17
C PRO C 105 29.29 -57.39 -0.59
N SER C 106 28.97 -58.41 -1.38
CA SER C 106 29.97 -59.39 -1.79
C SER C 106 30.92 -58.84 -2.85
N SER C 107 30.52 -57.78 -3.55
CA SER C 107 31.32 -57.17 -4.61
C SER C 107 32.58 -56.51 -4.06
N LEU C 108 33.56 -56.33 -4.94
CA LEU C 108 34.81 -55.68 -4.59
C LEU C 108 34.73 -54.18 -4.73
N ALA C 109 35.16 -53.46 -3.69
CA ALA C 109 35.11 -51.99 -3.66
C ALA C 109 36.32 -51.42 -4.44
N ARG C 110 36.52 -50.11 -4.51
CA ARG C 110 37.68 -49.63 -5.30
C ARG C 110 39.01 -50.01 -4.64
N ASP C 111 39.01 -50.31 -3.35
CA ASP C 111 40.25 -50.62 -2.64
C ASP C 111 40.66 -52.07 -2.75
N GLY C 112 40.00 -52.83 -3.63
CA GLY C 112 40.26 -54.23 -3.82
C GLY C 112 39.67 -55.19 -2.81
N LYS C 113 39.12 -54.70 -1.70
CA LYS C 113 38.48 -55.46 -0.63
C LYS C 113 36.96 -55.45 -0.84
N PRO C 114 36.26 -56.51 -0.43
CA PRO C 114 34.79 -56.52 -0.54
C PRO C 114 34.15 -55.37 0.23
N TRP C 115 33.07 -54.83 -0.34
CA TRP C 115 32.31 -53.77 0.34
C TRP C 115 32.02 -54.15 1.80
N GLY C 116 31.35 -55.28 1.99
CA GLY C 116 31.09 -55.80 3.32
C GLY C 116 30.22 -54.85 4.10
N SER C 117 30.60 -54.60 5.36
CA SER C 117 29.78 -53.74 6.21
C SER C 117 29.67 -52.31 5.70
N ARG C 118 30.48 -51.93 4.72
CA ARG C 118 30.51 -50.59 4.16
C ARG C 118 29.45 -50.35 3.09
N PHE C 119 28.77 -51.37 2.64
CA PHE C 119 27.71 -51.15 1.70
C PHE C 119 26.58 -50.39 2.41
N PRO C 120 26.14 -49.26 1.89
CA PRO C 120 25.13 -48.47 2.60
C PRO C 120 23.74 -49.09 2.49
N LEU C 121 22.93 -48.85 3.52
CA LEU C 121 21.55 -49.27 3.42
C LEU C 121 20.92 -48.59 2.22
N ILE C 122 20.18 -49.37 1.44
CA ILE C 122 19.57 -48.88 0.22
C ILE C 122 18.09 -49.15 0.31
N SER C 123 17.31 -48.40 -0.48
CA SER C 123 15.87 -48.49 -0.49
C SER C 123 15.36 -49.14 -1.78
N ILE C 124 14.11 -49.62 -1.75
CA ILE C 124 13.47 -50.11 -2.97
C ILE C 124 13.58 -49.07 -4.07
N ARG C 125 13.45 -47.80 -3.68
CA ARG C 125 13.56 -46.72 -4.65
C ARG C 125 14.96 -46.63 -5.25
N ASP C 126 15.99 -46.79 -4.41
CA ASP C 126 17.34 -46.85 -4.93
C ASP C 126 17.44 -47.95 -5.97
N GLN C 127 16.90 -49.12 -5.65
CA GLN C 127 16.95 -50.26 -6.56
C GLN C 127 16.30 -49.94 -7.89
N VAL C 128 15.22 -49.16 -7.88
CA VAL C 128 14.56 -48.81 -9.13
C VAL C 128 15.40 -47.77 -9.86
N GLN C 129 16.03 -46.86 -9.12
CA GLN C 129 16.93 -45.91 -9.75
C GLN C 129 18.07 -46.63 -10.48
N ALA C 130 18.69 -47.61 -9.82
CA ALA C 130 19.79 -48.32 -10.47
C ALA C 130 19.35 -48.99 -11.77
N ASP C 131 18.14 -49.58 -11.81
CA ASP C 131 17.68 -50.24 -13.04
C ASP C 131 17.43 -49.24 -14.15
N VAL C 132 16.78 -48.12 -13.85
CA VAL C 132 16.52 -47.11 -14.86
C VAL C 132 17.83 -46.55 -15.41
N ALA C 133 18.82 -46.37 -14.54
CA ALA C 133 20.13 -45.95 -15.01
C ALA C 133 20.73 -46.96 -15.96
N ALA C 134 20.59 -48.25 -15.64
CA ALA C 134 21.15 -49.33 -16.46
C ALA C 134 20.50 -49.38 -17.84
N LEU C 135 19.17 -49.30 -17.90
CA LEU C 135 18.51 -49.23 -19.20
C LEU C 135 18.91 -47.97 -19.94
N ALA C 136 19.15 -46.88 -19.21
CA ALA C 136 19.62 -45.65 -19.83
C ALA C 136 20.97 -45.84 -20.49
N ALA C 137 21.91 -46.46 -19.78
CA ALA C 137 23.22 -46.71 -20.35
C ALA C 137 23.15 -47.56 -21.60
N LEU C 138 22.05 -48.29 -21.79
CA LEU C 138 21.84 -49.13 -22.96
C LEU C 138 20.96 -48.45 -23.99
N GLY C 139 20.62 -47.18 -23.81
CA GLY C 139 19.78 -46.47 -24.75
C GLY C 139 18.30 -46.71 -24.63
N ILE C 140 17.87 -47.45 -23.63
CA ILE C 140 16.45 -47.60 -23.34
C ILE C 140 16.12 -46.54 -22.31
N THR C 141 15.27 -45.59 -22.69
CA THR C 141 14.82 -44.54 -21.81
C THR C 141 13.36 -44.74 -21.54
N GLU C 142 12.70 -45.64 -22.23
CA GLU C 142 11.24 -45.76 -22.02
C GLU C 142 10.85 -47.22 -22.12
N VAL C 143 10.14 -47.70 -21.12
CA VAL C 143 9.83 -49.14 -21.14
C VAL C 143 8.33 -49.38 -21.33
N ALA C 144 8.01 -50.52 -21.94
CA ALA C 144 6.64 -50.85 -22.27
C ALA C 144 5.85 -51.23 -21.02
N ALA C 145 6.46 -52.03 -20.14
CA ALA C 145 5.77 -52.54 -18.98
C ALA C 145 6.77 -53.03 -17.96
N VAL C 146 6.36 -53.04 -16.69
CA VAL C 146 7.08 -53.70 -15.62
C VAL C 146 6.23 -54.82 -15.05
N VAL C 147 6.87 -55.94 -14.72
CA VAL C 147 6.19 -57.08 -14.10
C VAL C 147 7.06 -57.59 -12.97
N GLY C 148 6.45 -57.85 -11.81
CA GLY C 148 7.19 -58.37 -10.68
C GLY C 148 6.27 -58.88 -9.59
N GLY C 149 6.77 -59.82 -8.80
CA GLY C 149 6.06 -60.30 -7.64
C GLY C 149 6.94 -60.21 -6.41
N SER C 150 6.32 -60.28 -5.25
CA SER C 150 7.05 -60.16 -3.98
C SER C 150 7.89 -58.89 -4.05
N MET C 151 9.17 -58.93 -3.69
CA MET C 151 9.99 -57.73 -3.79
C MET C 151 9.99 -57.16 -5.20
N GLY C 152 10.01 -58.01 -6.23
CA GLY C 152 9.97 -57.50 -7.59
C GLY C 152 8.73 -56.67 -7.85
N GLY C 153 7.60 -57.05 -7.25
CA GLY C 153 6.41 -56.22 -7.33
C GLY C 153 6.58 -54.87 -6.62
N ALA C 154 7.34 -54.86 -5.52
CA ALA C 154 7.68 -53.58 -4.88
C ALA C 154 8.50 -52.68 -5.80
N ARG C 155 9.47 -53.26 -6.52
CA ARG C 155 10.22 -52.50 -7.50
C ARG C 155 9.30 -51.99 -8.60
N ALA C 156 8.41 -52.84 -9.10
CA ALA C 156 7.45 -52.40 -10.11
C ALA C 156 6.60 -51.25 -9.59
N LEU C 157 6.06 -51.38 -8.38
CA LEU C 157 5.25 -50.29 -7.85
C LEU C 157 6.04 -48.99 -7.83
N GLU C 158 7.25 -49.02 -7.23
CA GLU C 158 8.01 -47.79 -7.16
C GLU C 158 8.45 -47.30 -8.54
N TRP C 159 8.48 -48.19 -9.53
CA TRP C 159 8.81 -47.75 -10.89
C TRP C 159 7.63 -46.96 -11.46
N VAL C 160 6.43 -47.53 -11.44
CA VAL C 160 5.29 -46.87 -12.09
C VAL C 160 4.92 -45.57 -11.39
N VAL C 161 5.17 -45.47 -10.10
CA VAL C 161 4.83 -44.26 -9.33
C VAL C 161 5.89 -43.18 -9.46
N GLY C 162 7.16 -43.56 -9.45
CA GLY C 162 8.23 -42.60 -9.50
C GLY C 162 8.66 -42.19 -10.90
N TYR C 163 8.31 -43.00 -11.92
CA TYR C 163 8.69 -42.72 -13.31
C TYR C 163 7.52 -42.92 -14.28
N PRO C 164 6.37 -42.31 -14.00
CA PRO C 164 5.17 -42.65 -14.79
C PRO C 164 5.25 -42.24 -16.25
N ASP C 165 5.99 -41.20 -16.58
CA ASP C 165 6.07 -40.75 -17.96
C ASP C 165 6.97 -41.66 -18.80
N ARG C 166 7.62 -42.63 -18.16
CA ARG C 166 8.62 -43.47 -18.78
C ARG C 166 8.27 -44.96 -18.65
N VAL C 167 6.99 -45.28 -18.43
CA VAL C 167 6.50 -46.66 -18.40
C VAL C 167 5.04 -46.64 -18.82
N ARG C 168 4.64 -47.63 -19.62
CA ARG C 168 3.31 -47.56 -20.22
C ARG C 168 2.27 -48.35 -19.44
N ALA C 169 2.66 -49.43 -18.74
CA ALA C 169 1.75 -50.24 -17.95
C ALA C 169 2.55 -51.07 -16.97
N GLY C 170 1.87 -51.56 -15.94
CA GLY C 170 2.53 -52.40 -14.94
C GLY C 170 1.67 -53.56 -14.50
N LEU C 171 2.34 -54.66 -14.14
CA LEU C 171 1.72 -55.82 -13.50
C LEU C 171 2.37 -55.98 -12.12
N LEU C 172 1.58 -55.74 -11.07
CA LEU C 172 2.02 -55.83 -9.69
C LEU C 172 1.43 -57.08 -9.07
N LEU C 173 2.30 -57.99 -8.62
CA LEU C 173 1.89 -59.32 -8.18
C LEU C 173 2.26 -59.53 -6.73
N ALA C 174 1.26 -59.86 -5.90
CA ALA C 174 1.44 -60.28 -4.51
C ALA C 174 2.43 -59.35 -3.79
N VAL C 175 1.95 -58.12 -3.60
CA VAL C 175 2.72 -57.01 -3.04
C VAL C 175 1.75 -56.02 -2.41
N GLY C 176 2.29 -55.08 -1.63
CA GLY C 176 1.46 -54.04 -1.04
C GLY C 176 2.09 -52.66 -1.15
N ALA C 177 1.28 -51.65 -0.77
CA ALA C 177 1.76 -50.27 -0.83
C ALA C 177 2.95 -50.04 0.09
N ARG C 178 3.02 -50.72 1.23
CA ARG C 178 4.15 -50.55 2.14
C ARG C 178 4.40 -51.84 2.90
N ALA C 179 5.51 -51.87 3.64
CA ALA C 179 5.81 -52.98 4.52
C ALA C 179 4.80 -53.06 5.67
N THR C 180 4.32 -54.28 5.95
CA THR C 180 3.38 -54.53 7.05
C THR C 180 4.15 -54.86 8.33
N ALA C 181 3.48 -54.67 9.47
CA ALA C 181 4.10 -54.97 10.75
C ALA C 181 4.55 -56.44 10.80
N ASP C 182 3.69 -57.34 10.35
CA ASP C 182 4.04 -58.75 10.34
C ASP C 182 5.26 -59.03 9.46
N GLN C 183 5.30 -58.46 8.25
CA GLN C 183 6.46 -58.64 7.38
C GLN C 183 7.72 -58.14 8.07
N ILE C 184 7.70 -56.91 8.56
CA ILE C 184 8.85 -56.34 9.23
C ILE C 184 9.25 -57.22 10.40
N GLY C 185 8.25 -57.77 11.11
CA GLY C 185 8.54 -58.63 12.24
C GLY C 185 9.39 -59.83 11.85
N THR C 186 8.93 -60.64 10.87
CA THR C 186 9.74 -61.79 10.51
C THR C 186 11.02 -61.35 9.85
N GLN C 187 10.97 -60.28 9.08
CA GLN C 187 12.13 -59.92 8.29
C GLN C 187 13.25 -59.35 9.16
N THR C 188 12.93 -58.45 10.09
CA THR C 188 13.97 -57.97 11.01
C THR C 188 14.54 -59.10 11.85
N THR C 189 13.70 -60.05 12.27
CA THR C 189 14.17 -61.18 13.06
C THR C 189 15.02 -62.14 12.24
N GLN C 190 14.69 -62.34 10.96
CA GLN C 190 15.57 -63.10 10.06
C GLN C 190 16.97 -62.49 10.03
N ILE C 191 17.04 -61.17 9.89
CA ILE C 191 18.33 -60.47 9.95
C ILE C 191 19.03 -60.76 11.27
N ALA C 192 18.31 -60.69 12.39
CA ALA C 192 18.92 -60.91 13.70
C ALA C 192 19.56 -62.29 13.79
N ALA C 193 18.90 -63.28 13.20
CA ALA C 193 19.43 -64.64 13.20
C ALA C 193 20.75 -64.72 12.44
N ILE C 194 20.85 -64.01 11.32
CA ILE C 194 22.12 -63.94 10.62
C ILE C 194 23.17 -63.24 11.48
N LYS C 195 22.82 -62.05 12.01
CA LYS C 195 23.78 -61.25 12.75
C LYS C 195 24.21 -61.90 14.06
N ALA C 196 23.39 -62.81 14.61
CA ALA C 196 23.74 -63.56 15.81
C ALA C 196 24.72 -64.70 15.55
N ASP C 197 24.87 -65.10 14.30
CA ASP C 197 25.88 -66.08 13.93
C ASP C 197 27.25 -65.52 14.27
N PRO C 198 28.09 -66.25 14.99
CA PRO C 198 29.41 -65.70 15.34
C PRO C 198 30.26 -65.39 14.13
N ASP C 199 30.10 -66.16 13.06
CA ASP C 199 30.87 -65.91 11.86
C ASP C 199 30.34 -64.74 11.04
N TRP C 200 29.26 -64.09 11.49
CA TRP C 200 28.79 -62.89 10.80
C TRP C 200 29.87 -61.82 10.79
N GLN C 201 30.60 -61.68 11.89
CA GLN C 201 31.74 -60.78 11.97
C GLN C 201 31.39 -59.41 11.39
N SER C 202 30.34 -58.82 11.95
CA SER C 202 29.92 -57.45 11.60
C SER C 202 29.66 -57.26 10.10
N GLY C 203 29.46 -58.33 9.35
CA GLY C 203 29.22 -58.21 7.93
C GLY C 203 30.46 -58.21 7.07
N ASP C 204 31.64 -58.33 7.68
CA ASP C 204 32.90 -58.36 6.95
C ASP C 204 33.49 -59.77 6.98
N TYR C 205 32.67 -60.77 6.69
CA TYR C 205 33.12 -62.17 6.76
C TYR C 205 33.59 -62.70 5.41
N HIS C 206 33.64 -61.86 4.39
CA HIS C 206 34.18 -62.34 3.14
C HIS C 206 35.69 -62.47 3.30
N GLU C 207 36.29 -63.32 2.49
CA GLU C 207 37.74 -63.54 2.50
C GLU C 207 38.28 -63.96 3.87
N THR C 208 37.46 -64.55 4.74
CA THR C 208 37.92 -65.06 6.06
C THR C 208 37.80 -66.58 6.10
N GLY C 209 37.22 -67.20 5.07
CA GLY C 209 36.97 -68.62 5.00
C GLY C 209 35.97 -69.21 5.98
N ARG C 210 35.38 -68.38 6.84
CA ARG C 210 34.21 -68.76 7.61
C ARG C 210 33.15 -67.68 7.37
N ALA C 211 31.91 -68.12 7.31
CA ALA C 211 30.79 -67.27 6.96
C ALA C 211 29.58 -67.63 7.83
N PRO C 212 28.52 -66.80 7.85
CA PRO C 212 27.36 -67.03 8.73
C PRO C 212 26.31 -68.01 8.18
N ASP C 213 26.72 -69.27 7.94
CA ASP C 213 25.79 -70.21 7.30
C ASP C 213 24.66 -70.64 8.22
N ALA C 214 24.94 -70.89 9.50
CA ALA C 214 23.86 -71.31 10.40
C ALA C 214 22.78 -70.24 10.48
N GLY C 215 23.20 -68.96 10.58
CA GLY C 215 22.24 -67.87 10.64
C GLY C 215 21.46 -67.70 9.36
N LEU C 216 22.13 -67.82 8.20
CA LEU C 216 21.43 -67.72 6.92
C LEU C 216 20.43 -68.86 6.73
N ARG C 217 20.79 -70.06 7.16
CA ARG C 217 19.83 -71.16 7.05
C ARG C 217 18.62 -70.91 7.92
N LEU C 218 18.83 -70.41 9.15
CA LEU C 218 17.70 -70.09 9.99
C LEU C 218 16.79 -69.07 9.32
N ALA C 219 17.38 -68.01 8.77
CA ALA C 219 16.57 -66.97 8.13
C ALA C 219 15.75 -67.57 6.98
N ARG C 220 16.38 -68.40 6.14
CA ARG C 220 15.69 -68.96 4.98
C ARG C 220 14.59 -69.94 5.40
N ARG C 221 14.83 -70.72 6.44
CA ARG C 221 13.82 -71.67 6.88
C ARG C 221 12.55 -70.95 7.31
N PHE C 222 12.68 -69.92 8.16
CA PHE C 222 11.50 -69.20 8.62
C PHE C 222 10.80 -68.48 7.48
N ALA C 223 11.59 -67.83 6.62
CA ALA C 223 11.04 -67.15 5.46
C ALA C 223 10.30 -68.12 4.55
N HIS C 224 10.88 -69.30 4.32
CA HIS C 224 10.24 -70.25 3.42
C HIS C 224 8.81 -70.57 3.88
N LEU C 225 8.59 -70.77 5.17
CA LEU C 225 7.21 -71.05 5.61
C LEU C 225 6.25 -69.92 5.27
N THR C 226 6.68 -68.67 5.32
CA THR C 226 5.75 -67.61 4.96
C THR C 226 5.38 -67.70 3.50
N TYR C 227 6.28 -68.24 2.68
CA TYR C 227 6.01 -68.34 1.25
C TYR C 227 5.01 -69.43 0.93
N ARG C 228 4.77 -70.34 1.87
CA ARG C 228 3.96 -71.51 1.65
C ARG C 228 2.53 -71.24 2.07
N GLY C 229 1.65 -72.18 1.72
CA GLY C 229 0.25 -72.17 2.15
C GLY C 229 0.02 -73.25 3.20
N GLU C 230 -0.73 -72.92 4.26
CA GLU C 230 -0.83 -73.85 5.37
C GLU C 230 -1.35 -75.21 4.93
N ILE C 231 -2.47 -75.25 4.22
CA ILE C 231 -3.08 -76.55 3.94
C ILE C 231 -2.17 -77.38 3.03
N GLU C 232 -1.68 -76.76 1.96
CA GLU C 232 -0.72 -77.40 1.08
C GLU C 232 0.43 -78.05 1.84
N LEU C 233 1.12 -77.34 2.75
CA LEU C 233 2.31 -77.87 3.48
C LEU C 233 1.86 -79.08 4.33
N ASP C 234 0.70 -79.04 4.99
CA ASP C 234 0.31 -80.16 5.83
C ASP C 234 -0.01 -81.37 4.98
N THR C 235 -0.56 -81.16 3.78
CA THR C 235 -0.85 -82.26 2.89
C THR C 235 0.43 -82.94 2.41
N ARG C 236 1.45 -82.15 2.06
CA ARG C 236 2.68 -82.75 1.56
C ARG C 236 3.39 -83.54 2.63
N PHE C 237 3.54 -82.95 3.82
CA PHE C 237 4.41 -83.51 4.86
C PHE C 237 3.68 -84.01 6.10
N ALA C 238 2.57 -83.41 6.48
CA ALA C 238 1.89 -83.78 7.74
C ALA C 238 2.94 -83.83 8.85
N ASN C 239 2.76 -84.75 9.78
CA ASN C 239 3.75 -85.01 10.81
C ASN C 239 4.60 -86.23 10.49
N HIS C 240 4.71 -86.57 9.22
CA HIS C 240 5.47 -87.74 8.84
C HIS C 240 6.94 -87.54 9.15
N ASN C 241 7.60 -88.67 9.37
CA ASN C 241 9.02 -88.72 9.59
C ASN C 241 9.77 -88.62 8.28
N GLN C 242 11.03 -88.22 8.35
CA GLN C 242 11.90 -88.23 7.19
C GLN C 242 12.44 -89.64 7.03
N GLY C 243 12.08 -90.29 5.92
CA GLY C 243 12.54 -91.63 5.66
C GLY C 243 12.38 -92.59 6.83
N ASN C 244 13.51 -93.10 7.31
CA ASN C 244 13.51 -94.03 8.44
C ASN C 244 14.08 -93.41 9.71
N GLU C 245 14.11 -92.08 9.78
CA GLU C 245 14.61 -91.42 10.96
C GLU C 245 13.51 -91.40 12.01
N ASP C 246 13.90 -91.44 13.26
CA ASP C 246 12.95 -91.38 14.36
C ASP C 246 13.13 -90.09 15.14
N PRO C 247 12.23 -89.10 15.00
CA PRO C 247 12.40 -87.84 15.76
C PRO C 247 12.42 -88.04 17.27
N THR C 248 11.77 -89.10 17.78
CA THR C 248 11.80 -89.27 19.23
C THR C 248 13.16 -89.76 19.69
N ALA C 249 14.04 -90.06 18.74
CA ALA C 249 15.40 -90.49 19.06
C ALA C 249 16.41 -89.63 18.36
N GLY C 250 16.05 -88.39 18.04
CA GLY C 250 16.97 -87.45 17.44
C GLY C 250 16.83 -87.28 15.95
N GLY C 251 15.92 -88.03 15.31
CA GLY C 251 15.68 -87.91 13.88
C GLY C 251 14.84 -86.69 13.55
N ARG C 252 14.50 -86.56 12.27
CA ARG C 252 13.83 -85.39 11.75
C ARG C 252 12.45 -85.73 11.17
N TYR C 253 11.54 -84.77 11.22
CA TYR C 253 10.27 -84.87 10.51
C TYR C 253 10.46 -84.53 9.03
N ALA C 254 9.49 -84.93 8.22
CA ALA C 254 9.63 -84.72 6.78
C ALA C 254 9.74 -83.23 6.43
N VAL C 255 8.85 -82.40 6.98
CA VAL C 255 8.90 -80.95 6.73
C VAL C 255 10.18 -80.35 7.27
N GLN C 256 10.67 -80.87 8.41
CA GLN C 256 11.94 -80.41 8.95
C GLN C 256 13.07 -80.63 7.97
N SER C 257 13.22 -81.86 7.44
CA SER C 257 14.28 -82.12 6.45
C SER C 257 14.16 -81.20 5.27
N TYR C 258 12.95 -81.04 4.75
CA TYR C 258 12.73 -80.15 3.61
C TYR C 258 13.27 -78.75 3.88
N LEU C 259 12.97 -78.18 5.06
CA LEU C 259 13.42 -76.83 5.34
C LEU C 259 14.94 -76.72 5.39
N GLU C 260 15.57 -77.68 6.04
CA GLU C 260 17.06 -77.73 6.09
C GLU C 260 17.62 -77.76 4.67
N HIS C 261 16.99 -78.48 3.76
CA HIS C 261 17.45 -78.57 2.36
C HIS C 261 17.28 -77.21 1.69
N GLN C 262 16.14 -76.54 1.88
CA GLN C 262 16.02 -75.17 1.38
C GLN C 262 17.16 -74.26 1.83
N GLY C 263 17.65 -74.47 3.05
CA GLY C 263 18.73 -73.64 3.53
C GLY C 263 20.03 -73.94 2.82
N ASP C 264 20.33 -75.24 2.62
CA ASP C 264 21.52 -75.59 1.85
C ASP C 264 21.44 -75.08 0.43
N LYS C 265 20.28 -75.22 -0.19
CA LYS C 265 20.14 -74.75 -1.56
C LYS C 265 20.48 -73.26 -1.64
N LEU C 266 20.04 -72.47 -0.66
CA LEU C 266 20.31 -71.03 -0.71
C LEU C 266 21.78 -70.75 -0.41
N LEU C 267 22.36 -71.47 0.55
CA LEU C 267 23.75 -71.23 0.91
C LEU C 267 24.66 -71.39 -0.30
N SER C 268 24.38 -72.37 -1.15
CA SER C 268 25.26 -72.68 -2.27
C SER C 268 25.17 -71.68 -3.41
N ARG C 269 24.32 -70.66 -3.28
CA ARG C 269 24.12 -69.72 -4.39
C ARG C 269 23.88 -68.29 -3.93
N PHE C 270 24.00 -68.00 -2.63
CA PHE C 270 23.58 -66.71 -2.11
C PHE C 270 24.47 -66.28 -0.94
N ASP C 271 24.63 -64.97 -0.84
CA ASP C 271 25.47 -64.33 0.20
C ASP C 271 24.61 -63.81 1.34
N ALA C 272 25.06 -64.06 2.56
CA ALA C 272 24.35 -63.52 3.75
C ALA C 272 24.30 -62.00 3.74
N GLY C 273 25.39 -61.35 3.32
CA GLY C 273 25.41 -59.91 3.30
C GLY C 273 24.31 -59.33 2.42
N SER C 274 24.03 -59.97 1.29
CA SER C 274 22.95 -59.49 0.44
C SER C 274 21.60 -59.75 1.08
N TYR C 275 21.44 -60.91 1.71
CA TYR C 275 20.21 -61.18 2.44
C TYR C 275 19.88 -60.02 3.38
N VAL C 276 20.88 -59.52 4.12
CA VAL C 276 20.64 -58.41 5.03
C VAL C 276 20.30 -57.13 4.26
N ILE C 277 21.17 -56.71 3.33
CA ILE C 277 20.94 -55.43 2.66
C ILE C 277 19.58 -55.40 1.97
N LEU C 278 19.19 -56.48 1.32
CA LEU C 278 17.94 -56.48 0.58
C LEU C 278 16.73 -56.62 1.50
N THR C 279 16.85 -57.40 2.58
CA THR C 279 15.76 -57.44 3.54
C THR C 279 15.58 -56.09 4.22
N GLU C 280 16.69 -55.41 4.55
CA GLU C 280 16.57 -54.05 5.04
C GLU C 280 15.80 -53.19 4.04
N ALA C 281 16.06 -53.37 2.74
CA ALA C 281 15.33 -52.58 1.74
C ALA C 281 13.84 -52.93 1.71
N LEU C 282 13.51 -54.21 1.94
CA LEU C 282 12.12 -54.61 2.06
C LEU C 282 11.44 -53.93 3.24
N ASN C 283 12.13 -53.88 4.39
CA ASN C 283 11.56 -53.23 5.56
C ASN C 283 11.22 -51.77 5.31
N SER C 284 12.12 -51.04 4.63
CA SER C 284 11.96 -49.61 4.36
C SER C 284 10.94 -49.29 3.27
N HIS C 285 10.36 -50.29 2.62
CA HIS C 285 9.42 -50.08 1.52
C HIS C 285 8.16 -49.35 1.99
N ASP C 286 7.80 -48.27 1.28
CA ASP C 286 6.66 -47.41 1.62
C ASP C 286 6.39 -46.45 0.45
N VAL C 287 5.43 -46.77 -0.42
CA VAL C 287 5.24 -45.92 -1.60
C VAL C 287 4.81 -44.51 -1.23
N GLY C 288 4.38 -44.28 0.00
CA GLY C 288 3.88 -42.99 0.41
C GLY C 288 4.92 -42.07 1.02
N ARG C 289 6.07 -42.61 1.44
CA ARG C 289 7.11 -41.76 2.04
C ARG C 289 7.44 -40.59 1.11
N GLY C 290 7.47 -39.39 1.69
CA GLY C 290 7.78 -38.21 0.91
C GLY C 290 6.77 -37.81 -0.15
N ARG C 291 5.57 -38.42 -0.13
CA ARG C 291 4.52 -38.13 -1.11
C ARG C 291 3.16 -37.89 -0.46
N GLY C 292 3.09 -37.68 0.86
CA GLY C 292 1.81 -37.48 1.51
C GLY C 292 1.10 -38.75 1.94
N GLY C 293 1.80 -39.86 2.07
CA GLY C 293 1.16 -41.07 2.50
C GLY C 293 0.84 -41.96 1.32
N VAL C 294 0.49 -43.21 1.64
CA VAL C 294 0.20 -44.17 0.59
C VAL C 294 -0.91 -43.67 -0.31
N SER C 295 -2.04 -43.28 0.28
CA SER C 295 -3.20 -42.91 -0.53
C SER C 295 -2.87 -41.77 -1.48
N ALA C 296 -2.29 -40.69 -0.97
CA ALA C 296 -1.96 -39.58 -1.84
C ALA C 296 -1.08 -40.03 -3.00
N ALA C 297 -0.06 -40.83 -2.69
CA ALA C 297 0.91 -41.22 -3.70
C ALA C 297 0.27 -42.08 -4.79
N LEU C 298 -0.56 -43.06 -4.40
CA LEU C 298 -1.18 -43.97 -5.37
C LEU C 298 -2.21 -43.28 -6.26
N ARG C 299 -3.12 -42.55 -5.65
CA ARG C 299 -4.17 -41.81 -6.37
C ARG C 299 -3.56 -40.83 -7.37
N ALA C 300 -2.32 -40.43 -7.15
CA ALA C 300 -1.72 -39.52 -8.12
C ALA C 300 -1.05 -40.26 -9.29
N CYS C 301 -0.94 -41.58 -9.24
CA CYS C 301 -0.25 -42.35 -10.27
C CYS C 301 -1.23 -42.72 -11.38
N PRO C 302 -1.05 -42.23 -12.60
CA PRO C 302 -2.03 -42.49 -13.65
C PRO C 302 -1.77 -43.73 -14.51
N VAL C 303 -0.67 -44.45 -14.27
CA VAL C 303 -0.27 -45.59 -15.11
C VAL C 303 -1.34 -46.66 -15.07
N PRO C 304 -1.78 -47.21 -16.22
CA PRO C 304 -2.63 -48.41 -16.17
C PRO C 304 -1.86 -49.59 -15.57
N VAL C 305 -2.52 -50.33 -14.68
CA VAL C 305 -1.86 -51.46 -14.03
C VAL C 305 -2.85 -52.60 -13.84
N VAL C 306 -2.28 -53.80 -13.83
CA VAL C 306 -2.96 -55.01 -13.41
C VAL C 306 -2.42 -55.37 -12.04
N VAL C 307 -3.31 -55.67 -11.11
CA VAL C 307 -2.94 -56.02 -9.73
C VAL C 307 -3.50 -57.40 -9.44
N GLY C 308 -2.65 -58.31 -9.02
CA GLY C 308 -3.08 -59.66 -8.69
C GLY C 308 -2.61 -60.08 -7.31
N GLY C 309 -3.45 -60.81 -6.62
CA GLY C 309 -3.09 -61.34 -5.32
C GLY C 309 -3.51 -62.79 -5.20
N ILE C 310 -2.80 -63.52 -4.33
CA ILE C 310 -3.03 -64.95 -4.10
C ILE C 310 -3.91 -65.14 -2.86
N THR C 311 -4.95 -65.97 -3.00
CA THR C 311 -5.91 -66.20 -1.91
C THR C 311 -5.23 -66.69 -0.65
N SER C 312 -4.28 -67.61 -0.77
CA SER C 312 -3.68 -68.26 0.38
C SER C 312 -2.38 -67.60 0.81
N ASP C 313 -2.10 -66.40 0.33
CA ASP C 313 -0.83 -65.73 0.62
C ASP C 313 -0.76 -65.35 2.11
N ARG C 314 0.25 -65.83 2.81
CA ARG C 314 0.35 -65.53 4.25
C ARG C 314 1.31 -64.40 4.56
N LEU C 315 2.15 -64.05 3.60
CA LEU C 315 3.16 -63.00 3.71
C LEU C 315 2.68 -61.68 3.15
N TYR C 316 2.00 -61.69 2.01
CA TYR C 316 1.42 -60.49 1.41
C TYR C 316 -0.06 -60.78 1.23
N PRO C 317 -0.82 -60.78 2.32
CA PRO C 317 -2.22 -61.22 2.26
C PRO C 317 -3.02 -60.44 1.24
N LEU C 318 -4.09 -61.08 0.76
CA LEU C 318 -4.90 -60.48 -0.28
C LEU C 318 -5.33 -59.06 0.08
N ARG C 319 -5.53 -58.77 1.36
CA ARG C 319 -6.01 -57.43 1.72
C ARG C 319 -5.07 -56.35 1.18
N LEU C 320 -3.77 -56.62 1.14
CA LEU C 320 -2.79 -55.63 0.67
C LEU C 320 -2.95 -55.33 -0.81
N GLN C 321 -3.33 -56.33 -1.61
CA GLN C 321 -3.53 -56.09 -3.03
C GLN C 321 -4.85 -55.37 -3.26
N GLN C 322 -5.89 -55.73 -2.51
CA GLN C 322 -7.12 -54.95 -2.58
C GLN C 322 -6.84 -53.47 -2.33
N GLU C 323 -5.94 -53.15 -1.39
CA GLU C 323 -5.63 -51.74 -1.16
C GLU C 323 -5.03 -51.10 -2.40
N LEU C 324 -4.11 -51.79 -3.07
CA LEU C 324 -3.52 -51.27 -4.28
C LEU C 324 -4.60 -51.07 -5.36
N ALA C 325 -5.44 -52.07 -5.56
CA ALA C 325 -6.50 -51.91 -6.55
C ALA C 325 -7.42 -50.75 -6.18
N ASP C 326 -7.72 -50.60 -4.89
CA ASP C 326 -8.67 -49.59 -4.43
C ASP C 326 -8.18 -48.19 -4.74
N LEU C 327 -6.88 -47.98 -4.62
CA LEU C 327 -6.28 -46.66 -4.63
C LEU C 327 -5.69 -46.22 -5.95
N LEU C 328 -5.19 -47.17 -6.81
CA LEU C 328 -4.58 -46.84 -8.11
C LEU C 328 -5.66 -46.67 -9.17
N PRO C 329 -5.88 -45.44 -9.66
CA PRO C 329 -6.94 -45.23 -10.66
C PRO C 329 -6.66 -45.93 -11.97
N GLY C 330 -5.39 -46.23 -12.26
CA GLY C 330 -5.09 -46.99 -13.46
C GLY C 330 -5.44 -48.46 -13.41
N CYS C 331 -5.95 -48.96 -12.27
CA CYS C 331 -6.25 -50.38 -12.08
C CYS C 331 -7.75 -50.58 -12.16
N ALA C 332 -8.19 -51.49 -13.03
CA ALA C 332 -9.62 -51.69 -13.17
C ALA C 332 -10.23 -52.30 -11.91
N GLY C 333 -9.48 -53.17 -11.24
CA GLY C 333 -9.99 -53.83 -10.08
C GLY C 333 -9.06 -54.96 -9.73
N LEU C 334 -9.13 -55.45 -8.49
CA LEU C 334 -8.25 -56.54 -8.10
C LEU C 334 -8.51 -57.75 -8.99
N ARG C 335 -7.44 -58.39 -9.44
CA ARG C 335 -7.54 -59.69 -10.09
C ARG C 335 -7.13 -60.75 -9.08
N VAL C 336 -8.06 -61.63 -8.74
CA VAL C 336 -7.79 -62.63 -7.72
C VAL C 336 -7.30 -63.90 -8.42
N VAL C 337 -6.04 -64.25 -8.15
CA VAL C 337 -5.45 -65.48 -8.65
C VAL C 337 -5.75 -66.58 -7.64
N GLU C 338 -6.50 -67.59 -8.06
CA GLU C 338 -6.92 -68.65 -7.17
C GLU C 338 -5.81 -69.70 -7.13
N SER C 339 -5.26 -69.97 -5.94
CA SER C 339 -4.10 -70.84 -5.74
C SER C 339 -4.02 -71.32 -4.29
N VAL C 340 -3.54 -72.55 -4.12
CA VAL C 340 -3.33 -73.14 -2.81
C VAL C 340 -1.89 -73.04 -2.33
N TYR C 341 -1.00 -72.43 -3.11
CA TYR C 341 0.44 -72.51 -2.85
C TYR C 341 0.99 -71.28 -2.13
N GLY C 342 0.13 -70.43 -1.58
CA GLY C 342 0.54 -69.27 -0.83
C GLY C 342 1.30 -68.26 -1.66
N HIS C 343 2.30 -67.65 -1.03
CA HIS C 343 3.04 -66.61 -1.70
C HIS C 343 3.68 -67.12 -3.00
N ASP C 344 4.26 -68.34 -2.98
CA ASP C 344 4.93 -68.85 -4.18
C ASP C 344 3.92 -69.09 -5.28
N GLY C 345 2.65 -68.88 -4.99
CA GLY C 345 1.63 -69.16 -5.99
C GLY C 345 1.80 -68.40 -7.27
N PHE C 346 2.30 -67.14 -7.20
CA PHE C 346 2.36 -66.34 -8.43
C PHE C 346 3.38 -66.89 -9.42
N LEU C 347 4.33 -67.70 -8.94
CA LEU C 347 5.28 -68.39 -9.81
C LEU C 347 4.80 -69.76 -10.25
N VAL C 348 3.75 -70.29 -9.63
CA VAL C 348 3.34 -71.67 -9.82
C VAL C 348 2.14 -71.76 -10.75
N GLU C 349 1.20 -70.84 -10.63
CA GLU C 349 -0.05 -70.88 -11.40
C GLU C 349 0.18 -70.19 -12.75
N THR C 350 0.90 -70.90 -13.62
CA THR C 350 1.45 -70.23 -14.80
C THR C 350 0.36 -69.77 -15.76
N GLU C 351 -0.70 -70.56 -15.89
CA GLU C 351 -1.82 -70.13 -16.74
C GLU C 351 -2.54 -68.90 -16.19
N ALA C 352 -2.97 -68.94 -14.91
CA ALA C 352 -3.72 -67.81 -14.35
C ALA C 352 -2.87 -66.55 -14.30
N VAL C 353 -1.60 -66.68 -13.93
CA VAL C 353 -0.75 -65.50 -13.96
C VAL C 353 -0.49 -65.08 -15.39
N GLY C 354 -0.40 -66.06 -16.30
CA GLY C 354 -0.22 -65.73 -17.71
C GLY C 354 -1.32 -64.82 -18.24
N GLU C 355 -2.56 -65.08 -17.85
CA GLU C 355 -3.68 -64.21 -18.24
C GLU C 355 -3.40 -62.77 -17.86
N LEU C 356 -2.88 -62.55 -16.64
CA LEU C 356 -2.60 -61.20 -16.19
C LEU C 356 -1.43 -60.60 -16.94
N ILE C 357 -0.39 -61.39 -17.21
CA ILE C 357 0.74 -60.86 -17.97
C ILE C 357 0.27 -60.40 -19.35
N ARG C 358 -0.53 -61.23 -20.02
CA ARG C 358 -1.07 -60.85 -21.32
C ARG C 358 -1.96 -59.60 -21.19
N GLN C 359 -2.86 -59.57 -20.21
CA GLN C 359 -3.71 -58.39 -20.05
C GLN C 359 -2.87 -57.13 -19.88
N THR C 360 -1.80 -57.20 -19.08
CA THR C 360 -0.91 -56.07 -18.86
C THR C 360 -0.23 -55.61 -20.15
N LEU C 361 0.37 -56.56 -20.89
CA LEU C 361 1.02 -56.22 -22.15
C LEU C 361 0.02 -55.68 -23.15
N GLY C 362 -1.24 -56.13 -23.10
CA GLY C 362 -2.26 -55.48 -23.88
C GLY C 362 -2.38 -53.99 -23.58
N LEU C 363 -2.30 -53.63 -22.29
CA LEU C 363 -2.38 -52.21 -21.93
C LEU C 363 -1.16 -51.44 -22.42
N ALA C 364 0.03 -52.07 -22.43
CA ALA C 364 1.20 -51.40 -22.97
C ALA C 364 1.05 -51.11 -24.46
N ASP C 365 0.28 -51.94 -25.18
CA ASP C 365 -0.06 -51.64 -26.57
C ASP C 365 -1.14 -50.58 -26.67
N ARG C 366 -1.88 -50.35 -25.60
CA ARG C 366 -2.67 -49.13 -25.44
C ARG C 366 -4.13 -49.40 -25.78
N THR D 1 -0.99 -89.74 51.66
CA THR D 1 -1.39 -88.54 50.90
C THR D 1 -0.54 -87.33 51.29
N GLN D 2 -0.41 -86.40 50.35
CA GLN D 2 0.27 -85.14 50.53
C GLN D 2 -0.78 -84.05 50.51
N THR D 3 -0.37 -82.84 50.89
CA THR D 3 -1.34 -81.79 51.18
C THR D 3 -1.69 -80.99 49.94
N LEU D 4 -3.00 -80.81 49.70
CA LEU D 4 -3.46 -79.82 48.75
C LEU D 4 -3.02 -78.50 49.34
N PRO D 5 -2.18 -77.73 48.67
CA PRO D 5 -1.70 -76.47 49.25
C PRO D 5 -2.83 -75.49 49.51
N ALA D 6 -2.48 -74.43 50.22
CA ALA D 6 -3.38 -73.32 50.44
C ALA D 6 -3.66 -72.58 49.13
N GLU D 7 -4.82 -71.93 49.06
CA GLU D 7 -5.17 -71.17 47.85
C GLU D 7 -4.07 -70.17 47.50
N GLY D 8 -3.63 -70.23 46.24
CA GLY D 8 -2.62 -69.30 45.77
C GLY D 8 -1.20 -69.77 45.96
N GLU D 9 -0.93 -70.45 47.06
CA GLU D 9 0.42 -70.92 47.33
C GLU D 9 0.79 -72.05 46.37
N ILE D 10 2.09 -72.09 46.00
CA ILE D 10 2.65 -73.20 45.24
C ILE D 10 2.88 -74.37 46.19
N GLY D 11 2.63 -75.57 45.71
CA GLY D 11 3.04 -76.76 46.42
C GLY D 11 3.81 -77.68 45.48
N LEU D 12 4.69 -78.47 46.06
CA LEU D 12 5.51 -79.40 45.31
C LEU D 12 5.06 -80.81 45.70
N ILE D 13 4.66 -81.57 44.70
CA ILE D 13 4.05 -82.88 44.90
C ILE D 13 5.05 -83.91 44.38
N ASP D 14 5.52 -84.76 45.28
CA ASP D 14 6.49 -85.78 44.90
C ASP D 14 5.68 -86.92 44.28
N VAL D 15 5.87 -87.16 42.99
CA VAL D 15 5.13 -88.24 42.35
C VAL D 15 5.96 -89.47 42.19
N GLY D 16 7.26 -89.42 42.51
CA GLY D 16 8.04 -90.64 42.49
C GLY D 16 8.57 -90.97 41.12
N SER D 17 8.67 -92.25 40.84
CA SER D 17 9.18 -92.71 39.57
C SER D 17 8.08 -92.70 38.53
N LEU D 18 8.42 -92.23 37.31
CA LEU D 18 7.51 -92.17 36.17
C LEU D 18 8.10 -92.94 35.02
N GLN D 19 7.30 -93.80 34.40
CA GLN D 19 7.72 -94.50 33.20
C GLN D 19 7.16 -93.77 31.98
N LEU D 20 8.07 -93.17 31.22
CA LEU D 20 7.72 -92.41 30.02
C LEU D 20 7.27 -93.36 28.90
N GLU D 21 6.61 -92.78 27.91
CA GLU D 21 6.12 -93.59 26.80
C GLU D 21 7.25 -94.38 26.14
N SER D 22 8.48 -93.84 26.15
CA SER D 22 9.65 -94.48 25.59
C SER D 22 10.13 -95.68 26.40
N GLY D 23 9.60 -95.91 27.58
CA GLY D 23 10.11 -96.93 28.45
C GLY D 23 11.11 -96.45 29.48
N ALA D 24 11.88 -95.40 29.17
CA ALA D 24 12.78 -94.82 30.15
C ALA D 24 12.02 -94.42 31.41
N VAL D 25 12.70 -94.35 32.55
CA VAL D 25 12.05 -94.02 33.80
C VAL D 25 12.79 -92.86 34.43
N ILE D 26 12.05 -91.82 34.79
CA ILE D 26 12.59 -90.71 35.55
C ILE D 26 12.26 -90.93 37.03
N ASP D 27 13.27 -90.78 37.87
CA ASP D 27 13.03 -91.01 39.28
C ASP D 27 12.87 -89.67 40.00
N ASP D 28 12.04 -89.67 41.04
CA ASP D 28 11.90 -88.51 41.89
C ASP D 28 11.35 -87.32 41.12
N VAL D 29 10.26 -87.55 40.39
CA VAL D 29 9.58 -86.49 39.64
C VAL D 29 8.75 -85.61 40.59
N CYS D 30 8.80 -84.30 40.36
CA CYS D 30 8.11 -83.32 41.20
C CYS D 30 7.29 -82.37 40.32
N ILE D 31 5.99 -82.26 40.63
CA ILE D 31 5.04 -81.46 39.88
C ILE D 31 4.56 -80.35 40.79
N ALA D 32 4.79 -79.11 40.41
CA ALA D 32 4.30 -77.97 41.17
C ALA D 32 2.79 -77.81 40.96
N VAL D 33 2.07 -77.39 42.01
CA VAL D 33 0.61 -77.38 41.96
C VAL D 33 0.08 -76.12 42.63
N GLN D 34 -1.06 -75.65 42.11
CA GLN D 34 -1.81 -74.52 42.64
C GLN D 34 -3.30 -74.78 42.45
N ARG D 35 -4.09 -74.27 43.38
CA ARG D 35 -5.51 -74.54 43.35
C ARG D 35 -6.23 -73.32 43.93
N TRP D 36 -7.41 -73.07 43.37
CA TRP D 36 -8.24 -71.94 43.80
C TRP D 36 -9.62 -72.56 43.96
N GLY D 37 -10.14 -72.55 45.17
CA GLY D 37 -11.42 -73.21 45.43
C GLY D 37 -11.23 -74.37 46.37
N LYS D 38 -12.30 -74.77 47.03
CA LYS D 38 -12.23 -75.85 48.02
C LYS D 38 -12.51 -77.16 47.29
N LEU D 39 -11.78 -78.21 47.66
CA LEU D 39 -12.07 -79.53 47.09
C LEU D 39 -13.30 -80.06 47.81
N SER D 40 -14.28 -80.50 47.05
CA SER D 40 -15.52 -81.04 47.60
C SER D 40 -15.18 -82.21 48.49
N PRO D 41 -16.03 -82.52 49.48
CA PRO D 41 -15.81 -83.73 50.28
C PRO D 41 -15.74 -84.96 49.42
N ALA D 42 -16.56 -85.03 48.36
CA ALA D 42 -16.50 -86.18 47.46
C ALA D 42 -15.25 -86.14 46.57
N ARG D 43 -14.54 -85.02 46.54
CA ARG D 43 -13.34 -84.90 45.72
C ARG D 43 -13.65 -85.03 44.22
N ASP D 44 -14.80 -84.52 43.80
CA ASP D 44 -15.32 -84.74 42.46
C ASP D 44 -15.55 -83.44 41.71
N ASN D 45 -14.99 -82.35 42.19
CA ASN D 45 -15.22 -81.05 41.61
C ASN D 45 -13.92 -80.42 41.11
N VAL D 46 -12.92 -81.26 40.78
CA VAL D 46 -11.65 -80.73 40.29
C VAL D 46 -11.81 -80.31 38.83
N VAL D 47 -11.35 -79.10 38.53
CA VAL D 47 -11.30 -78.56 37.18
C VAL D 47 -9.84 -78.23 36.89
N VAL D 48 -9.18 -79.08 36.09
CA VAL D 48 -7.77 -78.93 35.74
C VAL D 48 -7.61 -77.86 34.66
N VAL D 49 -6.79 -76.86 34.92
CA VAL D 49 -6.48 -75.84 33.93
C VAL D 49 -5.07 -76.09 33.41
N LEU D 50 -4.92 -76.34 32.11
CA LEU D 50 -3.65 -76.82 31.56
C LEU D 50 -2.99 -75.72 30.75
N HIS D 51 -1.78 -75.32 31.15
CA HIS D 51 -1.16 -74.16 30.55
C HIS D 51 -0.51 -74.49 29.19
N ALA D 52 -0.13 -73.43 28.47
CA ALA D 52 0.42 -73.56 27.13
C ALA D 52 1.95 -73.63 27.20
N LEU D 53 2.62 -73.36 26.09
CA LEU D 53 4.05 -73.64 25.96
C LEU D 53 4.87 -73.03 27.10
N THR D 54 4.73 -71.72 27.34
CA THR D 54 5.54 -71.05 28.35
C THR D 54 4.81 -70.81 29.67
N GLY D 55 3.63 -71.39 29.87
CA GLY D 55 2.89 -71.11 31.09
C GLY D 55 3.37 -71.89 32.30
N ASP D 56 2.82 -71.54 33.46
CA ASP D 56 3.13 -72.21 34.74
C ASP D 56 1.82 -72.44 35.49
N SER D 57 1.93 -72.79 36.76
CA SER D 57 0.76 -73.11 37.58
C SER D 57 -0.05 -71.90 37.98
N HIS D 58 0.47 -70.70 37.75
CA HIS D 58 -0.15 -69.45 38.24
C HIS D 58 -1.20 -68.96 37.24
N ILE D 59 -2.38 -69.59 37.28
CA ILE D 59 -3.37 -69.22 36.27
C ILE D 59 -4.00 -67.87 36.57
N THR D 60 -4.23 -67.55 37.85
CA THR D 60 -4.87 -66.29 38.16
C THR D 60 -4.22 -65.62 39.37
N GLY D 61 -4.48 -64.33 39.51
CA GLY D 61 -3.95 -63.56 40.61
C GLY D 61 -2.98 -62.49 40.16
N PRO D 62 -2.63 -61.60 41.07
CA PRO D 62 -1.70 -60.52 40.73
C PRO D 62 -0.29 -60.99 40.97
N ALA D 63 0.66 -60.18 40.50
CA ALA D 63 2.07 -60.39 40.81
C ALA D 63 2.27 -60.37 42.33
N GLY D 64 3.30 -61.08 42.79
CA GLY D 64 3.58 -61.15 44.20
C GLY D 64 4.90 -61.85 44.44
N PRO D 65 5.11 -62.32 45.66
CA PRO D 65 6.31 -63.14 45.93
C PRO D 65 6.20 -64.45 45.15
N GLY D 66 7.27 -64.78 44.43
CA GLY D 66 7.27 -65.96 43.61
C GLY D 66 6.54 -65.82 42.29
N HIS D 67 5.88 -64.70 42.04
CA HIS D 67 5.14 -64.49 40.79
C HIS D 67 5.41 -63.07 40.33
N PRO D 68 6.47 -62.87 39.55
CA PRO D 68 6.81 -61.51 39.11
C PRO D 68 5.73 -60.86 38.27
N THR D 69 4.82 -61.65 37.71
CA THR D 69 3.76 -61.26 36.79
C THR D 69 2.42 -61.85 37.17
N PRO D 70 1.31 -61.17 36.85
CA PRO D 70 -0.02 -61.72 37.13
C PRO D 70 -0.24 -63.05 36.41
N GLY D 71 -1.28 -63.75 36.85
CA GLY D 71 -1.56 -65.06 36.27
C GLY D 71 -1.85 -64.94 34.79
N TRP D 72 -1.37 -65.95 34.03
CA TRP D 72 -1.44 -65.92 32.58
C TRP D 72 -2.87 -65.98 32.06
N TRP D 73 -3.81 -66.49 32.86
CA TRP D 73 -5.23 -66.43 32.51
C TRP D 73 -6.04 -65.65 33.54
N ASP D 74 -5.55 -64.47 33.94
CA ASP D 74 -6.11 -63.76 35.08
C ASP D 74 -7.63 -63.64 35.01
N GLY D 75 -8.30 -64.02 36.09
CA GLY D 75 -9.72 -63.89 36.18
C GLY D 75 -10.51 -65.13 35.83
N VAL D 76 -9.84 -66.17 35.35
CA VAL D 76 -10.59 -67.33 34.84
C VAL D 76 -11.20 -68.13 35.98
N ALA D 77 -10.58 -68.08 37.16
CA ALA D 77 -11.04 -68.81 38.33
C ALA D 77 -11.26 -67.81 39.45
N GLY D 78 -12.42 -67.92 40.10
CA GLY D 78 -12.77 -67.06 41.19
C GLY D 78 -14.26 -67.16 41.49
N PRO D 79 -14.68 -66.44 42.53
CA PRO D 79 -16.11 -66.38 42.86
C PRO D 79 -16.90 -65.73 41.76
N GLY D 80 -17.83 -66.48 41.18
CA GLY D 80 -18.64 -65.99 40.10
C GLY D 80 -17.98 -65.99 38.74
N ALA D 81 -16.68 -66.33 38.66
CA ALA D 81 -15.94 -66.38 37.41
C ALA D 81 -16.37 -67.63 36.61
N PRO D 82 -15.96 -67.74 35.34
CA PRO D 82 -16.31 -68.94 34.57
C PRO D 82 -16.00 -70.25 35.29
N ILE D 83 -14.79 -70.39 35.81
CA ILE D 83 -14.48 -71.47 36.76
C ILE D 83 -14.79 -70.91 38.13
N ASP D 84 -16.02 -71.18 38.60
CA ASP D 84 -16.57 -70.65 39.85
C ASP D 84 -15.95 -71.37 41.05
N THR D 85 -15.06 -70.68 41.80
CA THR D 85 -14.37 -71.36 42.90
C THR D 85 -15.23 -71.53 44.14
N THR D 86 -16.40 -70.89 44.19
CA THR D 86 -17.37 -71.23 45.22
C THR D 86 -18.01 -72.58 44.96
N ARG D 87 -17.80 -73.12 43.77
CA ARG D 87 -18.43 -74.38 43.44
C ARG D 87 -17.43 -75.38 42.86
N TRP D 88 -16.35 -74.92 42.22
CA TRP D 88 -15.36 -75.76 41.57
C TRP D 88 -14.00 -75.57 42.22
N CYS D 89 -13.15 -76.60 42.12
CA CYS D 89 -11.77 -76.55 42.61
C CYS D 89 -10.80 -76.52 41.41
N ALA D 90 -10.28 -75.33 41.11
CA ALA D 90 -9.40 -75.14 39.98
C ALA D 90 -7.97 -75.53 40.36
N VAL D 91 -7.44 -76.59 39.75
CA VAL D 91 -6.08 -77.09 39.97
C VAL D 91 -5.29 -76.86 38.68
N ALA D 92 -4.05 -76.40 38.83
CA ALA D 92 -3.13 -76.19 37.70
C ALA D 92 -1.76 -76.69 38.07
N THR D 93 -1.09 -77.34 37.13
CA THR D 93 0.26 -77.87 37.38
C THR D 93 1.28 -77.19 36.50
N ASN D 94 2.56 -77.27 36.86
CA ASN D 94 3.64 -76.85 35.95
C ASN D 94 3.99 -78.16 35.25
N VAL D 95 3.88 -78.21 33.94
CA VAL D 95 4.05 -79.48 33.19
C VAL D 95 5.39 -80.14 33.41
N LEU D 96 5.35 -81.47 33.36
CA LEU D 96 6.61 -82.20 33.34
C LEU D 96 7.45 -81.63 32.22
N GLY D 97 8.69 -81.31 32.54
CA GLY D 97 9.57 -80.61 31.63
C GLY D 97 9.66 -79.11 31.81
N GLY D 98 8.83 -78.51 32.66
CA GLY D 98 8.84 -77.08 32.84
C GLY D 98 10.03 -76.58 33.66
N CYS D 99 9.98 -75.29 33.98
CA CYS D 99 11.04 -74.65 34.73
C CYS D 99 10.48 -73.72 35.79
N ARG D 100 9.32 -74.05 36.36
CA ARG D 100 8.70 -73.22 37.41
C ARG D 100 8.18 -74.12 38.54
N GLY D 101 9.03 -75.05 38.95
CA GLY D 101 8.68 -75.94 40.07
C GLY D 101 8.72 -77.40 39.73
N SER D 102 8.44 -77.76 38.49
CA SER D 102 8.35 -79.17 38.10
C SER D 102 9.66 -79.64 37.47
N THR D 103 9.89 -80.94 37.45
CA THR D 103 11.15 -81.52 36.96
C THR D 103 11.35 -81.20 35.49
N GLY D 104 12.45 -80.51 35.18
CA GLY D 104 12.82 -80.21 33.81
C GLY D 104 14.33 -80.19 33.64
N PRO D 105 14.80 -79.85 32.45
CA PRO D 105 16.24 -79.79 32.25
C PRO D 105 16.97 -78.95 33.29
N SER D 106 16.36 -77.84 33.70
CA SER D 106 17.04 -76.95 34.65
C SER D 106 17.01 -77.50 36.07
N SER D 107 16.11 -78.43 36.38
CA SER D 107 16.06 -79.03 37.70
C SER D 107 17.30 -79.86 37.96
N LEU D 108 17.59 -80.06 39.24
CA LEU D 108 18.76 -80.81 39.67
C LEU D 108 18.42 -82.29 39.68
N ALA D 109 19.28 -83.11 39.07
CA ALA D 109 19.01 -84.53 39.11
C ALA D 109 19.51 -85.08 40.44
N ARG D 110 19.34 -86.39 40.68
CA ARG D 110 19.74 -86.86 42.00
C ARG D 110 21.25 -86.97 42.15
N ASP D 111 22.01 -86.64 41.12
CA ASP D 111 23.46 -86.60 41.23
C ASP D 111 23.96 -85.21 41.61
N GLY D 112 23.06 -84.29 41.93
CA GLY D 112 23.40 -82.93 42.27
C GLY D 112 23.67 -81.99 41.12
N LYS D 113 23.79 -82.49 39.92
CA LYS D 113 24.01 -81.73 38.71
C LYS D 113 22.67 -81.52 38.00
N PRO D 114 22.48 -80.40 37.31
CA PRO D 114 21.22 -80.21 36.57
C PRO D 114 21.00 -81.31 35.54
N TRP D 115 19.74 -81.76 35.40
CA TRP D 115 19.42 -82.76 34.40
C TRP D 115 20.05 -82.40 33.05
N GLY D 116 19.72 -81.22 32.54
CA GLY D 116 20.38 -80.72 31.35
C GLY D 116 20.21 -81.64 30.15
N SER D 117 21.32 -81.89 29.46
CA SER D 117 21.26 -82.71 28.27
C SER D 117 20.76 -84.13 28.56
N ARG D 118 20.76 -84.54 29.83
CA ARG D 118 20.34 -85.88 30.23
C ARG D 118 18.84 -85.99 30.40
N PHE D 119 18.09 -84.90 30.30
CA PHE D 119 16.65 -85.01 30.39
C PHE D 119 16.10 -85.71 29.17
N PRO D 120 15.30 -86.77 29.34
CA PRO D 120 14.79 -87.52 28.18
C PRO D 120 13.65 -86.82 27.47
N LEU D 121 13.57 -87.02 26.15
CA LEU D 121 12.44 -86.48 25.39
C LEU D 121 11.12 -87.05 25.91
N ILE D 122 10.12 -86.18 26.00
CA ILE D 122 8.81 -86.54 26.52
C ILE D 122 7.71 -86.10 25.56
N SER D 123 6.56 -86.72 25.68
CA SER D 123 5.39 -86.46 24.86
C SER D 123 4.27 -85.77 25.65
N ILE D 124 3.31 -85.21 24.91
CA ILE D 124 2.12 -84.69 25.57
C ILE D 124 1.53 -85.78 26.45
N ARG D 125 1.56 -87.03 25.96
CA ARG D 125 0.98 -88.14 26.72
C ARG D 125 1.70 -88.36 28.04
N ASP D 126 3.02 -88.21 28.02
CA ASP D 126 3.82 -88.25 29.24
C ASP D 126 3.39 -87.16 30.22
N GLN D 127 3.20 -85.94 29.71
CA GLN D 127 2.83 -84.81 30.54
C GLN D 127 1.54 -85.06 31.29
N VAL D 128 0.60 -85.77 30.65
CA VAL D 128 -0.67 -86.11 31.25
C VAL D 128 -0.50 -87.18 32.32
N GLN D 129 0.39 -88.17 32.09
CA GLN D 129 0.68 -89.11 33.17
C GLN D 129 1.10 -88.37 34.43
N ALA D 130 2.07 -87.47 34.29
CA ALA D 130 2.60 -86.71 35.42
C ALA D 130 1.51 -85.90 36.09
N ASP D 131 0.59 -85.28 35.33
CA ASP D 131 -0.47 -84.54 36.00
C ASP D 131 -1.37 -85.48 36.77
N VAL D 132 -1.73 -86.61 36.15
CA VAL D 132 -2.58 -87.62 36.78
C VAL D 132 -1.90 -88.19 38.02
N ALA D 133 -0.58 -88.38 37.94
CA ALA D 133 0.18 -88.85 39.09
C ALA D 133 0.12 -87.87 40.25
N ALA D 134 0.24 -86.56 39.96
CA ALA D 134 0.17 -85.56 41.01
C ALA D 134 -1.21 -85.54 41.68
N LEU D 135 -2.29 -85.54 40.88
CA LEU D 135 -3.63 -85.51 41.49
C LEU D 135 -3.88 -86.77 42.33
N ALA D 136 -3.34 -87.91 41.89
CA ALA D 136 -3.42 -89.12 42.71
C ALA D 136 -2.65 -88.94 44.01
N ALA D 137 -1.46 -88.34 43.93
CA ALA D 137 -0.66 -88.08 45.12
C ALA D 137 -1.40 -87.19 46.10
N LEU D 138 -2.43 -86.46 45.63
CA LEU D 138 -3.28 -85.61 46.47
C LEU D 138 -4.62 -86.25 46.80
N GLY D 139 -4.84 -87.50 46.45
CA GLY D 139 -6.12 -88.11 46.71
C GLY D 139 -7.23 -87.87 45.72
N ILE D 140 -6.94 -87.17 44.61
CA ILE D 140 -7.89 -86.96 43.52
C ILE D 140 -7.66 -88.05 42.50
N THR D 141 -8.71 -88.87 42.27
CA THR D 141 -8.57 -89.90 41.27
C THR D 141 -9.40 -89.66 40.02
N GLU D 142 -10.22 -88.62 40.07
CA GLU D 142 -11.08 -88.22 38.93
C GLU D 142 -11.28 -86.71 38.97
N VAL D 143 -11.20 -86.05 37.83
CA VAL D 143 -11.38 -84.64 37.69
C VAL D 143 -12.72 -84.46 37.03
N ALA D 144 -13.37 -83.32 37.32
CA ALA D 144 -14.67 -83.07 36.72
C ALA D 144 -14.51 -82.62 35.27
N ALA D 145 -13.48 -81.84 34.99
CA ALA D 145 -13.26 -81.30 33.67
C ALA D 145 -11.78 -80.95 33.50
N VAL D 146 -11.34 -80.96 32.24
CA VAL D 146 -10.05 -80.43 31.84
C VAL D 146 -10.29 -79.27 30.88
N VAL D 147 -9.46 -78.23 30.99
CA VAL D 147 -9.58 -77.02 30.18
C VAL D 147 -8.20 -76.61 29.71
N GLY D 148 -8.07 -76.37 28.41
CA GLY D 148 -6.77 -75.92 27.93
C GLY D 148 -6.79 -75.37 26.53
N GLY D 149 -5.85 -74.46 26.22
CA GLY D 149 -5.66 -73.99 24.86
C GLY D 149 -4.22 -74.14 24.43
N SER D 150 -4.00 -74.15 23.11
CA SER D 150 -2.65 -74.33 22.55
C SER D 150 -2.03 -75.60 23.13
N MET D 151 -0.78 -75.57 23.60
CA MET D 151 -0.21 -76.79 24.16
C MET D 151 -1.11 -77.35 25.25
N GLY D 152 -1.67 -76.48 26.08
CA GLY D 152 -2.60 -76.95 27.08
C GLY D 152 -3.78 -77.68 26.46
N GLY D 153 -4.18 -77.27 25.25
CA GLY D 153 -5.24 -78.00 24.58
C GLY D 153 -4.83 -79.41 24.22
N ALA D 154 -3.56 -79.60 23.81
CA ALA D 154 -3.09 -80.95 23.53
C ALA D 154 -3.09 -81.80 24.78
N ARG D 155 -2.67 -81.24 25.92
CA ARG D 155 -2.74 -81.97 27.18
C ARG D 155 -4.18 -82.36 27.51
N ALA D 156 -5.11 -81.41 27.39
CA ALA D 156 -6.52 -81.72 27.62
C ALA D 156 -7.01 -82.82 26.67
N LEU D 157 -6.73 -82.69 25.38
CA LEU D 157 -7.17 -83.71 24.43
C LEU D 157 -6.61 -85.09 24.77
N GLU D 158 -5.30 -85.20 25.04
CA GLU D 158 -4.79 -86.52 25.40
C GLU D 158 -5.34 -87.00 26.73
N TRP D 159 -5.82 -86.07 27.58
CA TRP D 159 -6.44 -86.48 28.85
C TRP D 159 -7.77 -87.16 28.57
N VAL D 160 -8.68 -86.48 27.86
CA VAL D 160 -10.01 -87.05 27.65
C VAL D 160 -9.96 -88.32 26.82
N VAL D 161 -8.97 -88.46 25.92
CA VAL D 161 -8.87 -89.67 25.10
C VAL D 161 -8.22 -90.82 25.87
N GLY D 162 -7.20 -90.52 26.68
CA GLY D 162 -6.49 -91.55 27.41
C GLY D 162 -7.07 -91.96 28.76
N TYR D 163 -7.95 -91.11 29.32
CA TYR D 163 -8.58 -91.37 30.62
C TYR D 163 -10.09 -91.12 30.57
N PRO D 164 -10.79 -91.68 29.59
CA PRO D 164 -12.19 -91.28 29.38
C PRO D 164 -13.07 -91.56 30.58
N ASP D 165 -12.69 -92.54 31.39
CA ASP D 165 -13.50 -92.91 32.53
C ASP D 165 -13.28 -92.03 33.76
N ARG D 166 -12.28 -91.15 33.73
CA ARG D 166 -11.83 -90.40 34.90
C ARG D 166 -11.88 -88.90 34.67
N VAL D 167 -12.72 -88.45 33.74
CA VAL D 167 -12.95 -87.04 33.48
C VAL D 167 -14.32 -86.93 32.84
N ARG D 168 -15.08 -85.91 33.23
CA ARG D 168 -16.50 -85.85 32.85
C ARG D 168 -16.77 -84.99 31.63
N ALA D 169 -15.94 -83.98 31.38
CA ALA D 169 -16.10 -83.09 30.24
C ALA D 169 -14.78 -82.45 29.95
N GLY D 170 -14.64 -81.95 28.73
CA GLY D 170 -13.42 -81.29 28.31
C GLY D 170 -13.72 -80.04 27.52
N LEU D 171 -12.84 -79.06 27.65
CA LEU D 171 -12.85 -77.86 26.82
C LEU D 171 -11.54 -77.84 26.05
N LEU D 172 -11.63 -78.03 24.74
CA LEU D 172 -10.48 -78.07 23.84
C LEU D 172 -10.51 -76.79 23.04
N LEU D 173 -9.47 -76.00 23.19
CA LEU D 173 -9.47 -74.64 22.69
C LEU D 173 -8.21 -74.40 21.86
N ALA D 174 -8.40 -73.95 20.61
CA ALA D 174 -7.33 -73.55 19.67
C ALA D 174 -6.18 -74.56 19.68
N VAL D 175 -6.53 -75.76 19.21
CA VAL D 175 -5.62 -76.91 19.18
C VAL D 175 -6.11 -77.81 18.06
N GLY D 176 -5.28 -78.82 17.71
CA GLY D 176 -5.65 -79.79 16.71
C GLY D 176 -5.38 -81.21 17.15
N ALA D 177 -5.83 -82.15 16.33
CA ALA D 177 -5.65 -83.57 16.64
C ALA D 177 -4.17 -83.99 16.60
N ARG D 178 -3.34 -83.37 15.76
CA ARG D 178 -1.91 -83.69 15.70
C ARG D 178 -1.14 -82.44 15.31
N ALA D 179 0.18 -82.55 15.35
CA ALA D 179 1.02 -81.46 14.86
C ALA D 179 0.89 -81.33 13.34
N THR D 180 0.75 -80.10 12.86
CA THR D 180 0.70 -79.86 11.43
C THR D 180 2.10 -79.65 10.87
N ALA D 181 2.24 -79.83 9.55
CA ALA D 181 3.54 -79.56 8.94
C ALA D 181 4.02 -78.14 9.26
N ASP D 182 3.12 -77.16 9.14
CA ASP D 182 3.52 -75.79 9.38
C ASP D 182 4.02 -75.59 10.80
N GLN D 183 3.27 -76.15 11.77
CA GLN D 183 3.70 -76.11 13.17
C GLN D 183 5.07 -76.75 13.35
N ILE D 184 5.25 -77.96 12.82
CA ILE D 184 6.53 -78.64 12.98
C ILE D 184 7.67 -77.82 12.36
N GLY D 185 7.42 -77.20 11.20
CA GLY D 185 8.46 -76.41 10.56
C GLY D 185 8.95 -75.27 11.44
N THR D 186 8.02 -74.44 11.90
CA THR D 186 8.44 -73.28 12.69
C THR D 186 9.07 -73.74 14.00
N GLN D 187 8.53 -74.80 14.60
CA GLN D 187 8.97 -75.23 15.93
C GLN D 187 10.31 -75.93 15.90
N THR D 188 10.52 -76.84 14.95
CA THR D 188 11.87 -77.40 14.79
C THR D 188 12.89 -76.33 14.45
N THR D 189 12.50 -75.33 13.64
CA THR D 189 13.43 -74.24 13.31
C THR D 189 13.68 -73.34 14.51
N GLN D 190 12.66 -73.11 15.33
CA GLN D 190 12.87 -72.42 16.60
C GLN D 190 13.91 -73.16 17.45
N ILE D 191 13.73 -74.48 17.59
CA ILE D 191 14.74 -75.27 18.29
C ILE D 191 16.10 -75.09 17.65
N ALA D 192 16.18 -75.12 16.33
CA ALA D 192 17.47 -75.00 15.66
C ALA D 192 18.18 -73.71 16.04
N ALA D 193 17.41 -72.61 16.22
CA ALA D 193 18.02 -71.33 16.57
C ALA D 193 18.67 -71.37 17.95
N ILE D 194 18.01 -72.03 18.90
CA ILE D 194 18.60 -72.17 20.22
C ILE D 194 19.90 -72.98 20.15
N LYS D 195 19.85 -74.11 19.46
CA LYS D 195 21.03 -74.97 19.36
C LYS D 195 22.16 -74.33 18.54
N ALA D 196 21.84 -73.39 17.65
CA ALA D 196 22.88 -72.69 16.91
C ALA D 196 23.57 -71.64 17.76
N ASP D 197 22.94 -71.22 18.85
CA ASP D 197 23.59 -70.34 19.80
C ASP D 197 24.83 -71.04 20.35
N PRO D 198 25.98 -70.38 20.39
CA PRO D 198 27.18 -71.07 20.93
C PRO D 198 27.05 -71.45 22.38
N ASP D 199 26.37 -70.64 23.18
CA ASP D 199 26.29 -70.92 24.59
C ASP D 199 25.30 -72.03 24.90
N TRP D 200 24.69 -72.65 23.88
CA TRP D 200 23.83 -73.80 24.11
C TRP D 200 24.59 -74.94 24.78
N GLN D 201 25.81 -75.20 24.34
CA GLN D 201 26.67 -76.21 24.98
C GLN D 201 25.94 -77.54 25.15
N SER D 202 25.47 -78.09 24.03
CA SER D 202 24.87 -79.42 24.01
C SER D 202 23.73 -79.57 25.02
N GLY D 203 23.17 -78.48 25.51
CA GLY D 203 22.10 -78.50 26.48
C GLY D 203 22.55 -78.50 27.95
N ASP D 204 23.85 -78.42 28.22
CA ASP D 204 24.39 -78.43 29.58
C ASP D 204 25.02 -77.10 29.99
N TYR D 205 24.36 -75.98 29.69
CA TYR D 205 24.85 -74.65 30.04
C TYR D 205 24.53 -74.22 31.47
N HIS D 206 23.73 -75.02 32.21
CA HIS D 206 23.02 -74.54 33.39
C HIS D 206 23.88 -74.05 34.54
N GLU D 207 25.17 -74.31 34.56
CA GLU D 207 25.94 -73.79 35.68
C GLU D 207 27.27 -73.25 35.21
N THR D 208 27.31 -72.75 33.99
CA THR D 208 28.52 -72.29 33.34
C THR D 208 28.58 -70.78 33.19
N GLY D 209 27.64 -70.05 33.82
CA GLY D 209 27.50 -68.61 33.64
C GLY D 209 27.31 -68.12 32.21
N ARG D 210 27.13 -69.03 31.27
CA ARG D 210 26.75 -68.69 29.91
C ARG D 210 25.45 -69.41 29.56
N ALA D 211 24.60 -68.74 28.80
CA ALA D 211 23.31 -69.30 28.42
C ALA D 211 23.01 -68.91 26.98
N PRO D 212 22.16 -69.70 26.29
CA PRO D 212 21.83 -69.41 24.87
C PRO D 212 20.74 -68.34 24.72
N ASP D 213 21.03 -67.14 25.21
CA ASP D 213 20.01 -66.09 25.24
C ASP D 213 19.68 -65.60 23.84
N ALA D 214 20.68 -65.43 22.97
CA ALA D 214 20.39 -64.99 21.61
C ALA D 214 19.46 -65.95 20.90
N GLY D 215 19.75 -67.26 20.99
CA GLY D 215 18.90 -68.24 20.34
C GLY D 215 17.52 -68.31 20.95
N LEU D 216 17.43 -68.26 22.27
CA LEU D 216 16.13 -68.29 22.91
C LEU D 216 15.31 -67.06 22.51
N ARG D 217 15.97 -65.90 22.37
CA ARG D 217 15.26 -64.71 21.90
C ARG D 217 14.80 -64.84 20.45
N LEU D 218 15.67 -65.38 19.59
CA LEU D 218 15.25 -65.63 18.21
C LEU D 218 14.03 -66.53 18.20
N ALA D 219 14.08 -67.61 18.97
CA ALA D 219 12.95 -68.54 19.00
C ALA D 219 11.68 -67.84 19.40
N ARG D 220 11.74 -67.02 20.46
CA ARG D 220 10.52 -66.41 20.96
C ARG D 220 9.96 -65.39 19.97
N ARG D 221 10.84 -64.62 19.34
CA ARG D 221 10.37 -63.60 18.39
C ARG D 221 9.60 -64.25 17.24
N PHE D 222 10.13 -65.32 16.65
CA PHE D 222 9.43 -65.98 15.55
C PHE D 222 8.11 -66.59 16.03
N ALA D 223 8.13 -67.29 17.16
CA ALA D 223 6.89 -67.85 17.69
C ALA D 223 5.87 -66.75 17.95
N HIS D 224 6.30 -65.62 18.53
CA HIS D 224 5.31 -64.61 18.88
C HIS D 224 4.48 -64.23 17.67
N LEU D 225 5.11 -64.12 16.50
CA LEU D 225 4.37 -63.78 15.30
C LEU D 225 3.26 -64.79 15.00
N THR D 226 3.47 -66.09 15.31
CA THR D 226 2.43 -67.07 15.00
C THR D 226 1.21 -66.88 15.88
N TYR D 227 1.42 -66.37 17.11
CA TYR D 227 0.32 -66.13 18.03
C TYR D 227 -0.47 -64.86 17.71
N ARG D 228 0.03 -63.98 16.83
CA ARG D 228 -0.63 -62.71 16.58
C ARG D 228 -1.62 -62.81 15.43
N GLY D 229 -2.34 -61.72 15.19
CA GLY D 229 -3.23 -61.60 14.04
C GLY D 229 -2.62 -60.66 13.02
N GLU D 230 -2.67 -61.03 11.73
CA GLU D 230 -1.97 -60.24 10.73
C GLU D 230 -2.45 -58.80 10.73
N ILE D 231 -3.76 -58.59 10.67
CA ILE D 231 -4.28 -57.23 10.60
C ILE D 231 -4.00 -56.50 11.92
N GLU D 232 -4.29 -57.16 13.03
CA GLU D 232 -4.12 -56.54 14.34
C GLU D 232 -2.71 -55.99 14.54
N LEU D 233 -1.67 -56.80 14.23
CA LEU D 233 -0.30 -56.28 14.26
C LEU D 233 -0.14 -55.09 13.34
N ASP D 234 -0.68 -55.13 12.13
CA ASP D 234 -0.49 -53.99 11.27
C ASP D 234 -1.15 -52.75 11.87
N THR D 235 -2.29 -52.94 12.53
CA THR D 235 -2.94 -51.80 13.16
C THR D 235 -2.13 -51.23 14.33
N ARG D 236 -1.54 -52.07 15.18
CA ARG D 236 -0.81 -51.51 16.33
C ARG D 236 0.47 -50.79 15.89
N PHE D 237 1.27 -51.41 15.02
CA PHE D 237 2.62 -50.94 14.73
C PHE D 237 2.83 -50.40 13.32
N ALA D 238 2.14 -50.92 12.32
CA ALA D 238 2.38 -50.54 10.93
C ALA D 238 3.88 -50.64 10.69
N ASN D 239 4.42 -49.79 9.81
CA ASN D 239 5.86 -49.71 9.59
C ASN D 239 6.47 -48.54 10.33
N HIS D 240 5.84 -48.15 11.42
CA HIS D 240 6.29 -47.04 12.23
C HIS D 240 7.61 -47.36 12.90
N ASN D 241 8.37 -46.31 13.14
CA ASN D 241 9.61 -46.43 13.87
C ASN D 241 9.33 -46.50 15.35
N GLN D 242 10.34 -47.00 16.07
CA GLN D 242 10.34 -47.03 17.52
C GLN D 242 10.76 -45.66 18.04
N GLY D 243 9.84 -44.97 18.74
CA GLY D 243 10.16 -43.66 19.26
C GLY D 243 10.79 -42.75 18.23
N ASN D 244 12.04 -42.36 18.47
CA ASN D 244 12.77 -41.50 17.54
C ASN D 244 13.91 -42.22 16.86
N GLU D 245 13.85 -43.54 16.78
CA GLU D 245 14.94 -44.27 16.17
C GLU D 245 14.76 -44.29 14.66
N ASP D 246 15.88 -44.29 13.94
CA ASP D 246 15.81 -44.30 12.49
C ASP D 246 16.30 -45.63 11.93
N PRO D 247 15.42 -46.49 11.45
CA PRO D 247 15.90 -47.78 10.92
C PRO D 247 16.89 -47.64 9.78
N THR D 248 16.84 -46.54 9.02
CA THR D 248 17.74 -46.36 7.89
C THR D 248 19.15 -45.98 8.32
N ALA D 249 19.35 -45.72 9.61
CA ALA D 249 20.67 -45.46 10.16
C ALA D 249 20.94 -46.34 11.37
N GLY D 250 20.31 -47.53 11.41
CA GLY D 250 20.55 -48.51 12.44
C GLY D 250 19.49 -48.62 13.53
N GLY D 251 18.41 -47.83 13.46
CA GLY D 251 17.35 -47.90 14.44
C GLY D 251 16.39 -49.06 14.22
N ARG D 252 15.37 -49.10 15.06
CA ARG D 252 14.42 -50.20 15.07
C ARG D 252 13.04 -49.70 14.67
N TYR D 253 12.26 -50.59 14.06
CA TYR D 253 10.85 -50.32 13.83
C TYR D 253 10.06 -50.64 15.10
N ALA D 254 8.85 -50.09 15.18
CA ALA D 254 8.07 -50.27 16.40
C ALA D 254 7.76 -51.74 16.67
N VAL D 255 7.31 -52.49 15.64
CA VAL D 255 7.07 -53.92 15.85
C VAL D 255 8.37 -54.64 16.13
N GLN D 256 9.47 -54.19 15.51
CA GLN D 256 10.75 -54.82 15.77
C GLN D 256 11.13 -54.67 17.24
N SER D 257 11.10 -53.44 17.75
CA SER D 257 11.38 -53.20 19.16
C SER D 257 10.42 -53.98 20.05
N TYR D 258 9.12 -53.99 19.72
CA TYR D 258 8.17 -54.78 20.50
C TYR D 258 8.59 -56.24 20.58
N LEU D 259 8.93 -56.85 19.45
CA LEU D 259 9.34 -58.24 19.47
C LEU D 259 10.59 -58.44 20.32
N GLU D 260 11.57 -57.52 20.25
CA GLU D 260 12.75 -57.60 21.11
C GLU D 260 12.35 -57.63 22.58
N HIS D 261 11.40 -56.78 22.96
CA HIS D 261 10.93 -56.76 24.34
C HIS D 261 10.21 -58.06 24.68
N GLN D 262 9.39 -58.57 23.76
CA GLN D 262 8.71 -59.85 24.00
C GLN D 262 9.72 -60.94 24.37
N GLY D 263 10.88 -60.94 23.69
CA GLY D 263 11.91 -61.93 23.98
C GLY D 263 12.62 -61.68 25.28
N ASP D 264 12.89 -60.40 25.57
CA ASP D 264 13.51 -60.05 26.84
C ASP D 264 12.65 -60.52 28.02
N LYS D 265 11.32 -60.33 27.93
CA LYS D 265 10.41 -60.79 28.99
C LYS D 265 10.56 -62.29 29.22
N LEU D 266 10.74 -63.07 28.16
CA LEU D 266 10.84 -64.51 28.32
C LEU D 266 12.16 -64.90 28.98
N LEU D 267 13.27 -64.25 28.60
CA LEU D 267 14.57 -64.62 29.12
C LEU D 267 14.57 -64.62 30.64
N SER D 268 13.97 -63.61 31.25
CA SER D 268 14.00 -63.42 32.69
C SER D 268 13.09 -64.33 33.47
N ARG D 269 12.37 -65.25 32.83
CA ARG D 269 11.43 -66.10 33.56
C ARG D 269 11.38 -67.51 33.02
N PHE D 270 12.22 -67.85 32.04
CA PHE D 270 12.06 -69.10 31.34
C PHE D 270 13.42 -69.63 30.90
N ASP D 271 13.49 -70.96 30.81
CA ASP D 271 14.72 -71.72 30.59
C ASP D 271 14.75 -72.29 29.16
N ALA D 272 15.88 -72.07 28.46
CA ALA D 272 16.03 -72.56 27.10
C ALA D 272 15.80 -74.08 26.99
N GLY D 273 16.35 -74.86 27.94
CA GLY D 273 16.21 -76.29 27.87
C GLY D 273 14.76 -76.74 27.90
N SER D 274 13.92 -76.04 28.66
CA SER D 274 12.51 -76.38 28.69
C SER D 274 11.85 -76.00 27.38
N TYR D 275 12.19 -74.83 26.83
CA TYR D 275 11.69 -74.46 25.51
C TYR D 275 11.96 -75.58 24.51
N VAL D 276 13.16 -76.15 24.55
CA VAL D 276 13.48 -77.21 23.61
C VAL D 276 12.65 -78.44 23.92
N ILE D 277 12.69 -78.90 25.17
CA ILE D 277 12.00 -80.14 25.52
C ILE D 277 10.52 -80.04 25.22
N LEU D 278 9.92 -78.90 25.57
CA LEU D 278 8.48 -78.78 25.44
C LEU D 278 8.05 -78.62 23.98
N THR D 279 8.86 -77.92 23.17
CA THR D 279 8.60 -77.85 21.73
C THR D 279 8.69 -79.23 21.08
N GLU D 280 9.71 -80.02 21.47
CA GLU D 280 9.79 -81.40 21.02
C GLU D 280 8.49 -82.16 21.31
N ALA D 281 7.95 -81.98 22.50
CA ALA D 281 6.71 -82.67 22.85
C ALA D 281 5.57 -82.19 21.99
N LEU D 282 5.59 -80.90 21.64
CA LEU D 282 4.59 -80.37 20.72
C LEU D 282 4.67 -81.02 19.35
N ASN D 283 5.89 -81.19 18.84
CA ASN D 283 6.06 -81.80 17.52
C ASN D 283 5.53 -83.23 17.49
N SER D 284 5.79 -83.99 18.56
CA SER D 284 5.41 -85.39 18.69
C SER D 284 3.93 -85.58 18.99
N HIS D 285 3.17 -84.50 19.15
CA HIS D 285 1.76 -84.62 19.46
C HIS D 285 1.00 -85.30 18.32
N ASP D 286 0.22 -86.33 18.66
CA ASP D 286 -0.53 -87.11 17.69
C ASP D 286 -1.50 -88.04 18.42
N VAL D 287 -2.75 -87.60 18.55
CA VAL D 287 -3.71 -88.35 19.32
C VAL D 287 -4.01 -89.73 18.72
N GLY D 288 -3.58 -89.98 17.47
CA GLY D 288 -3.88 -91.25 16.83
C GLY D 288 -2.81 -92.32 16.95
N ARG D 289 -1.59 -91.90 17.27
CA ARG D 289 -0.49 -92.83 17.43
C ARG D 289 -0.87 -94.00 18.34
N GLY D 290 -0.56 -95.21 17.90
CA GLY D 290 -0.80 -96.41 18.69
C GLY D 290 -2.26 -96.69 18.97
N ARG D 291 -3.15 -95.96 18.28
CA ARG D 291 -4.57 -96.21 18.41
C ARG D 291 -5.24 -96.31 17.04
N GLY D 292 -4.47 -96.44 15.97
CA GLY D 292 -5.03 -96.61 14.65
C GLY D 292 -5.39 -95.35 13.92
N GLY D 293 -4.86 -94.20 14.34
CA GLY D 293 -5.03 -92.95 13.62
C GLY D 293 -6.05 -92.02 14.26
N VAL D 294 -5.98 -90.77 13.80
CA VAL D 294 -6.78 -89.69 14.38
C VAL D 294 -8.27 -90.04 14.38
N SER D 295 -8.86 -90.43 13.25
CA SER D 295 -10.30 -90.69 13.25
C SER D 295 -10.65 -91.81 14.22
N ALA D 296 -9.93 -92.92 14.15
CA ALA D 296 -10.22 -94.06 15.02
C ALA D 296 -10.22 -93.64 16.47
N ALA D 297 -9.19 -92.90 16.87
CA ALA D 297 -9.04 -92.54 18.27
C ALA D 297 -10.17 -91.62 18.73
N LEU D 298 -10.42 -90.54 17.98
CA LEU D 298 -11.46 -89.58 18.36
C LEU D 298 -12.84 -90.21 18.29
N ARG D 299 -13.08 -91.17 17.42
CA ARG D 299 -14.48 -91.68 17.32
C ARG D 299 -14.83 -92.57 18.51
N ALA D 300 -13.83 -93.18 19.14
CA ALA D 300 -14.03 -94.06 20.30
C ALA D 300 -14.03 -93.29 21.60
N CYS D 301 -13.83 -91.98 21.56
CA CYS D 301 -13.86 -91.17 22.76
C CYS D 301 -15.27 -90.67 22.97
N PRO D 302 -15.99 -91.14 23.98
CA PRO D 302 -17.38 -90.70 24.18
C PRO D 302 -17.52 -89.49 25.09
N VAL D 303 -16.42 -88.96 25.62
CA VAL D 303 -16.49 -87.87 26.61
C VAL D 303 -17.17 -86.66 25.99
N PRO D 304 -18.14 -86.03 26.67
CA PRO D 304 -18.64 -84.72 26.21
C PRO D 304 -17.52 -83.70 26.22
N VAL D 305 -17.40 -82.94 25.13
CA VAL D 305 -16.34 -81.94 24.99
C VAL D 305 -16.89 -80.71 24.29
N VAL D 306 -16.33 -79.55 24.64
CA VAL D 306 -16.54 -78.29 23.94
C VAL D 306 -15.27 -78.00 23.15
N VAL D 307 -15.43 -77.62 21.89
CA VAL D 307 -14.29 -77.32 21.03
C VAL D 307 -14.45 -75.91 20.51
N GLY D 308 -13.46 -75.07 20.75
CA GLY D 308 -13.49 -73.70 20.25
C GLY D 308 -12.26 -73.37 19.46
N GLY D 309 -12.45 -72.60 18.41
CA GLY D 309 -11.32 -72.14 17.61
C GLY D 309 -11.51 -70.68 17.28
N ILE D 310 -10.38 -69.99 17.05
CA ILE D 310 -10.36 -68.56 16.76
C ILE D 310 -10.31 -68.36 15.25
N THR D 311 -11.18 -67.51 14.74
CA THR D 311 -11.26 -67.29 13.30
C THR D 311 -9.91 -66.89 12.71
N SER D 312 -9.20 -66.00 13.38
CA SER D 312 -7.98 -65.41 12.85
C SER D 312 -6.71 -66.11 13.29
N ASP D 313 -6.82 -67.31 13.88
CA ASP D 313 -5.68 -68.01 14.47
C ASP D 313 -4.71 -68.44 13.37
N ARG D 314 -3.45 -68.03 13.46
CA ARG D 314 -2.49 -68.36 12.41
C ARG D 314 -1.63 -69.58 12.72
N LEU D 315 -1.61 -70.03 13.98
CA LEU D 315 -0.84 -71.20 14.37
C LEU D 315 -1.66 -72.48 14.40
N TYR D 316 -2.90 -72.45 14.90
CA TYR D 316 -3.79 -73.60 14.93
C TYR D 316 -5.08 -73.21 14.20
N PRO D 317 -5.04 -73.13 12.88
CA PRO D 317 -6.16 -72.54 12.13
C PRO D 317 -7.48 -73.27 12.39
N LEU D 318 -8.57 -72.53 12.17
CA LEU D 318 -9.91 -73.01 12.47
C LEU D 318 -10.17 -74.40 11.91
N ARG D 319 -9.56 -74.77 10.79
CA ARG D 319 -9.84 -76.11 10.26
C ARG D 319 -9.46 -77.20 11.26
N LEU D 320 -8.41 -76.99 12.05
CA LEU D 320 -7.99 -78.02 12.99
C LEU D 320 -9.05 -78.26 14.05
N GLN D 321 -9.76 -77.20 14.44
CA GLN D 321 -10.83 -77.31 15.42
C GLN D 321 -12.06 -77.93 14.78
N GLN D 322 -12.34 -77.58 13.52
CA GLN D 322 -13.41 -78.25 12.82
C GLN D 322 -13.20 -79.77 12.80
N GLU D 323 -11.95 -80.23 12.58
CA GLU D 323 -11.70 -81.66 12.57
C GLU D 323 -12.03 -82.28 13.93
N LEU D 324 -11.57 -81.66 15.01
CA LEU D 324 -11.87 -82.18 16.33
C LEU D 324 -13.38 -82.24 16.53
N ALA D 325 -14.07 -81.15 16.17
CA ALA D 325 -15.53 -81.14 16.29
C ALA D 325 -16.17 -82.24 15.45
N ASP D 326 -15.64 -82.49 14.25
CA ASP D 326 -16.21 -83.47 13.33
C ASP D 326 -16.13 -84.89 13.88
N LEU D 327 -15.04 -85.21 14.55
CA LEU D 327 -14.72 -86.60 14.86
C LEU D 327 -15.14 -87.07 16.24
N LEU D 328 -15.15 -86.17 17.24
CA LEU D 328 -15.49 -86.44 18.63
C LEU D 328 -17.00 -86.47 18.81
N PRO D 329 -17.62 -87.63 19.03
CA PRO D 329 -19.09 -87.69 19.15
C PRO D 329 -19.62 -86.93 20.34
N GLY D 330 -18.79 -86.72 21.36
CA GLY D 330 -19.18 -85.93 22.50
C GLY D 330 -19.28 -84.45 22.22
N CYS D 331 -19.04 -84.02 20.98
CA CYS D 331 -19.04 -82.61 20.60
C CYS D 331 -20.30 -82.30 19.79
N ALA D 332 -21.06 -81.29 20.24
CA ALA D 332 -22.29 -80.93 19.52
C ALA D 332 -21.98 -80.29 18.18
N GLY D 333 -20.92 -79.51 18.11
CA GLY D 333 -20.55 -78.79 16.91
C GLY D 333 -19.46 -77.80 17.23
N LEU D 334 -18.71 -77.36 16.21
CA LEU D 334 -17.65 -76.40 16.50
C LEU D 334 -18.26 -75.11 17.04
N ARG D 335 -17.67 -74.58 18.10
CA ARG D 335 -18.00 -73.26 18.60
C ARG D 335 -16.91 -72.31 18.13
N VAL D 336 -17.28 -71.34 17.29
CA VAL D 336 -16.32 -70.45 16.65
C VAL D 336 -16.24 -69.20 17.51
N VAL D 337 -15.07 -68.93 18.06
CA VAL D 337 -14.83 -67.75 18.88
C VAL D 337 -14.38 -66.58 18.01
N GLU D 338 -15.11 -65.48 18.02
CA GLU D 338 -14.76 -64.35 17.13
C GLU D 338 -13.68 -63.49 17.76
N SER D 339 -12.54 -63.37 17.10
CA SER D 339 -11.40 -62.65 17.59
C SER D 339 -10.45 -62.22 16.48
N VAL D 340 -9.89 -61.03 16.67
CA VAL D 340 -8.90 -60.48 15.78
C VAL D 340 -7.50 -60.73 16.28
N TYR D 341 -7.33 -61.41 17.40
CA TYR D 341 -6.05 -61.50 18.10
C TYR D 341 -5.32 -62.80 17.79
N GLY D 342 -5.77 -63.55 16.79
CA GLY D 342 -5.08 -64.74 16.42
C GLY D 342 -5.09 -65.75 17.55
N HIS D 343 -4.00 -66.52 17.63
CA HIS D 343 -3.90 -67.58 18.61
C HIS D 343 -4.09 -67.07 20.04
N ASP D 344 -3.52 -65.90 20.35
CA ASP D 344 -3.61 -65.34 21.69
C ASP D 344 -5.07 -65.00 22.00
N GLY D 345 -5.96 -65.26 21.06
CA GLY D 345 -7.35 -64.90 21.21
C GLY D 345 -8.06 -65.56 22.38
N PHE D 346 -7.71 -66.82 22.69
CA PHE D 346 -8.47 -67.52 23.73
C PHE D 346 -8.19 -66.99 25.14
N LEU D 347 -7.08 -66.26 25.32
CA LEU D 347 -6.77 -65.63 26.58
C LEU D 347 -7.33 -64.21 26.67
N VAL D 348 -7.76 -63.64 25.55
CA VAL D 348 -8.14 -62.23 25.47
C VAL D 348 -9.66 -62.07 25.47
N GLU D 349 -10.37 -62.91 24.74
CA GLU D 349 -11.81 -62.74 24.53
C GLU D 349 -12.56 -63.35 25.72
N THR D 350 -12.45 -62.65 26.86
CA THR D 350 -12.78 -63.30 28.12
C THR D 350 -14.25 -63.69 28.20
N GLU D 351 -15.16 -62.82 27.75
CA GLU D 351 -16.57 -63.22 27.72
C GLU D 351 -16.80 -64.37 26.75
N ALA D 352 -16.29 -64.24 25.52
CA ALA D 352 -16.54 -65.28 24.52
C ALA D 352 -16.00 -66.63 24.98
N VAL D 353 -14.77 -66.66 25.52
CA VAL D 353 -14.23 -67.92 26.03
C VAL D 353 -14.92 -68.30 27.35
N GLY D 354 -15.30 -67.31 28.17
CA GLY D 354 -16.02 -67.62 29.39
C GLY D 354 -17.28 -68.42 29.11
N GLU D 355 -18.04 -68.06 28.08
CA GLU D 355 -19.22 -68.83 27.71
C GLU D 355 -18.88 -70.30 27.52
N LEU D 356 -17.75 -70.59 26.87
CA LEU D 356 -17.37 -71.97 26.61
C LEU D 356 -17.03 -72.70 27.90
N ILE D 357 -16.34 -72.04 28.85
CA ILE D 357 -16.01 -72.67 30.12
C ILE D 357 -17.29 -73.02 30.88
N ARG D 358 -18.24 -72.08 30.93
CA ARG D 358 -19.51 -72.36 31.58
C ARG D 358 -20.22 -73.52 30.90
N GLN D 359 -20.24 -73.51 29.57
CA GLN D 359 -20.86 -74.63 28.87
C GLN D 359 -20.19 -75.93 29.22
N THR D 360 -18.86 -75.94 29.29
CA THR D 360 -18.15 -77.16 29.63
C THR D 360 -18.51 -77.60 31.03
N LEU D 361 -18.40 -76.69 32.01
CA LEU D 361 -18.72 -77.06 33.38
C LEU D 361 -20.18 -77.48 33.50
N GLY D 362 -21.06 -76.88 32.70
CA GLY D 362 -22.43 -77.36 32.65
C GLY D 362 -22.51 -78.84 32.32
N LEU D 363 -21.71 -79.28 31.36
CA LEU D 363 -21.71 -80.70 30.97
C LEU D 363 -21.15 -81.59 32.09
N ALA D 364 -20.13 -81.12 32.80
CA ALA D 364 -19.61 -81.93 33.89
C ALA D 364 -20.68 -82.12 34.98
N ASP D 365 -21.58 -81.16 35.17
CA ASP D 365 -22.71 -81.44 36.03
C ASP D 365 -23.60 -82.53 35.42
N ARG D 366 -23.86 -82.44 34.12
CA ARG D 366 -24.28 -83.57 33.29
C ARG D 366 -25.74 -83.47 32.85
N THR E 1 29.48 60.77 37.61
CA THR E 1 30.05 61.71 36.65
C THR E 1 29.10 62.20 35.53
N GLN E 2 28.81 61.34 34.56
CA GLN E 2 27.87 61.70 33.49
C GLN E 2 26.65 60.80 33.62
N THR E 3 25.58 61.15 32.92
CA THR E 3 24.35 60.38 33.03
C THR E 3 23.78 60.05 31.65
N LEU E 4 23.00 58.98 31.61
CA LEU E 4 22.24 58.64 30.42
C LEU E 4 21.29 59.77 30.02
N PRO E 5 20.97 59.86 28.73
CA PRO E 5 19.89 60.76 28.28
C PRO E 5 18.53 60.36 28.82
N ALA E 6 17.56 61.23 28.62
CA ALA E 6 16.20 60.83 28.94
C ALA E 6 15.74 59.76 27.96
N GLU E 7 14.79 58.95 28.40
CA GLU E 7 14.31 57.86 27.57
C GLU E 7 13.93 58.36 26.20
N GLY E 8 14.52 57.75 25.18
CA GLY E 8 14.31 58.06 23.78
C GLY E 8 15.27 59.08 23.20
N GLU E 9 15.62 60.09 23.99
CA GLU E 9 16.47 61.19 23.55
C GLU E 9 17.93 60.82 23.41
N ILE E 10 18.61 61.53 22.51
CA ILE E 10 20.03 61.35 22.19
C ILE E 10 20.93 61.92 23.28
N GLY E 11 22.00 61.19 23.62
CA GLY E 11 23.03 61.69 24.50
C GLY E 11 24.44 61.42 23.97
N LEU E 12 25.39 62.23 24.45
CA LEU E 12 26.82 62.12 24.11
C LEU E 12 27.63 61.79 25.35
N ILE E 13 28.52 60.80 25.24
CA ILE E 13 29.35 60.36 26.36
C ILE E 13 30.82 60.66 26.02
N ASP E 14 31.46 61.51 26.83
CA ASP E 14 32.88 61.81 26.64
C ASP E 14 33.71 60.72 27.29
N VAL E 15 34.47 59.98 26.48
CA VAL E 15 35.30 58.90 27.02
C VAL E 15 36.78 59.24 27.01
N GLY E 16 37.18 60.37 26.44
CA GLY E 16 38.56 60.75 26.47
C GLY E 16 39.37 60.05 25.40
N SER E 17 40.65 59.90 25.63
CA SER E 17 41.52 59.29 24.63
C SER E 17 41.51 57.79 24.81
N LEU E 18 41.55 57.07 23.69
CA LEU E 18 41.54 55.62 23.64
C LEU E 18 42.78 55.12 22.90
N GLN E 19 43.45 54.11 23.46
CA GLN E 19 44.60 53.51 22.78
C GLN E 19 44.08 52.29 22.04
N LEU E 20 44.16 52.32 20.72
CA LEU E 20 43.64 51.23 19.92
C LEU E 20 44.54 50.00 20.01
N GLU E 21 43.97 48.89 19.54
CA GLU E 21 44.71 47.63 19.48
C GLU E 21 45.96 47.78 18.64
N SER E 22 45.90 48.64 17.60
CA SER E 22 47.04 48.85 16.73
C SER E 22 48.18 49.59 17.40
N GLY E 23 47.98 50.12 18.62
CA GLY E 23 48.92 51.03 19.24
C GLY E 23 48.61 52.49 18.98
N ALA E 24 47.99 52.80 17.84
CA ALA E 24 47.53 54.14 17.49
C ALA E 24 46.64 54.72 18.58
N VAL E 25 46.54 56.03 18.65
CA VAL E 25 45.69 56.67 19.67
C VAL E 25 44.78 57.69 19.01
N ILE E 26 43.49 57.59 19.30
CA ILE E 26 42.47 58.53 18.87
C ILE E 26 42.07 59.40 20.07
N ASP E 27 42.03 60.72 19.87
CA ASP E 27 41.85 61.64 20.98
C ASP E 27 40.40 62.11 21.09
N ASP E 28 39.96 62.32 22.35
CA ASP E 28 38.67 62.94 22.65
C ASP E 28 37.50 62.16 22.05
N VAL E 29 37.43 60.87 22.35
CA VAL E 29 36.38 60.05 21.77
C VAL E 29 35.05 60.36 22.41
N CYS E 30 34.00 60.37 21.59
CA CYS E 30 32.64 60.64 22.01
C CYS E 30 31.76 59.53 21.48
N ILE E 31 30.96 58.94 22.35
CA ILE E 31 30.07 57.86 21.97
C ILE E 31 28.65 58.36 22.19
N ALA E 32 27.88 58.45 21.10
CA ALA E 32 26.46 58.77 21.19
C ALA E 32 25.67 57.57 21.69
N VAL E 33 24.58 57.84 22.42
CA VAL E 33 23.87 56.78 23.12
C VAL E 33 22.39 57.08 23.16
N GLN E 34 21.59 56.02 23.29
CA GLN E 34 20.16 56.14 23.48
C GLN E 34 19.71 55.00 24.39
N ARG E 35 18.61 55.22 25.12
CA ARG E 35 18.18 54.20 26.05
C ARG E 35 16.65 54.21 26.19
N TRP E 36 16.10 53.04 26.56
CA TRP E 36 14.69 52.80 26.76
C TRP E 36 14.49 51.99 28.02
N GLY E 37 13.53 52.43 28.83
CA GLY E 37 13.28 51.90 30.15
C GLY E 37 14.22 52.47 31.20
N LYS E 38 13.84 52.34 32.46
CA LYS E 38 14.61 53.00 33.55
C LYS E 38 15.75 52.15 34.08
N LEU E 39 16.82 52.81 34.49
CA LEU E 39 17.98 52.14 35.09
C LEU E 39 17.66 51.82 36.54
N SER E 40 17.92 50.59 36.94
CA SER E 40 17.65 50.12 38.30
C SER E 40 18.60 50.75 39.31
N PRO E 41 18.18 50.79 40.58
CA PRO E 41 19.01 51.45 41.61
C PRO E 41 20.40 50.88 41.69
N ALA E 42 20.53 49.56 41.48
CA ALA E 42 21.82 48.93 41.48
C ALA E 42 22.61 49.22 40.22
N ARG E 43 21.99 49.79 39.18
CA ARG E 43 22.64 50.09 37.91
C ARG E 43 23.05 48.81 37.17
N ASP E 44 22.21 47.77 37.26
CA ASP E 44 22.57 46.42 36.82
C ASP E 44 21.59 45.78 35.82
N ASN E 45 20.68 46.54 35.21
CA ASN E 45 19.72 45.92 34.31
C ASN E 45 19.90 46.43 32.88
N VAL E 46 21.12 46.86 32.56
CA VAL E 46 21.42 47.36 31.23
C VAL E 46 21.50 46.17 30.26
N VAL E 47 20.79 46.27 29.16
CA VAL E 47 20.82 45.30 28.07
C VAL E 47 21.33 46.07 26.86
N VAL E 48 22.59 45.84 26.49
CA VAL E 48 23.20 46.58 25.38
C VAL E 48 22.77 45.96 24.05
N VAL E 49 22.18 46.77 23.19
CA VAL E 49 21.80 46.37 21.86
C VAL E 49 22.79 46.99 20.89
N LEU E 50 23.46 46.15 20.11
CA LEU E 50 24.60 46.56 19.31
C LEU E 50 24.22 46.59 17.82
N HIS E 51 24.30 47.75 17.19
CA HIS E 51 23.85 47.90 15.81
C HIS E 51 24.88 47.31 14.83
N ALA E 52 24.44 47.13 13.56
CA ALA E 52 25.28 46.54 12.52
C ALA E 52 25.99 47.62 11.70
N LEU E 53 26.44 47.30 10.49
CA LEU E 53 27.35 48.18 9.75
C LEU E 53 26.82 49.59 9.61
N THR E 54 25.61 49.72 9.08
CA THR E 54 25.04 51.03 8.80
C THR E 54 24.02 51.48 9.83
N GLY E 55 23.95 50.81 10.97
CA GLY E 55 23.00 51.18 12.01
C GLY E 55 23.54 52.24 12.95
N ASP E 56 22.63 52.76 13.79
CA ASP E 56 22.95 53.78 14.78
C ASP E 56 22.30 53.40 16.12
N SER E 57 22.25 54.34 17.07
CA SER E 57 21.66 54.08 18.38
C SER E 57 20.13 53.99 18.35
N HIS E 58 19.50 54.28 17.22
CA HIS E 58 18.05 54.35 17.15
C HIS E 58 17.44 52.96 16.93
N ILE E 59 17.46 52.17 18.00
CA ILE E 59 17.06 50.77 17.86
C ILE E 59 15.54 50.65 17.71
N THR E 60 14.76 51.50 18.36
CA THR E 60 13.31 51.39 18.23
C THR E 60 12.71 52.78 18.22
N GLY E 61 11.47 52.83 17.74
CA GLY E 61 10.70 54.05 17.70
C GLY E 61 10.31 54.44 16.30
N PRO E 62 9.40 55.39 16.21
CA PRO E 62 8.89 55.81 14.89
C PRO E 62 9.76 56.92 14.32
N ALA E 63 9.59 57.14 13.02
CA ALA E 63 10.25 58.26 12.39
C ALA E 63 9.70 59.57 12.94
N GLY E 64 10.57 60.57 12.98
CA GLY E 64 10.21 61.90 13.41
C GLY E 64 11.35 62.86 13.19
N PRO E 65 11.28 64.03 13.82
CA PRO E 65 12.41 64.95 13.78
C PRO E 65 13.62 64.31 14.45
N GLY E 66 14.77 64.42 13.79
CA GLY E 66 16.00 63.82 14.26
C GLY E 66 16.16 62.33 13.97
N HIS E 67 15.14 61.66 13.45
CA HIS E 67 15.21 60.26 13.03
C HIS E 67 14.37 60.10 11.77
N PRO E 68 14.98 60.27 10.60
CA PRO E 68 14.19 60.22 9.36
C PRO E 68 13.47 58.90 9.14
N THR E 69 13.92 57.79 9.75
CA THR E 69 13.30 56.47 9.56
C THR E 69 13.19 55.75 10.90
N PRO E 70 12.19 54.87 11.06
CA PRO E 70 12.02 54.15 12.33
C PRO E 70 13.25 53.35 12.73
N GLY E 71 13.22 52.86 13.96
CA GLY E 71 14.34 52.12 14.49
C GLY E 71 14.64 50.86 13.69
N TRP E 72 15.92 50.52 13.64
CA TRP E 72 16.32 49.38 12.84
C TRP E 72 15.89 48.05 13.46
N TRP E 73 15.65 48.02 14.77
CA TRP E 73 14.91 47.02 15.54
C TRP E 73 13.62 47.51 16.15
N ASP E 74 12.82 48.17 15.31
CA ASP E 74 11.61 48.82 15.79
C ASP E 74 10.76 47.79 16.51
N GLY E 75 10.40 48.10 17.77
CA GLY E 75 9.53 47.26 18.57
C GLY E 75 10.24 46.29 19.49
N VAL E 76 11.56 46.11 19.36
CA VAL E 76 12.27 45.08 20.12
C VAL E 76 12.38 45.43 21.58
N ALA E 77 12.28 46.72 21.92
CA ALA E 77 12.39 47.22 23.27
C ALA E 77 11.14 48.03 23.59
N GLY E 78 10.54 47.76 24.72
CA GLY E 78 9.36 48.45 25.15
C GLY E 78 8.68 47.69 26.26
N PRO E 79 7.58 48.25 26.77
CA PRO E 79 6.81 47.53 27.78
C PRO E 79 6.27 46.25 27.17
N GLY E 80 6.68 45.11 27.74
CA GLY E 80 6.22 43.82 27.27
C GLY E 80 6.94 43.28 26.06
N ALA E 81 7.84 44.05 25.47
CA ALA E 81 8.57 43.58 24.30
C ALA E 81 9.62 42.56 24.72
N PRO E 82 10.24 41.89 23.75
CA PRO E 82 11.32 40.95 24.09
C PRO E 82 12.33 41.50 25.09
N ILE E 83 12.86 42.69 24.85
CA ILE E 83 13.59 43.43 25.88
C ILE E 83 12.55 44.31 26.58
N ASP E 84 11.97 43.79 27.67
CA ASP E 84 10.88 44.45 28.40
C ASP E 84 11.40 45.62 29.23
N THR E 85 11.09 46.86 28.81
CA THR E 85 11.71 48.02 29.43
C THR E 85 11.11 48.36 30.79
N THR E 86 10.04 47.70 31.19
CA THR E 86 9.59 47.81 32.57
C THR E 86 10.53 47.10 33.55
N ARG E 87 11.45 46.28 33.06
CA ARG E 87 12.42 45.58 33.89
C ARG E 87 13.85 45.75 33.40
N TRP E 88 14.06 46.06 32.13
CA TRP E 88 15.38 46.19 31.54
C TRP E 88 15.58 47.61 31.03
N CYS E 89 16.83 48.02 30.98
CA CYS E 89 17.23 49.31 30.41
C CYS E 89 18.01 49.03 29.14
N ALA E 90 17.35 49.16 27.98
CA ALA E 90 18.00 48.89 26.69
C ALA E 90 18.84 50.11 26.32
N VAL E 91 20.15 49.96 26.29
CA VAL E 91 21.08 51.03 25.93
C VAL E 91 21.77 50.67 24.63
N ALA E 92 21.89 51.62 23.72
CA ALA E 92 22.57 51.38 22.45
C ALA E 92 23.50 52.54 22.14
N THR E 93 24.78 52.23 21.95
CA THR E 93 25.66 53.26 21.46
C THR E 93 25.63 53.31 19.94
N ASN E 94 26.17 54.39 19.41
CA ASN E 94 26.62 54.45 18.03
C ASN E 94 28.09 54.07 18.00
N VAL E 95 28.45 53.10 17.17
CA VAL E 95 29.78 52.50 17.28
C VAL E 95 30.90 53.52 17.02
N LEU E 96 32.05 53.27 17.62
CA LEU E 96 33.25 54.02 17.26
C LEU E 96 33.49 53.89 15.77
N GLY E 97 33.73 55.01 15.10
CA GLY E 97 33.87 55.04 13.65
C GLY E 97 32.61 55.39 12.89
N GLY E 98 31.46 55.46 13.55
CA GLY E 98 30.20 55.71 12.90
C GLY E 98 30.04 57.16 12.47
N CYS E 99 28.82 57.47 12.01
CA CYS E 99 28.56 58.80 11.45
C CYS E 99 27.19 59.34 11.92
N ARG E 100 26.78 58.95 13.11
CA ARG E 100 25.53 59.41 13.66
C ARG E 100 25.74 59.75 15.12
N GLY E 101 26.85 60.45 15.40
CA GLY E 101 27.12 60.95 16.72
C GLY E 101 28.49 60.65 17.29
N SER E 102 28.99 59.44 17.10
CA SER E 102 30.22 59.04 17.74
C SER E 102 31.40 59.47 16.87
N THR E 103 32.60 59.41 17.46
CA THR E 103 33.80 59.86 16.76
C THR E 103 34.06 58.98 15.53
N GLY E 104 34.04 59.60 14.34
CA GLY E 104 34.30 58.88 13.09
C GLY E 104 35.10 59.72 12.10
N PRO E 105 35.37 59.17 10.92
CA PRO E 105 36.13 59.93 9.92
C PRO E 105 35.57 61.32 9.61
N SER E 106 34.24 61.48 9.60
CA SER E 106 33.60 62.77 9.36
C SER E 106 33.63 63.69 10.59
N SER E 107 33.96 63.18 11.78
CA SER E 107 34.12 63.96 12.99
C SER E 107 35.32 64.91 12.90
N LEU E 108 35.32 65.94 13.76
CA LEU E 108 36.41 66.91 13.75
C LEU E 108 37.55 66.47 14.66
N ALA E 109 38.77 66.51 14.12
CA ALA E 109 39.98 66.13 14.83
C ALA E 109 40.42 67.28 15.72
N ARG E 110 41.55 67.11 16.39
CA ARG E 110 41.94 68.17 17.31
C ARG E 110 42.44 69.44 16.61
N ASP E 111 42.69 69.39 15.31
CA ASP E 111 43.09 70.58 14.56
C ASP E 111 41.91 71.27 13.91
N GLY E 112 40.69 70.94 14.31
CA GLY E 112 39.53 71.56 13.70
C GLY E 112 39.14 71.03 12.34
N LYS E 113 39.95 70.15 11.72
CA LYS E 113 39.68 69.52 10.43
C LYS E 113 39.13 68.13 10.60
N PRO E 114 38.29 67.68 9.66
CA PRO E 114 37.74 66.33 9.74
C PRO E 114 38.86 65.30 9.77
N TRP E 115 38.71 64.30 10.63
CA TRP E 115 39.67 63.21 10.69
C TRP E 115 39.96 62.68 9.30
N GLY E 116 38.93 62.20 8.61
CA GLY E 116 39.10 61.79 7.24
C GLY E 116 40.17 60.72 7.13
N SER E 117 41.08 60.92 6.18
CA SER E 117 42.13 59.94 5.96
C SER E 117 43.01 59.76 7.18
N ARG E 118 42.95 60.65 8.17
CA ARG E 118 43.77 60.53 9.37
C ARG E 118 43.15 59.58 10.38
N PHE E 119 41.94 59.11 10.14
CA PHE E 119 41.33 58.19 11.09
C PHE E 119 42.10 56.88 11.10
N PRO E 120 42.55 56.40 12.26
CA PRO E 120 43.28 55.13 12.29
C PRO E 120 42.33 53.95 12.13
N LEU E 121 42.87 52.90 11.50
CA LEU E 121 42.11 51.66 11.38
C LEU E 121 41.75 51.14 12.77
N ILE E 122 40.51 50.65 12.90
CA ILE E 122 39.98 50.13 14.16
C ILE E 122 39.46 48.71 13.95
N SER E 123 39.38 47.95 15.05
CA SER E 123 38.90 46.57 15.10
C SER E 123 37.58 46.47 15.88
N ILE E 124 36.89 45.35 15.73
CA ILE E 124 35.73 45.11 16.59
C ILE E 124 36.09 45.27 18.05
N ARG E 125 37.28 44.79 18.43
CA ARG E 125 37.70 44.89 19.81
C ARG E 125 37.77 46.34 20.25
N ASP E 126 38.30 47.21 19.38
CA ASP E 126 38.31 48.64 19.65
C ASP E 126 36.91 49.18 19.87
N GLN E 127 35.98 48.79 19.00
CA GLN E 127 34.60 49.25 19.15
C GLN E 127 34.05 48.85 20.52
N VAL E 128 34.42 47.67 21.00
CA VAL E 128 33.95 47.19 22.29
C VAL E 128 34.64 47.95 23.43
N GLN E 129 35.94 48.23 23.28
CA GLN E 129 36.60 49.03 24.29
C GLN E 129 35.89 50.36 24.47
N ALA E 130 35.57 51.03 23.34
CA ALA E 130 34.89 52.31 23.39
C ALA E 130 33.54 52.21 24.09
N ASP E 131 32.76 51.16 23.75
CA ASP E 131 31.45 50.99 24.37
C ASP E 131 31.58 50.71 25.86
N VAL E 132 32.56 49.90 26.25
CA VAL E 132 32.73 49.62 27.66
C VAL E 132 33.17 50.88 28.40
N ALA E 133 34.10 51.64 27.80
CA ALA E 133 34.55 52.88 28.42
C ALA E 133 33.42 53.89 28.54
N ALA E 134 32.56 53.98 27.53
CA ALA E 134 31.46 54.92 27.60
C ALA E 134 30.52 54.57 28.75
N LEU E 135 30.12 53.30 28.84
CA LEU E 135 29.25 52.87 29.92
C LEU E 135 29.95 53.04 31.25
N ALA E 136 31.26 52.83 31.28
CA ALA E 136 32.02 53.04 32.50
C ALA E 136 31.93 54.49 32.94
N ALA E 137 32.03 55.41 31.98
CA ALA E 137 31.92 56.84 32.25
C ALA E 137 30.57 57.21 32.89
N LEU E 138 29.55 56.38 32.74
CA LEU E 138 28.26 56.64 33.35
C LEU E 138 28.08 55.89 34.65
N GLY E 139 29.15 55.25 35.14
CA GLY E 139 29.09 54.45 36.35
C GLY E 139 28.54 53.05 36.17
N ILE E 140 28.27 52.63 34.94
CA ILE E 140 27.82 51.28 34.62
C ILE E 140 29.06 50.47 34.24
N THR E 141 29.41 49.53 35.13
CA THR E 141 30.63 48.71 35.01
C THR E 141 30.29 47.28 34.64
N GLU E 142 29.04 46.87 34.87
CA GLU E 142 28.61 45.51 34.52
C GLU E 142 27.20 45.56 33.94
N VAL E 143 27.05 45.08 32.73
CA VAL E 143 25.76 44.97 32.07
C VAL E 143 25.18 43.58 32.23
N ALA E 144 23.84 43.50 32.15
CA ALA E 144 23.11 42.24 32.22
C ALA E 144 23.28 41.38 30.96
N ALA E 145 23.29 42.00 29.77
CA ALA E 145 23.34 41.22 28.54
C ALA E 145 23.82 42.09 27.38
N VAL E 146 24.39 41.44 26.37
CA VAL E 146 24.62 42.07 25.06
C VAL E 146 23.84 41.28 24.03
N VAL E 147 23.21 41.98 23.08
CA VAL E 147 22.48 41.30 22.01
C VAL E 147 22.84 41.98 20.72
N GLY E 148 23.15 41.20 19.69
CA GLY E 148 23.57 41.77 18.42
C GLY E 148 23.45 40.76 17.31
N GLY E 149 23.29 41.27 16.10
CA GLY E 149 23.35 40.46 14.91
C GLY E 149 24.35 41.05 13.97
N SER E 150 24.76 40.27 12.97
CA SER E 150 25.68 40.75 11.93
C SER E 150 26.89 41.38 12.63
N MET E 151 27.33 42.58 12.24
CA MET E 151 28.41 43.26 12.95
C MET E 151 28.10 43.44 14.44
N GLY E 152 26.83 43.67 14.77
CA GLY E 152 26.49 43.77 16.18
C GLY E 152 26.80 42.50 16.93
N GLY E 153 26.60 41.35 16.28
CA GLY E 153 26.97 40.09 16.90
C GLY E 153 28.47 39.93 17.08
N ALA E 154 29.27 40.37 16.11
CA ALA E 154 30.71 40.34 16.33
C ALA E 154 31.08 41.21 17.52
N ARG E 155 30.44 42.37 17.66
CA ARG E 155 30.67 43.20 18.84
C ARG E 155 30.34 42.44 20.10
N ALA E 156 29.15 41.84 20.16
CA ALA E 156 28.75 41.05 21.33
C ALA E 156 29.74 39.92 21.59
N LEU E 157 30.05 39.12 20.58
CA LEU E 157 30.96 38.00 20.80
C LEU E 157 32.25 38.50 21.39
N GLU E 158 32.84 39.54 20.79
CA GLU E 158 34.07 40.09 21.32
C GLU E 158 33.88 40.71 22.70
N TRP E 159 32.65 41.12 23.02
CA TRP E 159 32.36 41.65 24.35
C TRP E 159 32.32 40.52 25.38
N VAL E 160 31.53 39.46 25.15
CA VAL E 160 31.41 38.38 26.12
C VAL E 160 32.72 37.62 26.28
N VAL E 161 33.52 37.52 25.22
CA VAL E 161 34.77 36.77 25.33
C VAL E 161 35.85 37.60 26.01
N GLY E 162 35.97 38.88 25.69
CA GLY E 162 37.05 39.71 26.20
C GLY E 162 36.79 40.39 27.54
N TYR E 163 35.52 40.49 27.91
CA TYR E 163 35.13 41.15 29.15
C TYR E 163 34.14 40.25 29.88
N PRO E 164 34.49 38.98 30.08
CA PRO E 164 33.53 38.00 30.62
C PRO E 164 33.05 38.36 32.01
N ASP E 165 33.85 39.14 32.76
CA ASP E 165 33.57 39.55 34.13
C ASP E 165 32.51 40.65 34.24
N ARG E 166 32.20 41.27 33.09
CA ARG E 166 31.32 42.45 33.06
C ARG E 166 30.07 42.25 32.21
N VAL E 167 29.62 41.03 31.98
CA VAL E 167 28.37 40.73 31.29
C VAL E 167 27.93 39.34 31.70
N ARG E 168 26.62 39.19 31.92
CA ARG E 168 26.06 37.96 32.46
C ARG E 168 25.52 37.01 31.41
N ALA E 169 25.08 37.51 30.26
CA ALA E 169 24.56 36.67 29.19
C ALA E 169 24.72 37.39 27.86
N GLY E 170 24.72 36.61 26.78
CA GLY E 170 24.89 37.17 25.45
C GLY E 170 23.95 36.51 24.45
N LEU E 171 23.52 37.31 23.48
CA LEU E 171 22.73 36.82 22.36
C LEU E 171 23.52 37.09 21.10
N LEU E 172 23.97 36.04 20.44
CA LEU E 172 24.76 36.14 19.22
C LEU E 172 23.91 35.69 18.04
N LEU E 173 23.68 36.60 17.09
CA LEU E 173 22.78 36.37 15.97
C LEU E 173 23.48 36.60 14.64
N ALA E 174 23.37 35.63 13.73
CA ALA E 174 23.82 35.75 12.37
C ALA E 174 25.22 36.35 12.27
N VAL E 175 26.18 35.62 12.87
CA VAL E 175 27.57 36.06 12.93
C VAL E 175 28.46 34.81 13.06
N GLY E 176 29.77 35.01 12.88
CA GLY E 176 30.72 33.94 13.02
C GLY E 176 31.90 34.31 13.90
N ALA E 177 32.68 33.29 14.24
CA ALA E 177 33.80 33.52 15.14
C ALA E 177 34.90 34.38 14.50
N ARG E 178 35.06 34.33 13.18
CA ARG E 178 36.03 35.13 12.48
C ARG E 178 35.46 35.45 11.11
N ALA E 179 36.14 36.36 10.40
CA ALA E 179 35.71 36.69 9.05
C ALA E 179 36.00 35.53 8.11
N THR E 180 35.02 35.21 7.24
CA THR E 180 35.18 34.16 6.26
C THR E 180 35.80 34.75 5.00
N ALA E 181 36.39 33.86 4.19
CA ALA E 181 37.00 34.30 2.93
C ALA E 181 36.00 35.03 2.05
N ASP E 182 34.78 34.47 1.88
CA ASP E 182 33.75 35.14 1.08
C ASP E 182 33.38 36.50 1.65
N GLN E 183 33.22 36.58 2.98
CA GLN E 183 32.93 37.87 3.62
C GLN E 183 33.98 38.92 3.24
N ILE E 184 35.25 38.60 3.46
CA ILE E 184 36.34 39.50 3.09
C ILE E 184 36.33 39.77 1.58
N GLY E 185 35.95 38.78 0.78
CA GLY E 185 35.99 38.99 -0.65
C GLY E 185 35.11 40.15 -1.10
N THR E 186 33.84 40.07 -0.72
CA THR E 186 32.87 41.09 -1.09
C THR E 186 33.15 42.41 -0.38
N GLN E 187 33.66 42.35 0.86
CA GLN E 187 33.83 43.57 1.65
C GLN E 187 35.03 44.40 1.19
N THR E 188 36.19 43.75 0.97
CA THR E 188 37.31 44.50 0.41
C THR E 188 36.96 45.03 -0.96
N THR E 189 36.16 44.31 -1.74
CA THR E 189 35.75 44.81 -3.04
C THR E 189 34.76 45.96 -2.89
N GLN E 190 33.86 45.90 -1.91
CA GLN E 190 33.00 47.05 -1.61
C GLN E 190 33.83 48.29 -1.31
N ILE E 191 34.86 48.14 -0.47
CA ILE E 191 35.75 49.27 -0.20
C ILE E 191 36.39 49.78 -1.48
N ALA E 192 36.92 48.86 -2.29
CA ALA E 192 37.62 49.25 -3.53
C ALA E 192 36.70 50.01 -4.47
N ALA E 193 35.42 49.64 -4.52
CA ALA E 193 34.47 50.38 -5.35
C ALA E 193 34.36 51.81 -4.86
N ILE E 194 34.34 51.99 -3.54
CA ILE E 194 34.33 53.34 -2.97
C ILE E 194 35.62 54.06 -3.31
N LYS E 195 36.77 53.42 -3.06
CA LYS E 195 38.04 54.08 -3.33
C LYS E 195 38.30 54.35 -4.81
N ALA E 196 37.64 53.63 -5.71
CA ALA E 196 37.79 53.92 -7.14
C ALA E 196 36.96 55.09 -7.61
N ASP E 197 35.93 55.46 -6.87
CA ASP E 197 35.18 56.66 -7.20
C ASP E 197 36.13 57.85 -7.20
N PRO E 198 36.08 58.71 -8.22
CA PRO E 198 37.02 59.85 -8.24
C PRO E 198 36.86 60.81 -7.07
N ASP E 199 35.66 61.02 -6.56
CA ASP E 199 35.43 61.96 -5.47
C ASP E 199 35.83 61.42 -4.12
N TRP E 200 36.34 60.20 -4.05
CA TRP E 200 36.84 59.69 -2.79
C TRP E 200 37.92 60.62 -2.25
N GLN E 201 38.76 61.15 -3.14
CA GLN E 201 39.80 62.10 -2.76
C GLN E 201 40.59 61.59 -1.54
N SER E 202 41.16 60.41 -1.70
CA SER E 202 42.03 59.80 -0.69
C SER E 202 41.37 59.71 0.68
N GLY E 203 40.04 59.83 0.74
CA GLY E 203 39.35 59.78 2.01
C GLY E 203 39.20 61.12 2.70
N ASP E 204 39.67 62.20 2.07
CA ASP E 204 39.53 63.56 2.60
C ASP E 204 38.58 64.38 1.75
N TYR E 205 37.45 63.77 1.36
CA TYR E 205 36.42 64.46 0.59
C TYR E 205 35.57 65.33 1.48
N HIS E 206 35.69 65.16 2.80
CA HIS E 206 34.81 65.83 3.71
C HIS E 206 34.97 67.33 3.54
N GLU E 207 33.84 68.02 3.44
CA GLU E 207 33.82 69.49 3.35
C GLU E 207 34.49 70.04 2.08
N THR E 208 34.48 69.28 1.00
CA THR E 208 34.94 69.75 -0.32
C THR E 208 33.77 69.83 -1.27
N GLY E 209 32.55 69.65 -0.77
CA GLY E 209 31.30 69.56 -1.50
C GLY E 209 31.17 68.48 -2.55
N ARG E 210 32.18 67.61 -2.67
CA ARG E 210 32.11 66.43 -3.51
C ARG E 210 32.40 65.21 -2.65
N ALA E 211 31.64 64.15 -2.86
CA ALA E 211 31.75 62.93 -2.07
C ALA E 211 31.61 61.75 -3.02
N PRO E 212 32.09 60.58 -2.62
CA PRO E 212 32.06 59.39 -3.50
C PRO E 212 30.69 58.71 -3.55
N ASP E 213 29.67 59.43 -4.04
CA ASP E 213 28.32 58.90 -3.99
C ASP E 213 28.16 57.70 -4.90
N ALA E 214 28.79 57.72 -6.08
CA ALA E 214 28.69 56.59 -6.99
C ALA E 214 29.23 55.31 -6.34
N GLY E 215 30.41 55.40 -5.73
CA GLY E 215 31.04 54.24 -5.11
C GLY E 215 30.26 53.71 -3.92
N LEU E 216 29.71 54.60 -3.09
CA LEU E 216 28.91 54.12 -1.97
C LEU E 216 27.66 53.38 -2.46
N ARG E 217 27.02 53.86 -3.53
CA ARG E 217 25.85 53.13 -4.00
C ARG E 217 26.23 51.75 -4.52
N LEU E 218 27.31 51.67 -5.29
CA LEU E 218 27.76 50.37 -5.79
C LEU E 218 28.03 49.43 -4.63
N ALA E 219 28.80 49.90 -3.65
CA ALA E 219 29.14 49.06 -2.50
C ALA E 219 27.87 48.56 -1.82
N ARG E 220 26.91 49.47 -1.63
CA ARG E 220 25.69 49.14 -0.89
C ARG E 220 24.81 48.18 -1.68
N ARG E 221 24.72 48.38 -2.99
CA ARG E 221 23.86 47.51 -3.79
C ARG E 221 24.34 46.07 -3.73
N PHE E 222 25.65 45.85 -3.91
CA PHE E 222 26.17 44.50 -3.79
C PHE E 222 25.92 43.95 -2.39
N ALA E 223 26.20 44.78 -1.36
CA ALA E 223 25.99 44.36 0.01
C ALA E 223 24.54 43.97 0.26
N HIS E 224 23.60 44.76 -0.25
CA HIS E 224 22.20 44.43 -0.02
C HIS E 224 21.88 43.02 -0.51
N LEU E 225 22.41 42.64 -1.67
CA LEU E 225 22.17 41.29 -2.17
C LEU E 225 22.67 40.22 -1.20
N THR E 226 23.77 40.47 -0.49
CA THR E 226 24.23 39.46 0.47
C THR E 226 23.26 39.32 1.64
N TYR E 227 22.53 40.37 1.95
CA TYR E 227 21.59 40.37 3.06
C TYR E 227 20.31 39.62 2.74
N ARG E 228 20.07 39.31 1.48
CA ARG E 228 18.79 38.77 1.08
C ARG E 228 18.84 37.24 1.02
N GLY E 229 17.68 36.66 0.73
CA GLY E 229 17.55 35.24 0.42
C GLY E 229 17.26 35.07 -1.06
N GLU E 230 17.92 34.10 -1.68
CA GLU E 230 17.81 33.94 -3.13
C GLU E 230 16.35 33.75 -3.54
N ILE E 231 15.64 32.86 -2.85
CA ILE E 231 14.30 32.50 -3.30
C ILE E 231 13.32 33.65 -3.13
N GLU E 232 13.36 34.37 -2.00
CA GLU E 232 12.35 35.41 -1.83
C GLU E 232 12.53 36.51 -2.88
N LEU E 233 13.78 36.89 -3.16
CA LEU E 233 14.02 37.94 -4.15
C LEU E 233 13.33 37.59 -5.45
N ASP E 234 13.46 36.34 -5.89
CA ASP E 234 12.84 35.92 -7.12
C ASP E 234 11.33 35.98 -7.01
N THR E 235 10.82 35.70 -5.81
CA THR E 235 9.38 35.76 -5.58
C THR E 235 8.88 37.19 -5.60
N ARG E 236 9.62 38.12 -4.97
CA ARG E 236 9.18 39.52 -4.91
C ARG E 236 9.24 40.15 -6.30
N PHE E 237 10.37 39.97 -6.99
CA PHE E 237 10.69 40.69 -8.21
C PHE E 237 10.77 39.82 -9.45
N ALA E 238 11.27 38.60 -9.31
CA ALA E 238 11.57 37.78 -10.48
C ALA E 238 12.37 38.61 -11.47
N ASN E 239 12.12 38.39 -12.76
CA ASN E 239 12.66 39.22 -13.82
C ASN E 239 11.63 40.23 -14.31
N HIS E 240 10.64 40.54 -13.49
CA HIS E 240 9.66 41.52 -13.91
C HIS E 240 10.31 42.89 -14.06
N ASN E 241 9.74 43.69 -14.94
CA ASN E 241 10.17 45.05 -15.11
C ASN E 241 9.58 45.92 -14.01
N GLN E 242 10.12 47.13 -13.91
CA GLN E 242 9.49 48.14 -13.09
C GLN E 242 8.30 48.63 -13.91
N GLY E 243 7.08 48.47 -13.37
CA GLY E 243 5.89 48.82 -14.16
C GLY E 243 5.95 48.17 -15.54
N ASN E 244 5.92 48.97 -16.61
CA ASN E 244 6.01 48.43 -17.98
C ASN E 244 7.26 48.94 -18.69
N GLU E 245 8.36 49.11 -17.97
CA GLU E 245 9.58 49.65 -18.57
C GLU E 245 10.28 48.61 -19.44
N ASP E 246 11.02 49.07 -20.45
CA ASP E 246 11.72 48.10 -21.30
C ASP E 246 13.18 48.10 -20.87
N PRO E 247 13.62 47.10 -20.12
CA PRO E 247 15.03 47.08 -19.66
C PRO E 247 16.02 47.10 -20.79
N THR E 248 15.61 46.64 -21.99
CA THR E 248 16.42 46.64 -23.19
C THR E 248 16.42 48.00 -23.90
N ALA E 249 15.62 48.98 -23.42
CA ALA E 249 15.52 50.31 -24.02
C ALA E 249 15.66 51.42 -22.98
N GLY E 250 16.44 51.18 -21.92
CA GLY E 250 16.69 52.17 -20.89
C GLY E 250 15.81 52.03 -19.67
N GLY E 251 14.86 51.09 -19.68
CA GLY E 251 14.04 50.81 -18.52
C GLY E 251 14.78 49.95 -17.52
N ARG E 252 14.13 49.72 -16.38
CA ARG E 252 14.74 49.04 -15.26
C ARG E 252 13.94 47.79 -14.92
N TYR E 253 14.64 46.77 -14.43
CA TYR E 253 13.96 45.63 -13.87
C TYR E 253 13.49 45.97 -12.46
N ALA E 254 12.51 45.21 -11.97
CA ALA E 254 11.92 45.55 -10.68
C ALA E 254 12.99 45.56 -9.60
N VAL E 255 13.82 44.52 -9.56
CA VAL E 255 14.92 44.42 -8.60
C VAL E 255 15.97 45.48 -8.86
N GLN E 256 16.15 45.85 -10.13
CA GLN E 256 17.11 46.92 -10.43
C GLN E 256 16.68 48.23 -9.79
N SER E 257 15.43 48.63 -9.99
CA SER E 257 14.92 49.84 -9.35
C SER E 257 15.03 49.73 -7.83
N TYR E 258 14.63 48.59 -7.25
CA TYR E 258 14.74 48.42 -5.82
C TYR E 258 16.17 48.67 -5.35
N LEU E 259 17.15 48.04 -6.01
CA LEU E 259 18.55 48.20 -5.62
C LEU E 259 19.00 49.64 -5.76
N GLU E 260 18.56 50.33 -6.81
CA GLU E 260 18.94 51.73 -6.99
C GLU E 260 18.46 52.58 -5.81
N HIS E 261 17.19 52.40 -5.39
CA HIS E 261 16.66 53.18 -4.27
C HIS E 261 17.35 52.80 -2.96
N GLN E 262 17.68 51.52 -2.79
CA GLN E 262 18.41 51.07 -1.61
C GLN E 262 19.70 51.87 -1.44
N GLY E 263 20.37 52.18 -2.55
CA GLY E 263 21.56 53.00 -2.49
C GLY E 263 21.26 54.47 -2.24
N ASP E 264 20.19 54.99 -2.85
CA ASP E 264 19.77 56.37 -2.58
C ASP E 264 19.44 56.57 -1.10
N LYS E 265 18.70 55.62 -0.50
CA LYS E 265 18.35 55.70 0.92
C LYS E 265 19.59 55.72 1.79
N LEU E 266 20.64 54.99 1.40
CA LEU E 266 21.86 54.98 2.23
C LEU E 266 22.61 56.30 2.16
N LEU E 267 22.72 56.87 0.96
CA LEU E 267 23.48 58.10 0.78
C LEU E 267 22.93 59.23 1.63
N SER E 268 21.61 59.34 1.75
CA SER E 268 21.04 60.49 2.46
C SER E 268 21.20 60.40 3.98
N ARG E 269 21.87 59.36 4.50
CA ARG E 269 21.98 59.18 5.93
C ARG E 269 23.31 58.61 6.41
N PHE E 270 24.28 58.38 5.53
CA PHE E 270 25.47 57.60 5.87
C PHE E 270 26.68 58.11 5.09
N ASP E 271 27.86 57.93 5.69
CA ASP E 271 29.12 58.51 5.24
C ASP E 271 30.05 57.46 4.65
N ALA E 272 30.52 57.70 3.42
CA ALA E 272 31.43 56.74 2.81
C ALA E 272 32.62 56.46 3.70
N GLY E 273 33.17 57.50 4.32
CA GLY E 273 34.31 57.30 5.18
C GLY E 273 34.02 56.32 6.29
N SER E 274 32.79 56.35 6.84
CA SER E 274 32.44 55.42 7.89
C SER E 274 32.26 54.01 7.34
N TYR E 275 31.60 53.90 6.18
CA TYR E 275 31.51 52.61 5.50
C TYR E 275 32.88 51.96 5.32
N VAL E 276 33.89 52.74 4.94
CA VAL E 276 35.22 52.16 4.74
C VAL E 276 35.82 51.72 6.07
N ILE E 277 35.89 52.63 7.04
CA ILE E 277 36.58 52.31 8.30
C ILE E 277 35.90 51.12 8.98
N LEU E 278 34.57 51.08 8.93
CA LEU E 278 33.82 50.03 9.61
C LEU E 278 33.90 48.71 8.87
N THR E 279 33.90 48.75 7.54
CA THR E 279 34.07 47.50 6.79
C THR E 279 35.45 46.91 7.06
N GLU E 280 36.49 47.74 7.09
CA GLU E 280 37.81 47.27 7.49
C GLU E 280 37.74 46.58 8.84
N ALA E 281 36.90 47.07 9.74
CA ALA E 281 36.79 46.45 11.05
C ALA E 281 36.21 45.06 10.95
N LEU E 282 35.20 44.86 10.09
CA LEU E 282 34.72 43.51 9.86
C LEU E 282 35.81 42.62 9.30
N ASN E 283 36.61 43.13 8.35
CA ASN E 283 37.67 42.32 7.75
C ASN E 283 38.63 41.76 8.81
N SER E 284 38.98 42.57 9.81
CA SER E 284 39.89 42.16 10.87
C SER E 284 39.24 41.30 11.97
N HIS E 285 37.95 41.01 11.88
CA HIS E 285 37.29 40.23 12.93
C HIS E 285 37.94 38.86 13.07
N ASP E 286 38.27 38.49 14.30
CA ASP E 286 38.92 37.22 14.60
C ASP E 286 38.97 37.04 16.12
N VAL E 287 38.03 36.27 16.66
CA VAL E 287 37.96 36.09 18.11
C VAL E 287 39.17 35.31 18.63
N GLY E 288 39.92 34.65 17.76
CA GLY E 288 41.03 33.85 18.25
C GLY E 288 42.36 34.58 18.26
N ARG E 289 42.46 35.68 17.53
CA ARG E 289 43.71 36.45 17.47
C ARG E 289 44.21 36.76 18.86
N GLY E 290 45.49 36.50 19.09
CA GLY E 290 46.11 36.74 20.38
C GLY E 290 45.57 35.86 21.50
N ARG E 291 44.75 34.86 21.15
CA ARG E 291 44.17 33.96 22.15
C ARG E 291 44.37 32.49 21.82
N GLY E 292 45.25 32.17 20.88
CA GLY E 292 45.52 30.77 20.58
C GLY E 292 44.57 30.14 19.60
N GLY E 293 43.86 30.94 18.82
CA GLY E 293 42.98 30.45 17.79
C GLY E 293 41.52 30.51 18.20
N VAL E 294 40.65 30.38 17.20
CA VAL E 294 39.22 30.46 17.43
C VAL E 294 38.78 29.45 18.48
N SER E 295 39.20 28.19 18.31
CA SER E 295 38.78 27.13 19.24
C SER E 295 39.21 27.43 20.67
N ALA E 296 40.48 27.75 20.86
CA ALA E 296 40.94 28.03 22.21
C ALA E 296 40.11 29.14 22.85
N ALA E 297 39.88 30.23 22.10
CA ALA E 297 39.24 31.41 22.67
C ALA E 297 37.79 31.14 23.05
N LEU E 298 37.03 30.52 22.16
CA LEU E 298 35.62 30.26 22.51
C LEU E 298 35.51 29.29 23.69
N ARG E 299 36.35 28.25 23.71
CA ARG E 299 36.22 27.27 24.79
C ARG E 299 36.48 27.88 26.15
N ALA E 300 37.31 28.92 26.24
CA ALA E 300 37.63 29.54 27.52
C ALA E 300 36.62 30.57 28.00
N CYS E 301 35.61 30.94 27.18
CA CYS E 301 34.67 31.99 27.58
C CYS E 301 33.48 31.37 28.31
N PRO E 302 33.28 31.68 29.59
CA PRO E 302 32.22 31.05 30.37
C PRO E 302 30.86 31.73 30.31
N VAL E 303 30.73 32.86 29.61
CA VAL E 303 29.46 33.61 29.62
C VAL E 303 28.35 32.73 29.04
N PRO E 304 27.20 32.60 29.69
CA PRO E 304 26.06 31.96 29.05
C PRO E 304 25.64 32.75 27.82
N VAL E 305 25.39 32.03 26.71
CA VAL E 305 25.02 32.68 25.45
C VAL E 305 23.93 31.89 24.75
N VAL E 306 23.09 32.61 24.00
CA VAL E 306 22.18 32.05 23.01
C VAL E 306 22.77 32.36 21.65
N VAL E 307 22.78 31.39 20.74
CA VAL E 307 23.32 31.58 19.40
C VAL E 307 22.23 31.20 18.41
N GLY E 308 21.89 32.11 17.52
CA GLY E 308 20.85 31.88 16.53
C GLY E 308 21.36 32.15 15.13
N GLY E 309 20.92 31.34 14.19
CA GLY E 309 21.32 31.51 12.79
C GLY E 309 20.13 31.35 11.86
N ILE E 310 20.22 32.02 10.71
CA ILE E 310 19.14 31.99 9.72
C ILE E 310 19.49 30.97 8.63
N THR E 311 18.53 30.11 8.32
CA THR E 311 18.77 29.03 7.36
C THR E 311 19.22 29.57 6.01
N SER E 312 18.57 30.64 5.54
CA SER E 312 18.80 31.17 4.21
C SER E 312 19.83 32.29 4.18
N ASP E 313 20.60 32.46 5.24
CA ASP E 313 21.58 33.54 5.33
C ASP E 313 22.69 33.29 4.32
N ARG E 314 22.95 34.24 3.42
CA ARG E 314 24.01 34.05 2.43
C ARG E 314 25.34 34.70 2.81
N LEU E 315 25.34 35.64 3.75
CA LEU E 315 26.56 36.32 4.14
C LEU E 315 27.22 35.68 5.34
N TYR E 316 26.44 35.31 6.35
CA TYR E 316 26.93 34.62 7.54
C TYR E 316 26.23 33.27 7.62
N PRO E 317 26.62 32.32 6.77
CA PRO E 317 25.87 31.06 6.64
C PRO E 317 25.78 30.26 7.94
N LEU E 318 24.75 29.41 8.01
CA LEU E 318 24.45 28.69 9.26
C LEU E 318 25.66 27.98 9.87
N ARG E 319 26.56 27.47 9.04
CA ARG E 319 27.66 26.69 9.60
C ARG E 319 28.44 27.49 10.61
N LEU E 320 28.59 28.80 10.37
CA LEU E 320 29.42 29.62 11.24
C LEU E 320 28.82 29.70 12.63
N GLN E 321 27.48 29.70 12.70
CA GLN E 321 26.80 29.73 13.99
C GLN E 321 26.86 28.36 14.67
N GLN E 322 26.73 27.30 13.88
CA GLN E 322 26.95 25.96 14.41
C GLN E 322 28.31 25.86 15.12
N GLU E 323 29.35 26.42 14.52
CA GLU E 323 30.67 26.37 15.10
C GLU E 323 30.73 27.14 16.43
N LEU E 324 30.13 28.32 16.49
CA LEU E 324 30.10 29.09 17.73
C LEU E 324 29.37 28.33 18.83
N ALA E 325 28.20 27.78 18.49
CA ALA E 325 27.40 27.04 19.47
C ALA E 325 28.15 25.81 19.99
N ASP E 326 28.83 25.10 19.11
CA ASP E 326 29.54 23.89 19.52
C ASP E 326 30.67 24.23 20.48
N LEU E 327 31.32 25.35 20.27
CA LEU E 327 32.58 25.66 20.96
C LEU E 327 32.38 26.48 22.23
N LEU E 328 31.30 27.25 22.31
CA LEU E 328 31.08 28.08 23.47
C LEU E 328 30.51 27.21 24.60
N PRO E 329 31.26 27.05 25.68
CA PRO E 329 30.78 26.18 26.77
C PRO E 329 29.50 26.69 27.38
N GLY E 330 29.26 27.99 27.33
CA GLY E 330 28.02 28.52 27.87
C GLY E 330 26.77 28.34 27.05
N CYS E 331 26.87 27.71 25.87
CA CYS E 331 25.77 27.64 24.91
C CYS E 331 25.22 26.22 24.85
N ALA E 332 23.90 26.09 25.06
CA ALA E 332 23.22 24.79 25.04
C ALA E 332 23.17 24.18 23.66
N GLY E 333 23.05 24.99 22.62
CA GLY E 333 22.98 24.46 21.28
C GLY E 333 22.49 25.51 20.31
N LEU E 334 22.78 25.26 19.04
CA LEU E 334 22.31 26.20 18.04
C LEU E 334 20.79 26.20 18.04
N ARG E 335 20.21 27.40 18.07
CA ARG E 335 18.78 27.61 17.83
C ARG E 335 18.65 28.13 16.41
N VAL E 336 17.98 27.36 15.56
CA VAL E 336 17.88 27.70 14.14
C VAL E 336 16.62 28.52 13.96
N VAL E 337 16.78 29.74 13.48
CA VAL E 337 15.65 30.62 13.17
C VAL E 337 15.19 30.32 11.76
N GLU E 338 13.93 29.90 11.63
CA GLU E 338 13.38 29.59 10.33
C GLU E 338 12.95 30.89 9.68
N SER E 339 13.53 31.20 8.53
CA SER E 339 13.23 32.45 7.86
C SER E 339 13.62 32.32 6.40
N VAL E 340 12.83 32.97 5.53
CA VAL E 340 13.13 32.97 4.12
C VAL E 340 13.91 34.20 3.69
N TYR E 341 14.25 35.09 4.62
CA TYR E 341 14.73 36.43 4.31
C TYR E 341 16.24 36.60 4.43
N GLY E 342 16.98 35.51 4.50
CA GLY E 342 18.42 35.66 4.51
C GLY E 342 18.90 36.44 5.71
N HIS E 343 20.03 37.12 5.54
CA HIS E 343 20.69 37.79 6.66
C HIS E 343 19.76 38.75 7.38
N ASP E 344 18.95 39.49 6.64
CA ASP E 344 18.05 40.40 7.32
C ASP E 344 16.97 39.68 8.09
N GLY E 345 16.96 38.35 8.09
CA GLY E 345 15.89 37.61 8.74
C GLY E 345 15.77 37.83 10.23
N PHE E 346 16.89 38.07 10.92
CA PHE E 346 16.76 38.19 12.36
C PHE E 346 16.07 39.48 12.79
N LEU E 347 15.98 40.48 11.91
CA LEU E 347 15.21 41.68 12.22
C LEU E 347 13.75 41.54 11.83
N VAL E 348 13.41 40.52 11.06
CA VAL E 348 12.09 40.38 10.45
C VAL E 348 11.23 39.40 11.22
N GLU E 349 11.83 38.31 11.71
CA GLU E 349 11.13 37.20 12.39
C GLU E 349 10.98 37.52 13.87
N THR E 350 10.09 38.47 14.15
CA THR E 350 10.17 39.10 15.46
C THR E 350 9.80 38.14 16.56
N GLU E 351 8.76 37.31 16.35
CA GLU E 351 8.38 36.28 17.34
C GLU E 351 9.48 35.25 17.53
N ALA E 352 10.02 34.73 16.44
CA ALA E 352 11.05 33.71 16.56
C ALA E 352 12.30 34.27 17.23
N VAL E 353 12.71 35.49 16.86
CA VAL E 353 13.88 36.07 17.49
C VAL E 353 13.54 36.50 18.89
N GLY E 354 12.30 36.93 19.12
CA GLY E 354 11.89 37.26 20.46
C GLY E 354 12.09 36.12 21.43
N GLU E 355 11.78 34.88 20.99
CA GLU E 355 12.01 33.72 21.84
C GLU E 355 13.47 33.69 22.31
N LEU E 356 14.42 33.96 21.40
CA LEU E 356 15.83 33.91 21.78
C LEU E 356 16.17 35.07 22.72
N ILE E 357 15.61 36.26 22.48
CA ILE E 357 15.90 37.41 23.34
C ILE E 357 15.41 37.14 24.77
N ARG E 358 14.19 36.61 24.89
CA ARG E 358 13.67 36.29 26.22
C ARG E 358 14.57 35.27 26.91
N GLN E 359 14.92 34.20 26.20
CA GLN E 359 15.79 33.18 26.80
C GLN E 359 17.12 33.75 27.28
N THR E 360 17.72 34.66 26.51
CA THR E 360 19.00 35.25 26.92
C THR E 360 18.85 36.04 28.22
N LEU E 361 17.84 36.92 28.29
CA LEU E 361 17.64 37.67 29.53
C LEU E 361 17.27 36.75 30.67
N GLY E 362 16.57 35.65 30.38
CA GLY E 362 16.39 34.61 31.37
C GLY E 362 17.70 34.14 31.97
N LEU E 363 18.73 33.97 31.13
CA LEU E 363 20.02 33.51 31.63
C LEU E 363 20.67 34.54 32.54
N ALA E 364 20.40 35.83 32.31
CA ALA E 364 20.89 36.87 33.20
C ALA E 364 20.29 36.75 34.62
N ASP E 365 19.10 36.14 34.75
CA ASP E 365 18.47 35.77 36.04
C ASP E 365 17.45 36.82 36.46
N THR F 1 27.66 30.34 -50.13
CA THR F 1 28.36 29.28 -49.40
C THR F 1 29.85 29.61 -49.18
N GLN F 2 30.28 29.58 -47.90
CA GLN F 2 31.64 29.79 -47.45
C GLN F 2 32.23 28.52 -46.83
N THR F 3 33.40 28.64 -46.23
CA THR F 3 34.17 27.47 -45.84
C THR F 3 34.35 27.37 -44.33
N LEU F 4 34.34 26.13 -43.83
CA LEU F 4 34.77 25.86 -42.48
C LEU F 4 36.27 26.14 -42.35
N PRO F 5 36.73 26.76 -41.25
CA PRO F 5 38.17 26.93 -41.07
C PRO F 5 38.86 25.58 -41.01
N ALA F 6 40.19 25.64 -41.11
CA ALA F 6 40.97 24.44 -40.88
C ALA F 6 40.90 24.09 -39.40
N GLU F 7 41.10 22.82 -39.10
CA GLU F 7 41.02 22.43 -37.70
C GLU F 7 42.00 23.29 -36.90
N GLY F 8 41.46 23.97 -35.89
CA GLY F 8 42.18 24.89 -35.03
C GLY F 8 42.19 26.38 -35.39
N GLU F 9 42.35 26.76 -36.66
CA GLU F 9 42.36 28.20 -36.93
C GLU F 9 40.98 28.79 -36.76
N ILE F 10 40.99 30.06 -36.37
CA ILE F 10 39.80 30.89 -36.32
C ILE F 10 39.42 31.23 -37.75
N GLY F 11 38.13 31.31 -38.02
CA GLY F 11 37.65 31.77 -39.30
C GLY F 11 36.60 32.85 -39.12
N LEU F 12 36.47 33.68 -40.15
CA LEU F 12 35.54 34.79 -40.11
C LEU F 12 34.45 34.48 -41.11
N ILE F 13 33.22 34.47 -40.64
CA ILE F 13 32.09 34.05 -41.45
C ILE F 13 31.20 35.26 -41.63
N ASP F 14 31.09 35.74 -42.85
CA ASP F 14 30.27 36.91 -43.12
C ASP F 14 28.81 36.47 -43.15
N VAL F 15 28.02 36.95 -42.18
CA VAL F 15 26.62 36.58 -42.11
C VAL F 15 25.71 37.68 -42.63
N GLY F 16 26.26 38.83 -42.95
CA GLY F 16 25.49 39.91 -43.50
C GLY F 16 24.77 40.68 -42.40
N SER F 17 23.67 41.33 -42.78
CA SER F 17 22.89 42.13 -41.87
C SER F 17 21.81 41.32 -41.21
N LEU F 18 21.62 41.57 -39.90
CA LEU F 18 20.69 40.84 -39.06
C LEU F 18 19.80 41.87 -38.38
N GLN F 19 18.51 41.56 -38.44
CA GLN F 19 17.44 42.22 -37.69
C GLN F 19 17.20 41.51 -36.37
N LEU F 20 17.55 42.22 -35.28
CA LEU F 20 17.52 41.75 -33.89
C LEU F 20 16.10 41.68 -33.36
N GLU F 21 15.92 40.97 -32.24
CA GLU F 21 14.60 40.81 -31.63
C GLU F 21 13.96 42.16 -31.30
N SER F 22 14.78 43.17 -30.97
CA SER F 22 14.21 44.48 -30.64
C SER F 22 13.63 45.22 -31.86
N GLY F 23 13.84 44.71 -33.07
CA GLY F 23 13.56 45.44 -34.28
C GLY F 23 14.78 46.09 -34.90
N ALA F 24 15.76 46.43 -34.08
CA ALA F 24 17.04 46.99 -34.54
C ALA F 24 17.72 46.13 -35.60
N VAL F 25 18.61 46.73 -36.39
CA VAL F 25 19.36 46.03 -37.41
C VAL F 25 20.84 46.27 -37.18
N ILE F 26 21.60 45.19 -37.12
CA ILE F 26 23.05 45.27 -37.11
C ILE F 26 23.51 44.84 -38.50
N ASP F 27 24.39 45.63 -39.10
CA ASP F 27 24.85 45.40 -40.46
C ASP F 27 26.23 44.77 -40.49
N ASP F 28 26.45 43.92 -41.48
CA ASP F 28 27.78 43.36 -41.70
C ASP F 28 28.25 42.55 -40.49
N VAL F 29 27.40 41.62 -40.04
CA VAL F 29 27.75 40.80 -38.89
C VAL F 29 28.77 39.74 -39.28
N CYS F 30 29.75 39.54 -38.42
CA CYS F 30 30.81 38.59 -38.65
C CYS F 30 30.99 37.74 -37.39
N ILE F 31 30.97 36.42 -37.57
CA ILE F 31 31.02 35.48 -36.48
C ILE F 31 32.28 34.64 -36.58
N ALA F 32 33.15 34.76 -35.58
CA ALA F 32 34.34 33.92 -35.54
C ALA F 32 33.97 32.50 -35.15
N VAL F 33 34.69 31.53 -35.71
CA VAL F 33 34.34 30.13 -35.56
C VAL F 33 35.60 29.28 -35.48
N GLN F 34 35.47 28.13 -34.82
CA GLN F 34 36.56 27.18 -34.74
C GLN F 34 35.95 25.79 -34.71
N ARG F 35 36.73 24.79 -35.12
CA ARG F 35 36.22 23.44 -35.26
C ARG F 35 37.27 22.44 -34.81
N TRP F 36 36.79 21.27 -34.37
CA TRP F 36 37.64 20.15 -34.02
C TRP F 36 36.98 18.88 -34.54
N GLY F 37 37.74 18.02 -35.20
CA GLY F 37 37.16 16.88 -35.89
C GLY F 37 36.59 17.24 -37.25
N LYS F 38 36.36 16.22 -38.07
CA LYS F 38 35.98 16.44 -39.45
C LYS F 38 34.46 16.52 -39.60
N LEU F 39 34.02 17.35 -40.54
CA LEU F 39 32.59 17.42 -40.84
C LEU F 39 32.25 16.26 -41.79
N SER F 40 31.36 15.38 -41.35
CA SER F 40 31.05 14.17 -42.09
C SER F 40 30.36 14.52 -43.41
N PRO F 41 30.39 13.59 -44.36
CA PRO F 41 29.84 13.92 -45.69
C PRO F 41 28.39 14.34 -45.66
N ALA F 42 27.58 13.74 -44.79
CA ALA F 42 26.17 14.08 -44.69
C ALA F 42 25.93 15.40 -43.98
N ARG F 43 26.95 15.98 -43.34
CA ARG F 43 26.81 17.21 -42.59
C ARG F 43 25.89 17.04 -41.39
N ASP F 44 26.00 15.90 -40.73
CA ASP F 44 25.05 15.56 -39.67
C ASP F 44 25.72 15.32 -38.32
N ASN F 45 27.01 15.70 -38.15
CA ASN F 45 27.72 15.44 -36.90
C ASN F 45 28.29 16.72 -36.26
N VAL F 46 27.63 17.87 -36.51
CA VAL F 46 28.03 19.14 -35.88
C VAL F 46 27.57 19.16 -34.43
N VAL F 47 28.50 19.48 -33.52
CA VAL F 47 28.19 19.66 -32.10
C VAL F 47 28.56 21.10 -31.72
N VAL F 48 27.54 21.94 -31.54
CA VAL F 48 27.78 23.36 -31.22
C VAL F 48 28.13 23.48 -29.74
N VAL F 49 29.29 24.04 -29.47
CA VAL F 49 29.76 24.31 -28.12
C VAL F 49 29.61 25.80 -27.85
N LEU F 50 28.86 26.15 -26.81
CA LEU F 50 28.48 27.54 -26.57
C LEU F 50 29.17 28.10 -25.32
N HIS F 51 29.98 29.12 -25.50
CA HIS F 51 30.78 29.65 -24.41
C HIS F 51 29.93 30.54 -23.50
N ALA F 52 30.49 30.88 -22.34
CA ALA F 52 29.78 31.65 -21.33
C ALA F 52 30.07 33.13 -21.53
N LEU F 53 29.90 33.93 -20.48
CA LEU F 53 29.91 35.39 -20.62
C LEU F 53 31.21 35.87 -21.27
N THR F 54 32.35 35.51 -20.70
CA THR F 54 33.64 36.03 -21.17
C THR F 54 34.42 35.05 -22.03
N GLY F 55 33.80 33.98 -22.47
CA GLY F 55 34.50 33.03 -23.28
C GLY F 55 34.58 33.47 -24.73
N ASP F 56 35.39 32.71 -25.49
CA ASP F 56 35.59 32.90 -26.91
C ASP F 56 35.45 31.56 -27.61
N SER F 57 35.82 31.50 -28.89
CA SER F 57 35.69 30.29 -29.68
C SER F 57 36.74 29.22 -29.37
N HIS F 58 37.76 29.54 -28.58
CA HIS F 58 38.88 28.62 -28.34
C HIS F 58 38.53 27.67 -27.19
N ILE F 59 37.73 26.65 -27.53
CA ILE F 59 37.17 25.77 -26.48
C ILE F 59 38.21 24.81 -25.93
N THR F 60 39.14 24.34 -26.75
CA THR F 60 40.17 23.44 -26.24
C THR F 60 41.49 23.77 -26.92
N GLY F 61 42.56 23.29 -26.30
CA GLY F 61 43.87 23.51 -26.84
C GLY F 61 44.72 24.33 -25.91
N PRO F 62 46.01 24.38 -26.19
CA PRO F 62 46.92 25.14 -25.30
C PRO F 62 47.03 26.57 -25.78
N ALA F 63 47.67 27.39 -24.94
CA ALA F 63 48.01 28.73 -25.32
C ALA F 63 49.00 28.71 -26.49
N GLY F 64 48.89 29.72 -27.34
CA GLY F 64 49.76 29.84 -28.50
C GLY F 64 49.61 31.19 -29.16
N PRO F 65 50.13 31.31 -30.38
CA PRO F 65 49.96 32.58 -31.11
C PRO F 65 48.50 32.83 -31.45
N GLY F 66 48.03 34.03 -31.12
CA GLY F 66 46.63 34.33 -31.28
C GLY F 66 45.74 33.79 -30.17
N HIS F 67 46.31 33.02 -29.25
CA HIS F 67 45.57 32.46 -28.12
C HIS F 67 46.43 32.54 -26.88
N PRO F 68 46.34 33.64 -26.14
CA PRO F 68 47.21 33.83 -24.98
C PRO F 68 47.05 32.78 -23.88
N THR F 69 45.87 32.17 -23.79
CA THR F 69 45.52 31.22 -22.73
C THR F 69 44.79 30.00 -23.27
N PRO F 70 44.95 28.86 -22.60
CA PRO F 70 44.28 27.63 -23.06
C PRO F 70 42.77 27.74 -23.15
N GLY F 71 42.19 26.74 -23.81
CA GLY F 71 40.76 26.69 -24.00
C GLY F 71 40.03 26.52 -22.68
N TRP F 72 38.86 27.14 -22.59
CA TRP F 72 38.15 27.12 -21.32
C TRP F 72 37.60 25.76 -20.95
N TRP F 73 37.36 24.90 -21.95
CA TRP F 73 37.07 23.48 -21.78
C TRP F 73 38.19 22.57 -22.27
N ASP F 74 39.38 22.85 -21.79
CA ASP F 74 40.55 22.10 -22.22
C ASP F 74 40.29 20.62 -22.02
N GLY F 75 40.44 19.84 -23.11
CA GLY F 75 40.24 18.41 -23.10
C GLY F 75 38.86 17.94 -23.56
N VAL F 76 37.89 18.85 -23.74
CA VAL F 76 36.52 18.42 -23.98
C VAL F 76 36.32 17.89 -25.40
N ALA F 77 37.13 18.32 -26.38
CA ALA F 77 37.00 17.87 -27.75
C ALA F 77 38.33 17.30 -28.24
N GLY F 78 38.30 16.09 -28.82
CA GLY F 78 39.48 15.43 -29.30
C GLY F 78 39.27 13.94 -29.49
N PRO F 79 40.32 13.24 -29.88
CA PRO F 79 40.25 11.77 -29.94
C PRO F 79 39.97 11.12 -28.58
N GLY F 80 38.81 10.48 -28.45
CA GLY F 80 38.44 9.81 -27.21
C GLY F 80 37.88 10.70 -26.12
N ALA F 81 37.83 12.01 -26.35
CA ALA F 81 37.33 12.96 -25.36
C ALA F 81 35.81 12.92 -25.25
N PRO F 82 35.25 13.67 -24.29
CA PRO F 82 33.79 13.77 -24.21
C PRO F 82 33.10 14.06 -25.54
N ILE F 83 33.48 15.11 -26.24
CA ILE F 83 33.09 15.28 -27.64
C ILE F 83 34.17 14.58 -28.45
N ASP F 84 33.95 13.30 -28.75
CA ASP F 84 34.94 12.50 -29.47
C ASP F 84 34.94 12.88 -30.94
N THR F 85 35.96 13.62 -31.35
CA THR F 85 36.06 14.24 -32.68
C THR F 85 36.40 13.25 -33.80
N THR F 86 36.72 12.00 -33.48
CA THR F 86 36.72 10.95 -34.49
C THR F 86 35.31 10.60 -34.95
N ARG F 87 34.27 11.13 -34.28
CA ARG F 87 32.87 10.89 -34.67
C ARG F 87 32.11 12.20 -34.81
N TRP F 88 32.50 13.22 -34.06
CA TRP F 88 31.77 14.48 -34.04
C TRP F 88 32.65 15.60 -34.59
N CYS F 89 32.00 16.63 -35.08
CA CYS F 89 32.68 17.86 -35.50
C CYS F 89 32.28 18.97 -34.52
N ALA F 90 33.16 19.27 -33.57
CA ALA F 90 32.88 20.27 -32.55
C ALA F 90 33.07 21.66 -33.14
N VAL F 91 31.99 22.41 -33.27
CA VAL F 91 32.01 23.77 -33.80
C VAL F 91 31.62 24.72 -32.67
N ALA F 92 32.41 25.77 -32.49
CA ALA F 92 32.17 26.77 -31.46
C ALA F 92 32.43 28.15 -32.03
N THR F 93 31.43 29.02 -32.01
CA THR F 93 31.58 30.41 -32.44
C THR F 93 32.00 31.28 -31.25
N ASN F 94 32.37 32.51 -31.58
CA ASN F 94 32.43 33.59 -30.62
C ASN F 94 31.08 34.30 -30.67
N VAL F 95 30.48 34.53 -29.51
CA VAL F 95 29.08 34.99 -29.50
C VAL F 95 28.93 36.36 -30.15
N LEU F 96 27.76 36.59 -30.74
CA LEU F 96 27.43 37.95 -31.18
C LEU F 96 27.51 38.91 -30.00
N GLY F 97 28.17 40.05 -30.20
CA GLY F 97 28.44 40.99 -29.13
C GLY F 97 29.80 40.82 -28.49
N GLY F 98 30.56 39.80 -28.86
CA GLY F 98 31.85 39.52 -28.26
C GLY F 98 32.98 40.43 -28.70
N CYS F 99 34.17 40.06 -28.27
CA CYS F 99 35.36 40.85 -28.51
C CYS F 99 36.55 39.95 -28.83
N ARG F 100 36.30 38.81 -29.45
CA ARG F 100 37.37 37.89 -29.84
C ARG F 100 37.09 37.35 -31.23
N GLY F 101 36.73 38.23 -32.13
CA GLY F 101 36.55 37.84 -33.50
C GLY F 101 35.22 38.29 -34.03
N SER F 102 34.19 38.16 -33.23
CA SER F 102 32.87 38.44 -33.75
C SER F 102 32.54 39.91 -33.54
N THR F 103 31.50 40.36 -34.22
CA THR F 103 31.09 41.75 -34.13
C THR F 103 30.63 42.07 -32.73
N GLY F 104 31.31 43.02 -32.10
CA GLY F 104 30.97 43.50 -30.79
C GLY F 104 31.19 44.99 -30.73
N PRO F 105 30.97 45.59 -29.56
CA PRO F 105 31.22 47.05 -29.45
C PRO F 105 32.62 47.46 -29.89
N SER F 106 33.64 46.64 -29.63
CA SER F 106 34.99 47.03 -30.02
C SER F 106 35.22 46.92 -31.53
N SER F 107 34.39 46.15 -32.23
CA SER F 107 34.55 46.02 -33.67
C SER F 107 34.27 47.34 -34.38
N LEU F 108 34.85 47.46 -35.57
CA LEU F 108 34.69 48.65 -36.39
C LEU F 108 33.45 48.55 -37.26
N ALA F 109 32.62 49.59 -37.21
CA ALA F 109 31.38 49.68 -37.98
C ALA F 109 31.66 50.22 -39.39
N ARG F 110 30.59 50.49 -40.15
CA ARG F 110 30.74 51.06 -41.48
C ARG F 110 31.16 52.54 -41.45
N ASP F 111 31.35 53.13 -40.26
CA ASP F 111 31.85 54.49 -40.09
C ASP F 111 33.35 54.54 -39.94
N GLY F 112 34.03 53.39 -40.03
CA GLY F 112 35.44 53.31 -39.75
C GLY F 112 35.76 53.44 -38.28
N LYS F 113 34.79 53.86 -37.45
CA LYS F 113 34.85 54.05 -36.01
C LYS F 113 34.13 52.90 -35.29
N PRO F 114 34.66 52.53 -34.10
CA PRO F 114 34.06 51.42 -33.34
C PRO F 114 32.58 51.62 -33.06
N TRP F 115 31.84 50.50 -33.09
CA TRP F 115 30.42 50.51 -32.76
C TRP F 115 30.15 51.29 -31.47
N GLY F 116 30.79 50.87 -30.37
CA GLY F 116 30.74 51.61 -29.12
C GLY F 116 29.34 51.77 -28.57
N SER F 117 29.00 53.01 -28.19
CA SER F 117 27.67 53.27 -27.65
C SER F 117 26.60 52.99 -28.68
N ARG F 118 27.00 52.85 -29.94
CA ARG F 118 26.10 52.60 -31.05
C ARG F 118 25.76 51.13 -31.21
N PHE F 119 26.41 50.25 -30.47
CA PHE F 119 26.04 48.86 -30.55
C PHE F 119 24.68 48.65 -29.91
N PRO F 120 23.73 48.06 -30.63
CA PRO F 120 22.38 47.87 -30.08
C PRO F 120 22.31 46.71 -29.10
N LEU F 121 21.39 46.81 -28.15
CA LEU F 121 21.15 45.73 -27.21
C LEU F 121 20.62 44.48 -27.91
N ILE F 122 21.15 43.33 -27.49
CA ILE F 122 20.83 42.04 -28.09
C ILE F 122 20.31 41.11 -26.99
N SER F 123 19.55 40.11 -27.43
CA SER F 123 18.99 39.12 -26.53
C SER F 123 19.71 37.80 -26.74
N ILE F 124 19.55 36.88 -25.79
CA ILE F 124 20.06 35.54 -26.03
C ILE F 124 19.52 35.01 -27.33
N ARG F 125 18.26 35.32 -27.62
CA ARG F 125 17.66 34.84 -28.87
C ARG F 125 18.37 35.41 -30.08
N ASP F 126 18.76 36.68 -30.03
CA ASP F 126 19.60 37.25 -31.08
C ASP F 126 20.90 36.46 -31.22
N GLN F 127 21.55 36.15 -30.10
CA GLN F 127 22.83 35.44 -30.16
C GLN F 127 22.70 34.11 -30.89
N VAL F 128 21.54 33.46 -30.77
CA VAL F 128 21.31 32.17 -31.41
C VAL F 128 21.01 32.36 -32.91
N GLN F 129 20.25 33.39 -33.27
CA GLN F 129 20.05 33.69 -34.69
C GLN F 129 21.40 33.86 -35.40
N ALA F 130 22.28 34.67 -34.82
CA ALA F 130 23.59 34.88 -35.41
C ALA F 130 24.34 33.55 -35.52
N ASP F 131 24.28 32.74 -34.47
CA ASP F 131 24.97 31.44 -34.52
C ASP F 131 24.35 30.55 -35.59
N VAL F 132 23.02 30.54 -35.70
CA VAL F 132 22.39 29.75 -36.75
C VAL F 132 22.75 30.29 -38.12
N ALA F 133 22.71 31.62 -38.29
CA ALA F 133 23.06 32.23 -39.57
C ALA F 133 24.47 31.86 -40.01
N ALA F 134 25.40 31.80 -39.05
CA ALA F 134 26.78 31.46 -39.38
C ALA F 134 26.90 30.05 -39.94
N LEU F 135 26.24 29.08 -39.31
CA LEU F 135 26.26 27.72 -39.85
C LEU F 135 25.54 27.60 -41.19
N ALA F 136 24.49 28.38 -41.42
CA ALA F 136 23.84 28.33 -42.71
C ALA F 136 24.79 28.76 -43.81
N ALA F 137 25.46 29.89 -43.60
CA ALA F 137 26.43 30.38 -44.57
C ALA F 137 27.54 29.36 -44.81
N LEU F 138 27.68 28.38 -43.94
CA LEU F 138 28.59 27.27 -44.12
C LEU F 138 27.89 26.02 -44.63
N GLY F 139 26.62 26.12 -45.02
CA GLY F 139 25.90 24.98 -45.53
C GLY F 139 25.44 23.98 -44.48
N ILE F 140 25.65 24.27 -43.20
CA ILE F 140 25.23 23.42 -42.10
C ILE F 140 23.87 23.91 -41.63
N THR F 141 22.84 23.05 -41.75
CA THR F 141 21.46 23.44 -41.46
C THR F 141 20.79 22.68 -40.33
N GLU F 142 21.51 21.76 -39.73
CA GLU F 142 20.96 20.99 -38.60
C GLU F 142 22.12 20.60 -37.72
N VAL F 143 22.01 20.83 -36.41
CA VAL F 143 23.10 20.31 -35.62
C VAL F 143 22.64 19.06 -34.88
N ALA F 144 23.63 18.23 -34.59
CA ALA F 144 23.40 17.03 -33.82
C ALA F 144 23.12 17.38 -32.35
N ALA F 145 23.84 18.37 -31.81
CA ALA F 145 23.72 18.72 -30.42
C ALA F 145 24.21 20.16 -30.20
N VAL F 146 23.65 20.78 -29.17
CA VAL F 146 24.17 22.02 -28.62
C VAL F 146 24.53 21.72 -27.17
N VAL F 147 25.66 22.25 -26.70
CA VAL F 147 26.05 22.08 -25.31
C VAL F 147 26.60 23.42 -24.82
N GLY F 148 26.20 23.79 -23.60
CA GLY F 148 26.65 25.04 -23.01
C GLY F 148 26.41 25.05 -21.51
N GLY F 149 27.21 25.86 -20.82
CA GLY F 149 27.01 26.12 -19.41
C GLY F 149 26.86 27.60 -19.18
N SER F 150 26.30 28.01 -18.04
CA SER F 150 26.08 29.44 -17.71
C SER F 150 25.43 30.09 -18.91
N MET F 151 25.93 31.23 -19.40
CA MET F 151 25.36 31.84 -20.60
C MET F 151 25.33 30.84 -21.75
N GLY F 152 26.33 29.96 -21.82
CA GLY F 152 26.31 28.92 -22.83
C GLY F 152 25.11 28.00 -22.73
N GLY F 153 24.68 27.70 -21.50
CA GLY F 153 23.46 26.93 -21.32
C GLY F 153 22.21 27.69 -21.74
N ALA F 154 22.17 29.00 -21.48
CA ALA F 154 21.05 29.80 -21.96
C ALA F 154 20.98 29.81 -23.47
N ARG F 155 22.14 29.92 -24.11
CA ARG F 155 22.15 29.83 -25.57
C ARG F 155 21.61 28.47 -26.01
N ALA F 156 22.14 27.39 -25.43
CA ALA F 156 21.67 26.06 -25.79
C ALA F 156 20.17 25.94 -25.60
N LEU F 157 19.66 26.36 -24.44
CA LEU F 157 18.22 26.28 -24.19
C LEU F 157 17.44 27.07 -25.24
N GLU F 158 17.84 28.31 -25.52
CA GLU F 158 17.10 29.09 -26.52
C GLU F 158 17.21 28.51 -27.92
N TRP F 159 18.25 27.72 -28.17
CA TRP F 159 18.38 27.00 -29.44
C TRP F 159 17.35 25.89 -29.53
N VAL F 160 17.37 24.96 -28.57
CA VAL F 160 16.46 23.81 -28.63
C VAL F 160 15.00 24.25 -28.55
N VAL F 161 14.71 25.37 -27.91
CA VAL F 161 13.33 25.79 -27.87
C VAL F 161 12.93 26.43 -29.19
N GLY F 162 13.80 27.26 -29.77
CA GLY F 162 13.42 27.96 -30.98
C GLY F 162 13.69 27.25 -32.29
N TYR F 163 14.58 26.27 -32.28
CA TYR F 163 14.95 25.54 -33.49
C TYR F 163 14.87 24.04 -33.22
N PRO F 164 13.73 23.56 -32.71
CA PRO F 164 13.63 22.15 -32.29
C PRO F 164 13.74 21.20 -33.45
N ASP F 165 13.39 21.66 -34.64
CA ASP F 165 13.45 20.80 -35.79
C ASP F 165 14.86 20.61 -36.29
N ARG F 166 15.81 21.41 -35.80
CA ARG F 166 17.15 21.42 -36.37
C ARG F 166 18.24 21.11 -35.35
N VAL F 167 17.88 20.46 -34.25
CA VAL F 167 18.83 20.00 -33.24
C VAL F 167 18.27 18.75 -32.59
N ARG F 168 19.13 17.77 -32.38
CA ARG F 168 18.68 16.45 -31.97
C ARG F 168 18.72 16.21 -30.47
N ALA F 169 19.65 16.86 -29.77
CA ALA F 169 19.82 16.69 -28.33
C ALA F 169 20.48 17.95 -27.76
N GLY F 170 20.34 18.14 -26.46
CA GLY F 170 20.91 19.31 -25.81
C GLY F 170 21.48 18.97 -24.45
N LEU F 171 22.55 19.68 -24.08
CA LEU F 171 23.11 19.65 -22.73
C LEU F 171 22.97 21.04 -22.14
N LEU F 172 22.11 21.17 -21.14
CA LEU F 172 21.88 22.43 -20.43
C LEU F 172 22.51 22.30 -19.06
N LEU F 173 23.54 23.10 -18.80
CA LEU F 173 24.39 22.99 -17.63
C LEU F 173 24.40 24.29 -16.85
N ALA F 174 24.11 24.22 -15.55
CA ALA F 174 24.22 25.37 -14.64
C ALA F 174 23.62 26.61 -15.27
N VAL F 175 22.32 26.53 -15.50
CA VAL F 175 21.56 27.55 -16.19
C VAL F 175 20.13 27.47 -15.66
N GLY F 176 19.32 28.48 -15.98
CA GLY F 176 17.94 28.49 -15.59
C GLY F 176 17.05 28.91 -16.76
N ALA F 177 15.75 28.71 -16.58
CA ALA F 177 14.80 29.04 -17.64
C ALA F 177 14.77 30.54 -17.92
N ARG F 178 15.01 31.36 -16.91
CA ARG F 178 15.03 32.82 -17.08
C ARG F 178 15.97 33.41 -16.06
N ALA F 179 16.25 34.70 -16.22
CA ALA F 179 17.06 35.42 -15.25
C ALA F 179 16.31 35.48 -13.92
N THR F 180 17.03 35.25 -12.83
CA THR F 180 16.46 35.38 -11.50
C THR F 180 16.65 36.80 -10.98
N ALA F 181 15.83 37.16 -10.00
CA ALA F 181 15.99 38.47 -9.37
C ALA F 181 17.41 38.67 -8.85
N ASP F 182 17.97 37.67 -8.18
CA ASP F 182 19.33 37.84 -7.67
C ASP F 182 20.31 38.08 -8.82
N GLN F 183 20.19 37.29 -9.91
CA GLN F 183 21.07 37.46 -11.07
C GLN F 183 20.99 38.88 -11.65
N ILE F 184 19.77 39.34 -11.97
CA ILE F 184 19.62 40.70 -12.49
C ILE F 184 20.15 41.72 -11.51
N GLY F 185 19.94 41.48 -10.21
CA GLY F 185 20.42 42.40 -9.22
C GLY F 185 21.92 42.58 -9.30
N THR F 186 22.67 41.49 -9.25
CA THR F 186 24.12 41.61 -9.31
C THR F 186 24.60 42.04 -10.67
N GLN F 187 23.89 41.67 -11.74
CA GLN F 187 24.39 41.98 -13.09
C GLN F 187 24.21 43.44 -13.43
N THR F 188 23.04 44.01 -13.13
CA THR F 188 22.87 45.45 -13.32
C THR F 188 23.87 46.24 -12.46
N THR F 189 24.17 45.76 -11.25
CA THR F 189 25.14 46.48 -10.44
C THR F 189 26.54 46.33 -11.00
N GLN F 190 26.90 45.15 -11.48
CA GLN F 190 28.14 44.97 -12.22
C GLN F 190 28.19 45.94 -13.43
N ILE F 191 27.09 46.05 -14.16
CA ILE F 191 27.06 47.02 -15.26
C ILE F 191 27.29 48.44 -14.74
N ALA F 192 26.56 48.82 -13.68
CA ALA F 192 26.71 50.17 -13.12
C ALA F 192 28.14 50.45 -12.69
N ALA F 193 28.86 49.45 -12.18
CA ALA F 193 30.23 49.68 -11.75
C ALA F 193 31.12 50.07 -12.92
N ILE F 194 30.95 49.40 -14.07
CA ILE F 194 31.72 49.75 -15.27
C ILE F 194 31.34 51.14 -15.75
N LYS F 195 30.04 51.40 -15.90
CA LYS F 195 29.58 52.68 -16.41
C LYS F 195 29.91 53.82 -15.46
N ALA F 196 30.18 53.52 -14.19
CA ALA F 196 30.58 54.52 -13.20
C ALA F 196 32.03 54.95 -13.32
N ASP F 197 32.84 54.18 -14.03
CA ASP F 197 34.19 54.61 -14.32
C ASP F 197 34.13 55.89 -15.13
N PRO F 198 34.87 56.94 -14.75
CA PRO F 198 34.86 58.16 -15.57
C PRO F 198 35.42 57.90 -16.96
N ASP F 199 36.34 56.94 -17.09
CA ASP F 199 36.89 56.58 -18.39
C ASP F 199 35.92 55.74 -19.24
N TRP F 200 34.72 55.44 -18.75
CA TRP F 200 33.74 54.74 -19.59
C TRP F 200 33.41 55.57 -20.82
N GLN F 201 33.27 56.88 -20.66
CA GLN F 201 32.99 57.81 -21.76
C GLN F 201 31.79 57.36 -22.60
N SER F 202 30.64 57.13 -21.95
CA SER F 202 29.39 56.74 -22.62
C SER F 202 29.56 55.50 -23.49
N GLY F 203 30.63 54.74 -23.27
CA GLY F 203 30.91 53.54 -24.06
C GLY F 203 31.75 53.74 -25.30
N ASP F 204 32.24 54.94 -25.57
CA ASP F 204 33.04 55.22 -26.76
C ASP F 204 34.50 55.48 -26.40
N TYR F 205 35.02 54.67 -25.49
CA TYR F 205 36.41 54.72 -25.06
C TYR F 205 37.36 53.97 -26.00
N HIS F 206 36.85 53.18 -26.96
CA HIS F 206 37.71 52.21 -27.64
C HIS F 206 38.86 52.84 -28.42
N GLU F 207 38.72 54.11 -28.79
CA GLU F 207 39.76 54.82 -29.57
C GLU F 207 40.18 56.09 -28.82
N THR F 208 40.38 56.03 -27.50
CA THR F 208 40.65 57.27 -26.72
C THR F 208 41.92 57.13 -25.88
N GLY F 209 42.47 55.93 -25.76
CA GLY F 209 43.70 55.71 -24.98
C GLY F 209 43.40 55.53 -23.50
N ARG F 210 42.11 55.56 -23.14
CA ARG F 210 41.69 55.37 -21.74
C ARG F 210 40.46 54.46 -21.71
N ALA F 211 40.48 53.42 -20.88
CA ALA F 211 39.35 52.48 -20.78
C ALA F 211 38.88 52.37 -19.33
N PRO F 212 37.67 51.86 -19.06
CA PRO F 212 37.18 51.83 -17.70
C PRO F 212 37.74 50.61 -16.99
N ASP F 213 39.07 50.61 -16.82
CA ASP F 213 39.74 49.43 -16.26
C ASP F 213 39.33 49.20 -14.81
N ALA F 214 39.27 50.27 -14.01
CA ALA F 214 38.87 50.14 -12.62
C ALA F 214 37.47 49.54 -12.49
N GLY F 215 36.53 50.04 -13.28
CA GLY F 215 35.17 49.54 -13.23
C GLY F 215 35.08 48.10 -13.67
N LEU F 216 35.81 47.73 -14.73
CA LEU F 216 35.78 46.35 -15.18
C LEU F 216 36.29 45.41 -14.10
N ARG F 217 37.37 45.78 -13.39
CA ARG F 217 37.85 44.91 -12.33
C ARG F 217 36.82 44.79 -11.21
N LEU F 218 36.13 45.89 -10.89
CA LEU F 218 35.08 45.81 -9.89
C LEU F 218 34.01 44.82 -10.31
N ALA F 219 33.49 44.97 -11.53
CA ALA F 219 32.46 44.05 -12.01
C ALA F 219 32.96 42.61 -11.97
N ARG F 220 34.21 42.38 -12.39
CA ARG F 220 34.72 41.03 -12.44
C ARG F 220 34.87 40.46 -11.04
N ARG F 221 35.36 41.26 -10.09
CA ARG F 221 35.57 40.79 -8.72
C ARG F 221 34.28 40.34 -8.07
N PHE F 222 33.21 41.12 -8.20
CA PHE F 222 31.93 40.72 -7.61
C PHE F 222 31.38 39.47 -8.29
N ALA F 223 31.42 39.42 -9.62
CA ALA F 223 30.92 38.25 -10.32
C ALA F 223 31.69 37.00 -9.90
N HIS F 224 33.02 37.09 -9.81
CA HIS F 224 33.80 35.90 -9.47
C HIS F 224 33.34 35.27 -8.15
N LEU F 225 33.07 36.08 -7.12
CA LEU F 225 32.55 35.50 -5.89
C LEU F 225 31.24 34.77 -6.15
N THR F 226 30.42 35.29 -7.06
CA THR F 226 29.19 34.57 -7.34
C THR F 226 29.50 33.24 -8.00
N TYR F 227 30.63 33.16 -8.71
CA TYR F 227 30.98 31.93 -9.40
C TYR F 227 31.51 30.86 -8.46
N ARG F 228 31.91 31.21 -7.23
CA ARG F 228 32.60 30.26 -6.36
C ARG F 228 31.63 29.68 -5.31
N GLY F 229 32.16 28.78 -4.50
CA GLY F 229 31.43 28.18 -3.40
C GLY F 229 31.96 28.76 -2.11
N GLU F 230 31.04 29.07 -1.19
CA GLU F 230 31.45 29.75 0.04
C GLU F 230 32.49 28.92 0.80
N ILE F 231 32.21 27.63 1.01
CA ILE F 231 33.08 26.84 1.87
C ILE F 231 34.46 26.71 1.23
N GLU F 232 34.53 26.21 -0.02
CA GLU F 232 35.78 26.22 -0.78
C GLU F 232 36.64 27.45 -0.49
N LEU F 233 36.07 28.63 -0.74
CA LEU F 233 36.81 29.86 -0.58
C LEU F 233 37.39 29.97 0.81
N ASP F 234 36.58 29.69 1.83
CA ASP F 234 37.09 29.77 3.20
C ASP F 234 38.15 28.74 3.45
N THR F 235 38.04 27.57 2.83
CA THR F 235 39.04 26.53 3.04
C THR F 235 40.38 26.97 2.44
N ARG F 236 40.34 27.55 1.24
CA ARG F 236 41.57 27.98 0.59
C ARG F 236 42.19 29.19 1.29
N PHE F 237 41.40 30.23 1.56
CA PHE F 237 41.93 31.53 1.97
C PHE F 237 41.65 31.91 3.41
N ALA F 238 40.47 31.57 3.93
CA ALA F 238 40.04 32.06 5.23
C ALA F 238 40.25 33.57 5.31
N ASN F 239 40.66 34.04 6.49
CA ASN F 239 41.05 35.43 6.68
C ASN F 239 42.56 35.62 6.71
N HIS F 240 43.32 34.73 6.05
CA HIS F 240 44.77 34.83 6.04
C HIS F 240 45.24 36.04 5.26
N ASN F 241 46.38 36.57 5.66
CA ASN F 241 46.97 37.67 4.92
C ASN F 241 47.63 37.15 3.67
N GLN F 242 47.86 38.06 2.73
CA GLN F 242 48.60 37.75 1.50
C GLN F 242 50.10 37.78 1.79
N GLY F 243 50.74 36.61 1.70
CA GLY F 243 52.16 36.49 1.97
C GLY F 243 52.64 37.08 3.27
N ASN F 244 53.50 38.11 3.18
CA ASN F 244 54.03 38.80 4.35
C ASN F 244 53.42 40.19 4.48
N GLU F 245 52.27 40.42 3.85
CA GLU F 245 51.63 41.72 3.88
C GLU F 245 50.83 41.89 5.17
N ASP F 246 50.72 43.14 5.60
CA ASP F 246 49.99 43.50 6.81
C ASP F 246 48.72 44.28 6.50
N PRO F 247 47.54 43.69 6.60
CA PRO F 247 46.31 44.48 6.40
C PRO F 247 46.15 45.63 7.38
N THR F 248 46.81 45.59 8.55
CA THR F 248 46.69 46.69 9.50
C THR F 248 47.47 47.90 9.03
N ALA F 249 48.30 47.71 8.00
CA ALA F 249 49.15 48.75 7.47
C ALA F 249 49.01 48.83 5.95
N GLY F 250 47.85 48.48 5.41
CA GLY F 250 47.60 48.63 3.99
C GLY F 250 47.82 47.40 3.15
N GLY F 251 48.26 46.29 3.75
CA GLY F 251 48.47 45.07 3.02
C GLY F 251 47.17 44.37 2.71
N ARG F 252 47.28 43.24 2.02
CA ARG F 252 46.12 42.58 1.45
C ARG F 252 45.85 41.24 2.12
N TYR F 253 44.58 40.87 2.10
CA TYR F 253 44.17 39.54 2.48
C TYR F 253 44.42 38.58 1.32
N ALA F 254 44.57 37.31 1.64
CA ALA F 254 44.85 36.35 0.58
C ALA F 254 43.73 36.33 -0.46
N VAL F 255 42.47 36.21 0.00
CA VAL F 255 41.32 36.22 -0.91
C VAL F 255 41.23 37.55 -1.61
N GLN F 256 41.61 38.62 -0.91
CA GLN F 256 41.59 39.93 -1.52
C GLN F 256 42.58 39.98 -2.67
N SER F 257 43.81 39.53 -2.42
CA SER F 257 44.83 39.46 -3.48
C SER F 257 44.40 38.57 -4.64
N TYR F 258 43.85 37.38 -4.35
CA TYR F 258 43.38 36.49 -5.40
C TYR F 258 42.39 37.20 -6.30
N LEU F 259 41.41 37.90 -5.70
CA LEU F 259 40.39 38.59 -6.47
C LEU F 259 40.98 39.67 -7.38
N GLU F 260 42.00 40.40 -6.89
CA GLU F 260 42.70 41.38 -7.75
C GLU F 260 43.28 40.71 -8.98
N HIS F 261 43.95 39.56 -8.80
CA HIS F 261 44.54 38.87 -9.95
C HIS F 261 43.45 38.41 -10.91
N GLN F 262 42.31 37.96 -10.38
CA GLN F 262 41.19 37.56 -11.23
C GLN F 262 40.73 38.70 -12.12
N GLY F 263 40.72 39.91 -11.59
CA GLY F 263 40.38 41.06 -12.42
C GLY F 263 41.48 41.36 -13.42
N ASP F 264 42.73 41.16 -13.01
CA ASP F 264 43.84 41.36 -13.92
C ASP F 264 43.77 40.44 -15.13
N LYS F 265 43.54 39.16 -14.89
CA LYS F 265 43.52 38.17 -16.00
C LYS F 265 42.41 38.51 -17.00
N LEU F 266 41.27 38.99 -16.53
CA LEU F 266 40.18 39.37 -17.42
C LEU F 266 40.54 40.65 -18.19
N LEU F 267 41.14 41.60 -17.48
CA LEU F 267 41.41 42.88 -18.08
C LEU F 267 42.30 42.74 -19.31
N SER F 268 43.29 41.86 -19.26
CA SER F 268 44.24 41.74 -20.35
C SER F 268 43.69 40.98 -21.56
N ARG F 269 42.41 40.56 -21.55
CA ARG F 269 41.88 39.78 -22.67
C ARG F 269 40.44 40.13 -23.03
N PHE F 270 39.83 41.12 -22.41
CA PHE F 270 38.40 41.33 -22.54
C PHE F 270 38.06 42.82 -22.54
N ASP F 271 36.97 43.14 -23.23
CA ASP F 271 36.56 44.50 -23.53
C ASP F 271 35.35 44.87 -22.69
N ALA F 272 35.45 45.97 -21.95
CA ALA F 272 34.36 46.40 -21.09
C ALA F 272 33.05 46.52 -21.86
N GLY F 273 33.10 47.03 -23.08
CA GLY F 273 31.89 47.19 -23.85
C GLY F 273 31.17 45.87 -24.06
N SER F 274 31.93 44.79 -24.27
CA SER F 274 31.31 43.49 -24.45
C SER F 274 30.70 43.00 -23.14
N TYR F 275 31.47 43.10 -22.06
CA TYR F 275 30.94 42.77 -20.74
C TYR F 275 29.59 43.44 -20.50
N VAL F 276 29.44 44.72 -20.87
CA VAL F 276 28.15 45.38 -20.66
C VAL F 276 27.08 44.80 -21.58
N ILE F 277 27.35 44.78 -22.89
CA ILE F 277 26.35 44.26 -23.84
C ILE F 277 25.98 42.81 -23.54
N LEU F 278 26.95 41.99 -23.16
CA LEU F 278 26.66 40.58 -22.94
C LEU F 278 25.93 40.36 -21.62
N THR F 279 26.30 41.10 -20.57
CA THR F 279 25.56 41.03 -19.32
C THR F 279 24.12 41.51 -19.51
N GLU F 280 23.93 42.58 -20.30
CA GLU F 280 22.57 43.01 -20.64
C GLU F 280 21.76 41.87 -21.25
N ALA F 281 22.40 41.03 -22.05
CA ALA F 281 21.71 39.90 -22.65
C ALA F 281 21.31 38.84 -21.63
N LEU F 282 22.16 38.60 -20.63
CA LEU F 282 21.79 37.70 -19.53
C LEU F 282 20.56 38.22 -18.80
N ASN F 283 20.48 39.52 -18.55
CA ASN F 283 19.31 40.05 -17.86
C ASN F 283 18.06 39.81 -18.67
N SER F 284 18.12 40.01 -19.99
CA SER F 284 16.93 39.86 -20.83
C SER F 284 16.55 38.41 -21.04
N HIS F 285 17.33 37.47 -20.50
CA HIS F 285 17.07 36.06 -20.73
C HIS F 285 15.73 35.65 -20.16
N ASP F 286 14.92 35.00 -21.00
CA ASP F 286 13.57 34.59 -20.62
C ASP F 286 12.99 33.69 -21.70
N VAL F 287 13.08 32.37 -21.49
CA VAL F 287 12.62 31.43 -22.50
C VAL F 287 11.12 31.47 -22.69
N GLY F 288 10.40 32.09 -21.77
CA GLY F 288 8.96 32.15 -21.87
C GLY F 288 8.41 33.37 -22.57
N ARG F 289 9.24 34.40 -22.75
CA ARG F 289 8.80 35.64 -23.41
C ARG F 289 8.15 35.32 -24.74
N GLY F 290 6.96 35.92 -24.95
CA GLY F 290 6.29 35.70 -26.22
C GLY F 290 5.85 34.29 -26.48
N ARG F 291 5.88 33.42 -25.48
CA ARG F 291 5.43 32.05 -25.65
C ARG F 291 4.44 31.65 -24.57
N GLY F 292 3.87 32.61 -23.84
CA GLY F 292 2.90 32.26 -22.82
C GLY F 292 3.48 31.86 -21.48
N GLY F 293 4.71 32.25 -21.19
CA GLY F 293 5.37 31.97 -19.94
C GLY F 293 6.36 30.82 -20.05
N VAL F 294 7.21 30.71 -19.02
CA VAL F 294 8.25 29.70 -19.01
C VAL F 294 7.63 28.31 -19.18
N SER F 295 6.63 28.00 -18.34
CA SER F 295 6.05 26.65 -18.34
C SER F 295 5.50 26.29 -19.71
N ALA F 296 4.72 27.18 -20.31
CA ALA F 296 4.14 26.91 -21.63
C ALA F 296 5.21 26.60 -22.66
N ALA F 297 6.31 27.36 -22.64
CA ALA F 297 7.35 27.19 -23.64
C ALA F 297 8.10 25.87 -23.47
N LEU F 298 8.54 25.59 -22.24
CA LEU F 298 9.32 24.39 -22.01
C LEU F 298 8.51 23.13 -22.26
N ARG F 299 7.21 23.14 -21.89
CA ARG F 299 6.39 21.95 -22.10
C ARG F 299 6.24 21.61 -23.57
N ALA F 300 6.30 22.62 -24.43
CA ALA F 300 6.16 22.39 -25.88
C ALA F 300 7.46 21.93 -26.54
N CYS F 301 8.58 21.94 -25.82
CA CYS F 301 9.84 21.61 -26.45
C CYS F 301 10.04 20.11 -26.35
N PRO F 302 10.04 19.39 -27.48
CA PRO F 302 10.24 17.93 -27.44
C PRO F 302 11.70 17.51 -27.52
N VAL F 303 12.64 18.44 -27.68
CA VAL F 303 14.01 17.98 -27.90
C VAL F 303 14.50 17.20 -26.68
N PRO F 304 15.07 16.01 -26.85
CA PRO F 304 15.76 15.33 -25.74
C PRO F 304 16.90 16.16 -25.20
N VAL F 305 16.97 16.28 -23.87
CA VAL F 305 18.01 17.09 -23.23
C VAL F 305 18.51 16.41 -21.97
N VAL F 306 19.75 16.70 -21.63
CA VAL F 306 20.33 16.39 -20.33
C VAL F 306 20.45 17.69 -19.55
N VAL F 307 20.03 17.68 -18.28
CA VAL F 307 20.06 18.89 -17.45
C VAL F 307 20.93 18.57 -16.23
N GLY F 308 21.95 19.39 -16.02
CA GLY F 308 22.87 19.19 -14.89
C GLY F 308 23.00 20.46 -14.10
N GLY F 309 23.13 20.30 -12.78
CA GLY F 309 23.34 21.44 -11.90
C GLY F 309 24.41 21.11 -10.87
N ILE F 310 25.05 22.16 -10.36
CA ILE F 310 26.11 22.02 -9.37
C ILE F 310 25.53 22.26 -7.98
N THR F 311 25.87 21.40 -7.03
CA THR F 311 25.29 21.50 -5.69
C THR F 311 25.55 22.87 -5.06
N SER F 312 26.79 23.34 -5.12
CA SER F 312 27.20 24.55 -4.40
C SER F 312 27.06 25.82 -5.21
N ASP F 313 26.32 25.79 -6.33
CA ASP F 313 26.21 26.96 -7.18
C ASP F 313 25.43 28.05 -6.45
N ARG F 314 26.03 29.24 -6.33
CA ARG F 314 25.34 30.39 -5.74
C ARG F 314 24.77 31.34 -6.79
N LEU F 315 25.24 31.25 -8.04
CA LEU F 315 24.71 32.14 -9.06
C LEU F 315 23.55 31.53 -9.83
N TYR F 316 23.65 30.24 -10.17
CA TYR F 316 22.58 29.51 -10.84
C TYR F 316 22.23 28.35 -9.94
N PRO F 317 21.51 28.60 -8.85
CA PRO F 317 21.30 27.57 -7.83
C PRO F 317 20.55 26.38 -8.39
N LEU F 318 20.76 25.23 -7.74
CA LEU F 318 20.25 23.95 -8.22
C LEU F 318 18.75 23.99 -8.51
N ARG F 319 17.98 24.78 -7.74
CA ARG F 319 16.55 24.82 -7.99
C ARG F 319 16.23 25.20 -9.43
N LEU F 320 17.05 26.05 -10.04
CA LEU F 320 16.77 26.51 -11.39
C LEU F 320 16.90 25.37 -12.37
N GLN F 321 17.87 24.49 -12.14
CA GLN F 321 18.04 23.35 -13.02
C GLN F 321 16.96 22.29 -12.77
N GLN F 322 16.64 22.01 -11.49
CA GLN F 322 15.52 21.12 -11.22
C GLN F 322 14.26 21.61 -11.93
N GLU F 323 14.01 22.92 -11.89
CA GLU F 323 12.83 23.43 -12.56
C GLU F 323 12.90 23.15 -14.06
N LEU F 324 14.09 23.26 -14.64
CA LEU F 324 14.24 22.90 -16.05
C LEU F 324 13.93 21.43 -16.26
N ALA F 325 14.50 20.54 -15.44
CA ALA F 325 14.23 19.12 -15.59
C ALA F 325 12.75 18.81 -15.50
N ASP F 326 12.04 19.52 -14.64
CA ASP F 326 10.62 19.26 -14.46
C ASP F 326 9.82 19.64 -15.69
N LEU F 327 10.18 20.73 -16.33
CA LEU F 327 9.32 21.33 -17.34
C LEU F 327 9.62 20.87 -18.75
N LEU F 328 10.84 20.39 -19.01
CA LEU F 328 11.23 19.89 -20.31
C LEU F 328 10.86 18.41 -20.45
N PRO F 329 9.90 18.04 -21.30
CA PRO F 329 9.55 16.62 -21.42
C PRO F 329 10.70 15.79 -21.95
N GLY F 330 11.64 16.41 -22.65
CA GLY F 330 12.79 15.69 -23.13
C GLY F 330 13.81 15.36 -22.08
N CYS F 331 13.59 15.71 -20.81
CA CYS F 331 14.56 15.49 -19.74
C CYS F 331 14.10 14.35 -18.85
N ALA F 332 14.97 13.34 -18.70
CA ALA F 332 14.60 12.21 -17.85
C ALA F 332 14.46 12.65 -16.40
N GLY F 333 15.34 13.54 -15.96
CA GLY F 333 15.40 14.04 -14.60
C GLY F 333 16.67 14.81 -14.32
N LEU F 334 16.66 15.68 -13.30
CA LEU F 334 17.82 16.50 -13.03
C LEU F 334 19.03 15.65 -12.70
N ARG F 335 20.16 15.95 -13.31
CA ARG F 335 21.42 15.31 -12.97
C ARG F 335 22.26 16.29 -12.15
N VAL F 336 22.54 15.87 -10.92
CA VAL F 336 23.20 16.70 -9.93
C VAL F 336 24.68 16.39 -9.90
N VAL F 337 25.50 17.39 -10.22
CA VAL F 337 26.96 17.30 -10.07
C VAL F 337 27.35 17.74 -8.67
N GLU F 338 27.95 16.85 -7.89
CA GLU F 338 28.37 17.22 -6.54
C GLU F 338 29.76 17.85 -6.62
N SER F 339 29.86 19.10 -6.17
CA SER F 339 31.09 19.86 -6.29
C SER F 339 31.11 20.99 -5.27
N VAL F 340 32.31 21.28 -4.76
CA VAL F 340 32.48 22.37 -3.81
C VAL F 340 32.82 23.69 -4.46
N TYR F 341 32.90 23.75 -5.79
CA TYR F 341 33.45 24.90 -6.50
C TYR F 341 32.38 25.82 -7.06
N GLY F 342 31.13 25.63 -6.67
CA GLY F 342 30.07 26.51 -7.10
C GLY F 342 29.89 26.51 -8.61
N HIS F 343 29.47 27.67 -9.13
CA HIS F 343 29.16 27.77 -10.55
C HIS F 343 30.32 27.34 -11.42
N ASP F 344 31.56 27.69 -11.02
CA ASP F 344 32.72 27.31 -11.81
C ASP F 344 32.92 25.81 -11.82
N GLY F 345 32.09 25.08 -11.08
CA GLY F 345 32.19 23.65 -11.06
C GLY F 345 31.97 23.03 -12.42
N PHE F 346 31.14 23.66 -13.27
CA PHE F 346 30.85 22.97 -14.52
C PHE F 346 32.07 22.91 -15.44
N LEU F 347 33.05 23.80 -15.23
CA LEU F 347 34.29 23.81 -15.98
C LEU F 347 35.38 22.98 -15.33
N VAL F 348 35.21 22.65 -14.06
CA VAL F 348 36.28 22.09 -13.27
C VAL F 348 36.03 20.61 -13.09
N GLU F 349 34.76 20.23 -13.03
CA GLU F 349 34.39 18.84 -12.81
C GLU F 349 34.37 18.10 -14.14
N THR F 350 35.57 17.92 -14.69
CA THR F 350 35.70 17.41 -16.06
C THR F 350 35.20 15.97 -16.13
N GLU F 351 35.48 15.16 -15.10
CA GLU F 351 34.97 13.80 -14.99
C GLU F 351 33.46 13.73 -15.09
N ALA F 352 32.75 14.40 -14.16
CA ALA F 352 31.28 14.35 -14.14
C ALA F 352 30.66 15.10 -15.30
N VAL F 353 31.20 16.28 -15.65
CA VAL F 353 30.61 17.04 -16.75
C VAL F 353 30.81 16.33 -18.07
N GLY F 354 31.91 15.58 -18.21
CA GLY F 354 32.10 14.78 -19.40
C GLY F 354 31.02 13.73 -19.59
N GLU F 355 30.70 13.00 -18.51
CA GLU F 355 29.60 12.04 -18.57
C GLU F 355 28.32 12.70 -19.05
N LEU F 356 28.06 13.93 -18.59
CA LEU F 356 26.86 14.63 -19.02
C LEU F 356 26.89 14.89 -20.51
N ILE F 357 28.07 15.24 -21.03
CA ILE F 357 28.25 15.48 -22.46
C ILE F 357 28.02 14.21 -23.27
N ARG F 358 28.60 13.08 -22.82
CA ARG F 358 28.40 11.81 -23.51
C ARG F 358 26.94 11.39 -23.54
N GLN F 359 26.24 11.49 -22.40
CA GLN F 359 24.81 11.15 -22.42
C GLN F 359 24.06 11.98 -23.46
N THR F 360 24.40 13.26 -23.58
CA THR F 360 23.75 14.08 -24.59
C THR F 360 24.07 13.55 -25.96
N LEU F 361 25.37 13.33 -26.22
CA LEU F 361 25.78 12.82 -27.52
C LEU F 361 25.23 11.42 -27.76
N GLY F 362 25.15 10.61 -26.68
CA GLY F 362 24.44 9.34 -26.76
C GLY F 362 23.04 9.51 -27.29
N LEU F 363 22.36 10.57 -26.87
CA LEU F 363 21.01 10.86 -27.37
C LEU F 363 21.02 11.30 -28.84
N ALA F 364 22.00 12.11 -29.24
CA ALA F 364 22.00 12.54 -30.63
C ALA F 364 22.33 11.39 -31.57
N ASP F 365 23.18 10.46 -31.12
CA ASP F 365 23.47 9.27 -31.90
C ASP F 365 22.23 8.43 -32.12
N ARG F 366 21.29 8.46 -31.17
CA ARG F 366 19.97 7.89 -31.38
C ARG F 366 19.14 8.86 -32.24
N GLU F 367 19.55 8.94 -33.51
CA GLU F 367 18.84 9.62 -34.61
C GLU F 367 19.69 9.77 -35.88
N THR G 1 43.82 -38.38 -15.65
CA THR G 1 42.85 -37.40 -15.18
C THR G 1 41.44 -38.04 -15.14
N GLN G 2 40.50 -37.34 -14.50
CA GLN G 2 39.13 -37.77 -14.37
C GLN G 2 38.25 -36.79 -15.14
N THR G 3 36.98 -37.12 -15.30
CA THR G 3 36.12 -36.28 -16.12
C THR G 3 34.93 -35.76 -15.33
N LEU G 4 34.43 -34.60 -15.75
CA LEU G 4 33.16 -34.11 -15.25
C LEU G 4 32.06 -35.10 -15.59
N PRO G 5 31.07 -35.26 -14.72
CA PRO G 5 29.91 -36.07 -15.09
C PRO G 5 29.22 -35.53 -16.33
N ALA G 6 28.24 -36.28 -16.82
CA ALA G 6 27.40 -35.79 -17.88
C ALA G 6 26.51 -34.67 -17.34
N GLU G 7 26.06 -33.82 -18.26
CA GLU G 7 25.24 -32.68 -17.87
C GLU G 7 24.08 -33.14 -17.00
N GLY G 8 23.96 -32.53 -15.83
CA GLY G 8 22.91 -32.80 -14.87
C GLY G 8 23.22 -33.89 -13.87
N GLU G 9 23.91 -34.93 -14.30
CA GLU G 9 24.23 -36.07 -13.44
C GLU G 9 25.37 -35.82 -12.46
N ILE G 10 25.32 -36.57 -11.37
CA ILE G 10 26.27 -36.59 -10.26
C ILE G 10 27.55 -37.32 -10.62
N GLY G 11 28.68 -36.77 -10.14
CA GLY G 11 29.98 -37.40 -10.25
C GLY G 11 30.72 -37.33 -8.93
N LEU G 12 31.92 -37.90 -8.91
CA LEU G 12 32.77 -37.86 -7.75
C LEU G 12 34.21 -37.68 -8.19
N ILE G 13 34.91 -36.78 -7.53
CA ILE G 13 36.28 -36.47 -7.90
C ILE G 13 37.16 -36.90 -6.73
N ASP G 14 38.05 -37.88 -6.97
CA ASP G 14 38.96 -38.35 -5.93
C ASP G 14 40.16 -37.40 -5.88
N VAL G 15 40.31 -36.66 -4.79
CA VAL G 15 41.37 -35.68 -4.66
C VAL G 15 42.49 -36.16 -3.75
N GLY G 16 42.34 -37.31 -3.10
CA GLY G 16 43.40 -37.87 -2.28
C GLY G 16 43.45 -37.23 -0.91
N SER G 17 44.64 -37.23 -0.32
CA SER G 17 44.81 -36.69 1.01
C SER G 17 45.06 -35.20 0.93
N LEU G 18 44.49 -34.46 1.90
CA LEU G 18 44.56 -33.01 1.98
C LEU G 18 45.11 -32.57 3.32
N GLN G 19 46.04 -31.61 3.32
CA GLN G 19 46.54 -31.03 4.56
C GLN G 19 45.80 -29.73 4.85
N LEU G 20 44.99 -29.75 5.91
CA LEU G 20 44.16 -28.60 6.26
C LEU G 20 45.01 -27.47 6.81
N GLU G 21 44.40 -26.28 6.86
CA GLU G 21 45.10 -25.12 7.41
C GLU G 21 45.51 -25.36 8.86
N SER G 22 44.72 -26.12 9.63
CA SER G 22 45.04 -26.39 11.04
C SER G 22 46.27 -27.29 11.19
N GLY G 23 46.79 -27.83 10.09
CA GLY G 23 47.84 -28.80 10.09
C GLY G 23 47.39 -30.25 10.00
N ALA G 24 46.22 -30.57 10.56
CA ALA G 24 45.63 -31.91 10.47
C ALA G 24 45.48 -32.36 9.01
N VAL G 25 45.36 -33.67 8.82
CA VAL G 25 45.23 -34.25 7.48
C VAL G 25 44.00 -35.15 7.42
N ILE G 26 43.17 -34.93 6.40
CA ILE G 26 42.03 -35.78 6.10
C ILE G 26 42.37 -36.63 4.88
N ASP G 27 42.12 -37.93 4.96
CA ASP G 27 42.55 -38.89 3.95
C ASP G 27 41.43 -39.19 2.97
N ASP G 28 41.82 -39.43 1.71
CA ASP G 28 40.91 -39.91 0.68
C ASP G 28 39.75 -38.93 0.50
N VAL G 29 40.07 -37.66 0.34
CA VAL G 29 39.00 -36.67 0.23
C VAL G 29 38.31 -36.88 -1.09
N CYS G 30 36.98 -36.82 -1.07
CA CYS G 30 36.18 -37.09 -2.25
C CYS G 30 35.16 -35.96 -2.37
N ILE G 31 35.08 -35.33 -3.55
CA ILE G 31 34.22 -34.18 -3.77
C ILE G 31 33.17 -34.53 -4.83
N ALA G 32 31.90 -34.53 -4.43
CA ALA G 32 30.82 -34.72 -5.38
C ALA G 32 30.62 -33.48 -6.25
N VAL G 33 30.20 -33.69 -7.49
CA VAL G 33 30.14 -32.60 -8.47
C VAL G 33 28.93 -32.78 -9.38
N GLN G 34 28.46 -31.68 -9.94
CA GLN G 34 27.43 -31.67 -10.95
C GLN G 34 27.72 -30.53 -11.91
N ARG G 35 27.27 -30.67 -13.16
CA ARG G 35 27.60 -29.65 -14.13
C ARG G 35 26.46 -29.48 -15.11
N TRP G 36 26.39 -28.28 -15.70
CA TRP G 36 25.43 -27.92 -16.74
C TRP G 36 26.17 -27.13 -17.81
N GLY G 37 25.97 -27.50 -19.08
CA GLY G 37 26.73 -26.96 -20.19
C GLY G 37 28.09 -27.63 -20.38
N LYS G 38 28.62 -27.55 -21.60
CA LYS G 38 29.79 -28.34 -21.92
C LYS G 38 31.07 -27.54 -21.67
N LEU G 39 32.11 -28.28 -21.30
CA LEU G 39 33.41 -27.70 -21.05
C LEU G 39 34.13 -27.47 -22.38
N SER G 40 34.57 -26.23 -22.60
CA SER G 40 35.21 -25.88 -23.85
C SER G 40 36.54 -26.60 -23.99
N PRO G 41 37.04 -26.75 -25.22
CA PRO G 41 38.27 -27.52 -25.42
C PRO G 41 39.44 -27.00 -24.59
N ALA G 42 39.50 -25.68 -24.38
CA ALA G 42 40.52 -25.10 -23.52
C ALA G 42 40.23 -25.29 -22.03
N ARG G 43 39.01 -25.71 -21.67
CA ARG G 43 38.66 -25.95 -20.27
C ARG G 43 38.79 -24.66 -19.44
N ASP G 44 38.38 -23.55 -20.05
CA ASP G 44 38.58 -22.20 -19.51
C ASP G 44 37.29 -21.42 -19.31
N ASN G 45 36.13 -22.08 -19.38
CA ASN G 45 34.84 -21.42 -19.23
C ASN G 45 34.03 -22.00 -18.07
N VAL G 46 34.71 -22.55 -17.08
CA VAL G 46 34.02 -23.07 -15.90
C VAL G 46 33.58 -21.90 -15.02
N VAL G 47 32.33 -21.94 -14.58
CA VAL G 47 31.78 -20.95 -13.66
C VAL G 47 31.44 -21.71 -12.38
N VAL G 48 32.25 -21.53 -11.34
CA VAL G 48 32.06 -22.26 -10.08
C VAL G 48 30.91 -21.60 -9.33
N VAL G 49 29.87 -22.37 -9.02
CA VAL G 49 28.75 -21.89 -8.22
C VAL G 49 28.84 -22.55 -6.84
N LEU G 50 28.90 -21.73 -5.80
CA LEU G 50 29.22 -22.21 -4.46
C LEU G 50 28.01 -22.11 -3.55
N HIS G 51 27.56 -23.26 -3.04
CA HIS G 51 26.35 -23.34 -2.23
C HIS G 51 26.61 -22.90 -0.79
N ALA G 52 25.53 -22.61 -0.09
CA ALA G 52 25.63 -22.06 1.25
C ALA G 52 25.54 -23.21 2.26
N LEU G 53 25.19 -22.90 3.51
CA LEU G 53 25.37 -23.83 4.63
C LEU G 53 24.74 -25.19 4.35
N THR G 54 23.45 -25.23 4.01
CA THR G 54 22.73 -26.49 3.82
C THR G 54 22.56 -26.85 2.36
N GLY G 55 23.26 -26.19 1.43
CA GLY G 55 23.12 -26.49 0.02
C GLY G 55 23.96 -27.66 -0.45
N ASP G 56 23.72 -28.08 -1.69
CA ASP G 56 24.49 -29.15 -2.33
C ASP G 56 24.78 -28.75 -3.78
N SER G 57 25.23 -29.73 -4.56
CA SER G 57 25.60 -29.53 -5.95
C SER G 57 24.42 -29.36 -6.88
N HIS G 58 23.20 -29.57 -6.39
CA HIS G 58 22.02 -29.53 -7.24
C HIS G 58 21.56 -28.07 -7.33
N ILE G 59 22.26 -27.29 -8.15
CA ILE G 59 21.96 -25.86 -8.15
C ILE G 59 20.68 -25.57 -8.92
N THR G 60 20.41 -26.29 -10.01
CA THR G 60 19.22 -26.04 -10.82
C THR G 60 18.58 -27.35 -11.23
N GLY G 61 17.31 -27.27 -11.59
CA GLY G 61 16.58 -28.43 -12.03
C GLY G 61 15.37 -28.77 -11.18
N PRO G 62 14.55 -29.70 -11.67
CA PRO G 62 13.34 -30.08 -10.94
C PRO G 62 13.63 -31.20 -9.96
N ALA G 63 12.69 -31.38 -9.03
CA ALA G 63 12.75 -32.55 -8.17
C ALA G 63 12.62 -33.80 -9.02
N GLY G 64 13.25 -34.87 -8.56
CA GLY G 64 13.17 -36.13 -9.24
C GLY G 64 13.79 -37.21 -8.40
N PRO G 65 14.02 -38.37 -9.00
CA PRO G 65 14.76 -39.42 -8.28
C PRO G 65 16.17 -38.94 -8.02
N GLY G 66 16.62 -39.14 -6.77
CA GLY G 66 17.91 -38.67 -6.32
C GLY G 66 17.96 -37.19 -5.98
N HIS G 67 16.90 -36.44 -6.29
CA HIS G 67 16.80 -35.02 -5.94
C HIS G 67 15.37 -34.77 -5.48
N PRO G 68 15.09 -34.99 -4.20
CA PRO G 68 13.71 -34.88 -3.72
C PRO G 68 13.09 -33.49 -3.90
N THR G 69 13.90 -32.44 -4.02
CA THR G 69 13.47 -31.05 -4.12
C THR G 69 14.22 -30.35 -5.25
N PRO G 70 13.59 -29.39 -5.93
CA PRO G 70 14.26 -28.69 -7.05
C PRO G 70 15.57 -28.01 -6.64
N GLY G 71 16.30 -27.58 -7.68
CA GLY G 71 17.61 -27.00 -7.46
C GLY G 71 17.57 -25.75 -6.58
N TRP G 72 18.59 -25.62 -5.73
CA TRP G 72 18.53 -24.54 -4.77
C TRP G 72 18.67 -23.17 -5.43
N TRP G 73 19.27 -23.10 -6.62
CA TRP G 73 19.22 -21.79 -7.26
C TRP G 73 18.42 -22.01 -8.55
N ASP G 74 17.28 -22.68 -8.48
CA ASP G 74 16.65 -23.18 -9.70
C ASP G 74 16.53 -22.08 -10.75
N GLY G 75 16.95 -22.41 -11.99
CA GLY G 75 16.81 -21.51 -13.11
C GLY G 75 18.03 -20.66 -13.40
N VAL G 76 19.04 -20.66 -12.53
CA VAL G 76 20.16 -19.74 -12.67
C VAL G 76 21.09 -20.17 -13.81
N ALA G 77 21.13 -21.45 -14.12
CA ALA G 77 22.03 -21.98 -15.14
C ALA G 77 21.21 -22.71 -16.18
N GLY G 78 21.46 -22.41 -17.44
CA GLY G 78 20.72 -23.02 -18.51
C GLY G 78 20.90 -22.27 -19.80
N PRO G 79 20.25 -22.74 -20.85
CA PRO G 79 20.25 -21.98 -22.10
C PRO G 79 19.64 -20.61 -21.87
N GLY G 80 20.45 -19.56 -22.01
CA GLY G 80 19.96 -18.21 -21.85
C GLY G 80 19.80 -17.73 -20.43
N ALA G 81 20.02 -18.58 -19.43
CA ALA G 81 19.88 -18.15 -18.04
C ALA G 81 21.04 -17.23 -17.69
N PRO G 82 21.01 -16.61 -16.50
CA PRO G 82 22.14 -15.75 -16.10
C PRO G 82 23.50 -16.39 -16.34
N ILE G 83 23.72 -17.62 -15.89
CA ILE G 83 24.87 -18.40 -16.32
C ILE G 83 24.43 -19.18 -17.55
N ASP G 84 24.71 -18.61 -18.71
CA ASP G 84 24.29 -19.18 -19.98
C ASP G 84 25.12 -20.41 -20.31
N THR G 85 24.50 -21.59 -20.25
CA THR G 85 25.22 -22.84 -20.44
C THR G 85 25.54 -23.13 -21.91
N THR G 86 24.98 -22.37 -22.84
CA THR G 86 25.46 -22.51 -24.21
C THR G 86 26.84 -21.88 -24.40
N ARG G 87 27.29 -21.03 -23.47
CA ARG G 87 28.61 -20.40 -23.52
C ARG G 87 29.44 -20.70 -22.29
N TRP G 88 28.81 -21.03 -21.17
CA TRP G 88 29.49 -21.30 -19.91
C TRP G 88 29.22 -22.73 -19.46
N CYS G 89 30.15 -23.28 -18.70
CA CYS G 89 30.02 -24.58 -18.07
C CYS G 89 29.93 -24.32 -16.57
N ALA G 90 28.71 -24.43 -16.02
CA ALA G 90 28.44 -24.20 -14.60
C ALA G 90 28.78 -25.45 -13.79
N VAL G 91 29.80 -25.36 -12.94
CA VAL G 91 30.26 -26.47 -12.10
C VAL G 91 29.94 -26.16 -10.64
N ALA G 92 29.38 -27.14 -9.94
CA ALA G 92 29.06 -26.96 -8.54
C ALA G 92 29.48 -28.20 -7.77
N THR G 93 30.36 -28.02 -6.80
CA THR G 93 30.71 -29.13 -5.92
C THR G 93 29.77 -29.14 -4.72
N ASN G 94 29.79 -30.25 -4.00
CA ASN G 94 29.31 -30.30 -2.64
C ASN G 94 30.50 -30.04 -1.74
N VAL G 95 30.36 -29.07 -0.82
CA VAL G 95 31.51 -28.56 -0.10
C VAL G 95 32.16 -29.66 0.71
N LEU G 96 33.47 -29.57 0.89
CA LEU G 96 34.16 -30.45 1.82
C LEU G 96 33.55 -30.29 3.21
N GLY G 97 33.23 -31.42 3.84
CA GLY G 97 32.50 -31.43 5.10
C GLY G 97 31.01 -31.61 4.96
N GLY G 98 30.48 -31.58 3.73
CA GLY G 98 29.06 -31.69 3.50
C GLY G 98 28.50 -33.10 3.65
N CYS G 99 27.22 -33.24 3.28
CA CYS G 99 26.54 -34.50 3.47
C CYS G 99 25.68 -34.89 2.28
N ARG G 100 26.09 -34.52 1.07
CA ARG G 100 25.33 -34.89 -0.13
C ARG G 100 26.31 -35.31 -1.21
N GLY G 101 27.28 -36.13 -0.82
CA GLY G 101 28.24 -36.69 -1.75
C GLY G 101 29.69 -36.59 -1.31
N SER G 102 30.08 -35.47 -0.72
CA SER G 102 31.47 -35.20 -0.39
C SER G 102 31.82 -35.68 1.02
N THR G 103 33.12 -35.70 1.30
CA THR G 103 33.66 -36.18 2.56
C THR G 103 33.27 -35.28 3.73
N GLY G 104 32.50 -35.82 4.66
CA GLY G 104 32.07 -35.12 5.85
C GLY G 104 31.95 -36.05 7.06
N PRO G 105 31.48 -35.53 8.20
CA PRO G 105 31.35 -36.39 9.38
C PRO G 105 30.62 -37.70 9.12
N SER G 106 29.59 -37.71 8.29
CA SER G 106 28.82 -38.92 8.06
C SER G 106 29.52 -39.94 7.17
N SER G 107 30.53 -39.51 6.40
CA SER G 107 31.31 -40.37 5.51
C SER G 107 32.15 -41.41 6.25
N LEU G 108 32.53 -42.47 5.53
CA LEU G 108 33.33 -43.56 6.07
C LEU G 108 34.80 -43.21 6.07
N ALA G 109 35.46 -43.42 7.22
CA ALA G 109 36.86 -43.09 7.36
C ALA G 109 37.72 -44.24 6.84
N ARG G 110 39.03 -44.09 6.98
CA ARG G 110 39.86 -45.16 6.46
C ARG G 110 39.83 -46.40 7.36
N ASP G 111 38.96 -46.37 8.39
CA ASP G 111 38.85 -47.47 9.38
C ASP G 111 37.49 -48.18 9.32
N GLY G 112 36.63 -47.82 8.36
CA GLY G 112 35.36 -48.54 8.17
C GLY G 112 34.27 -48.08 9.10
N LYS G 113 34.51 -47.02 9.84
CA LYS G 113 33.52 -46.47 10.77
C LYS G 113 33.33 -45.01 10.38
N PRO G 114 32.15 -44.41 10.59
CA PRO G 114 31.91 -43.00 10.24
C PRO G 114 32.93 -42.11 10.93
N TRP G 115 33.40 -41.10 10.20
CA TRP G 115 34.32 -40.10 10.74
C TRP G 115 33.83 -39.59 12.09
N GLY G 116 32.63 -39.02 12.11
CA GLY G 116 32.04 -38.60 13.37
C GLY G 116 32.93 -37.58 14.07
N SER G 117 33.13 -37.78 15.36
CA SER G 117 33.88 -36.80 16.16
C SER G 117 35.33 -36.65 15.70
N ARG G 118 35.83 -37.58 14.90
CA ARG G 118 37.22 -37.57 14.48
C ARG G 118 37.45 -36.68 13.26
N PHE G 119 36.38 -36.15 12.68
CA PHE G 119 36.52 -35.25 11.56
C PHE G 119 37.18 -33.98 12.04
N PRO G 120 38.28 -33.53 11.44
CA PRO G 120 38.96 -32.33 11.91
C PRO G 120 38.21 -31.08 11.51
N LEU G 121 38.32 -30.06 12.36
CA LEU G 121 37.71 -28.79 12.05
C LEU G 121 38.32 -28.20 10.77
N ILE G 122 37.45 -27.64 9.93
CA ILE G 122 37.86 -27.10 8.64
C ILE G 122 37.46 -25.63 8.54
N SER G 123 38.19 -24.91 7.69
CA SER G 123 37.97 -23.50 7.45
C SER G 123 37.41 -23.28 6.06
N ILE G 124 36.85 -22.08 5.85
CA ILE G 124 36.44 -21.70 4.50
C ILE G 124 37.61 -21.89 3.54
N ARG G 125 38.82 -21.59 4.00
CA ARG G 125 40.00 -21.76 3.17
C ARG G 125 40.24 -23.22 2.83
N ASP G 126 40.01 -24.13 3.78
CA ASP G 126 40.13 -25.56 3.52
C ASP G 126 39.15 -26.01 2.44
N GLN G 127 37.88 -25.61 2.57
CA GLN G 127 36.88 -25.97 1.58
C GLN G 127 37.26 -25.48 0.17
N VAL G 128 37.91 -24.32 0.08
CA VAL G 128 38.32 -23.83 -1.23
C VAL G 128 39.50 -24.63 -1.74
N GLN G 129 40.41 -25.02 -0.85
CA GLN G 129 41.49 -25.88 -1.29
C GLN G 129 40.93 -27.15 -1.92
N ALA G 130 39.98 -27.80 -1.23
CA ALA G 130 39.40 -29.02 -1.77
C ALA G 130 38.70 -28.76 -3.10
N ASP G 131 37.94 -27.66 -3.21
CA ASP G 131 37.30 -27.41 -4.49
C ASP G 131 38.33 -27.14 -5.59
N VAL G 132 39.38 -26.38 -5.27
CA VAL G 132 40.41 -26.13 -6.27
C VAL G 132 41.12 -27.42 -6.64
N ALA G 133 41.39 -28.26 -5.65
CA ALA G 133 42.03 -29.56 -5.92
C ALA G 133 41.17 -30.44 -6.82
N ALA G 134 39.86 -30.52 -6.52
CA ALA G 134 38.97 -31.37 -7.30
C ALA G 134 38.93 -30.91 -8.76
N LEU G 135 38.80 -29.61 -8.98
CA LEU G 135 38.81 -29.09 -10.35
C LEU G 135 40.13 -29.41 -11.04
N ALA G 136 41.23 -29.46 -10.27
CA ALA G 136 42.52 -29.83 -10.84
C ALA G 136 42.50 -31.25 -11.36
N ALA G 137 41.97 -32.19 -10.56
CA ALA G 137 41.96 -33.58 -10.99
C ALA G 137 41.23 -33.77 -12.31
N LEU G 138 40.38 -32.81 -12.69
CA LEU G 138 39.67 -32.87 -13.96
C LEU G 138 40.38 -32.09 -15.04
N GLY G 139 41.57 -31.60 -14.73
CA GLY G 139 42.39 -30.79 -15.62
C GLY G 139 42.05 -29.33 -15.68
N ILE G 140 41.11 -28.84 -14.87
CA ILE G 140 40.74 -27.43 -14.86
C ILE G 140 41.63 -26.73 -13.82
N THR G 141 42.51 -25.84 -14.29
CA THR G 141 43.49 -25.21 -13.42
C THR G 141 43.22 -23.73 -13.20
N GLU G 142 42.24 -23.17 -13.91
CA GLU G 142 41.84 -21.79 -13.74
C GLU G 142 40.44 -21.61 -14.32
N VAL G 143 39.60 -20.90 -13.56
CA VAL G 143 38.17 -20.77 -13.83
C VAL G 143 37.81 -19.35 -14.32
N ALA G 144 36.68 -19.24 -15.04
CA ALA G 144 36.23 -17.92 -15.50
C ALA G 144 35.70 -17.07 -14.34
N ALA G 145 34.93 -17.67 -13.45
CA ALA G 145 34.28 -16.90 -12.40
C ALA G 145 33.91 -17.81 -11.24
N VAL G 146 33.84 -17.21 -10.06
CA VAL G 146 33.25 -17.86 -8.90
C VAL G 146 32.03 -17.05 -8.51
N VAL G 147 30.96 -17.73 -8.13
CA VAL G 147 29.71 -17.07 -7.74
C VAL G 147 29.16 -17.74 -6.50
N GLY G 148 28.77 -16.93 -5.51
CA GLY G 148 28.24 -17.47 -4.28
C GLY G 148 27.52 -16.48 -3.38
N GLY G 149 26.59 -16.98 -2.57
CA GLY G 149 25.94 -16.15 -1.58
C GLY G 149 26.07 -16.78 -0.21
N SER G 150 25.82 -15.96 0.80
CA SER G 150 25.93 -16.42 2.19
C SER G 150 27.27 -17.15 2.33
N MET G 151 27.32 -18.34 2.93
CA MET G 151 28.58 -19.08 3.06
C MET G 151 29.24 -19.32 1.71
N GLY G 152 28.44 -19.50 0.65
CA GLY G 152 29.01 -19.65 -0.67
C GLY G 152 29.80 -18.44 -1.12
N GLY G 153 29.36 -17.24 -0.71
CA GLY G 153 30.12 -16.05 -1.00
C GLY G 153 31.45 -15.99 -0.26
N ALA G 154 31.49 -16.50 0.98
CA ALA G 154 32.77 -16.58 1.69
C ALA G 154 33.75 -17.48 0.96
N ARG G 155 33.28 -18.61 0.45
CA ARG G 155 34.13 -19.45 -0.38
C ARG G 155 34.60 -18.70 -1.61
N ALA G 156 33.67 -18.05 -2.33
CA ALA G 156 34.04 -17.25 -3.48
C ALA G 156 35.07 -16.21 -3.10
N LEU G 157 34.81 -15.45 -2.02
CA LEU G 157 35.76 -14.44 -1.58
C LEU G 157 37.12 -15.06 -1.30
N GLU G 158 37.17 -16.12 -0.50
CA GLU G 158 38.45 -16.74 -0.22
C GLU G 158 39.08 -17.33 -1.48
N TRP G 159 38.27 -17.59 -2.51
CA TRP G 159 38.79 -18.10 -3.79
C TRP G 159 39.56 -17.01 -4.53
N VAL G 160 38.92 -15.86 -4.78
CA VAL G 160 39.59 -14.79 -5.51
C VAL G 160 40.74 -14.17 -4.72
N VAL G 161 40.68 -14.16 -3.38
CA VAL G 161 41.77 -13.54 -2.62
C VAL G 161 42.96 -14.48 -2.55
N GLY G 162 42.73 -15.77 -2.37
CA GLY G 162 43.80 -16.74 -2.23
C GLY G 162 44.35 -17.32 -3.53
N TYR G 163 43.58 -17.21 -4.62
CA TYR G 163 43.97 -17.76 -5.92
C TYR G 163 43.76 -16.77 -7.07
N PRO G 164 44.26 -15.52 -6.93
CA PRO G 164 43.86 -14.48 -7.90
C PRO G 164 44.30 -14.73 -9.32
N ASP G 165 45.40 -15.46 -9.52
CA ASP G 165 45.93 -15.75 -10.85
C ASP G 165 45.17 -16.87 -11.55
N ARG G 166 44.24 -17.52 -10.85
CA ARG G 166 43.54 -18.69 -11.36
C ARG G 166 42.01 -18.50 -11.30
N VAL G 167 41.54 -17.26 -11.35
CA VAL G 167 40.12 -16.96 -11.53
C VAL G 167 40.01 -15.56 -12.12
N ARG G 168 39.08 -15.39 -13.06
CA ARG G 168 39.02 -14.16 -13.84
C ARG G 168 38.04 -13.13 -13.30
N ALA G 169 36.97 -13.55 -12.62
CA ALA G 169 36.02 -12.61 -12.03
C ALA G 169 35.28 -13.33 -10.91
N GLY G 170 34.73 -12.55 -10.01
CA GLY G 170 33.99 -13.09 -8.89
C GLY G 170 32.76 -12.25 -8.64
N LEU G 171 31.71 -12.93 -8.16
CA LEU G 171 30.46 -12.33 -7.70
C LEU G 171 30.24 -12.72 -6.23
N LEU G 172 30.29 -11.74 -5.34
CA LEU G 172 30.11 -11.95 -3.90
C LEU G 172 28.76 -11.38 -3.46
N LEU G 173 27.90 -12.23 -2.89
CA LEU G 173 26.53 -11.85 -2.56
C LEU G 173 26.25 -12.12 -1.09
N ALA G 174 25.72 -11.12 -0.40
CA ALA G 174 25.24 -11.29 0.97
C ALA G 174 26.28 -12.02 1.80
N VAL G 175 27.44 -11.38 1.96
CA VAL G 175 28.58 -11.97 2.64
C VAL G 175 29.42 -10.84 3.22
N GLY G 176 30.35 -11.19 4.12
CA GLY G 176 31.22 -10.22 4.72
C GLY G 176 32.67 -10.68 4.68
N ALA G 177 33.57 -9.73 4.95
CA ALA G 177 35.00 -10.01 4.95
C ALA G 177 35.38 -10.96 6.09
N ARG G 178 34.64 -10.93 7.18
CA ARG G 178 34.88 -11.87 8.26
C ARG G 178 33.56 -12.13 8.98
N ALA G 179 33.57 -13.12 9.86
CA ALA G 179 32.41 -13.37 10.70
C ALA G 179 32.23 -12.23 11.69
N THR G 180 30.99 -11.78 11.84
CA THR G 180 30.68 -10.74 12.81
C THR G 180 30.35 -11.36 14.14
N ALA G 181 30.44 -10.54 15.20
CA ALA G 181 30.10 -11.05 16.53
C ALA G 181 28.67 -11.60 16.57
N ASP G 182 27.71 -10.92 15.93
CA ASP G 182 26.33 -11.44 15.90
C ASP G 182 26.29 -12.78 15.19
N GLN G 183 26.95 -12.89 14.03
CA GLN G 183 26.98 -14.17 13.35
C GLN G 183 27.51 -15.27 14.26
N ILE G 184 28.68 -15.07 14.87
CA ILE G 184 29.24 -16.07 15.77
C ILE G 184 28.31 -16.34 16.96
N GLY G 185 27.64 -15.30 17.45
CA GLY G 185 26.76 -15.50 18.59
C GLY G 185 25.65 -16.48 18.28
N THR G 186 24.90 -16.21 17.20
CA THR G 186 23.81 -17.10 16.80
C THR G 186 24.36 -18.43 16.32
N GLN G 187 25.55 -18.41 15.71
CA GLN G 187 26.13 -19.62 15.12
C GLN G 187 26.64 -20.56 16.18
N THR G 188 27.38 -20.04 17.17
CA THR G 188 27.81 -20.89 18.27
C THR G 188 26.62 -21.43 19.03
N THR G 189 25.56 -20.61 19.19
CA THR G 189 24.38 -21.07 19.93
C THR G 189 23.62 -22.14 19.15
N GLN G 190 23.57 -22.02 17.83
CA GLN G 190 22.99 -23.08 17.02
C GLN G 190 23.72 -24.41 17.22
N ILE G 191 25.06 -24.40 17.15
CA ILE G 191 25.86 -25.59 17.41
C ILE G 191 25.60 -26.13 18.81
N ALA G 192 25.56 -25.24 19.81
CA ALA G 192 25.31 -25.68 21.19
C ALA G 192 23.98 -26.38 21.33
N ALA G 193 22.96 -25.93 20.60
CA ALA G 193 21.66 -26.58 20.70
C ALA G 193 21.75 -28.01 20.23
N ILE G 194 22.50 -28.26 19.15
CA ILE G 194 22.70 -29.62 18.67
C ILE G 194 23.42 -30.44 19.72
N LYS G 195 24.55 -29.92 20.23
CA LYS G 195 25.33 -30.63 21.23
C LYS G 195 24.56 -30.79 22.53
N ALA G 196 23.53 -29.98 22.76
CA ALA G 196 22.72 -30.15 23.95
C ALA G 196 21.72 -31.29 23.82
N ASP G 197 21.45 -31.74 22.59
CA ASP G 197 20.62 -32.93 22.35
C ASP G 197 21.29 -34.18 22.91
N PRO G 198 20.57 -35.01 23.65
CA PRO G 198 21.19 -36.22 24.20
C PRO G 198 21.66 -37.16 23.13
N ASP G 199 20.97 -37.19 21.99
CA ASP G 199 21.34 -38.11 20.94
C ASP G 199 22.52 -37.62 20.12
N TRP G 200 23.13 -36.49 20.48
CA TRP G 200 24.37 -36.09 19.80
C TRP G 200 25.45 -37.14 20.00
N GLN G 201 25.51 -37.72 21.21
CA GLN G 201 26.48 -38.76 21.50
C GLN G 201 27.88 -38.34 21.03
N SER G 202 28.33 -37.19 21.55
CA SER G 202 29.65 -36.63 21.27
C SER G 202 29.94 -36.48 19.77
N GLY G 203 28.91 -36.52 18.93
CA GLY G 203 29.09 -36.42 17.50
C GLY G 203 29.31 -37.75 16.82
N ASP G 204 29.24 -38.85 17.57
CA ASP G 204 29.41 -40.19 17.03
C ASP G 204 28.10 -40.97 17.10
N TYR G 205 27.00 -40.26 16.79
CA TYR G 205 25.67 -40.85 16.74
C TYR G 205 25.44 -41.60 15.44
N HIS G 206 26.31 -41.43 14.46
CA HIS G 206 26.05 -41.97 13.13
C HIS G 206 25.98 -43.47 13.23
N GLU G 207 24.97 -44.06 12.60
CA GLU G 207 24.81 -45.51 12.59
C GLU G 207 24.43 -46.07 13.96
N THR G 208 23.82 -45.29 14.83
CA THR G 208 23.32 -45.75 16.13
C THR G 208 21.80 -45.70 16.13
N GLY G 209 21.22 -45.36 14.98
CA GLY G 209 19.82 -45.13 14.83
C GLY G 209 19.25 -44.10 15.75
N ARG G 210 20.07 -43.36 16.46
CA ARG G 210 19.54 -42.25 17.29
C ARG G 210 20.32 -41.01 16.86
N ALA G 211 19.61 -39.95 16.49
CA ALA G 211 20.32 -38.75 16.09
C ALA G 211 19.74 -37.50 16.74
N PRO G 212 20.54 -36.36 16.78
CA PRO G 212 20.09 -35.15 17.48
C PRO G 212 19.07 -34.34 16.67
N ASP G 213 17.91 -34.95 16.44
CA ASP G 213 16.91 -34.34 15.59
C ASP G 213 16.27 -33.12 16.24
N ALA G 214 15.98 -33.22 17.54
CA ALA G 214 15.39 -32.07 18.23
C ALA G 214 16.32 -30.87 18.16
N GLY G 215 17.60 -31.11 18.45
CA GLY G 215 18.57 -30.03 18.45
C GLY G 215 18.78 -29.43 17.08
N LEU G 216 18.82 -30.25 16.04
CA LEU G 216 18.98 -29.73 14.69
C LEU G 216 17.78 -28.89 14.27
N ARG G 217 16.56 -29.29 14.67
CA ARG G 217 15.39 -28.48 14.33
C ARG G 217 15.46 -27.13 15.01
N LEU G 218 15.87 -27.10 16.28
CA LEU G 218 16.05 -25.84 16.97
C LEU G 218 17.07 -24.96 16.25
N ALA G 219 18.23 -25.50 15.94
CA ALA G 219 19.25 -24.71 15.27
C ALA G 219 18.71 -24.16 13.95
N ARG G 220 18.01 -25.00 13.21
CA ARG G 220 17.52 -24.58 11.90
C ARG G 220 16.42 -23.53 12.03
N ARG G 221 15.54 -23.66 13.03
CA ARG G 221 14.46 -22.69 13.19
C ARG G 221 15.02 -21.30 13.46
N PHE G 222 15.98 -21.20 14.38
CA PHE G 222 16.58 -19.90 14.67
C PHE G 222 17.33 -19.37 13.46
N ALA G 223 18.05 -20.25 12.76
CA ALA G 223 18.78 -19.85 11.56
C ALA G 223 17.83 -19.26 10.51
N HIS G 224 16.70 -19.93 10.29
CA HIS G 224 15.76 -19.45 9.28
C HIS G 224 15.29 -18.02 9.58
N LEU G 225 15.01 -17.72 10.87
CA LEU G 225 14.61 -16.37 11.20
C LEU G 225 15.68 -15.34 10.84
N THR G 226 16.96 -15.71 10.95
CA THR G 226 18.02 -14.78 10.60
C THR G 226 18.07 -14.52 9.11
N TYR G 227 17.62 -15.48 8.29
CA TYR G 227 17.61 -15.30 6.83
C TYR G 227 16.44 -14.45 6.34
N ARG G 228 15.47 -14.15 7.20
CA ARG G 228 14.22 -13.52 6.77
C ARG G 228 14.27 -11.99 6.93
N GLY G 229 13.21 -11.36 6.45
CA GLY G 229 13.01 -9.92 6.63
C GLY G 229 11.92 -9.69 7.67
N GLU G 230 12.16 -8.76 8.60
CA GLU G 230 11.21 -8.59 9.68
C GLU G 230 9.86 -8.19 9.13
N ILE G 231 9.82 -7.17 8.28
CA ILE G 231 8.53 -6.67 7.82
C ILE G 231 7.82 -7.72 6.95
N GLU G 232 8.57 -8.41 6.08
CA GLU G 232 8.01 -9.49 5.27
C GLU G 232 7.40 -10.61 6.11
N LEU G 233 8.12 -11.10 7.11
CA LEU G 233 7.52 -12.12 7.97
C LEU G 233 6.19 -11.66 8.59
N ASP G 234 6.12 -10.43 9.07
CA ASP G 234 4.89 -9.93 9.68
C ASP G 234 3.72 -9.87 8.69
N THR G 235 3.98 -9.60 7.40
CA THR G 235 2.89 -9.48 6.42
C THR G 235 2.22 -10.82 6.11
N ARG G 236 3.08 -11.85 5.94
CA ARG G 236 2.69 -13.24 5.57
C ARG G 236 1.93 -13.87 6.73
N PHE G 237 2.51 -13.84 7.92
CA PHE G 237 1.98 -14.56 9.08
C PHE G 237 1.38 -13.66 10.13
N ALA G 238 2.01 -12.53 10.37
CA ALA G 238 1.60 -11.69 11.50
C ALA G 238 1.51 -12.56 12.75
N ASN G 239 0.58 -12.22 13.63
CA ASN G 239 0.24 -13.02 14.81
C ASN G 239 -0.96 -13.89 14.53
N HIS G 240 -1.20 -14.18 13.26
CA HIS G 240 -2.34 -14.95 12.83
C HIS G 240 -2.20 -16.38 13.31
N ASN G 241 -3.34 -17.00 13.51
CA ASN G 241 -3.36 -18.39 13.90
C ASN G 241 -3.17 -19.24 12.66
N GLN G 242 -2.83 -20.51 12.89
CA GLN G 242 -2.84 -21.50 11.82
C GLN G 242 -4.31 -21.87 11.63
N GLY G 243 -4.87 -21.54 10.47
CA GLY G 243 -6.30 -21.70 10.27
C GLY G 243 -7.10 -21.05 11.39
N ASN G 244 -7.91 -21.85 12.11
CA ASN G 244 -8.76 -21.38 13.21
C ASN G 244 -8.37 -21.98 14.56
N GLU G 245 -7.06 -22.16 14.81
CA GLU G 245 -6.63 -22.80 16.07
C GLU G 245 -6.16 -21.80 17.12
N ASP G 246 -6.33 -22.15 18.41
CA ASP G 246 -5.99 -21.27 19.55
C ASP G 246 -4.61 -21.60 20.09
N PRO G 247 -3.61 -20.75 19.81
CA PRO G 247 -2.25 -21.00 20.27
C PRO G 247 -2.15 -20.96 21.80
N THR G 248 -3.28 -20.82 22.47
CA THR G 248 -3.21 -20.65 23.94
C THR G 248 -3.71 -21.93 24.57
N ALA G 249 -4.04 -22.92 23.76
CA ALA G 249 -4.61 -24.17 24.27
C ALA G 249 -4.07 -25.34 23.45
N GLY G 250 -2.82 -25.27 23.03
CA GLY G 250 -2.26 -26.44 22.32
C GLY G 250 -2.12 -26.19 20.83
N GLY G 251 -2.70 -25.09 20.35
CA GLY G 251 -2.63 -24.75 18.94
C GLY G 251 -1.36 -23.99 18.61
N ARG G 252 -1.21 -23.69 17.32
CA ARG G 252 0.02 -23.09 16.82
C ARG G 252 -0.27 -21.74 16.16
N TYR G 253 0.72 -20.85 16.20
CA TYR G 253 0.69 -19.65 15.41
C TYR G 253 1.13 -19.95 13.99
N ALA G 254 0.72 -19.10 13.05
CA ALA G 254 1.02 -19.36 11.64
C ALA G 254 2.52 -19.41 11.40
N VAL G 255 3.25 -18.40 11.90
CA VAL G 255 4.70 -18.41 11.78
C VAL G 255 5.29 -19.58 12.56
N GLN G 256 4.67 -19.93 13.68
CA GLN G 256 5.15 -21.06 14.47
C GLN G 256 5.05 -22.36 13.69
N SER G 257 3.85 -22.67 13.15
CA SER G 257 3.73 -23.90 12.36
C SER G 257 4.67 -23.88 11.17
N TYR G 258 4.77 -22.74 10.47
CA TYR G 258 5.70 -22.64 9.36
C TYR G 258 7.12 -22.97 9.79
N LEU G 259 7.56 -22.38 10.91
CA LEU G 259 8.91 -22.63 11.39
C LEU G 259 9.11 -24.11 11.66
N GLU G 260 8.10 -24.78 12.24
CA GLU G 260 8.18 -26.21 12.50
C GLU G 260 8.45 -27.01 11.23
N HIS G 261 7.77 -26.68 10.12
CA HIS G 261 8.00 -27.40 8.87
C HIS G 261 9.43 -27.17 8.35
N GLN G 262 9.94 -25.94 8.47
CA GLN G 262 11.32 -25.71 8.03
C GLN G 262 12.28 -26.69 8.69
N GLY G 263 12.09 -26.97 9.97
CA GLY G 263 12.98 -27.89 10.65
C GLY G 263 12.80 -29.32 10.20
N ASP G 264 11.55 -29.74 10.03
CA ASP G 264 11.29 -31.06 9.48
C ASP G 264 11.86 -31.19 8.06
N LYS G 265 11.68 -30.16 7.23
CA LYS G 265 12.20 -30.22 5.87
C LYS G 265 13.72 -30.35 5.86
N LEU G 266 14.42 -29.67 6.78
CA LEU G 266 15.88 -29.79 6.80
C LEU G 266 16.31 -31.15 7.32
N LEU G 267 15.62 -31.62 8.37
CA LEU G 267 15.95 -32.90 9.01
C LEU G 267 15.88 -34.04 8.00
N SER G 268 14.93 -33.98 7.08
CA SER G 268 14.76 -35.06 6.12
C SER G 268 15.84 -35.08 5.02
N ARG G 269 16.83 -34.18 5.05
CA ARG G 269 17.82 -34.18 3.98
C ARG G 269 19.23 -33.83 4.42
N PHE G 270 19.48 -33.65 5.71
CA PHE G 270 20.70 -33.01 6.19
C PHE G 270 21.15 -33.65 7.49
N ASP G 271 22.45 -33.60 7.71
CA ASP G 271 23.11 -34.29 8.81
C ASP G 271 23.59 -33.32 9.88
N ALA G 272 23.21 -33.58 11.14
CA ALA G 272 23.64 -32.70 12.23
C ALA G 272 25.15 -32.50 12.26
N GLY G 273 25.91 -33.57 12.04
CA GLY G 273 27.37 -33.47 12.13
C GLY G 273 27.96 -32.48 11.16
N SER G 274 27.39 -32.39 9.95
CA SER G 274 27.81 -31.40 8.97
C SER G 274 27.37 -29.99 9.36
N TYR G 275 26.13 -29.86 9.88
CA TYR G 275 25.70 -28.58 10.42
C TYR G 275 26.74 -28.02 11.40
N VAL G 276 27.29 -28.88 12.27
CA VAL G 276 28.30 -28.41 13.23
C VAL G 276 29.59 -28.04 12.51
N ILE G 277 30.19 -28.99 11.78
CA ILE G 277 31.46 -28.70 11.11
C ILE G 277 31.33 -27.55 10.14
N LEU G 278 30.25 -27.50 9.39
CA LEU G 278 30.13 -26.44 8.40
C LEU G 278 29.85 -25.10 9.08
N THR G 279 29.08 -25.09 10.18
CA THR G 279 28.93 -23.86 10.95
C THR G 279 30.25 -23.43 11.56
N GLU G 280 31.04 -24.37 12.10
CA GLU G 280 32.36 -24.02 12.65
C GLU G 280 33.23 -23.30 11.63
N ALA G 281 33.19 -23.74 10.37
CA ALA G 281 34.01 -23.07 9.37
C ALA G 281 33.56 -21.64 9.15
N LEU G 282 32.26 -21.37 9.26
CA LEU G 282 31.75 -20.01 9.19
C LEU G 282 32.28 -19.16 10.33
N ASN G 283 32.34 -19.70 11.55
CA ASN G 283 32.89 -18.96 12.67
C ASN G 283 34.35 -18.57 12.43
N SER G 284 35.13 -19.48 11.85
CA SER G 284 36.53 -19.23 11.56
C SER G 284 36.74 -18.30 10.37
N HIS G 285 35.69 -17.86 9.70
CA HIS G 285 35.85 -17.03 8.50
C HIS G 285 36.52 -15.70 8.80
N ASP G 286 37.57 -15.39 8.04
CA ASP G 286 38.33 -14.16 8.21
C ASP G 286 39.30 -13.97 7.06
N VAL G 287 38.94 -13.18 6.05
CA VAL G 287 39.82 -13.11 4.90
C VAL G 287 41.17 -12.50 5.24
N GLY G 288 41.32 -11.91 6.43
CA GLY G 288 42.55 -11.24 6.80
C GLY G 288 43.56 -12.06 7.58
N ARG G 289 43.14 -13.17 8.17
CA ARG G 289 44.05 -14.00 8.95
C ARG G 289 45.31 -14.31 8.14
N GLY G 290 46.47 -14.10 8.76
CA GLY G 290 47.74 -14.38 8.13
C GLY G 290 48.03 -13.51 6.92
N ARG G 291 47.24 -12.46 6.72
CA ARG G 291 47.42 -11.56 5.58
C ARG G 291 47.45 -10.09 6.03
N GLY G 292 47.64 -9.85 7.32
CA GLY G 292 47.76 -8.51 7.84
C GLY G 292 46.46 -7.79 8.13
N GLY G 293 45.35 -8.51 8.25
CA GLY G 293 44.05 -7.92 8.53
C GLY G 293 43.16 -7.84 7.29
N VAL G 294 41.89 -7.53 7.55
CA VAL G 294 40.91 -7.49 6.47
C VAL G 294 41.33 -6.51 5.38
N SER G 295 41.62 -5.25 5.78
CA SER G 295 41.90 -4.20 4.79
C SER G 295 43.11 -4.56 3.93
N ALA G 296 44.19 -4.98 4.56
CA ALA G 296 45.38 -5.36 3.80
C ALA G 296 45.05 -6.41 2.76
N ALA G 297 44.35 -7.47 3.17
CA ALA G 297 44.10 -8.60 2.28
C ALA G 297 43.22 -8.19 1.12
N LEU G 298 42.12 -7.50 1.42
CA LEU G 298 41.20 -7.08 0.35
C LEU G 298 41.88 -6.13 -0.61
N ARG G 299 42.68 -5.20 -0.06
CA ARG G 299 43.34 -4.18 -0.88
C ARG G 299 44.32 -4.80 -1.85
N ALA G 300 44.89 -5.95 -1.50
CA ALA G 300 45.89 -6.63 -2.33
C ALA G 300 45.29 -7.49 -3.43
N CYS G 301 43.97 -7.67 -3.47
CA CYS G 301 43.36 -8.57 -4.44
C CYS G 301 42.99 -7.84 -5.72
N PRO G 302 43.61 -8.17 -6.85
CA PRO G 302 43.29 -7.47 -8.11
C PRO G 302 42.15 -8.08 -8.89
N VAL G 303 41.55 -9.17 -8.41
CA VAL G 303 40.52 -9.86 -9.20
C VAL G 303 39.35 -8.91 -9.41
N PRO G 304 38.84 -8.77 -10.63
CA PRO G 304 37.57 -8.05 -10.79
C PRO G 304 36.47 -8.76 -10.02
N VAL G 305 35.69 -8.00 -9.25
CA VAL G 305 34.57 -8.59 -8.54
C VAL G 305 33.40 -7.62 -8.58
N VAL G 306 32.19 -8.19 -8.59
CA VAL G 306 30.94 -7.47 -8.37
C VAL G 306 30.47 -7.85 -6.97
N VAL G 307 30.00 -6.88 -6.20
CA VAL G 307 29.54 -7.17 -4.85
C VAL G 307 28.10 -6.69 -4.68
N GLY G 308 27.23 -7.59 -4.25
CA GLY G 308 25.83 -7.26 -4.04
C GLY G 308 25.38 -7.60 -2.63
N GLY G 309 24.57 -6.72 -2.07
CA GLY G 309 24.04 -6.94 -0.73
C GLY G 309 22.58 -6.56 -0.68
N ILE G 310 21.86 -7.20 0.23
CA ILE G 310 20.42 -7.02 0.32
C ILE G 310 20.09 -5.94 1.34
N THR G 311 19.15 -5.08 0.97
CA THR G 311 18.77 -3.97 1.84
C THR G 311 18.30 -4.46 3.20
N SER G 312 17.46 -5.51 3.22
CA SER G 312 16.81 -6.02 4.43
C SER G 312 17.50 -7.19 5.11
N ASP G 313 18.74 -7.49 4.75
CA ASP G 313 19.44 -8.67 5.28
C ASP G 313 19.72 -8.52 6.78
N ARG G 314 19.27 -9.48 7.58
CA ARG G 314 19.52 -9.35 9.02
C ARG G 314 20.75 -10.11 9.49
N LEU G 315 21.24 -11.06 8.69
CA LEU G 315 22.38 -11.87 9.09
C LEU G 315 23.72 -11.31 8.58
N TYR G 316 23.76 -10.82 7.34
CA TYR G 316 24.94 -10.16 6.77
C TYR G 316 24.50 -8.77 6.32
N PRO G 317 24.29 -7.86 7.27
CA PRO G 317 23.66 -6.58 6.93
C PRO G 317 24.43 -5.83 5.86
N LEU G 318 23.73 -4.90 5.19
CA LEU G 318 24.30 -4.22 4.03
C LEU G 318 25.69 -3.65 4.30
N ARG G 319 25.98 -3.25 5.53
CA ARG G 319 27.28 -2.63 5.79
C ARG G 319 28.44 -3.55 5.42
N LEU G 320 28.31 -4.86 5.64
CA LEU G 320 29.44 -5.77 5.41
C LEU G 320 29.86 -5.79 3.96
N GLN G 321 28.89 -5.61 3.03
CA GLN G 321 29.15 -5.60 1.60
C GLN G 321 29.76 -4.28 1.15
N GLN G 322 29.31 -3.16 1.74
CA GLN G 322 29.95 -1.87 1.49
C GLN G 322 31.44 -1.93 1.77
N GLU G 323 31.81 -2.55 2.89
CA GLU G 323 33.21 -2.67 3.24
C GLU G 323 33.98 -3.45 2.18
N LEU G 324 33.37 -4.54 1.68
CA LEU G 324 34.02 -5.32 0.62
C LEU G 324 34.20 -4.49 -0.64
N ALA G 325 33.15 -3.78 -1.05
CA ALA G 325 33.20 -2.99 -2.28
C ALA G 325 34.23 -1.87 -2.21
N ASP G 326 34.30 -1.19 -1.07
CA ASP G 326 35.23 -0.07 -0.96
C ASP G 326 36.66 -0.57 -1.05
N LEU G 327 36.95 -1.69 -0.41
CA LEU G 327 38.32 -2.16 -0.20
C LEU G 327 38.80 -3.09 -1.32
N LEU G 328 37.89 -3.69 -2.09
CA LEU G 328 38.31 -4.53 -3.20
C LEU G 328 38.58 -3.61 -4.37
N PRO G 329 39.84 -3.50 -4.80
CA PRO G 329 40.16 -2.60 -5.93
C PRO G 329 39.52 -3.03 -7.22
N GLY G 330 39.20 -4.31 -7.36
CA GLY G 330 38.53 -4.79 -8.55
C GLY G 330 37.06 -4.51 -8.65
N CYS G 331 36.47 -3.86 -7.65
CA CYS G 331 35.03 -3.65 -7.58
C CYS G 331 34.72 -2.19 -7.86
N ALA G 332 33.88 -1.94 -8.86
CA ALA G 332 33.51 -0.57 -9.21
C ALA G 332 32.71 0.09 -8.09
N GLY G 333 31.90 -0.69 -7.37
CA GLY G 333 31.07 -0.20 -6.30
C GLY G 333 30.00 -1.19 -5.85
N LEU G 334 29.48 -0.98 -4.65
CA LEU G 334 28.45 -1.87 -4.13
C LEU G 334 27.20 -1.78 -4.99
N ARG G 335 26.65 -2.94 -5.32
CA ARG G 335 25.35 -2.97 -6.01
C ARG G 335 24.34 -3.43 -4.97
N VAL G 336 23.39 -2.59 -4.63
CA VAL G 336 22.36 -2.94 -3.62
C VAL G 336 21.21 -3.65 -4.32
N VAL G 337 21.02 -4.92 -3.99
CA VAL G 337 19.87 -5.65 -4.50
C VAL G 337 18.69 -5.25 -3.63
N GLU G 338 17.69 -4.66 -4.24
CA GLU G 338 16.55 -4.18 -3.49
C GLU G 338 15.61 -5.35 -3.27
N SER G 339 15.32 -5.69 -2.01
CA SER G 339 14.49 -6.85 -1.71
C SER G 339 13.90 -6.78 -0.30
N VAL G 340 12.67 -7.31 -0.17
CA VAL G 340 12.03 -7.37 1.14
C VAL G 340 12.26 -8.70 1.86
N TYR G 341 13.01 -9.62 1.25
CA TYR G 341 13.09 -11.01 1.71
C TYR G 341 14.35 -11.34 2.51
N GLY G 342 15.13 -10.34 2.91
CA GLY G 342 16.29 -10.54 3.76
C GLY G 342 17.40 -11.37 3.12
N HIS G 343 18.10 -12.12 3.97
CA HIS G 343 19.24 -12.88 3.48
C HIS G 343 18.85 -13.76 2.30
N ASP G 344 17.69 -14.41 2.38
CA ASP G 344 17.18 -15.27 1.31
C ASP G 344 16.83 -14.48 0.06
N GLY G 345 16.96 -13.15 0.10
CA GLY G 345 16.60 -12.36 -1.06
C GLY G 345 17.43 -12.67 -2.28
N PHE G 346 18.70 -13.03 -2.11
CA PHE G 346 19.48 -13.18 -3.33
C PHE G 346 19.00 -14.37 -4.14
N LEU G 347 18.27 -15.29 -3.54
CA LEU G 347 17.74 -16.41 -4.30
C LEU G 347 16.37 -16.13 -4.92
N VAL G 348 15.70 -15.06 -4.53
CA VAL G 348 14.32 -14.84 -4.93
C VAL G 348 14.20 -13.78 -6.02
N GLU G 349 15.02 -12.73 -5.96
CA GLU G 349 14.94 -11.60 -6.89
C GLU G 349 15.74 -11.95 -8.15
N THR G 350 15.15 -12.84 -8.95
CA THR G 350 15.96 -13.48 -9.98
C THR G 350 16.46 -12.47 -11.02
N GLU G 351 15.62 -11.50 -11.38
CA GLU G 351 16.02 -10.46 -12.33
C GLU G 351 17.12 -9.56 -11.79
N ALA G 352 16.96 -9.03 -10.58
CA ALA G 352 17.96 -8.13 -10.04
C ALA G 352 19.31 -8.82 -9.88
N VAL G 353 19.29 -10.05 -9.36
CA VAL G 353 20.54 -10.78 -9.23
C VAL G 353 21.05 -11.23 -10.59
N GLY G 354 20.16 -11.55 -11.51
CA GLY G 354 20.59 -11.89 -12.86
C GLY G 354 21.43 -10.80 -13.49
N GLU G 355 21.03 -9.54 -13.30
CA GLU G 355 21.83 -8.42 -13.80
C GLU G 355 23.26 -8.50 -13.28
N LEU G 356 23.43 -8.86 -11.99
CA LEU G 356 24.78 -8.93 -11.42
C LEU G 356 25.56 -10.12 -11.94
N ILE G 357 24.90 -11.26 -12.14
CA ILE G 357 25.59 -12.42 -12.69
C ILE G 357 26.07 -12.12 -14.10
N ARG G 358 25.20 -11.55 -14.94
CA ARG G 358 25.59 -11.21 -16.30
C ARG G 358 26.78 -10.25 -16.30
N GLN G 359 26.71 -9.21 -15.46
CA GLN G 359 27.81 -8.26 -15.35
C GLN G 359 29.10 -8.96 -14.94
N THR G 360 29.00 -9.92 -14.00
CA THR G 360 30.18 -10.66 -13.56
C THR G 360 30.78 -11.46 -14.72
N LEU G 361 29.93 -12.20 -15.45
CA LEU G 361 30.39 -12.97 -16.61
C LEU G 361 30.90 -12.04 -17.71
N GLY G 362 30.34 -10.84 -17.81
CA GLY G 362 30.93 -9.81 -18.67
C GLY G 362 32.38 -9.51 -18.34
N LEU G 363 32.72 -9.41 -17.05
CA LEU G 363 34.12 -9.17 -16.70
C LEU G 363 34.99 -10.36 -17.04
N ALA G 364 34.45 -11.57 -16.89
CA ALA G 364 35.21 -12.80 -17.16
C ALA G 364 35.62 -12.91 -18.63
N ASP G 365 34.86 -12.31 -19.55
CA ASP G 365 35.18 -12.21 -20.99
C ASP G 365 34.50 -13.33 -21.77
N THR H 1 -9.33 -2.61 54.45
CA THR H 1 -8.59 -2.97 53.25
C THR H 1 -7.44 -3.96 53.57
N GLN H 2 -6.20 -3.52 53.31
CA GLN H 2 -4.97 -4.25 53.62
C GLN H 2 -3.83 -3.23 53.49
N THR H 3 -2.64 -3.61 53.92
CA THR H 3 -1.61 -2.60 54.11
C THR H 3 -0.45 -2.81 53.15
N LEU H 4 0.09 -1.68 52.68
CA LEU H 4 1.33 -1.65 51.89
C LEU H 4 2.53 -2.07 52.73
N PRO H 5 3.49 -2.78 52.14
CA PRO H 5 4.77 -3.02 52.81
C PRO H 5 5.50 -1.72 53.06
N ALA H 6 6.59 -1.81 53.81
CA ALA H 6 7.48 -0.68 53.99
C ALA H 6 8.27 -0.41 52.72
N GLU H 7 8.71 0.83 52.57
CA GLU H 7 9.51 1.17 51.41
C GLU H 7 10.67 0.21 51.29
N GLY H 8 10.81 -0.39 50.10
CA GLY H 8 11.85 -1.36 49.81
C GLY H 8 11.46 -2.80 50.08
N GLU H 9 10.68 -3.05 51.11
CA GLU H 9 10.36 -4.42 51.46
C GLU H 9 9.44 -5.04 50.43
N ILE H 10 9.64 -6.32 50.16
CA ILE H 10 8.69 -7.06 49.34
C ILE H 10 7.48 -7.32 50.21
N GLY H 11 6.28 -7.15 49.67
CA GLY H 11 5.08 -7.55 50.37
C GLY H 11 4.22 -8.41 49.48
N LEU H 12 3.48 -9.31 50.13
CA LEU H 12 2.70 -10.32 49.44
C LEU H 12 1.25 -9.96 49.65
N ILE H 13 0.52 -9.82 48.55
CA ILE H 13 -0.83 -9.26 48.58
C ILE H 13 -1.80 -10.36 48.14
N ASP H 14 -2.69 -10.76 49.04
CA ASP H 14 -3.65 -11.80 48.74
C ASP H 14 -4.78 -11.18 47.93
N VAL H 15 -4.89 -11.61 46.67
CA VAL H 15 -5.87 -11.04 45.75
C VAL H 15 -7.03 -11.99 45.50
N GLY H 16 -6.98 -13.19 46.00
CA GLY H 16 -8.08 -14.12 45.90
C GLY H 16 -8.12 -14.86 44.58
N SER H 17 -9.31 -15.32 44.23
CA SER H 17 -9.49 -16.12 43.03
C SER H 17 -9.73 -15.20 41.84
N LEU H 18 -9.09 -15.54 40.72
CA LEU H 18 -9.08 -14.69 39.54
C LEU H 18 -9.71 -15.43 38.37
N GLN H 19 -10.60 -14.74 37.67
CA GLN H 19 -11.22 -15.28 36.46
C GLN H 19 -10.38 -14.82 35.29
N LEU H 20 -9.63 -15.75 34.71
CA LEU H 20 -8.70 -15.44 33.64
C LEU H 20 -9.42 -15.15 32.33
N GLU H 21 -8.68 -14.58 31.39
CA GLU H 21 -9.29 -14.33 30.10
C GLU H 21 -9.75 -15.62 29.44
N SER H 22 -9.00 -16.71 29.65
CA SER H 22 -9.32 -17.99 29.02
C SER H 22 -10.59 -18.63 29.56
N GLY H 23 -11.16 -18.09 30.63
CA GLY H 23 -12.19 -18.76 31.37
C GLY H 23 -11.62 -19.54 32.54
N ALA H 24 -10.39 -20.04 32.40
CA ALA H 24 -9.71 -20.75 33.48
C ALA H 24 -9.67 -19.91 34.74
N VAL H 25 -9.53 -20.56 35.91
CA VAL H 25 -9.46 -19.86 37.19
C VAL H 25 -8.23 -20.34 37.95
N ILE H 26 -7.43 -19.39 38.42
CA ILE H 26 -6.33 -19.68 39.33
C ILE H 26 -6.77 -19.27 40.73
N ASP H 27 -6.56 -20.14 41.70
CA ASP H 27 -7.04 -19.93 43.05
C ASP H 27 -5.94 -19.43 43.97
N ASP H 28 -6.32 -18.59 44.93
CA ASP H 28 -5.42 -18.14 45.97
C ASP H 28 -4.26 -17.40 45.33
N VAL H 29 -4.59 -16.42 44.48
CA VAL H 29 -3.55 -15.71 43.76
C VAL H 29 -2.80 -14.76 44.67
N CYS H 30 -1.50 -14.63 44.46
CA CYS H 30 -0.66 -13.76 45.31
C CYS H 30 0.26 -12.95 44.43
N ILE H 31 0.30 -11.65 44.65
CA ILE H 31 1.13 -10.72 43.89
C ILE H 31 2.14 -10.04 44.82
N ALA H 32 3.42 -10.20 44.53
CA ALA H 32 4.44 -9.49 45.27
C ALA H 32 4.46 -8.02 44.86
N VAL H 33 4.84 -7.15 45.80
CA VAL H 33 4.79 -5.70 45.62
C VAL H 33 5.98 -5.03 46.30
N GLN H 34 6.38 -3.87 45.77
CA GLN H 34 7.39 -3.02 46.37
C GLN H 34 7.03 -1.58 46.05
N ARG H 35 7.48 -0.64 46.90
CA ARG H 35 7.12 0.78 46.74
C ARG H 35 8.26 1.67 47.23
N TRP H 36 8.34 2.89 46.66
CA TRP H 36 9.33 3.90 47.00
C TRP H 36 8.65 5.25 47.07
N GLY H 37 8.92 5.95 48.16
CA GLY H 37 8.23 7.19 48.49
C GLY H 37 6.88 6.89 49.09
N LYS H 38 6.34 7.86 49.84
CA LYS H 38 5.15 7.43 50.56
C LYS H 38 3.90 7.72 49.76
N LEU H 39 2.88 6.91 50.05
CA LEU H 39 1.61 7.01 49.37
C LEU H 39 0.82 8.17 49.95
N SER H 40 0.47 9.13 49.10
CA SER H 40 -0.21 10.32 49.59
C SER H 40 -1.54 9.94 50.24
N PRO H 41 -2.09 10.84 51.06
CA PRO H 41 -3.27 10.49 51.85
C PRO H 41 -4.44 10.08 50.98
N ALA H 42 -4.57 10.68 49.79
CA ALA H 42 -5.63 10.38 48.85
C ALA H 42 -5.46 9.06 48.08
N ARG H 43 -4.31 8.39 48.18
CA ARG H 43 -4.10 7.16 47.43
C ARG H 43 -4.17 7.43 45.93
N ASP H 44 -3.68 8.61 45.53
CA ASP H 44 -3.83 9.13 44.17
C ASP H 44 -2.51 9.52 43.50
N ASN H 45 -1.35 9.16 44.06
CA ASN H 45 -0.08 9.58 43.47
C ASN H 45 0.81 8.40 43.08
N VAL H 46 0.20 7.23 42.83
CA VAL H 46 0.93 6.00 42.49
C VAL H 46 1.45 6.02 41.06
N VAL H 47 2.70 5.60 40.87
CA VAL H 47 3.29 5.42 39.55
C VAL H 47 3.67 3.94 39.38
N VAL H 48 2.86 3.19 38.64
CA VAL H 48 3.09 1.76 38.47
C VAL H 48 4.25 1.55 37.50
N VAL H 49 5.27 0.84 37.95
CA VAL H 49 6.42 0.49 37.12
C VAL H 49 6.28 -1.00 36.80
N LEU H 50 6.20 -1.32 35.50
CA LEU H 50 5.88 -2.68 35.08
C LEU H 50 7.11 -3.33 34.44
N HIS H 51 7.59 -4.42 35.05
CA HIS H 51 8.87 -5.01 34.65
C HIS H 51 8.70 -5.83 33.38
N ALA H 52 9.84 -6.19 32.78
CA ALA H 52 9.83 -6.89 31.51
C ALA H 52 9.85 -8.40 31.78
N LEU H 53 10.26 -9.19 30.78
CA LEU H 53 10.07 -10.64 30.84
C LEU H 53 10.71 -11.27 32.09
N THR H 54 12.01 -11.06 32.28
CA THR H 54 12.71 -11.69 33.41
C THR H 54 12.92 -10.76 34.60
N GLY H 55 12.27 -9.60 34.62
CA GLY H 55 12.43 -8.66 35.71
C GLY H 55 11.53 -8.97 36.89
N ASP H 56 11.79 -8.26 37.99
CA ASP H 56 10.96 -8.42 39.19
C ASP H 56 10.51 -7.08 39.75
N SER H 57 9.90 -7.08 40.93
CA SER H 57 9.39 -5.88 41.55
C SER H 57 10.50 -4.98 42.07
N HIS H 58 11.74 -5.46 42.01
CA HIS H 58 12.89 -4.75 42.55
C HIS H 58 13.45 -3.80 41.50
N ILE H 59 12.78 -2.66 41.34
CA ILE H 59 13.13 -1.73 40.27
C ILE H 59 14.39 -0.94 40.61
N THR H 60 14.62 -0.64 41.89
CA THR H 60 15.80 0.08 42.34
C THR H 60 16.30 -0.49 43.66
N GLY H 61 17.59 -0.28 43.93
CA GLY H 61 18.22 -0.84 45.11
C GLY H 61 19.38 -1.78 44.80
N PRO H 62 20.03 -2.28 45.84
CA PRO H 62 21.18 -3.17 45.62
C PRO H 62 20.77 -4.64 45.54
N ALA H 63 21.68 -5.43 44.98
CA ALA H 63 21.54 -6.88 45.05
C ALA H 63 21.76 -7.33 46.49
N GLY H 64 21.04 -8.34 46.94
CA GLY H 64 21.24 -8.81 48.30
C GLY H 64 20.47 -10.07 48.64
N PRO H 65 20.37 -10.36 49.93
CA PRO H 65 19.52 -11.48 50.36
C PRO H 65 18.06 -11.17 50.04
N GLY H 66 17.37 -12.16 49.48
CA GLY H 66 16.01 -11.95 49.06
C GLY H 66 15.87 -11.20 47.76
N HIS H 67 16.98 -10.73 47.18
CA HIS H 67 17.00 -10.02 45.90
C HIS H 67 18.20 -10.49 45.09
N PRO H 68 18.02 -11.52 44.27
CA PRO H 68 19.14 -12.07 43.50
C PRO H 68 19.77 -11.07 42.57
N THR H 69 19.03 -10.05 42.17
CA THR H 69 19.48 -9.11 41.18
C THR H 69 19.25 -7.70 41.67
N PRO H 70 20.16 -6.79 41.35
CA PRO H 70 19.93 -5.36 41.61
C PRO H 70 18.71 -4.88 40.86
N GLY H 71 18.26 -3.67 41.19
CA GLY H 71 17.12 -3.12 40.51
C GLY H 71 17.42 -2.95 39.03
N TRP H 72 16.44 -3.29 38.19
CA TRP H 72 16.70 -3.24 36.77
C TRP H 72 16.72 -1.82 36.21
N TRP H 73 16.00 -0.90 36.86
CA TRP H 73 16.09 0.54 36.56
C TRP H 73 16.71 1.26 37.74
N ASP H 74 17.86 0.79 38.18
CA ASP H 74 18.43 1.27 39.42
C ASP H 74 18.59 2.79 39.33
N GLY H 75 18.08 3.50 40.34
CA GLY H 75 18.18 4.94 40.42
C GLY H 75 16.96 5.69 39.90
N VAL H 76 16.00 4.98 39.30
CA VAL H 76 14.87 5.59 38.61
C VAL H 76 13.88 6.23 39.58
N ALA H 77 13.85 5.81 40.83
CA ALA H 77 12.90 6.34 41.80
C ALA H 77 13.64 6.88 43.01
N GLY H 78 13.27 8.10 43.43
CA GLY H 78 13.86 8.75 44.58
C GLY H 78 13.64 10.25 44.55
N PRO H 79 14.12 10.95 45.57
CA PRO H 79 14.14 12.41 45.51
C PRO H 79 14.99 12.89 44.34
N GLY H 80 14.34 13.60 43.41
CA GLY H 80 14.98 14.11 42.21
C GLY H 80 15.09 13.13 41.07
N ALA H 81 14.73 11.87 41.30
CA ALA H 81 14.82 10.87 40.26
C ALA H 81 13.73 11.10 39.23
N PRO H 82 13.82 10.45 38.07
CA PRO H 82 12.74 10.56 37.08
C PRO H 82 11.37 10.34 37.70
N ILE H 83 11.18 9.25 38.45
CA ILE H 83 10.01 9.10 39.31
C ILE H 83 10.39 9.75 40.64
N ASP H 84 10.01 11.02 40.79
CA ASP H 84 10.36 11.81 41.98
C ASP H 84 9.51 11.40 43.18
N THR H 85 10.10 10.68 44.13
CA THR H 85 9.35 10.15 45.26
C THR H 85 9.05 11.20 46.31
N THR H 86 9.57 12.43 46.16
CA THR H 86 9.08 13.50 47.02
C THR H 86 7.65 13.88 46.66
N ARG H 87 7.13 13.40 45.52
CA ARG H 87 5.75 13.62 45.10
C ARG H 87 5.04 12.33 44.70
N TRP H 88 5.78 11.31 44.25
CA TRP H 88 5.17 10.09 43.71
C TRP H 88 5.49 8.85 44.55
N CYS H 89 4.58 7.88 44.48
CA CYS H 89 4.75 6.57 45.10
C CYS H 89 4.96 5.55 43.97
N ALA H 90 6.21 5.15 43.77
CA ALA H 90 6.56 4.19 42.74
C ALA H 90 6.21 2.79 43.24
N VAL H 91 5.20 2.17 42.64
CA VAL H 91 4.77 0.82 42.99
C VAL H 91 5.13 -0.11 41.84
N ALA H 92 5.75 -1.25 42.15
CA ALA H 92 6.15 -2.22 41.14
C ALA H 92 5.78 -3.63 41.61
N THR H 93 4.96 -4.35 40.84
CA THR H 93 4.69 -5.75 41.17
C THR H 93 5.66 -6.69 40.45
N ASN H 94 5.66 -7.95 40.93
CA ASN H 94 6.18 -9.09 40.20
C ASN H 94 4.99 -9.69 39.46
N VAL H 95 5.13 -9.85 38.13
CA VAL H 95 3.93 -10.10 37.32
C VAL H 95 3.25 -11.41 37.69
N LEU H 96 1.93 -11.46 37.52
CA LEU H 96 1.26 -12.75 37.64
C LEU H 96 1.89 -13.74 36.66
N GLY H 97 2.24 -14.93 37.17
CA GLY H 97 3.01 -15.89 36.41
C GLY H 97 4.50 -15.87 36.66
N GLY H 98 5.00 -14.91 37.43
CA GLY H 98 6.41 -14.80 37.70
C GLY H 98 6.90 -15.80 38.73
N CYS H 99 8.16 -15.62 39.13
CA CYS H 99 8.83 -16.56 40.03
C CYS H 99 9.66 -15.83 41.08
N ARG H 100 9.26 -14.63 41.48
CA ARG H 100 10.01 -13.84 42.45
C ARG H 100 9.05 -13.17 43.41
N GLY H 101 8.09 -13.94 43.88
CA GLY H 101 7.16 -13.43 44.85
C GLY H 101 5.75 -13.79 44.43
N SER H 102 5.45 -13.68 43.14
CA SER H 102 4.07 -13.83 42.72
C SER H 102 3.76 -15.27 42.39
N THR H 103 2.46 -15.55 42.25
CA THR H 103 1.95 -16.88 41.94
C THR H 103 2.45 -17.29 40.56
N GLY H 104 3.25 -18.36 40.51
CA GLY H 104 3.75 -18.83 39.23
C GLY H 104 3.83 -20.33 39.18
N PRO H 105 4.32 -20.87 38.06
CA PRO H 105 4.45 -22.33 37.97
C PRO H 105 5.23 -22.93 39.14
N SER H 106 6.27 -22.24 39.64
CA SER H 106 7.04 -22.79 40.75
C SER H 106 6.34 -22.60 42.10
N SER H 107 5.36 -21.73 42.18
CA SER H 107 4.62 -21.57 43.43
C SER H 107 3.85 -22.85 43.75
N LEU H 108 3.50 -23.03 45.03
CA LEU H 108 2.77 -24.22 45.48
C LEU H 108 1.27 -24.00 45.39
N ALA H 109 0.57 -24.96 44.77
CA ALA H 109 -0.88 -24.87 44.59
C ALA H 109 -1.59 -25.35 45.86
N ARG H 110 -2.91 -25.51 45.78
CA ARG H 110 -3.63 -25.99 46.95
C ARG H 110 -3.36 -27.46 47.22
N ASP H 111 -2.73 -28.14 46.28
CA ASP H 111 -2.41 -29.57 46.44
C ASP H 111 -1.23 -29.70 47.38
N GLY H 112 -0.60 -28.59 47.74
CA GLY H 112 0.67 -28.67 48.49
C GLY H 112 1.75 -29.09 47.53
N LYS H 113 1.47 -29.15 46.23
CA LYS H 113 2.40 -29.61 45.16
C LYS H 113 2.56 -28.45 44.19
N PRO H 114 3.74 -28.21 43.58
CA PRO H 114 3.89 -27.00 42.78
C PRO H 114 2.92 -26.99 41.59
N TRP H 115 2.46 -25.78 41.23
CA TRP H 115 1.56 -25.60 40.09
C TRP H 115 2.04 -26.35 38.84
N GLY H 116 3.24 -26.01 38.36
CA GLY H 116 3.87 -26.76 37.26
C GLY H 116 3.01 -26.83 36.01
N SER H 117 2.89 -28.03 35.46
CA SER H 117 2.08 -28.23 34.27
C SER H 117 0.62 -27.85 34.48
N ARG H 118 0.19 -27.67 35.73
CA ARG H 118 -1.19 -27.31 35.97
C ARG H 118 -1.42 -25.80 35.91
N PHE H 119 -0.36 -25.00 35.82
CA PHE H 119 -0.53 -23.56 35.72
C PHE H 119 -1.18 -23.21 34.39
N PRO H 120 -2.26 -22.43 34.39
CA PRO H 120 -2.96 -22.09 33.13
C PRO H 120 -2.27 -20.98 32.35
N LEU H 121 -2.43 -21.06 31.02
CA LEU H 121 -1.89 -20.02 30.15
C LEU H 121 -2.57 -18.68 30.45
N ILE H 122 -1.76 -17.62 30.48
CA ILE H 122 -2.25 -16.31 30.83
C ILE H 122 -1.90 -15.31 29.73
N SER H 123 -2.64 -14.21 29.69
CA SER H 123 -2.42 -13.14 28.74
C SER H 123 -1.87 -11.91 29.45
N ILE H 124 -1.28 -11.01 28.68
CA ILE H 124 -0.90 -9.72 29.24
C ILE H 124 -2.10 -9.09 29.91
N ARG H 125 -3.29 -9.27 29.34
CA ARG H 125 -4.49 -8.74 29.95
C ARG H 125 -4.72 -9.37 31.31
N ASP H 126 -4.45 -10.67 31.45
CA ASP H 126 -4.54 -11.35 32.74
C ASP H 126 -3.58 -10.72 33.75
N GLN H 127 -2.33 -10.48 33.36
CA GLN H 127 -1.36 -9.88 34.27
C GLN H 127 -1.82 -8.52 34.76
N VAL H 128 -2.57 -7.78 33.94
CA VAL H 128 -3.02 -6.46 34.34
C VAL H 128 -4.18 -6.55 35.33
N GLN H 129 -5.10 -7.49 35.13
CA GLN H 129 -6.15 -7.71 36.13
C GLN H 129 -5.53 -8.00 37.50
N ALA H 130 -4.55 -8.91 37.52
CA ALA H 130 -3.88 -9.22 38.78
C ALA H 130 -3.25 -7.98 39.39
N ASP H 131 -2.59 -7.15 38.58
CA ASP H 131 -1.99 -5.94 39.12
C ASP H 131 -3.06 -4.95 39.61
N VAL H 132 -4.14 -4.77 38.85
CA VAL H 132 -5.20 -3.90 39.31
C VAL H 132 -5.80 -4.42 40.60
N ALA H 133 -5.94 -5.74 40.69
CA ALA H 133 -6.44 -6.35 41.92
C ALA H 133 -5.52 -6.06 43.10
N ALA H 134 -4.20 -6.16 42.89
CA ALA H 134 -3.28 -5.91 44.00
C ALA H 134 -3.39 -4.48 44.50
N LEU H 135 -3.39 -3.51 43.58
CA LEU H 135 -3.52 -2.11 44.00
C LEU H 135 -4.89 -1.84 44.60
N ALA H 136 -5.93 -2.49 44.09
CA ALA H 136 -7.26 -2.28 44.64
C ALA H 136 -7.32 -2.75 46.09
N ALA H 137 -6.79 -3.94 46.36
CA ALA H 137 -6.78 -4.47 47.71
C ALA H 137 -6.02 -3.60 48.70
N LEU H 138 -5.19 -2.68 48.22
CA LEU H 138 -4.52 -1.74 49.10
C LEU H 138 -5.20 -0.37 49.16
N GLY H 139 -6.42 -0.25 48.63
CA GLY H 139 -7.12 1.02 48.61
C GLY H 139 -6.74 1.95 47.50
N ILE H 140 -5.94 1.48 46.54
CA ILE H 140 -5.56 2.26 45.38
C ILE H 140 -6.55 1.91 44.26
N THR H 141 -7.36 2.87 43.87
CA THR H 141 -8.29 2.59 42.81
C THR H 141 -8.03 3.38 41.54
N GLU H 142 -7.08 4.30 41.69
CA GLU H 142 -6.65 5.16 40.58
C GLU H 142 -5.15 5.36 40.68
N VAL H 143 -4.46 5.29 39.57
CA VAL H 143 -3.02 5.46 39.47
C VAL H 143 -2.72 6.71 38.65
N ALA H 144 -1.59 7.34 38.97
CA ALA H 144 -1.19 8.54 38.23
C ALA H 144 -0.64 8.20 36.84
N ALA H 145 0.14 7.13 36.75
CA ALA H 145 0.85 6.75 35.53
C ALA H 145 1.19 5.25 35.58
N VAL H 146 1.33 4.66 34.39
CA VAL H 146 1.95 3.35 34.21
C VAL H 146 3.17 3.56 33.30
N VAL H 147 4.29 2.92 33.63
CA VAL H 147 5.52 3.05 32.85
C VAL H 147 6.16 1.68 32.68
N GLY H 148 6.56 1.36 31.46
CA GLY H 148 7.16 0.07 31.20
C GLY H 148 7.83 0.01 29.84
N GLY H 149 8.79 -0.89 29.73
CA GLY H 149 9.39 -1.18 28.45
C GLY H 149 9.29 -2.64 28.14
N SER H 150 9.41 -3.00 26.85
CA SER H 150 9.32 -4.39 26.40
C SER H 150 8.01 -4.96 26.96
N MET H 151 8.02 -6.14 27.59
CA MET H 151 6.79 -6.71 28.15
C MET H 151 6.12 -5.71 29.09
N GLY H 152 6.89 -4.90 29.81
CA GLY H 152 6.30 -3.89 30.66
C GLY H 152 5.48 -2.88 29.87
N GLY H 153 5.95 -2.51 28.68
CA GLY H 153 5.19 -1.64 27.80
C GLY H 153 3.91 -2.28 27.28
N ALA H 154 3.94 -3.59 27.00
CA ALA H 154 2.69 -4.27 26.67
C ALA H 154 1.72 -4.23 27.85
N ARG H 155 2.23 -4.45 29.08
CA ARG H 155 1.40 -4.32 30.28
C ARG H 155 0.87 -2.89 30.41
N ALA H 156 1.76 -1.90 30.28
CA ALA H 156 1.32 -0.52 30.28
C ALA H 156 0.30 -0.28 29.19
N LEU H 157 0.59 -0.71 27.97
CA LEU H 157 -0.36 -0.50 26.89
C LEU H 157 -1.69 -1.13 27.22
N GLU H 158 -1.67 -2.39 27.63
CA GLU H 158 -2.92 -3.06 27.94
C GLU H 158 -3.63 -2.45 29.14
N TRP H 159 -2.89 -1.71 29.99
CA TRP H 159 -3.48 -1.01 31.13
C TRP H 159 -4.33 0.16 30.66
N VAL H 160 -3.71 1.12 29.95
CA VAL H 160 -4.42 2.33 29.54
C VAL H 160 -5.56 1.99 28.59
N VAL H 161 -5.43 0.92 27.82
CA VAL H 161 -6.52 0.57 26.92
C VAL H 161 -7.66 -0.08 27.69
N GLY H 162 -7.34 -0.92 28.67
CA GLY H 162 -8.41 -1.59 29.42
C GLY H 162 -8.94 -0.86 30.64
N TYR H 163 -8.19 0.07 31.19
CA TYR H 163 -8.58 0.79 32.40
C TYR H 163 -8.35 2.29 32.22
N PRO H 164 -8.92 2.89 31.17
CA PRO H 164 -8.59 4.29 30.82
C PRO H 164 -9.04 5.33 31.84
N ASP H 165 -10.11 5.05 32.59
CA ASP H 165 -10.61 6.00 33.57
C ASP H 165 -9.81 5.99 34.86
N ARG H 166 -8.93 5.02 35.03
CA ARG H 166 -8.24 4.83 36.30
C ARG H 166 -6.74 4.96 36.11
N VAL H 167 -6.33 5.67 35.07
CA VAL H 167 -4.94 6.00 34.82
C VAL H 167 -4.92 7.30 34.03
N ARG H 168 -4.03 8.20 34.40
CA ARG H 168 -4.05 9.55 33.84
C ARG H 168 -3.05 9.72 32.71
N ALA H 169 -1.95 8.96 32.72
CA ALA H 169 -0.95 9.01 31.66
C ALA H 169 -0.19 7.69 31.66
N GLY H 170 0.43 7.40 30.53
CA GLY H 170 1.20 6.17 30.36
C GLY H 170 2.44 6.41 29.52
N LEU H 171 3.48 5.63 29.79
CA LEU H 171 4.71 5.60 28.99
C LEU H 171 4.87 4.21 28.36
N LEU H 172 4.81 4.13 27.04
CA LEU H 172 4.98 2.87 26.32
C LEU H 172 6.33 2.91 25.63
N LEU H 173 7.25 2.06 26.08
CA LEU H 173 8.64 2.11 25.65
C LEU H 173 9.01 0.77 25.03
N ALA H 174 9.57 0.80 23.83
CA ALA H 174 10.08 -0.39 23.14
C ALA H 174 9.07 -1.54 23.19
N VAL H 175 7.94 -1.31 22.54
CA VAL H 175 6.81 -2.24 22.56
C VAL H 175 6.01 -2.02 21.29
N GLY H 176 5.09 -2.95 20.99
CA GLY H 176 4.22 -2.81 19.85
C GLY H 176 2.78 -3.10 20.21
N ALA H 177 1.88 -2.77 19.27
CA ALA H 177 0.46 -2.97 19.48
C ALA H 177 0.10 -4.44 19.57
N ARG H 178 0.85 -5.30 18.89
CA ARG H 178 0.67 -6.74 18.98
C ARG H 178 2.02 -7.41 18.74
N ALA H 179 2.06 -8.71 18.98
CA ALA H 179 3.26 -9.49 18.68
C ALA H 179 3.49 -9.57 17.19
N THR H 180 4.74 -9.39 16.77
CA THR H 180 5.07 -9.52 15.36
C THR H 180 5.47 -10.97 15.06
N ALA H 181 5.36 -11.33 13.77
CA ALA H 181 5.72 -12.69 13.37
C ALA H 181 7.14 -13.05 13.82
N ASP H 182 8.09 -12.13 13.64
CA ASP H 182 9.44 -12.47 14.06
C ASP H 182 9.49 -12.74 15.56
N GLN H 183 8.81 -11.92 16.37
CA GLN H 183 8.76 -12.16 17.81
C GLN H 183 8.17 -13.54 18.11
N ILE H 184 6.97 -13.81 17.60
CA ILE H 184 6.37 -15.12 17.83
C ILE H 184 7.29 -16.22 17.32
N GLY H 185 7.94 -15.99 16.18
CA GLY H 185 8.82 -16.98 15.64
C GLY H 185 9.93 -17.34 16.60
N THR H 186 10.68 -16.34 17.07
CA THR H 186 11.78 -16.61 17.98
C THR H 186 11.29 -17.10 19.32
N GLN H 187 10.14 -16.60 19.77
CA GLN H 187 9.65 -16.86 21.11
C GLN H 187 9.06 -18.27 21.26
N THR H 188 8.25 -18.73 20.28
CA THR H 188 7.81 -20.12 20.34
C THR H 188 9.00 -21.08 20.21
N THR H 189 10.00 -20.70 19.42
CA THR H 189 11.17 -21.55 19.35
C THR H 189 11.98 -21.51 20.65
N GLN H 190 12.01 -20.38 21.34
CA GLN H 190 12.61 -20.32 22.67
C GLN H 190 11.94 -21.29 23.63
N ILE H 191 10.60 -21.32 23.64
CA ILE H 191 9.87 -22.31 24.43
C ILE H 191 10.26 -23.72 24.00
N ALA H 192 10.30 -23.96 22.68
CA ALA H 192 10.61 -25.29 22.17
C ALA H 192 11.96 -25.77 22.68
N ALA H 193 12.94 -24.87 22.80
CA ALA H 193 14.25 -25.30 23.27
C ALA H 193 14.20 -25.78 24.72
N ILE H 194 13.44 -25.09 25.57
CA ILE H 194 13.27 -25.55 26.96
C ILE H 194 12.55 -26.88 26.99
N LYS H 195 11.42 -26.98 26.28
CA LYS H 195 10.64 -28.22 26.28
C LYS H 195 11.43 -29.38 25.66
N ALA H 196 12.46 -29.09 24.84
CA ALA H 196 13.33 -30.13 24.27
C ALA H 196 14.35 -30.67 25.26
N ASP H 197 14.61 -29.95 26.35
CA ASP H 197 15.44 -30.50 27.41
C ASP H 197 14.77 -31.74 27.97
N PRO H 198 15.50 -32.86 28.13
CA PRO H 198 14.87 -34.06 28.69
C PRO H 198 14.34 -33.84 30.11
N ASP H 199 14.97 -32.94 30.86
CA ASP H 199 14.61 -32.63 32.24
C ASP H 199 13.41 -31.69 32.37
N TRP H 200 12.76 -31.29 31.28
CA TRP H 200 11.53 -30.51 31.39
C TRP H 200 10.46 -31.30 32.13
N GLN H 201 10.41 -32.61 31.93
CA GLN H 201 9.47 -33.49 32.62
C GLN H 201 8.06 -32.92 32.53
N SER H 202 7.63 -32.67 31.29
CA SER H 202 6.28 -32.16 31.05
C SER H 202 6.01 -30.90 31.84
N GLY H 203 7.06 -30.25 32.34
CA GLY H 203 6.91 -29.06 33.13
C GLY H 203 6.78 -29.26 34.62
N ASP H 204 6.89 -30.50 35.11
CA ASP H 204 6.76 -30.82 36.53
C ASP H 204 8.10 -31.24 37.14
N TYR H 205 9.16 -30.51 36.79
CA TYR H 205 10.51 -30.76 37.29
C TYR H 205 10.78 -30.17 38.66
N HIS H 206 9.88 -29.35 39.21
CA HIS H 206 10.25 -28.51 40.35
C HIS H 206 10.72 -29.35 41.54
N GLU H 207 9.89 -30.28 42.00
CA GLU H 207 10.25 -31.07 43.17
C GLU H 207 11.00 -32.35 42.83
N THR H 208 11.82 -32.35 41.79
CA THR H 208 12.70 -33.46 41.50
C THR H 208 14.09 -32.91 41.79
N GLY H 209 15.13 -33.56 41.29
CA GLY H 209 16.44 -33.04 41.58
C GLY H 209 17.07 -32.51 40.32
N ARG H 210 16.32 -32.52 39.23
CA ARG H 210 16.79 -32.00 37.97
C ARG H 210 15.83 -30.95 37.42
N ALA H 211 16.40 -30.01 36.69
CA ALA H 211 15.71 -28.88 36.05
C ALA H 211 16.22 -28.69 34.66
N PRO H 212 15.46 -28.08 33.75
CA PRO H 212 15.81 -27.99 32.33
C PRO H 212 16.82 -26.88 32.04
N ASP H 213 18.00 -26.99 32.63
CA ASP H 213 18.95 -25.90 32.52
C ASP H 213 19.49 -25.73 31.11
N ALA H 214 19.74 -26.82 30.40
CA ALA H 214 20.27 -26.71 29.03
C ALA H 214 19.30 -25.95 28.12
N GLY H 215 18.01 -26.30 28.19
CA GLY H 215 17.04 -25.61 27.36
C GLY H 215 16.86 -24.16 27.74
N LEU H 216 16.76 -23.86 29.05
CA LEU H 216 16.63 -22.47 29.48
C LEU H 216 17.86 -21.67 29.11
N ARG H 217 19.04 -22.26 29.24
CA ARG H 217 20.26 -21.54 28.88
C ARG H 217 20.28 -21.24 27.39
N LEU H 218 19.86 -22.22 26.57
CA LEU H 218 19.78 -21.99 25.12
C LEU H 218 18.80 -20.87 24.80
N ALA H 219 17.62 -20.90 25.44
CA ALA H 219 16.60 -19.89 25.19
C ALA H 219 17.14 -18.48 25.44
N ARG H 220 17.84 -18.30 26.56
CA ARG H 220 18.30 -16.96 26.90
C ARG H 220 19.37 -16.46 25.93
N ARG H 221 20.27 -17.35 25.50
CA ARG H 221 21.31 -16.93 24.56
C ARG H 221 20.67 -16.41 23.26
N PHE H 222 19.69 -17.15 22.72
CA PHE H 222 19.06 -16.67 21.51
C PHE H 222 18.32 -15.39 21.79
N ALA H 223 17.57 -15.37 22.90
CA ALA H 223 16.82 -14.17 23.24
C ALA H 223 17.76 -12.99 23.39
N HIS H 224 18.86 -13.18 24.11
CA HIS H 224 19.79 -12.06 24.32
C HIS H 224 20.24 -11.47 22.99
N LEU H 225 20.53 -12.30 22.00
CA LEU H 225 20.95 -11.77 20.71
C LEU H 225 19.87 -10.85 20.14
N THR H 226 18.60 -11.18 20.37
CA THR H 226 17.55 -10.30 19.87
C THR H 226 17.52 -8.98 20.61
N TYR H 227 17.96 -8.98 21.88
CA TYR H 227 18.01 -7.76 22.68
C TYR H 227 19.18 -6.84 22.32
N ARG H 228 20.15 -7.32 21.58
CA ARG H 228 21.32 -6.46 21.38
C ARG H 228 21.30 -5.77 20.04
N GLY H 229 22.32 -4.95 19.83
CA GLY H 229 22.48 -4.21 18.59
C GLY H 229 23.58 -4.83 17.77
N GLU H 230 23.32 -4.94 16.46
CA GLU H 230 24.23 -5.64 15.58
C GLU H 230 25.63 -5.04 15.62
N ILE H 231 25.74 -3.72 15.47
CA ILE H 231 27.06 -3.11 15.39
C ILE H 231 27.78 -3.16 16.75
N GLU H 232 27.10 -2.77 17.84
CA GLU H 232 27.81 -2.83 19.12
C GLU H 232 28.50 -4.17 19.27
N LEU H 233 27.80 -5.27 18.95
CA LEU H 233 28.36 -6.60 19.17
C LEU H 233 29.63 -6.77 18.37
N ASP H 234 29.64 -6.32 17.12
CA ASP H 234 30.88 -6.44 16.36
C ASP H 234 31.96 -5.50 16.92
N THR H 235 31.57 -4.34 17.45
CA THR H 235 32.56 -3.45 18.06
C THR H 235 33.08 -4.02 19.37
N ARG H 236 32.18 -4.55 20.21
CA ARG H 236 32.61 -5.06 21.51
C ARG H 236 33.48 -6.30 21.35
N PHE H 237 33.04 -7.23 20.51
CA PHE H 237 33.68 -8.54 20.38
C PHE H 237 34.28 -8.81 19.02
N ALA H 238 33.68 -8.33 17.95
CA ALA H 238 34.12 -8.76 16.64
C ALA H 238 34.19 -10.28 16.64
N ASN H 239 35.16 -10.86 15.95
CA ASN H 239 35.42 -12.29 16.00
C ASN H 239 36.61 -12.62 16.86
N HIS H 240 36.90 -11.81 17.87
CA HIS H 240 38.03 -12.07 18.72
C HIS H 240 37.79 -13.33 19.56
N ASN H 241 38.89 -14.00 19.91
CA ASN H 241 38.83 -15.14 20.79
C ASN H 241 38.73 -14.69 22.25
N GLN H 242 38.30 -15.61 23.10
CA GLN H 242 38.20 -15.35 24.53
C GLN H 242 39.54 -15.52 25.21
N GLY H 243 40.04 -14.44 25.81
CA GLY H 243 41.31 -14.52 26.50
C GLY H 243 42.35 -15.20 25.64
N ASN H 244 42.86 -16.32 26.12
CA ASN H 244 43.87 -17.08 25.40
C ASN H 244 43.36 -18.41 24.88
N GLU H 245 42.04 -18.52 24.69
CA GLU H 245 41.47 -19.77 24.21
C GLU H 245 41.59 -19.84 22.69
N ASP H 246 41.77 -21.06 22.20
CA ASP H 246 41.92 -21.32 20.77
C ASP H 246 40.67 -21.96 20.21
N PRO H 247 39.83 -21.24 19.46
CA PRO H 247 38.63 -21.88 18.90
C PRO H 247 38.93 -23.06 18.00
N THR H 248 40.10 -23.12 17.37
CA THR H 248 40.44 -24.21 16.48
C THR H 248 40.84 -25.48 17.23
N ALA H 249 40.92 -25.42 18.56
CA ALA H 249 41.25 -26.57 19.41
C ALA H 249 40.26 -26.71 20.55
N GLY H 250 39.02 -26.28 20.34
CA GLY H 250 37.99 -26.42 21.34
C GLY H 250 37.75 -25.18 22.18
N GLY H 251 38.54 -24.13 21.98
CA GLY H 251 38.36 -22.90 22.71
C GLY H 251 37.19 -22.10 22.17
N ARG H 252 36.92 -20.98 22.84
CA ARG H 252 35.70 -20.20 22.64
C ARG H 252 36.01 -18.82 22.06
N TYR H 253 35.03 -18.27 21.33
CA TYR H 253 35.06 -16.89 20.87
C TYR H 253 34.61 -15.92 21.97
N ALA H 254 35.04 -14.67 21.85
CA ALA H 254 34.75 -13.70 22.89
C ALA H 254 33.24 -13.54 23.06
N VAL H 255 32.53 -13.34 21.94
CA VAL H 255 31.08 -13.20 21.99
C VAL H 255 30.43 -14.50 22.45
N GLN H 256 31.01 -15.64 22.06
CA GLN H 256 30.47 -16.92 22.48
C GLN H 256 30.53 -17.07 23.99
N SER H 257 31.72 -16.86 24.55
CA SER H 257 31.90 -16.95 26.00
C SER H 257 30.97 -15.99 26.72
N TYR H 258 30.87 -14.75 26.23
CA TYR H 258 29.93 -13.79 26.81
C TYR H 258 28.51 -14.35 26.80
N LEU H 259 28.10 -14.90 25.67
CA LEU H 259 26.74 -15.41 25.57
C LEU H 259 26.51 -16.54 26.57
N GLU H 260 27.47 -17.46 26.69
CA GLU H 260 27.35 -18.56 27.65
C GLU H 260 27.08 -18.03 29.04
N HIS H 261 27.79 -16.96 29.40
CA HIS H 261 27.83 -16.26 30.68
C HIS H 261 26.48 -15.62 30.97
N GLN H 262 25.90 -14.95 29.97
CA GLN H 262 24.58 -14.37 30.17
C GLN H 262 23.57 -15.45 30.57
N GLY H 263 23.69 -16.66 30.04
CA GLY H 263 22.78 -17.73 30.40
C GLY H 263 23.00 -18.24 31.81
N ASP H 264 24.26 -18.31 32.25
CA ASP H 264 24.52 -18.71 33.62
C ASP H 264 23.83 -17.76 34.60
N LYS H 265 23.94 -16.46 34.34
CA LYS H 265 23.31 -15.46 35.19
C LYS H 265 21.82 -15.68 35.30
N LEU H 266 21.17 -16.07 34.18
CA LEU H 266 19.72 -16.23 34.22
C LEU H 266 19.32 -17.47 35.00
N LEU H 267 20.06 -18.58 34.83
CA LEU H 267 19.72 -19.80 35.56
C LEU H 267 19.78 -19.57 37.04
N SER H 268 20.76 -18.79 37.50
CA SER H 268 20.88 -18.71 38.94
C SER H 268 19.77 -17.90 39.59
N ARG H 269 18.79 -17.37 38.84
CA ARG H 269 17.77 -16.53 39.43
C ARG H 269 16.36 -16.68 38.84
N PHE H 270 16.14 -17.58 37.88
CA PHE H 270 14.89 -17.57 37.14
C PHE H 270 14.45 -18.99 36.86
N ASP H 271 13.14 -19.19 36.82
CA ASP H 271 12.53 -20.51 36.78
C ASP H 271 12.05 -20.79 35.36
N ALA H 272 12.53 -21.89 34.77
CA ALA H 272 12.17 -22.19 33.39
C ALA H 272 10.66 -22.16 33.19
N GLY H 273 9.90 -22.65 34.18
CA GLY H 273 8.46 -22.68 34.04
C GLY H 273 7.87 -21.30 33.81
N SER H 274 8.44 -20.28 34.44
CA SER H 274 7.95 -18.93 34.18
C SER H 274 8.36 -18.46 32.79
N TYR H 275 9.62 -18.70 32.39
CA TYR H 275 10.03 -18.36 31.04
C TYR H 275 9.02 -18.88 30.02
N VAL H 276 8.51 -20.10 30.20
CA VAL H 276 7.53 -20.61 29.24
C VAL H 276 6.21 -19.85 29.38
N ILE H 277 5.62 -19.85 30.58
CA ILE H 277 4.31 -19.20 30.77
C ILE H 277 4.35 -17.73 30.39
N LEU H 278 5.43 -17.05 30.74
CA LEU H 278 5.48 -15.62 30.48
C LEU H 278 5.67 -15.34 28.99
N THR H 279 6.50 -16.16 28.31
CA THR H 279 6.65 -16.00 26.86
C THR H 279 5.34 -16.27 26.13
N GLU H 280 4.58 -17.28 26.56
CA GLU H 280 3.27 -17.49 25.97
C GLU H 280 2.42 -16.24 26.02
N ALA H 281 2.52 -15.50 27.14
CA ALA H 281 1.74 -14.28 27.28
C ALA H 281 2.19 -13.19 26.29
N LEU H 282 3.50 -13.12 26.00
CA LEU H 282 3.98 -12.24 24.93
C LEU H 282 3.42 -12.67 23.58
N ASN H 283 3.39 -13.97 23.32
CA ASN H 283 2.85 -14.43 22.04
C ASN H 283 1.41 -13.99 21.85
N SER H 284 0.61 -14.09 22.90
CA SER H 284 -0.81 -13.73 22.86
C SER H 284 -1.05 -12.22 22.91
N HIS H 285 -0.01 -11.40 23.03
CA HIS H 285 -0.20 -9.96 23.11
C HIS H 285 -0.87 -9.47 21.83
N ASP H 286 -1.96 -8.73 21.98
CA ASP H 286 -2.73 -8.22 20.85
C ASP H 286 -3.79 -7.24 21.38
N VAL H 287 -3.45 -5.95 21.39
CA VAL H 287 -4.32 -4.97 22.00
C VAL H 287 -5.65 -4.85 21.26
N GLY H 288 -5.74 -5.42 20.05
CA GLY H 288 -6.94 -5.27 19.27
C GLY H 288 -7.94 -6.38 19.45
N ARG H 289 -7.49 -7.50 20.02
CA ARG H 289 -8.37 -8.65 20.21
C ARG H 289 -9.65 -8.28 20.95
N GLY H 290 -10.78 -8.68 20.40
CA GLY H 290 -12.06 -8.44 21.05
C GLY H 290 -12.46 -6.98 21.19
N ARG H 291 -11.71 -6.10 20.53
CA ARG H 291 -11.99 -4.66 20.55
C ARG H 291 -12.09 -4.12 19.12
N GLY H 292 -12.22 -5.02 18.14
CA GLY H 292 -12.37 -4.62 16.77
C GLY H 292 -11.08 -4.41 16.00
N GLY H 293 -9.95 -4.92 16.49
CA GLY H 293 -8.66 -4.84 15.84
C GLY H 293 -7.76 -3.77 16.44
N VAL H 294 -6.47 -3.85 16.08
CA VAL H 294 -5.48 -2.93 16.65
C VAL H 294 -5.90 -1.48 16.45
N SER H 295 -6.22 -1.10 15.21
CA SER H 295 -6.54 0.30 14.94
C SER H 295 -7.75 0.77 15.75
N ALA H 296 -8.85 0.03 15.70
CA ALA H 296 -10.05 0.43 16.42
C ALA H 296 -9.76 0.63 17.91
N ALA H 297 -9.02 -0.32 18.50
CA ALA H 297 -8.83 -0.28 19.94
C ALA H 297 -8.01 0.93 20.33
N LEU H 298 -6.86 1.11 19.70
CA LEU H 298 -6.03 2.26 20.02
C LEU H 298 -6.77 3.54 19.70
N ARG H 299 -7.61 3.59 18.69
CA ARG H 299 -8.20 4.88 18.28
C ARG H 299 -9.18 5.36 19.34
N ALA H 300 -9.93 4.45 19.94
CA ALA H 300 -10.90 4.78 21.02
C ALA H 300 -10.26 5.09 22.41
N CYS H 301 -8.93 4.95 22.58
CA CYS H 301 -8.28 5.16 23.86
C CYS H 301 -7.79 6.61 24.01
N PRO H 302 -8.38 7.39 24.92
CA PRO H 302 -8.02 8.81 25.03
C PRO H 302 -6.87 9.11 25.98
N VAL H 303 -6.32 8.09 26.63
CA VAL H 303 -5.31 8.35 27.66
C VAL H 303 -4.09 9.02 27.05
N PRO H 304 -3.60 10.14 27.59
CA PRO H 304 -2.30 10.68 27.16
C PRO H 304 -1.20 9.67 27.41
N VAL H 305 -0.29 9.56 26.43
CA VAL H 305 0.83 8.63 26.46
C VAL H 305 2.07 9.28 25.84
N VAL H 306 3.24 8.85 26.32
CA VAL H 306 4.54 9.10 25.68
C VAL H 306 4.99 7.79 25.05
N VAL H 307 5.48 7.84 23.82
CA VAL H 307 5.88 6.62 23.10
C VAL H 307 7.34 6.75 22.64
N GLY H 308 8.15 5.78 23.04
CA GLY H 308 9.56 5.79 22.69
C GLY H 308 10.02 4.48 22.08
N GLY H 309 10.94 4.58 21.14
CA GLY H 309 11.56 3.43 20.53
C GLY H 309 13.04 3.67 20.35
N ILE H 310 13.79 2.57 20.29
CA ILE H 310 15.25 2.64 20.11
C ILE H 310 15.56 2.40 18.64
N THR H 311 16.47 3.22 18.09
CA THR H 311 16.78 3.13 16.67
C THR H 311 17.22 1.73 16.28
N SER H 312 18.17 1.16 17.04
CA SER H 312 18.79 -0.09 16.67
C SER H 312 18.09 -1.32 17.26
N ASP H 313 16.87 -1.16 17.77
CA ASP H 313 16.13 -2.24 18.42
C ASP H 313 15.73 -3.30 17.39
N ARG H 314 16.15 -4.54 17.60
CA ARG H 314 15.90 -5.65 16.66
C ARG H 314 14.72 -6.54 17.03
N LEU H 315 14.24 -6.49 18.27
CA LEU H 315 13.11 -7.31 18.68
C LEU H 315 11.77 -6.58 18.56
N TYR H 316 11.71 -5.30 18.95
CA TYR H 316 10.52 -4.47 18.80
C TYR H 316 10.96 -3.26 17.98
N PRO H 317 11.14 -3.42 16.66
CA PRO H 317 11.72 -2.36 15.84
C PRO H 317 10.94 -1.06 15.85
N LEU H 318 11.64 0.00 15.48
CA LEU H 318 11.07 1.34 15.56
C LEU H 318 9.71 1.44 14.89
N ARG H 319 9.51 0.73 13.78
CA ARG H 319 8.21 0.84 13.11
C ARG H 319 7.07 0.48 14.04
N LEU H 320 7.29 -0.44 14.97
CA LEU H 320 6.23 -0.88 15.87
C LEU H 320 5.79 0.24 16.79
N GLN H 321 6.73 1.04 17.27
CA GLN H 321 6.39 2.16 18.14
C GLN H 321 5.77 3.30 17.35
N GLN H 322 6.31 3.57 16.16
CA GLN H 322 5.67 4.56 15.30
C GLN H 322 4.20 4.24 15.09
N GLU H 323 3.87 2.96 14.91
CA GLU H 323 2.47 2.60 14.71
C GLU H 323 1.64 2.99 15.92
N LEU H 324 2.17 2.78 17.13
CA LEU H 324 1.44 3.18 18.33
C LEU H 324 1.24 4.69 18.36
N ALA H 325 2.29 5.46 18.10
CA ALA H 325 2.14 6.91 18.08
C ALA H 325 1.10 7.34 17.04
N ASP H 326 1.06 6.66 15.89
CA ASP H 326 0.12 7.02 14.84
C ASP H 326 -1.33 6.87 15.28
N LEU H 327 -1.63 5.81 16.04
CA LEU H 327 -2.98 5.36 16.28
C LEU H 327 -3.58 5.83 17.60
N LEU H 328 -2.76 6.14 18.60
CA LEU H 328 -3.25 6.62 19.89
C LEU H 328 -3.47 8.13 19.88
N PRO H 329 -4.71 8.62 19.98
CA PRO H 329 -4.89 10.07 19.92
C PRO H 329 -4.18 10.78 21.03
N GLY H 330 -3.92 10.09 22.15
CA GLY H 330 -3.22 10.68 23.26
C GLY H 330 -1.74 10.89 23.08
N CYS H 331 -1.15 10.52 21.94
CA CYS H 331 0.29 10.63 21.75
C CYS H 331 0.61 11.84 20.86
N ALA H 332 1.48 12.73 21.35
CA ALA H 332 1.87 13.91 20.58
C ALA H 332 2.71 13.54 19.37
N GLY H 333 3.58 12.56 19.51
CA GLY H 333 4.46 12.14 18.44
C GLY H 333 5.54 11.20 18.95
N LEU H 334 6.05 10.38 18.05
CA LEU H 334 7.04 9.40 18.44
C LEU H 334 8.29 10.09 18.97
N ARG H 335 8.78 9.65 20.13
CA ARG H 335 10.07 10.08 20.62
C ARG H 335 11.08 8.98 20.33
N VAL H 336 12.06 9.27 19.48
CA VAL H 336 13.04 8.28 19.05
C VAL H 336 14.24 8.38 19.96
N VAL H 337 14.51 7.30 20.70
CA VAL H 337 15.70 7.20 21.55
C VAL H 337 16.82 6.69 20.67
N GLU H 338 17.82 7.52 20.44
CA GLU H 338 18.90 7.09 19.58
C GLU H 338 19.99 6.44 20.45
N SER H 339 20.28 5.17 20.16
CA SER H 339 21.18 4.35 20.95
C SER H 339 21.67 3.21 20.08
N VAL H 340 22.91 2.77 20.34
CA VAL H 340 23.48 1.65 19.60
C VAL H 340 23.24 0.32 20.31
N TYR H 341 22.53 0.33 21.44
CA TYR H 341 22.45 -0.82 22.33
C TYR H 341 21.20 -1.66 22.09
N GLY H 342 20.48 -1.42 20.98
CA GLY H 342 19.33 -2.21 20.59
C GLY H 342 18.24 -2.23 21.66
N HIS H 343 17.51 -3.33 21.71
CA HIS H 343 16.38 -3.41 22.65
C HIS H 343 16.81 -3.10 24.07
N ASP H 344 18.01 -3.53 24.45
CA ASP H 344 18.51 -3.29 25.80
C ASP H 344 18.64 -1.79 26.05
N GLY H 345 18.34 -0.97 25.04
CA GLY H 345 18.42 0.46 25.22
C GLY H 345 17.48 0.96 26.29
N PHE H 346 16.34 0.30 26.46
CA PHE H 346 15.40 0.77 27.47
C PHE H 346 15.89 0.49 28.89
N LEU H 347 16.84 -0.45 29.06
CA LEU H 347 17.44 -0.69 30.38
C LEU H 347 18.74 0.06 30.62
N VAL H 348 19.40 0.52 29.57
CA VAL H 348 20.74 1.08 29.66
C VAL H 348 20.75 2.60 29.49
N GLU H 349 19.88 3.13 28.62
CA GLU H 349 19.88 4.55 28.32
C GLU H 349 19.10 5.27 29.42
N THR H 350 19.71 5.31 30.61
CA THR H 350 18.97 5.78 31.77
C THR H 350 18.57 7.23 31.63
N GLU H 351 19.41 8.03 30.97
CA GLU H 351 19.12 9.47 30.81
C GLU H 351 18.04 9.65 29.75
N ALA H 352 18.22 9.00 28.60
CA ALA H 352 17.23 9.13 27.53
C ALA H 352 15.88 8.62 28.02
N VAL H 353 15.90 7.52 28.78
CA VAL H 353 14.68 6.95 29.34
C VAL H 353 14.13 7.82 30.46
N GLY H 354 14.99 8.49 31.23
CA GLY H 354 14.51 9.38 32.28
C GLY H 354 13.66 10.52 31.74
N GLU H 355 14.12 11.18 30.67
CA GLU H 355 13.31 12.22 30.06
C GLU H 355 11.92 11.73 29.68
N LEU H 356 11.83 10.53 29.12
CA LEU H 356 10.52 10.02 28.72
C LEU H 356 9.65 9.80 29.94
N ILE H 357 10.25 9.31 31.02
CA ILE H 357 9.51 9.13 32.27
C ILE H 357 9.06 10.47 32.83
N ARG H 358 9.96 11.47 32.83
CA ARG H 358 9.58 12.79 33.32
C ARG H 358 8.44 13.38 32.49
N GLN H 359 8.57 13.33 31.16
CA GLN H 359 7.51 13.81 30.30
C GLN H 359 6.19 13.13 30.62
N THR H 360 6.22 11.82 30.85
CA THR H 360 4.99 11.11 31.16
C THR H 360 4.36 11.64 32.42
N LEU H 361 5.19 11.79 33.46
CA LEU H 361 4.71 12.30 34.73
C LEU H 361 4.22 13.75 34.61
N GLY H 362 4.83 14.54 33.73
CA GLY H 362 4.26 15.84 33.40
C GLY H 362 2.80 15.74 32.98
N LEU H 363 2.48 14.74 32.15
CA LEU H 363 1.10 14.58 31.70
C LEU H 363 0.17 14.18 32.83
N ALA H 364 0.66 13.37 33.78
CA ALA H 364 -0.17 12.97 34.90
C ALA H 364 -0.51 14.15 35.81
N ASP H 365 0.42 15.10 35.96
CA ASP H 365 0.07 16.39 36.56
C ASP H 365 -0.90 17.09 35.62
N ARG H 366 -2.15 16.61 35.56
CA ARG H 366 -3.04 16.92 34.43
C ARG H 366 -2.77 18.28 33.79
N THR I 1 -26.57 -24.54 -40.91
CA THR I 1 -26.65 -23.09 -40.71
C THR I 1 -25.67 -22.51 -39.67
N GLN I 2 -25.52 -23.16 -38.52
CA GLN I 2 -24.53 -22.77 -37.51
C GLN I 2 -23.50 -23.87 -37.39
N THR I 3 -22.35 -23.54 -36.81
CA THR I 3 -21.24 -24.48 -36.74
C THR I 3 -20.75 -24.60 -35.30
N LEU I 4 -20.17 -25.76 -34.98
CA LEU I 4 -19.49 -25.91 -33.70
C LEU I 4 -18.36 -24.90 -33.56
N PRO I 5 -18.01 -24.55 -32.33
CA PRO I 5 -16.81 -23.76 -32.07
C PRO I 5 -15.53 -24.52 -32.44
N ALA I 6 -14.42 -23.82 -32.39
CA ALA I 6 -13.17 -24.53 -32.59
C ALA I 6 -12.91 -25.44 -31.39
N GLU I 7 -12.11 -26.48 -31.62
CA GLU I 7 -11.81 -27.43 -30.55
C GLU I 7 -11.31 -26.71 -29.32
N GLY I 8 -11.96 -26.94 -28.19
CA GLY I 8 -11.65 -26.28 -26.92
C GLY I 8 -12.42 -24.98 -26.70
N GLU I 9 -12.67 -24.25 -27.79
CA GLU I 9 -13.31 -22.95 -27.75
C GLU I 9 -14.76 -23.11 -27.32
N ILE I 10 -15.27 -22.11 -26.63
CA ILE I 10 -16.69 -22.12 -26.27
C ILE I 10 -17.53 -21.57 -27.42
N GLY I 11 -18.68 -22.20 -27.65
CA GLY I 11 -19.65 -21.69 -28.61
C GLY I 11 -21.01 -21.65 -28.07
N LEU I 12 -21.85 -20.77 -28.67
CA LEU I 12 -23.24 -20.57 -28.34
C LEU I 12 -24.12 -20.99 -29.50
N ILE I 13 -25.16 -21.78 -29.22
CA ILE I 13 -26.06 -22.29 -30.24
C ILE I 13 -27.43 -21.68 -30.00
N ASP I 14 -27.94 -20.92 -30.99
CA ASP I 14 -29.27 -20.37 -30.87
C ASP I 14 -30.33 -21.38 -31.31
N VAL I 15 -31.18 -21.84 -30.38
CA VAL I 15 -32.22 -22.81 -30.71
C VAL I 15 -33.62 -22.22 -30.75
N GLY I 16 -33.80 -20.97 -30.37
CA GLY I 16 -35.12 -20.35 -30.49
C GLY I 16 -36.03 -20.72 -29.34
N SER I 17 -37.33 -20.68 -29.59
CA SER I 17 -38.29 -20.96 -28.52
C SER I 17 -38.54 -22.45 -28.40
N LEU I 18 -38.69 -22.91 -27.17
CA LEU I 18 -38.91 -24.31 -26.83
C LEU I 18 -40.21 -24.42 -26.03
N GLN I 19 -41.03 -25.39 -26.38
CA GLN I 19 -42.23 -25.68 -25.62
C GLN I 19 -41.90 -26.81 -24.65
N LEU I 20 -41.94 -26.48 -23.36
CA LEU I 20 -41.59 -27.42 -22.32
C LEU I 20 -42.65 -28.50 -22.16
N GLU I 21 -42.26 -29.57 -21.45
CA GLU I 21 -43.19 -30.64 -21.16
C GLU I 21 -44.40 -30.13 -20.40
N SER I 22 -44.22 -29.08 -19.58
CA SER I 22 -45.31 -28.49 -18.81
C SER I 22 -46.30 -27.71 -19.65
N GLY I 23 -46.02 -27.47 -20.93
CA GLY I 23 -46.80 -26.55 -21.74
C GLY I 23 -46.24 -25.14 -21.78
N ALA I 24 -45.53 -24.72 -20.73
CA ALA I 24 -44.85 -23.43 -20.67
C ALA I 24 -43.93 -23.25 -21.86
N VAL I 25 -43.62 -22.02 -22.23
CA VAL I 25 -42.72 -21.77 -23.35
C VAL I 25 -41.63 -20.84 -22.88
N ILE I 26 -40.40 -21.24 -23.14
CA ILE I 26 -39.20 -20.48 -22.83
C ILE I 26 -38.68 -19.90 -24.13
N ASP I 27 -38.38 -18.60 -24.16
CA ASP I 27 -38.04 -17.93 -25.40
C ASP I 27 -36.53 -17.75 -25.58
N ASP I 28 -36.08 -17.88 -26.82
CA ASP I 28 -34.73 -17.52 -27.22
C ASP I 28 -33.70 -18.31 -26.42
N VAL I 29 -33.86 -19.64 -26.49
CA VAL I 29 -32.97 -20.52 -25.76
C VAL I 29 -31.61 -20.53 -26.45
N CYS I 30 -30.55 -20.52 -25.63
CA CYS I 30 -29.17 -20.56 -26.10
C CYS I 30 -28.49 -21.69 -25.36
N ILE I 31 -27.84 -22.57 -26.09
CA ILE I 31 -27.14 -23.68 -25.46
C ILE I 31 -25.66 -23.49 -25.76
N ALA I 32 -24.88 -23.28 -24.71
CA ALA I 32 -23.43 -23.20 -24.84
C ALA I 32 -22.86 -24.60 -25.07
N VAL I 33 -21.76 -24.69 -25.82
CA VAL I 33 -21.25 -25.98 -26.27
C VAL I 33 -19.72 -25.96 -26.34
N GLN I 34 -19.12 -27.14 -26.22
CA GLN I 34 -17.68 -27.33 -26.41
C GLN I 34 -17.45 -28.70 -27.07
N ARG I 35 -16.36 -28.82 -27.81
CA ARG I 35 -16.12 -30.04 -28.56
C ARG I 35 -14.63 -30.34 -28.65
N TRP I 36 -14.32 -31.63 -28.77
CA TRP I 36 -12.95 -32.14 -28.90
C TRP I 36 -12.92 -33.21 -29.98
N GLY I 37 -11.90 -33.13 -30.82
CA GLY I 37 -11.81 -33.97 -32.00
C GLY I 37 -12.65 -33.43 -33.14
N LYS I 38 -12.30 -33.85 -34.36
CA LYS I 38 -12.97 -33.22 -35.48
C LYS I 38 -14.20 -34.01 -35.90
N LEU I 39 -15.17 -33.29 -36.46
CA LEU I 39 -16.42 -33.85 -36.94
C LEU I 39 -16.23 -34.49 -38.31
N SER I 40 -16.64 -35.76 -38.44
CA SER I 40 -16.43 -36.50 -39.69
C SER I 40 -17.31 -35.95 -40.83
N PRO I 41 -16.94 -36.23 -42.08
CA PRO I 41 -17.69 -35.66 -43.21
C PRO I 41 -19.17 -36.01 -43.18
N ALA I 42 -19.51 -37.21 -42.72
CA ALA I 42 -20.91 -37.61 -42.61
C ALA I 42 -21.63 -36.98 -41.42
N ARG I 43 -20.90 -36.39 -40.47
CA ARG I 43 -21.47 -35.80 -39.24
C ARG I 43 -22.10 -36.84 -38.32
N ASP I 44 -21.46 -38.01 -38.21
CA ASP I 44 -22.04 -39.16 -37.53
C ASP I 44 -21.16 -39.73 -36.41
N ASN I 45 -20.14 -39.00 -35.96
CA ASN I 45 -19.25 -39.53 -34.94
C ASN I 45 -19.30 -38.69 -33.67
N VAL I 46 -20.43 -38.03 -33.45
CA VAL I 46 -20.60 -37.21 -32.26
C VAL I 46 -20.83 -38.13 -31.06
N VAL I 47 -20.10 -37.89 -30.00
CA VAL I 47 -20.26 -38.56 -28.73
C VAL I 47 -20.62 -37.48 -27.71
N VAL I 48 -21.90 -37.43 -27.32
CA VAL I 48 -22.38 -36.40 -26.40
C VAL I 48 -22.03 -36.77 -24.97
N VAL I 49 -21.31 -35.88 -24.29
CA VAL I 49 -20.98 -36.07 -22.89
C VAL I 49 -21.85 -35.13 -22.07
N LEU I 50 -22.62 -35.69 -21.14
CA LEU I 50 -23.65 -34.97 -20.42
C LEU I 50 -23.24 -34.75 -18.97
N HIS I 51 -23.14 -33.49 -18.56
CA HIS I 51 -22.63 -33.16 -17.23
C HIS I 51 -23.71 -33.39 -16.17
N ALA I 52 -23.28 -33.37 -14.89
CA ALA I 52 -24.17 -33.63 -13.76
C ALA I 52 -24.68 -32.30 -13.22
N LEU I 53 -25.17 -32.28 -11.97
CA LEU I 53 -25.91 -31.12 -11.46
C LEU I 53 -25.13 -29.82 -11.61
N THR I 54 -23.91 -29.77 -11.08
CA THR I 54 -23.15 -28.52 -11.09
C THR I 54 -22.10 -28.44 -12.18
N GLY I 55 -22.11 -29.37 -13.12
CA GLY I 55 -21.13 -29.36 -14.19
C GLY I 55 -21.51 -28.47 -15.35
N ASP I 56 -20.53 -28.27 -16.25
CA ASP I 56 -20.67 -27.44 -17.44
C ASP I 56 -20.11 -28.13 -18.69
N SER I 57 -19.91 -27.38 -19.78
CA SER I 57 -19.42 -27.99 -21.01
C SER I 57 -17.94 -28.35 -20.95
N HIS I 58 -17.24 -27.97 -19.87
CA HIS I 58 -15.79 -28.13 -19.82
C HIS I 58 -15.40 -29.52 -19.30
N ILE I 59 -15.56 -30.51 -20.17
CA ILE I 59 -15.38 -31.90 -19.74
C ILE I 59 -13.90 -32.25 -19.55
N THR I 60 -13.00 -31.67 -20.34
CA THR I 60 -11.59 -32.01 -20.22
C THR I 60 -10.74 -30.77 -20.43
N GLY I 61 -9.51 -30.84 -19.95
CA GLY I 61 -8.54 -29.78 -20.13
C GLY I 61 -8.10 -29.16 -18.84
N PRO I 62 -7.03 -28.37 -18.90
CA PRO I 62 -6.49 -27.76 -17.70
C PRO I 62 -7.15 -26.42 -17.43
N ALA I 63 -7.01 -25.97 -16.19
CA ALA I 63 -7.51 -24.65 -15.84
C ALA I 63 -6.72 -23.58 -16.57
N GLY I 64 -7.38 -22.46 -16.82
CA GLY I 64 -6.78 -21.33 -17.47
C GLY I 64 -7.74 -20.16 -17.46
N PRO I 65 -7.47 -19.19 -18.33
CA PRO I 65 -8.42 -18.09 -18.48
C PRO I 65 -9.74 -18.64 -19.01
N GLY I 66 -10.84 -18.22 -18.38
CA GLY I 66 -12.16 -18.68 -18.76
C GLY I 66 -12.55 -20.06 -18.25
N HIS I 67 -11.62 -20.78 -17.62
CA HIS I 67 -11.91 -22.07 -17.00
C HIS I 67 -11.12 -22.15 -15.71
N PRO I 68 -11.70 -21.68 -14.61
CA PRO I 68 -10.96 -21.60 -13.34
C PRO I 68 -10.48 -22.96 -12.82
N THR I 69 -11.09 -24.07 -13.19
CA THR I 69 -10.66 -25.37 -12.69
C THR I 69 -10.62 -26.37 -13.86
N PRO I 70 -9.75 -27.39 -13.79
CA PRO I 70 -9.67 -28.36 -14.90
C PRO I 70 -11.02 -29.00 -15.19
N GLY I 71 -11.08 -29.70 -16.32
CA GLY I 71 -12.33 -30.29 -16.75
C GLY I 71 -12.91 -31.25 -15.74
N TRP I 72 -14.23 -31.25 -15.66
CA TRP I 72 -14.84 -32.09 -14.67
C TRP I 72 -14.70 -33.57 -15.00
N TRP I 73 -14.46 -33.94 -16.28
CA TRP I 73 -14.12 -35.33 -16.47
C TRP I 73 -12.71 -35.34 -17.07
N ASP I 74 -11.77 -34.57 -16.50
CA ASP I 74 -10.49 -34.32 -17.16
C ASP I 74 -9.82 -35.60 -17.63
N GLY I 75 -9.42 -35.60 -18.90
CA GLY I 75 -8.69 -36.68 -19.54
C GLY I 75 -9.53 -37.68 -20.29
N VAL I 76 -10.86 -37.63 -20.16
CA VAL I 76 -11.73 -38.66 -20.72
C VAL I 76 -11.79 -38.60 -22.24
N ALA I 77 -11.49 -37.45 -22.84
CA ALA I 77 -11.56 -37.23 -24.27
C ALA I 77 -10.22 -36.71 -24.77
N GLY I 78 -9.70 -37.35 -25.81
CA GLY I 78 -8.43 -36.95 -26.37
C GLY I 78 -7.84 -38.03 -27.25
N PRO I 79 -6.68 -37.76 -27.83
CA PRO I 79 -6.01 -38.80 -28.63
C PRO I 79 -5.64 -39.97 -27.74
N GLY I 80 -6.20 -41.13 -28.05
CA GLY I 80 -5.94 -42.33 -27.29
C GLY I 80 -6.76 -42.48 -26.04
N ALA I 81 -7.56 -41.47 -25.68
CA ALA I 81 -8.37 -41.53 -24.48
C ALA I 81 -9.57 -42.46 -24.68
N PRO I 82 -10.29 -42.79 -23.62
CA PRO I 82 -11.51 -43.62 -23.78
C PRO I 82 -12.42 -43.14 -24.89
N ILE I 83 -12.75 -41.85 -24.90
CA ILE I 83 -13.36 -41.20 -26.06
C ILE I 83 -12.21 -40.65 -26.91
N ASP I 84 -11.75 -41.43 -27.88
CA ASP I 84 -10.61 -41.07 -28.73
C ASP I 84 -10.99 -40.00 -29.74
N THR I 85 -10.49 -38.76 -29.56
CA THR I 85 -10.92 -37.66 -30.41
C THR I 85 -10.30 -37.72 -31.80
N THR I 86 -9.36 -38.63 -32.03
CA THR I 86 -8.91 -38.90 -33.39
C THR I 86 -9.96 -39.64 -34.24
N ARG I 87 -11.03 -40.18 -33.63
CA ARG I 87 -12.05 -40.91 -34.37
C ARG I 87 -13.46 -40.40 -34.02
N TRP I 88 -13.61 -39.85 -32.83
CA TRP I 88 -14.89 -39.38 -32.33
C TRP I 88 -14.81 -37.89 -32.06
N CYS I 89 -15.97 -37.26 -32.09
CA CYS I 89 -16.09 -35.84 -31.78
C CYS I 89 -16.85 -35.74 -30.45
N ALA I 90 -16.12 -35.47 -29.36
CA ALA I 90 -16.73 -35.36 -28.04
C ALA I 90 -17.38 -34.00 -27.92
N VAL I 91 -18.72 -33.95 -27.87
CA VAL I 91 -19.49 -32.71 -27.76
C VAL I 91 -20.22 -32.66 -26.43
N ALA I 92 -20.18 -31.51 -25.76
CA ALA I 92 -20.88 -31.35 -24.49
C ALA I 92 -21.56 -29.99 -24.42
N THR I 93 -22.87 -29.99 -24.18
CA THR I 93 -23.56 -28.75 -23.92
C THR I 93 -23.52 -28.40 -22.42
N ASN I 94 -23.87 -27.15 -22.12
CA ASN I 94 -24.28 -26.74 -20.79
C ASN I 94 -25.80 -26.85 -20.73
N VAL I 95 -26.32 -27.59 -19.76
CA VAL I 95 -27.74 -27.98 -19.79
C VAL I 95 -28.65 -26.76 -19.75
N LEU I 96 -29.85 -26.90 -20.31
CA LEU I 96 -30.90 -25.91 -20.11
C LEU I 96 -31.12 -25.72 -18.62
N GLY I 97 -31.16 -24.46 -18.17
CA GLY I 97 -31.26 -24.12 -16.77
C GLY I 97 -29.94 -23.83 -16.06
N GLY I 98 -28.81 -24.06 -16.72
CA GLY I 98 -27.51 -23.87 -16.11
C GLY I 98 -27.12 -22.41 -16.00
N CYS I 99 -25.87 -22.22 -15.63
CA CYS I 99 -25.34 -20.89 -15.36
C CYS I 99 -23.93 -20.74 -15.92
N ARG I 100 -23.65 -21.42 -17.02
CA ARG I 100 -22.34 -21.32 -17.64
C ARG I 100 -22.52 -21.22 -19.14
N GLY I 101 -23.48 -20.39 -19.57
CA GLY I 101 -23.65 -20.12 -20.98
C GLY I 101 -25.06 -20.32 -21.47
N SER I 102 -25.72 -21.36 -21.00
CA SER I 102 -27.03 -21.68 -21.53
C SER I 102 -28.10 -20.90 -20.76
N THR I 103 -29.29 -20.88 -21.33
CA THR I 103 -30.39 -20.10 -20.77
C THR I 103 -30.79 -20.66 -19.41
N GLY I 104 -30.63 -19.85 -18.36
CA GLY I 104 -30.98 -20.26 -17.02
C GLY I 104 -31.59 -19.12 -16.22
N PRO I 105 -31.93 -19.38 -14.95
CA PRO I 105 -32.52 -18.31 -14.14
C PRO I 105 -31.73 -17.00 -14.13
N SER I 106 -30.39 -17.07 -14.14
CA SER I 106 -29.58 -15.85 -14.18
C SER I 106 -29.55 -15.18 -15.57
N SER I 107 -29.96 -15.88 -16.63
CA SER I 107 -30.00 -15.32 -17.98
C SER I 107 -31.05 -14.22 -18.09
N LEU I 108 -30.88 -13.34 -19.08
CA LEU I 108 -31.81 -12.22 -19.27
C LEU I 108 -32.98 -12.63 -20.15
N ALA I 109 -34.20 -12.33 -19.70
CA ALA I 109 -35.42 -12.63 -20.41
C ALA I 109 -35.72 -11.56 -21.44
N ARG I 110 -36.84 -11.69 -22.16
CA ARG I 110 -37.07 -10.71 -23.21
C ARG I 110 -37.49 -9.33 -22.70
N ASP I 111 -37.68 -9.13 -21.40
CA ASP I 111 -37.93 -7.79 -20.89
C ASP I 111 -36.67 -7.13 -20.38
N GLY I 112 -35.50 -7.71 -20.68
CA GLY I 112 -34.23 -7.20 -20.22
C GLY I 112 -33.87 -7.46 -18.76
N LYS I 113 -34.85 -7.95 -17.89
CA LYS I 113 -34.41 -8.29 -16.54
C LYS I 113 -34.17 -9.79 -16.39
N PRO I 114 -33.39 -10.24 -15.41
CA PRO I 114 -33.11 -11.69 -15.32
C PRO I 114 -34.36 -12.53 -15.17
N TRP I 115 -34.36 -13.72 -15.78
CA TRP I 115 -35.49 -14.65 -15.64
C TRP I 115 -35.90 -14.84 -14.18
N GLY I 116 -34.96 -15.32 -13.37
CA GLY I 116 -35.21 -15.37 -11.94
C GLY I 116 -36.43 -16.23 -11.63
N SER I 117 -37.32 -15.67 -10.81
CA SER I 117 -38.48 -16.44 -10.38
C SER I 117 -39.38 -16.80 -11.53
N ARG I 118 -39.21 -16.18 -12.69
CA ARG I 118 -40.07 -16.42 -13.85
C ARG I 118 -39.60 -17.61 -14.67
N PHE I 119 -38.48 -18.19 -14.33
CA PHE I 119 -38.03 -19.35 -15.06
C PHE I 119 -39.00 -20.50 -14.82
N PRO I 120 -39.53 -21.13 -15.86
CA PRO I 120 -40.47 -22.21 -15.64
C PRO I 120 -39.76 -23.47 -15.20
N LEU I 121 -40.46 -24.25 -14.39
CA LEU I 121 -39.93 -25.53 -13.96
C LEU I 121 -39.67 -26.37 -15.22
N ILE I 122 -38.54 -27.07 -15.23
CA ILE I 122 -38.16 -27.89 -16.37
C ILE I 122 -37.88 -29.32 -15.88
N SER I 123 -37.96 -30.27 -16.81
CA SER I 123 -37.71 -31.68 -16.56
C SER I 123 -36.46 -32.17 -17.28
N ILE I 124 -35.97 -33.34 -16.87
CA ILE I 124 -34.87 -33.95 -17.62
C ILE I 124 -35.24 -34.08 -19.10
N ARG I 125 -36.49 -34.42 -19.38
CA ARG I 125 -36.89 -34.54 -20.78
C ARG I 125 -36.72 -33.23 -21.52
N ASP I 126 -37.06 -32.11 -20.87
CA ASP I 126 -36.82 -30.77 -21.43
C ASP I 126 -35.33 -30.56 -21.71
N GLN I 127 -34.47 -30.90 -20.75
CA GLN I 127 -33.05 -30.72 -20.97
C GLN I 127 -32.60 -31.46 -22.21
N VAL I 128 -33.16 -32.65 -22.46
CA VAL I 128 -32.79 -33.46 -23.62
C VAL I 128 -33.37 -32.86 -24.89
N GLN I 129 -34.59 -32.34 -24.83
CA GLN I 129 -35.14 -31.66 -25.99
C GLN I 129 -34.24 -30.50 -26.42
N ALA I 130 -33.82 -29.67 -25.45
CA ALA I 130 -32.97 -28.53 -25.77
C ALA I 130 -31.65 -28.98 -26.39
N ASP I 131 -31.03 -30.02 -25.84
CA ASP I 131 -29.75 -30.48 -26.38
C ASP I 131 -29.94 -31.01 -27.79
N VAL I 132 -30.99 -31.79 -28.01
CA VAL I 132 -31.24 -32.33 -29.34
C VAL I 132 -31.52 -31.21 -30.34
N ALA I 133 -32.31 -30.22 -29.91
CA ALA I 133 -32.57 -29.07 -30.78
C ALA I 133 -31.28 -28.32 -31.11
N ALA I 134 -30.41 -28.15 -30.11
CA ALA I 134 -29.18 -27.42 -30.35
C ALA I 134 -28.32 -28.13 -31.39
N LEU I 135 -28.14 -29.44 -31.25
CA LEU I 135 -27.35 -30.20 -32.21
C LEU I 135 -27.99 -30.19 -33.58
N ALA I 136 -29.32 -30.21 -33.63
CA ALA I 136 -30.02 -30.13 -34.90
C ALA I 136 -29.70 -28.81 -35.61
N ALA I 137 -29.67 -27.71 -34.86
CA ALA I 137 -29.30 -26.42 -35.41
C ALA I 137 -27.91 -26.43 -36.03
N LEU I 138 -27.06 -27.39 -35.65
CA LEU I 138 -25.72 -27.53 -36.20
C LEU I 138 -25.64 -28.57 -37.32
N GLY I 139 -26.78 -29.14 -37.72
CA GLY I 139 -26.82 -30.17 -38.72
C GLY I 139 -26.51 -31.59 -38.25
N ILE I 140 -26.32 -31.82 -36.94
CA ILE I 140 -26.17 -33.17 -36.41
C ILE I 140 -27.57 -33.62 -36.01
N THR I 141 -28.11 -34.61 -36.72
CA THR I 141 -29.46 -35.12 -36.58
C THR I 141 -29.44 -36.50 -35.96
N GLU I 142 -28.23 -37.07 -35.87
CA GLU I 142 -27.98 -38.40 -35.26
C GLU I 142 -26.59 -38.43 -34.63
N VAL I 143 -26.49 -38.91 -33.39
CA VAL I 143 -25.30 -38.99 -32.59
C VAL I 143 -24.87 -40.44 -32.46
N ALA I 144 -23.55 -40.64 -32.35
CA ALA I 144 -23.02 -41.99 -32.19
C ALA I 144 -23.31 -42.54 -30.79
N ALA I 145 -23.23 -41.71 -29.76
CA ALA I 145 -23.40 -42.18 -28.39
C ALA I 145 -23.75 -41.03 -27.47
N VAL I 146 -24.40 -41.36 -26.35
CA VAL I 146 -24.51 -40.49 -25.20
C VAL I 146 -23.87 -41.20 -24.02
N VAL I 147 -23.08 -40.46 -23.21
CA VAL I 147 -22.46 -41.06 -22.03
C VAL I 147 -22.68 -40.07 -20.90
N GLY I 148 -23.09 -40.57 -19.73
CA GLY I 148 -23.40 -39.68 -18.63
C GLY I 148 -23.40 -40.41 -17.31
N GLY I 149 -23.14 -39.66 -16.23
CA GLY I 149 -23.28 -40.16 -14.89
C GLY I 149 -24.15 -39.22 -14.09
N SER I 150 -24.66 -39.71 -12.97
CA SER I 150 -25.50 -38.91 -12.06
C SER I 150 -26.60 -38.24 -12.91
N MET I 151 -26.85 -36.94 -12.76
CA MET I 151 -27.83 -36.25 -13.60
C MET I 151 -27.53 -36.44 -15.08
N GLY I 152 -26.25 -36.53 -15.45
CA GLY I 152 -25.92 -36.80 -16.84
C GLY I 152 -26.44 -38.13 -17.33
N GLY I 153 -26.42 -39.16 -16.46
CA GLY I 153 -26.99 -40.44 -16.83
C GLY I 153 -28.51 -40.39 -17.00
N ALA I 154 -29.19 -39.61 -16.17
CA ALA I 154 -30.62 -39.44 -16.40
C ALA I 154 -30.87 -38.81 -17.76
N ARG I 155 -30.03 -37.83 -18.14
CA ARG I 155 -30.18 -37.24 -19.46
C ARG I 155 -29.98 -38.29 -20.54
N ALA I 156 -28.91 -39.07 -20.44
CA ALA I 156 -28.68 -40.12 -21.42
C ALA I 156 -29.88 -41.06 -21.47
N LEU I 157 -30.33 -41.55 -20.32
CA LEU I 157 -31.46 -42.48 -20.29
C LEU I 157 -32.67 -41.89 -21.01
N GLU I 158 -33.03 -40.66 -20.66
CA GLU I 158 -34.16 -40.03 -21.34
C GLU I 158 -33.88 -39.76 -22.82
N TRP I 159 -32.61 -39.63 -23.18
CA TRP I 159 -32.22 -39.47 -24.58
C TRP I 159 -32.38 -40.78 -25.35
N VAL I 160 -31.74 -41.87 -24.88
CA VAL I 160 -31.83 -43.13 -25.60
C VAL I 160 -33.27 -43.67 -25.59
N VAL I 161 -34.04 -43.39 -24.54
CA VAL I 161 -35.41 -43.91 -24.53
C VAL I 161 -36.32 -43.04 -25.39
N GLY I 162 -36.17 -41.73 -25.33
CA GLY I 162 -37.07 -40.82 -26.02
C GLY I 162 -36.73 -40.49 -27.46
N TYR I 163 -35.49 -40.72 -27.85
CA TYR I 163 -35.05 -40.44 -29.22
C TYR I 163 -34.28 -41.64 -29.75
N PRO I 164 -34.87 -42.84 -29.68
CA PRO I 164 -34.11 -44.06 -29.97
C PRO I 164 -33.60 -44.13 -31.39
N ASP I 165 -34.26 -43.46 -32.33
CA ASP I 165 -33.84 -43.48 -33.73
C ASP I 165 -32.64 -42.59 -33.98
N ARG I 166 -32.24 -41.77 -33.01
CA ARG I 166 -31.35 -40.66 -33.31
C ARG I 166 -30.08 -40.73 -32.46
N VAL I 167 -29.77 -41.92 -31.95
CA VAL I 167 -28.53 -42.21 -31.21
C VAL I 167 -28.34 -43.72 -31.27
N ARG I 168 -27.09 -44.13 -31.45
CA ARG I 168 -26.80 -45.54 -31.71
C ARG I 168 -26.43 -46.33 -30.47
N ALA I 169 -25.89 -45.69 -29.42
CA ALA I 169 -25.50 -46.37 -28.19
C ALA I 169 -25.52 -45.39 -27.03
N GLY I 170 -25.59 -45.94 -25.82
CA GLY I 170 -25.61 -45.13 -24.60
C GLY I 170 -24.76 -45.75 -23.49
N LEU I 171 -24.17 -44.88 -22.69
CA LEU I 171 -23.43 -45.30 -21.49
C LEU I 171 -24.12 -44.67 -20.30
N LEU I 172 -24.73 -45.50 -19.47
CA LEU I 172 -25.48 -45.05 -18.31
C LEU I 172 -24.70 -45.40 -17.05
N LEU I 173 -24.30 -44.36 -16.30
CA LEU I 173 -23.42 -44.50 -15.15
C LEU I 173 -24.07 -43.89 -13.92
N ALA I 174 -24.14 -44.66 -12.83
CA ALA I 174 -24.56 -44.20 -11.52
C ALA I 174 -25.82 -43.34 -11.58
N VAL I 175 -26.93 -43.97 -12.02
CA VAL I 175 -28.23 -43.31 -12.17
C VAL I 175 -29.33 -44.36 -12.05
N GLY I 176 -30.58 -43.90 -11.98
CA GLY I 176 -31.70 -44.81 -11.88
C GLY I 176 -32.80 -44.47 -12.87
N ALA I 177 -33.75 -45.41 -12.97
CA ALA I 177 -34.86 -45.22 -13.89
C ALA I 177 -35.75 -44.07 -13.46
N ARG I 178 -35.84 -43.79 -12.17
CA ARG I 178 -36.62 -42.66 -11.66
C ARG I 178 -35.97 -42.18 -10.38
N ALA I 179 -36.43 -41.04 -9.91
CA ALA I 179 -35.96 -40.53 -8.63
C ALA I 179 -36.49 -41.41 -7.51
N THR I 180 -35.60 -41.73 -6.55
CA THR I 180 -35.96 -42.51 -5.38
C THR I 180 -36.45 -41.58 -4.28
N ALA I 181 -37.20 -42.15 -3.33
CA ALA I 181 -37.69 -41.34 -2.22
C ALA I 181 -36.55 -40.68 -1.47
N ASP I 182 -35.47 -41.41 -1.21
CA ASP I 182 -34.33 -40.83 -0.49
C ASP I 182 -33.73 -39.68 -1.27
N GLN I 183 -33.54 -39.86 -2.58
CA GLN I 183 -33.05 -38.78 -3.43
C GLN I 183 -33.93 -37.54 -3.29
N ILE I 184 -35.24 -37.70 -3.48
CA ILE I 184 -36.18 -36.58 -3.35
C ILE I 184 -36.12 -35.98 -1.95
N GLY I 185 -35.95 -36.81 -0.92
CA GLY I 185 -35.91 -36.29 0.44
C GLY I 185 -34.81 -35.27 0.64
N THR I 186 -33.57 -35.67 0.30
CA THR I 186 -32.41 -34.80 0.47
C THR I 186 -32.44 -33.62 -0.50
N GLN I 187 -32.95 -33.84 -1.72
CA GLN I 187 -32.92 -32.81 -2.75
C GLN I 187 -33.96 -31.71 -2.49
N THR I 188 -35.19 -32.10 -2.17
CA THR I 188 -36.17 -31.08 -1.81
C THR I 188 -35.72 -30.33 -0.57
N THR I 189 -35.03 -31.00 0.36
CA THR I 189 -34.52 -30.32 1.55
C THR I 189 -33.35 -29.41 1.22
N GLN I 190 -32.46 -29.82 0.31
CA GLN I 190 -31.44 -28.90 -0.18
C GLN I 190 -32.06 -27.64 -0.78
N ILE I 191 -33.11 -27.81 -1.60
CA ILE I 191 -33.84 -26.65 -2.10
C ILE I 191 -34.38 -25.83 -0.93
N ALA I 192 -34.97 -26.50 0.07
CA ALA I 192 -35.55 -25.80 1.21
C ALA I 192 -34.51 -24.98 1.95
N ALA I 193 -33.28 -25.49 2.04
CA ALA I 193 -32.22 -24.73 2.69
C ALA I 193 -31.95 -23.44 1.96
N ILE I 194 -31.95 -23.48 0.62
CA ILE I 194 -31.76 -22.26 -0.17
C ILE I 194 -32.94 -21.31 0.03
N LYS I 195 -34.18 -21.80 -0.13
CA LYS I 195 -35.33 -20.90 -0.01
C LYS I 195 -35.47 -20.33 1.40
N ALA I 196 -34.87 -20.96 2.40
CA ALA I 196 -34.87 -20.42 3.76
C ALA I 196 -33.85 -19.33 3.96
N ASP I 197 -32.82 -19.24 3.12
CA ASP I 197 -31.89 -18.12 3.20
C ASP I 197 -32.65 -16.82 2.99
N PRO I 198 -32.41 -15.79 3.81
CA PRO I 198 -33.15 -14.53 3.62
C PRO I 198 -32.86 -13.85 2.28
N ASP I 199 -31.64 -13.96 1.77
CA ASP I 199 -31.31 -13.29 0.52
C ASP I 199 -31.80 -14.03 -0.71
N TRP I 200 -32.50 -15.15 -0.55
CA TRP I 200 -33.11 -15.80 -1.70
C TRP I 200 -34.03 -14.83 -2.41
N GLN I 201 -34.74 -13.99 -1.65
CA GLN I 201 -35.58 -12.96 -2.23
C GLN I 201 -36.47 -13.54 -3.33
N SER I 202 -37.23 -14.56 -2.96
CA SER I 202 -38.21 -15.21 -3.82
C SER I 202 -37.63 -15.73 -5.12
N GLY I 203 -36.30 -15.87 -5.20
CA GLY I 203 -35.67 -16.29 -6.43
C GLY I 203 -35.31 -15.16 -7.37
N ASP I 204 -35.57 -13.91 -7.01
CA ASP I 204 -35.23 -12.74 -7.81
C ASP I 204 -34.10 -11.93 -7.15
N TYR I 205 -33.09 -12.63 -6.63
CA TYR I 205 -31.97 -11.94 -6.01
C TYR I 205 -30.99 -11.40 -7.02
N HIS I 206 -31.11 -11.83 -8.29
CA HIS I 206 -30.09 -11.49 -9.26
C HIS I 206 -30.03 -9.97 -9.39
N GLU I 207 -28.83 -9.44 -9.39
CA GLU I 207 -28.62 -8.00 -9.53
C GLU I 207 -29.19 -7.20 -8.34
N THR I 208 -29.27 -7.79 -7.16
CA THR I 208 -29.63 -7.06 -5.95
C THR I 208 -28.43 -7.00 -5.03
N GLY I 209 -27.30 -7.53 -5.48
CA GLY I 209 -26.08 -7.68 -4.72
C GLY I 209 -26.22 -8.49 -3.45
N ARG I 210 -27.40 -9.04 -3.18
CA ARG I 210 -27.60 -9.93 -2.06
C ARG I 210 -27.96 -11.26 -2.69
N ALA I 211 -27.35 -12.33 -2.22
CA ALA I 211 -27.56 -13.65 -2.80
C ALA I 211 -27.59 -14.68 -1.68
N PRO I 212 -28.23 -15.82 -1.90
CA PRO I 212 -28.40 -16.81 -0.85
C PRO I 212 -27.17 -17.70 -0.65
N ASP I 213 -26.04 -17.08 -0.33
CA ASP I 213 -24.79 -17.82 -0.24
C ASP I 213 -24.82 -18.80 0.92
N ALA I 214 -25.39 -18.41 2.06
CA ALA I 214 -25.45 -19.31 3.20
C ALA I 214 -26.24 -20.57 2.86
N GLY I 215 -27.42 -20.39 2.26
CA GLY I 215 -28.28 -21.52 1.95
C GLY I 215 -27.70 -22.42 0.89
N LEU I 216 -27.11 -21.83 -0.15
CA LEU I 216 -26.52 -22.67 -1.19
C LEU I 216 -25.36 -23.49 -0.65
N ARG I 217 -24.53 -22.89 0.19
CA ARG I 217 -23.41 -23.68 0.70
C ARG I 217 -23.91 -24.77 1.66
N LEU I 218 -24.96 -24.51 2.43
CA LEU I 218 -25.56 -25.59 3.21
C LEU I 218 -26.02 -26.72 2.30
N ALA I 219 -26.78 -26.38 1.25
CA ALA I 219 -27.28 -27.40 0.34
C ALA I 219 -26.14 -28.20 -0.25
N ARG I 220 -25.06 -27.52 -0.64
CA ARG I 220 -23.94 -28.17 -1.30
C ARG I 220 -23.21 -29.10 -0.35
N ARG I 221 -23.06 -28.70 0.91
CA ARG I 221 -22.35 -29.53 1.88
C ARG I 221 -23.07 -30.86 2.09
N PHE I 222 -24.37 -30.81 2.31
CA PHE I 222 -25.11 -32.05 2.51
C PHE I 222 -25.01 -32.93 1.27
N ALA I 223 -25.17 -32.32 0.09
CA ALA I 223 -25.08 -33.07 -1.16
C ALA I 223 -23.73 -33.74 -1.30
N HIS I 224 -22.66 -33.03 -0.97
CA HIS I 224 -21.34 -33.63 -1.10
C HIS I 224 -21.24 -34.93 -0.30
N LEU I 225 -21.78 -34.94 0.91
CA LEU I 225 -21.73 -36.17 1.68
C LEU I 225 -22.38 -37.33 0.95
N THR I 226 -23.46 -37.07 0.19
CA THR I 226 -24.09 -38.16 -0.56
C THR I 226 -23.18 -38.66 -1.68
N TYR I 227 -22.34 -37.78 -2.20
CA TYR I 227 -21.45 -38.16 -3.28
C TYR I 227 -20.31 -39.04 -2.80
N ARG I 228 -20.14 -39.13 -1.49
CA ARG I 228 -18.96 -39.77 -0.92
C ARG I 228 -19.25 -41.22 -0.54
N GLY I 229 -18.18 -41.90 -0.12
CA GLY I 229 -18.25 -43.22 0.48
C GLY I 229 -17.91 -43.15 1.95
N GLU I 230 -18.70 -43.85 2.78
CA GLU I 230 -18.55 -43.75 4.23
C GLU I 230 -17.16 -44.18 4.68
N ILE I 231 -16.69 -45.34 4.23
CA ILE I 231 -15.41 -45.82 4.73
C ILE I 231 -14.29 -44.90 4.28
N GLU I 232 -14.36 -44.45 3.03
CA GLU I 232 -13.27 -43.63 2.50
C GLU I 232 -13.20 -42.29 3.22
N LEU I 233 -14.34 -41.71 3.54
CA LEU I 233 -14.39 -40.43 4.28
C LEU I 233 -13.81 -40.61 5.68
N ASP I 234 -14.06 -41.72 6.37
CA ASP I 234 -13.49 -41.92 7.69
C ASP I 234 -11.98 -42.16 7.62
N THR I 235 -11.53 -42.81 6.54
CA THR I 235 -10.11 -43.06 6.35
C THR I 235 -9.36 -41.77 6.10
N ARG I 236 -9.95 -40.87 5.29
CA ARG I 236 -9.32 -39.60 4.94
C ARG I 236 -9.21 -38.68 6.14
N PHE I 237 -10.32 -38.48 6.85
CA PHE I 237 -10.47 -37.46 7.86
C PHE I 237 -10.65 -38.01 9.26
N ALA I 238 -11.35 -39.11 9.39
CA ALA I 238 -11.74 -39.65 10.70
C ALA I 238 -12.38 -38.51 11.48
N ASN I 239 -12.18 -38.51 12.80
CA ASN I 239 -12.58 -37.40 13.65
C ASN I 239 -11.41 -36.49 13.98
N HIS I 240 -10.38 -36.49 13.13
CA HIS I 240 -9.23 -35.63 13.32
C HIS I 240 -9.62 -34.17 13.16
N ASN I 241 -8.85 -33.32 13.81
CA ASN I 241 -8.98 -31.87 13.69
C ASN I 241 -8.26 -31.37 12.46
N GLN I 242 -8.55 -30.13 12.10
CA GLN I 242 -7.75 -29.44 11.09
C GLN I 242 -6.47 -29.03 11.81
N GLY I 243 -5.33 -29.55 11.35
CA GLY I 243 -4.08 -29.29 12.05
C GLY I 243 -4.21 -29.62 13.53
N ASN I 244 -4.04 -28.62 14.40
CA ASN I 244 -4.16 -28.78 15.85
C ASN I 244 -5.30 -27.95 16.46
N GLU I 245 -6.41 -27.77 15.74
CA GLU I 245 -7.52 -26.94 16.22
C GLU I 245 -8.34 -27.65 17.31
N ASP I 246 -9.03 -26.87 18.16
CA ASP I 246 -9.88 -27.52 19.16
C ASP I 246 -11.33 -27.37 18.70
N PRO I 247 -11.94 -28.44 18.15
CA PRO I 247 -13.31 -28.34 17.62
C PRO I 247 -14.34 -27.91 18.61
N THR I 248 -14.09 -28.15 19.90
CA THR I 248 -14.98 -27.81 21.00
C THR I 248 -14.84 -26.36 21.47
N ALA I 249 -13.88 -25.59 20.91
CA ALA I 249 -13.63 -24.21 21.29
C ALA I 249 -13.57 -23.30 20.06
N GLY I 250 -14.34 -23.59 19.02
CA GLY I 250 -14.38 -22.78 17.83
C GLY I 250 -13.51 -23.31 16.71
N GLY I 251 -12.74 -24.38 16.98
CA GLY I 251 -11.95 -25.01 15.96
C GLY I 251 -12.81 -25.90 15.08
N ARG I 252 -12.18 -26.49 14.08
CA ARG I 252 -12.89 -27.26 13.08
C ARG I 252 -12.38 -28.69 13.02
N TYR I 253 -13.28 -29.61 12.73
CA TYR I 253 -12.82 -30.95 12.42
C TYR I 253 -12.30 -30.97 10.98
N ALA I 254 -11.49 -31.98 10.67
CA ALA I 254 -10.84 -32.02 9.36
C ALA I 254 -11.87 -32.04 8.25
N VAL I 255 -12.86 -32.95 8.37
CA VAL I 255 -13.95 -33.07 7.39
C VAL I 255 -14.81 -31.82 7.43
N GLN I 256 -14.94 -31.21 8.61
CA GLN I 256 -15.68 -29.97 8.72
C GLN I 256 -15.05 -28.89 7.85
N SER I 257 -13.75 -28.68 7.99
CA SER I 257 -13.07 -27.72 7.15
C SER I 257 -13.28 -28.06 5.68
N TYR I 258 -13.08 -29.33 5.33
CA TYR I 258 -13.23 -29.74 3.94
C TYR I 258 -14.59 -29.33 3.40
N LEU I 259 -15.66 -29.69 4.13
CA LEU I 259 -17.01 -29.37 3.69
C LEU I 259 -17.21 -27.87 3.56
N GLU I 260 -16.62 -27.09 4.47
CA GLU I 260 -16.72 -25.64 4.37
C GLU I 260 -16.17 -25.16 3.03
N HIS I 261 -14.98 -25.67 2.64
CA HIS I 261 -14.34 -25.28 1.39
C HIS I 261 -15.12 -25.78 0.18
N GLN I 262 -15.68 -27.00 0.27
CA GLN I 262 -16.52 -27.48 -0.83
C GLN I 262 -17.64 -26.50 -1.15
N GLY I 263 -18.25 -25.90 -0.11
CA GLY I 263 -19.31 -24.93 -0.35
C GLY I 263 -18.77 -23.63 -0.90
N ASP I 264 -17.65 -23.15 -0.35
CA ASP I 264 -17.01 -21.95 -0.87
C ASP I 264 -16.62 -22.11 -2.33
N LYS I 265 -16.05 -23.27 -2.71
CA LYS I 265 -15.71 -23.48 -4.12
C LYS I 265 -16.94 -23.44 -5.01
N LEU I 266 -18.08 -23.92 -4.52
CA LEU I 266 -19.26 -23.88 -5.39
C LEU I 266 -19.75 -22.47 -5.58
N LEU I 267 -19.76 -21.67 -4.51
CA LEU I 267 -20.29 -20.32 -4.58
C LEU I 267 -19.60 -19.51 -5.65
N SER I 268 -18.28 -19.66 -5.76
CA SER I 268 -17.52 -18.82 -6.69
C SER I 268 -17.69 -19.21 -8.15
N ARG I 269 -18.55 -20.18 -8.47
CA ARG I 269 -18.69 -20.65 -9.84
C ARG I 269 -20.10 -21.10 -10.20
N PHE I 270 -21.08 -20.93 -9.30
CA PHE I 270 -22.38 -21.55 -9.52
C PHE I 270 -23.48 -20.68 -8.91
N ASP I 271 -24.67 -20.78 -9.48
CA ASP I 271 -25.79 -19.89 -9.21
C ASP I 271 -26.87 -20.61 -8.40
N ALA I 272 -27.25 -20.03 -7.26
CA ALA I 272 -28.29 -20.65 -6.45
C ALA I 272 -29.54 -20.93 -7.27
N GLY I 273 -29.92 -19.98 -8.13
CA GLY I 273 -31.10 -20.15 -8.96
C GLY I 273 -31.01 -21.37 -9.86
N SER I 274 -29.82 -21.65 -10.39
CA SER I 274 -29.66 -22.83 -11.23
C SER I 274 -29.74 -24.10 -10.41
N TYR I 275 -29.09 -24.11 -9.24
CA TYR I 275 -29.19 -25.23 -8.31
C TYR I 275 -30.65 -25.61 -8.01
N VAL I 276 -31.52 -24.62 -7.82
CA VAL I 276 -32.92 -24.92 -7.53
C VAL I 276 -33.63 -25.51 -8.74
N ILE I 277 -33.58 -24.82 -9.89
CA ILE I 277 -34.34 -25.28 -11.06
C ILE I 277 -33.90 -26.67 -11.47
N LEU I 278 -32.59 -26.93 -11.42
CA LEU I 278 -32.01 -28.20 -11.86
C LEU I 278 -32.26 -29.31 -10.86
N THR I 279 -32.21 -29.01 -9.57
CA THR I 279 -32.58 -30.02 -8.58
C THR I 279 -34.06 -30.36 -8.70
N GLU I 280 -34.92 -29.36 -8.93
CA GLU I 280 -36.32 -29.66 -9.23
C GLU I 280 -36.41 -30.64 -10.39
N ALA I 281 -35.54 -30.51 -11.39
CA ALA I 281 -35.58 -31.42 -12.53
C ALA I 281 -35.19 -32.84 -12.14
N LEU I 282 -34.22 -32.99 -11.23
CA LEU I 282 -33.92 -34.31 -10.72
C LEU I 282 -35.14 -34.89 -9.99
N ASN I 283 -35.87 -34.06 -9.24
CA ASN I 283 -37.04 -34.54 -8.54
C ASN I 283 -38.07 -35.15 -9.51
N SER I 284 -38.28 -34.51 -10.66
CA SER I 284 -39.25 -34.97 -11.67
C SER I 284 -38.75 -36.14 -12.53
N HIS I 285 -37.52 -36.61 -12.35
CA HIS I 285 -37.02 -37.71 -13.17
C HIS I 285 -37.89 -38.96 -13.02
N ASP I 286 -38.30 -39.52 -14.16
CA ASP I 286 -39.15 -40.71 -14.21
C ASP I 286 -39.26 -41.18 -15.66
N VAL I 287 -38.44 -42.16 -16.05
CA VAL I 287 -38.42 -42.60 -17.44
C VAL I 287 -39.74 -43.26 -17.82
N GLY I 288 -40.56 -43.64 -16.85
CA GLY I 288 -41.80 -44.31 -17.13
C GLY I 288 -43.02 -43.40 -17.26
N ARG I 289 -42.92 -42.16 -16.80
CA ARG I 289 -44.05 -41.24 -16.88
C ARG I 289 -44.59 -41.15 -18.29
N GLY I 290 -45.90 -41.26 -18.43
CA GLY I 290 -46.53 -41.16 -19.73
C GLY I 290 -46.15 -42.27 -20.71
N ARG I 291 -45.47 -43.30 -20.22
CA ARG I 291 -45.05 -44.43 -21.05
C ARG I 291 -45.47 -45.77 -20.44
N GLY I 292 -46.39 -45.75 -19.48
CA GLY I 292 -46.85 -47.01 -18.93
C GLY I 292 -46.00 -47.56 -17.81
N GLY I 293 -45.17 -46.73 -17.18
CA GLY I 293 -44.38 -47.14 -16.05
C GLY I 293 -42.94 -47.45 -16.43
N VAL I 294 -42.10 -47.51 -15.40
CA VAL I 294 -40.68 -47.73 -15.62
C VAL I 294 -40.43 -48.99 -16.43
N SER I 295 -41.05 -50.11 -16.02
CA SER I 295 -40.78 -51.39 -16.67
C SER I 295 -41.17 -51.38 -18.15
N ALA I 296 -42.37 -50.91 -18.46
CA ALA I 296 -42.80 -50.89 -19.86
C ALA I 296 -41.81 -50.09 -20.71
N ALA I 297 -41.45 -48.89 -20.25
CA ALA I 297 -40.64 -47.95 -21.03
C ALA I 297 -39.24 -48.50 -21.28
N LEU I 298 -38.58 -49.02 -20.26
CA LEU I 298 -37.25 -49.57 -20.48
C LEU I 298 -37.29 -50.78 -21.44
N ARG I 299 -38.30 -51.66 -21.29
CA ARG I 299 -38.33 -52.83 -22.16
C ARG I 299 -38.55 -52.46 -23.62
N ALA I 300 -39.24 -51.35 -23.90
CA ALA I 300 -39.50 -50.96 -25.28
C ALA I 300 -38.35 -50.21 -25.95
N CYS I 301 -37.31 -49.83 -25.22
CA CYS I 301 -36.23 -49.05 -25.80
C CYS I 301 -35.17 -49.99 -26.35
N PRO I 302 -34.93 -49.99 -27.66
CA PRO I 302 -34.01 -50.96 -28.27
C PRO I 302 -32.55 -50.56 -28.34
N VAL I 303 -32.19 -49.34 -27.91
CA VAL I 303 -30.83 -48.84 -28.09
C VAL I 303 -29.84 -49.71 -27.31
N PRO I 304 -28.74 -50.14 -27.90
CA PRO I 304 -27.68 -50.79 -27.12
C PRO I 304 -27.22 -49.87 -26.02
N VAL I 305 -27.05 -50.42 -24.81
CA VAL I 305 -26.61 -49.62 -23.66
C VAL I 305 -25.62 -50.41 -22.83
N VAL I 306 -24.64 -49.70 -22.25
CA VAL I 306 -23.76 -50.21 -21.20
C VAL I 306 -24.19 -49.51 -19.91
N VAL I 307 -24.35 -50.27 -18.83
CA VAL I 307 -24.83 -49.73 -17.56
C VAL I 307 -23.81 -50.05 -16.47
N GLY I 308 -23.33 -49.04 -15.77
CA GLY I 308 -22.35 -49.24 -14.71
C GLY I 308 -22.81 -48.62 -13.41
N GLY I 309 -22.51 -49.30 -12.31
CA GLY I 309 -22.87 -48.81 -11.00
C GLY I 309 -21.71 -49.00 -10.04
N ILE I 310 -21.65 -48.13 -9.02
CA ILE I 310 -20.58 -48.21 -8.02
C ILE I 310 -21.13 -48.84 -6.74
N THR I 311 -20.38 -49.81 -6.19
CA THR I 311 -20.83 -50.49 -4.98
C THR I 311 -21.04 -49.53 -3.83
N SER I 312 -20.13 -48.59 -3.62
CA SER I 312 -20.22 -47.74 -2.44
C SER I 312 -21.05 -46.50 -2.68
N ASP I 313 -21.82 -46.44 -3.76
CA ASP I 313 -22.61 -45.28 -4.10
C ASP I 313 -23.70 -45.10 -3.05
N ARG I 314 -23.76 -43.93 -2.40
CA ARG I 314 -24.78 -43.75 -1.38
C ARG I 314 -25.99 -42.99 -1.90
N LEU I 315 -25.87 -42.30 -3.03
CA LEU I 315 -26.95 -41.52 -3.58
C LEU I 315 -27.76 -42.23 -4.65
N TYR I 316 -27.10 -42.92 -5.59
CA TYR I 316 -27.74 -43.71 -6.63
C TYR I 316 -27.25 -45.13 -6.43
N PRO I 317 -27.76 -45.83 -5.41
CA PRO I 317 -27.20 -47.14 -5.01
C PRO I 317 -27.26 -48.20 -6.12
N LEU I 318 -26.38 -49.21 -5.99
CA LEU I 318 -26.21 -50.24 -7.02
C LEU I 318 -27.52 -50.85 -7.51
N ARG I 319 -28.50 -51.00 -6.63
CA ARG I 319 -29.74 -51.68 -7.02
C ARG I 319 -30.41 -50.97 -8.18
N LEU I 320 -30.35 -49.63 -8.19
CA LEU I 320 -31.05 -48.87 -9.22
C LEU I 320 -30.48 -49.18 -10.58
N GLN I 321 -29.18 -49.44 -10.63
CA GLN I 321 -28.51 -49.80 -11.87
C GLN I 321 -28.82 -51.25 -12.26
N GLN I 322 -28.90 -52.15 -11.29
CA GLN I 322 -29.36 -53.50 -11.61
C GLN I 322 -30.70 -53.48 -12.32
N GLU I 323 -31.62 -52.63 -11.86
CA GLU I 323 -32.95 -52.55 -12.47
C GLU I 323 -32.87 -52.12 -13.94
N LEU I 324 -32.04 -51.14 -14.25
CA LEU I 324 -31.87 -50.69 -15.63
C LEU I 324 -31.29 -51.79 -16.51
N ALA I 325 -30.22 -52.45 -16.02
CA ALA I 325 -29.57 -53.49 -16.82
C ALA I 325 -30.53 -54.64 -17.12
N ASP I 326 -31.33 -55.05 -16.14
CA ASP I 326 -32.29 -56.14 -16.32
C ASP I 326 -33.41 -55.77 -17.27
N LEU I 327 -33.82 -54.51 -17.29
CA LEU I 327 -35.03 -54.14 -18.01
C LEU I 327 -34.76 -53.67 -19.42
N LEU I 328 -33.56 -53.14 -19.67
CA LEU I 328 -33.19 -52.66 -20.99
C LEU I 328 -32.76 -53.81 -21.88
N PRO I 329 -33.56 -54.12 -22.91
CA PRO I 329 -33.23 -55.26 -23.78
C PRO I 329 -31.93 -55.07 -24.49
N GLY I 330 -31.51 -53.82 -24.71
CA GLY I 330 -30.22 -53.59 -25.32
C GLY I 330 -29.01 -53.80 -24.43
N CYS I 331 -29.18 -54.16 -23.17
CA CYS I 331 -28.11 -54.23 -22.19
C CYS I 331 -27.78 -55.67 -21.85
N ALA I 332 -26.50 -56.05 -21.98
CA ALA I 332 -26.07 -57.42 -21.68
C ALA I 332 -26.17 -57.75 -20.20
N GLY I 333 -25.88 -56.80 -19.33
CA GLY I 333 -25.90 -57.05 -17.90
C GLY I 333 -25.19 -55.95 -17.17
N LEU I 334 -25.49 -55.85 -15.88
CA LEU I 334 -24.84 -54.82 -15.09
C LEU I 334 -23.34 -55.03 -15.07
N ARG I 335 -22.59 -53.98 -15.36
CA ARG I 335 -21.15 -53.93 -15.18
C ARG I 335 -20.87 -53.17 -13.90
N VAL I 336 -20.30 -53.84 -12.91
CA VAL I 336 -20.10 -53.27 -11.58
C VAL I 336 -18.71 -52.66 -11.52
N VAL I 337 -18.64 -51.35 -11.29
CA VAL I 337 -17.38 -50.67 -11.11
C VAL I 337 -16.98 -50.76 -9.64
N GLU I 338 -15.84 -51.38 -9.38
CA GLU I 338 -15.33 -51.47 -8.02
C GLU I 338 -14.66 -50.16 -7.69
N SER I 339 -15.15 -49.50 -6.65
CA SER I 339 -14.65 -48.20 -6.27
C SER I 339 -15.02 -47.96 -4.81
N VAL I 340 -14.11 -47.32 -4.07
CA VAL I 340 -14.39 -46.99 -2.69
C VAL I 340 -14.93 -45.58 -2.53
N TYR I 341 -15.10 -44.84 -3.64
CA TYR I 341 -15.32 -43.41 -3.61
C TYR I 341 -16.77 -43.00 -3.81
N GLY I 342 -17.71 -43.93 -3.70
CA GLY I 342 -19.12 -43.61 -3.77
C GLY I 342 -19.53 -43.03 -5.10
N HIS I 343 -20.55 -42.18 -5.06
CA HIS I 343 -21.12 -41.66 -6.29
C HIS I 343 -20.07 -41.02 -7.19
N ASP I 344 -19.16 -40.25 -6.60
CA ASP I 344 -18.11 -39.60 -7.37
C ASP I 344 -17.09 -40.58 -7.92
N GLY I 345 -17.27 -41.87 -7.67
CA GLY I 345 -16.32 -42.86 -8.14
C GLY I 345 -16.20 -42.97 -9.64
N PHE I 346 -17.29 -42.75 -10.37
CA PHE I 346 -17.20 -42.97 -11.80
C PHE I 346 -16.30 -41.95 -12.49
N LEU I 347 -15.99 -40.82 -11.84
CA LEU I 347 -15.03 -39.86 -12.37
C LEU I 347 -13.60 -40.15 -11.94
N VAL I 348 -13.40 -41.05 -10.99
CA VAL I 348 -12.10 -41.25 -10.35
C VAL I 348 -11.41 -42.49 -10.91
N GLU I 349 -12.19 -43.55 -11.16
CA GLU I 349 -11.68 -44.86 -11.58
C GLU I 349 -11.53 -44.90 -13.11
N THR I 350 -10.50 -44.20 -13.59
CA THR I 350 -10.53 -43.90 -15.01
C THR I 350 -10.37 -45.18 -15.84
N GLU I 351 -9.48 -46.09 -15.43
CA GLU I 351 -9.35 -47.36 -16.15
C GLU I 351 -10.63 -48.19 -16.11
N ALA I 352 -11.22 -48.38 -14.93
CA ALA I 352 -12.42 -49.20 -14.87
C ALA I 352 -13.55 -48.57 -15.68
N VAL I 353 -13.73 -47.26 -15.58
CA VAL I 353 -14.77 -46.64 -16.38
C VAL I 353 -14.35 -46.58 -17.84
N GLY I 354 -13.06 -46.50 -18.10
CA GLY I 354 -12.59 -46.52 -19.47
C GLY I 354 -13.04 -47.74 -20.24
N GLU I 355 -12.98 -48.93 -19.60
CA GLU I 355 -13.48 -50.14 -20.26
C GLU I 355 -14.92 -49.96 -20.72
N LEU I 356 -15.76 -49.36 -19.88
CA LEU I 356 -17.16 -49.18 -20.23
C LEU I 356 -17.33 -48.18 -21.36
N ILE I 357 -16.51 -47.12 -21.40
CA ILE I 357 -16.60 -46.14 -22.49
C ILE I 357 -16.22 -46.78 -23.83
N ARG I 358 -15.10 -47.49 -23.84
CA ARG I 358 -14.70 -48.16 -25.07
C ARG I 358 -15.77 -49.13 -25.54
N GLN I 359 -16.28 -49.96 -24.63
CA GLN I 359 -17.33 -50.92 -24.98
C GLN I 359 -18.56 -50.22 -25.58
N THR I 360 -18.97 -49.09 -25.01
CA THR I 360 -20.13 -48.37 -25.55
C THR I 360 -19.85 -47.89 -26.97
N LEU I 361 -18.71 -47.23 -27.20
CA LEU I 361 -18.41 -46.80 -28.56
C LEU I 361 -18.21 -48.00 -29.48
N GLY I 362 -17.69 -49.10 -28.96
CA GLY I 362 -17.68 -50.33 -29.73
C GLY I 362 -19.05 -50.72 -30.26
N LEU I 363 -20.08 -50.60 -29.43
CA LEU I 363 -21.41 -50.91 -29.92
C LEU I 363 -21.89 -49.92 -30.99
N ALA I 364 -21.44 -48.65 -30.90
CA ALA I 364 -21.77 -47.65 -31.92
C ALA I 364 -21.10 -47.95 -33.28
N ASP I 365 -19.95 -48.63 -33.28
CA ASP I 365 -19.28 -49.07 -34.51
C ASP I 365 -18.52 -47.90 -35.15
N THR J 1 -29.80 -38.29 51.20
CA THR J 1 -29.98 -36.84 51.08
C THR J 1 -31.20 -36.41 50.26
N GLN J 2 -31.28 -36.89 49.01
CA GLN J 2 -32.42 -36.67 48.13
C GLN J 2 -33.10 -37.99 47.78
N THR J 3 -34.27 -37.88 47.18
CA THR J 3 -35.14 -39.03 46.99
C THR J 3 -35.43 -39.30 45.53
N LEU J 4 -35.59 -40.58 45.20
CA LEU J 4 -36.14 -40.95 43.90
C LEU J 4 -37.56 -40.43 43.77
N PRO J 5 -37.95 -39.88 42.62
CA PRO J 5 -39.34 -39.49 42.42
C PRO J 5 -40.25 -40.69 42.53
N ALA J 6 -41.56 -40.43 42.58
CA ALA J 6 -42.52 -41.52 42.54
C ALA J 6 -42.56 -42.14 41.16
N GLU J 7 -42.95 -43.39 41.11
CA GLU J 7 -43.00 -44.09 39.84
C GLU J 7 -43.82 -43.28 38.84
N GLY J 8 -43.21 -43.02 37.68
CA GLY J 8 -43.81 -42.24 36.62
C GLY J 8 -43.54 -40.77 36.72
N GLU J 9 -43.57 -40.23 37.95
CA GLU J 9 -43.35 -38.81 38.15
C GLU J 9 -41.92 -38.40 37.89
N ILE J 10 -41.78 -37.20 37.37
CA ILE J 10 -40.50 -36.57 37.09
C ILE J 10 -39.93 -36.02 38.40
N GLY J 11 -38.61 -36.09 38.55
CA GLY J 11 -37.93 -35.45 39.66
C GLY J 11 -36.75 -34.63 39.20
N LEU J 12 -36.37 -33.65 40.03
CA LEU J 12 -35.24 -32.78 39.77
C LEU J 12 -34.21 -33.02 40.85
N ILE J 13 -33.00 -33.37 40.44
CA ILE J 13 -31.97 -33.80 41.37
C ILE J 13 -30.87 -32.75 41.29
N ASP J 14 -30.66 -32.00 42.36
CA ASP J 14 -29.66 -30.96 42.34
C ASP J 14 -28.29 -31.59 42.59
N VAL J 15 -27.39 -31.49 41.61
CA VAL J 15 -26.06 -32.06 41.75
C VAL J 15 -25.02 -31.00 42.07
N GLY J 16 -25.41 -29.73 42.09
CA GLY J 16 -24.46 -28.68 42.39
C GLY J 16 -23.66 -28.31 41.13
N SER J 17 -22.46 -27.81 41.36
CA SER J 17 -21.58 -27.35 40.28
C SER J 17 -20.69 -28.48 39.78
N LEU J 18 -20.45 -28.50 38.46
CA LEU J 18 -19.68 -29.55 37.80
C LEU J 18 -18.48 -28.96 37.08
N GLN J 19 -17.32 -29.59 37.28
CA GLN J 19 -16.10 -29.20 36.55
C GLN J 19 -16.07 -30.11 35.33
N LEU J 20 -16.18 -29.51 34.16
CA LEU J 20 -16.30 -30.19 32.87
C LEU J 20 -14.95 -30.61 32.31
N GLU J 21 -14.99 -31.53 31.34
CA GLU J 21 -13.74 -32.02 30.78
C GLU J 21 -12.90 -30.89 30.19
N SER J 22 -13.55 -29.84 29.69
CA SER J 22 -12.81 -28.70 29.14
C SER J 22 -12.15 -27.85 30.22
N GLY J 23 -12.44 -28.07 31.51
CA GLY J 23 -12.06 -27.17 32.56
C GLY J 23 -13.18 -26.22 32.95
N ALA J 24 -14.07 -25.90 32.02
CA ALA J 24 -15.23 -25.04 32.28
C ALA J 24 -16.05 -25.52 33.47
N VAL J 25 -16.85 -24.62 34.05
CA VAL J 25 -17.71 -24.95 35.17
C VAL J 25 -19.13 -24.51 34.84
N ILE J 26 -20.06 -25.42 34.97
CA ILE J 26 -21.48 -25.07 34.93
C ILE J 26 -21.94 -25.11 36.38
N ASP J 27 -22.67 -24.07 36.80
CA ASP J 27 -23.06 -23.92 38.19
C ASP J 27 -24.52 -24.34 38.39
N ASP J 28 -24.81 -24.90 39.55
CA ASP J 28 -26.19 -25.18 39.96
C ASP J 28 -26.87 -26.11 38.95
N VAL J 29 -26.21 -27.23 38.65
CA VAL J 29 -26.73 -28.18 37.68
C VAL J 29 -27.90 -28.97 38.26
N CYS J 30 -28.90 -29.18 37.43
CA CYS J 30 -30.12 -29.87 37.80
C CYS J 30 -30.41 -30.93 36.75
N ILE J 31 -30.60 -32.17 37.18
CA ILE J 31 -30.79 -33.33 36.31
C ILE J 31 -32.18 -33.91 36.55
N ALA J 32 -33.04 -33.84 35.55
CA ALA J 32 -34.35 -34.47 35.68
C ALA J 32 -34.22 -35.99 35.55
N VAL J 33 -35.06 -36.70 36.28
CA VAL J 33 -34.95 -38.14 36.40
C VAL J 33 -36.33 -38.78 36.49
N GLN J 34 -36.43 -40.02 36.04
CA GLN J 34 -37.66 -40.80 36.12
C GLN J 34 -37.28 -42.25 36.37
N ARG J 35 -38.19 -43.01 36.98
CA ARG J 35 -37.88 -44.38 37.37
C ARG J 35 -39.11 -45.28 37.21
N TRP J 36 -38.83 -46.57 37.00
CA TRP J 36 -39.87 -47.59 36.92
C TRP J 36 -39.43 -48.80 37.70
N GLY J 37 -40.31 -49.30 38.58
CA GLY J 37 -40.00 -50.33 39.55
C GLY J 37 -39.21 -49.76 40.70
N LYS J 38 -39.26 -50.42 41.86
CA LYS J 38 -38.64 -49.76 42.99
C LYS J 38 -37.21 -50.24 43.20
N LEU J 39 -36.45 -49.37 43.85
CA LEU J 39 -35.09 -49.64 44.18
C LEU J 39 -35.07 -50.64 45.33
N SER J 40 -34.46 -51.79 45.08
CA SER J 40 -34.44 -52.88 46.02
C SER J 40 -33.71 -52.45 47.27
N PRO J 41 -33.94 -53.14 48.38
CA PRO J 41 -33.32 -52.73 49.65
C PRO J 41 -31.81 -52.65 49.57
N ALA J 42 -31.18 -53.54 48.80
CA ALA J 42 -29.73 -53.52 48.67
C ALA J 42 -29.23 -52.38 47.79
N ARG J 43 -30.13 -51.70 47.07
CA ARG J 43 -29.76 -50.62 46.15
C ARG J 43 -28.89 -51.14 45.02
N ASP J 44 -29.21 -52.34 44.55
CA ASP J 44 -28.35 -53.04 43.60
C ASP J 44 -29.05 -53.40 42.29
N ASN J 45 -30.26 -52.85 42.01
CA ASN J 45 -31.02 -53.23 40.82
C ASN J 45 -31.35 -52.06 39.89
N VAL J 46 -30.53 -51.00 39.90
CA VAL J 46 -30.74 -49.86 39.01
C VAL J 46 -30.31 -50.22 37.59
N VAL J 47 -31.18 -49.97 36.62
CA VAL J 47 -30.88 -50.15 35.21
C VAL J 47 -31.02 -48.79 34.54
N VAL J 48 -29.88 -48.16 34.22
CA VAL J 48 -29.87 -46.82 33.65
C VAL J 48 -30.22 -46.90 32.16
N VAL J 49 -31.28 -46.21 31.76
CA VAL J 49 -31.71 -46.13 30.38
C VAL J 49 -31.28 -44.78 29.83
N LEU J 50 -30.49 -44.78 28.76
CA LEU J 50 -29.86 -43.56 28.27
C LEU J 50 -30.43 -43.16 26.91
N HIS J 51 -31.05 -41.97 26.84
CA HIS J 51 -31.76 -41.49 25.67
C HIS J 51 -30.80 -40.92 24.64
N ALA J 52 -31.34 -40.68 23.44
CA ALA J 52 -30.56 -40.24 22.28
C ALA J 52 -30.58 -38.70 22.19
N LEU J 53 -30.34 -38.17 20.99
CA LEU J 53 -30.15 -36.73 20.81
C LEU J 53 -31.37 -35.94 21.28
N THR J 54 -32.56 -36.23 20.74
CA THR J 54 -33.74 -35.42 21.03
C THR J 54 -34.68 -36.04 22.05
N GLY J 55 -34.26 -37.11 22.71
CA GLY J 55 -35.10 -37.77 23.67
C GLY J 55 -35.07 -37.05 24.99
N ASP J 56 -35.91 -37.55 25.90
CA ASP J 56 -35.97 -37.07 27.27
C ASP J 56 -36.03 -38.29 28.17
N SER J 57 -36.33 -38.06 29.45
CA SER J 57 -36.39 -39.10 30.46
C SER J 57 -37.63 -39.99 30.38
N HIS J 58 -38.62 -39.66 29.57
CA HIS J 58 -39.89 -40.40 29.56
C HIS J 58 -39.76 -41.61 28.63
N ILE J 59 -39.11 -42.66 29.15
CA ILE J 59 -38.73 -43.81 28.31
C ILE J 59 -39.95 -44.65 27.93
N THR J 60 -40.92 -44.78 28.82
CA THR J 60 -42.10 -45.57 28.51
C THR J 60 -43.31 -44.88 29.09
N GLY J 61 -44.48 -45.29 28.62
CA GLY J 61 -45.71 -44.73 29.10
C GLY J 61 -46.46 -44.04 27.99
N PRO J 62 -47.71 -43.70 28.25
CA PRO J 62 -48.55 -43.07 27.23
C PRO J 62 -48.40 -41.55 27.30
N ALA J 63 -48.91 -40.89 26.28
CA ALA J 63 -48.97 -39.43 26.33
C ALA J 63 -49.85 -39.01 27.49
N GLY J 64 -49.48 -37.90 28.13
CA GLY J 64 -50.22 -37.43 29.27
C GLY J 64 -49.83 -36.04 29.73
N PRO J 65 -50.22 -35.68 30.95
CA PRO J 65 -49.85 -34.36 31.50
C PRO J 65 -48.34 -34.26 31.69
N GLY J 66 -47.76 -33.20 31.13
CA GLY J 66 -46.32 -33.08 31.14
C GLY J 66 -45.62 -33.95 30.11
N HIS J 67 -46.36 -34.78 29.37
CA HIS J 67 -45.80 -35.71 28.39
C HIS J 67 -46.64 -35.74 27.15
N PRO J 68 -46.34 -34.89 26.16
CA PRO J 68 -47.17 -34.82 24.95
C PRO J 68 -47.25 -36.09 24.12
N THR J 69 -46.24 -36.97 24.16
CA THR J 69 -46.19 -38.16 23.31
C THR J 69 -45.78 -39.32 24.13
N PRO J 70 -46.11 -40.56 23.71
CA PRO J 70 -45.68 -41.75 24.42
C PRO J 70 -44.16 -41.80 24.58
N GLY J 71 -43.71 -42.71 25.43
CA GLY J 71 -42.30 -42.90 25.66
C GLY J 71 -41.59 -43.43 24.43
N TRP J 72 -40.34 -43.00 24.23
CA TRP J 72 -39.62 -43.36 23.02
C TRP J 72 -39.22 -44.83 22.94
N TRP J 73 -39.13 -45.51 24.09
CA TRP J 73 -39.06 -46.97 24.21
C TRP J 73 -40.32 -47.54 24.83
N ASP J 74 -41.47 -47.18 24.29
CA ASP J 74 -42.73 -47.60 24.88
C ASP J 74 -42.75 -49.10 25.01
N GLY J 75 -42.97 -49.59 26.24
CA GLY J 75 -43.00 -51.00 26.54
C GLY J 75 -41.69 -51.56 27.06
N VAL J 76 -40.60 -50.78 27.07
CA VAL J 76 -39.29 -51.34 27.39
C VAL J 76 -39.17 -51.67 28.88
N ALA J 77 -39.89 -50.94 29.75
CA ALA J 77 -39.82 -51.16 31.20
C ALA J 77 -41.24 -51.39 31.76
N GLY J 78 -41.37 -52.44 32.56
CA GLY J 78 -42.64 -52.82 33.15
C GLY J 78 -42.63 -54.27 33.62
N PRO J 79 -43.78 -54.72 34.12
CA PRO J 79 -43.93 -56.15 34.48
C PRO J 79 -43.77 -57.06 33.27
N GLY J 80 -42.74 -57.92 33.30
CA GLY J 80 -42.50 -58.87 32.23
C GLY J 80 -41.79 -58.32 31.01
N ALA J 81 -41.51 -57.02 30.97
CA ALA J 81 -40.87 -56.38 29.84
C ALA J 81 -39.39 -56.70 29.76
N PRO J 82 -38.73 -56.28 28.68
CA PRO J 82 -37.27 -56.43 28.61
C PRO J 82 -36.54 -55.95 29.85
N ILE J 83 -36.78 -54.73 30.32
CA ILE J 83 -36.34 -54.32 31.65
C ILE J 83 -37.47 -54.67 32.60
N ASP J 84 -37.38 -55.84 33.23
CA ASP J 84 -38.43 -56.36 34.12
C ASP J 84 -38.42 -55.59 35.42
N THR J 85 -39.39 -54.68 35.59
CA THR J 85 -39.44 -53.81 36.76
C THR J 85 -39.96 -54.51 38.02
N THR J 86 -40.46 -55.74 37.90
CA THR J 86 -40.65 -56.56 39.10
C THR J 86 -39.31 -57.02 39.66
N ARG J 87 -38.21 -56.80 38.92
CA ARG J 87 -36.88 -57.17 39.37
C ARG J 87 -35.91 -56.01 39.30
N TRP J 88 -36.12 -55.08 38.38
CA TRP J 88 -35.18 -53.99 38.14
C TRP J 88 -35.84 -52.64 38.41
N CYS J 89 -35.00 -51.65 38.68
CA CYS J 89 -35.43 -50.27 38.80
C CYS J 89 -34.86 -49.51 37.60
N ALA J 90 -35.70 -49.30 36.59
CA ALA J 90 -35.27 -48.63 35.37
C ALA J 90 -35.24 -47.13 35.64
N VAL J 91 -34.05 -46.55 35.65
CA VAL J 91 -33.85 -45.13 35.91
C VAL J 91 -33.36 -44.46 34.64
N ALA J 92 -33.98 -43.33 34.28
CA ALA J 92 -33.62 -42.59 33.09
C ALA J 92 -33.60 -41.09 33.41
N THR J 93 -32.46 -40.43 33.21
CA THR J 93 -32.33 -38.98 33.34
C THR J 93 -32.59 -38.29 32.00
N ASN J 94 -32.74 -36.98 32.07
CA ASN J 94 -32.61 -36.12 30.91
C ASN J 94 -31.17 -35.61 30.87
N VAL J 95 -30.52 -35.74 29.71
CA VAL J 95 -29.07 -35.53 29.65
C VAL J 95 -28.70 -34.08 29.95
N LEU J 96 -27.51 -33.90 30.50
CA LEU J 96 -26.97 -32.55 30.63
C LEU J 96 -26.90 -31.90 29.26
N GLY J 97 -27.36 -30.66 29.17
CA GLY J 97 -27.49 -29.97 27.91
C GLY J 97 -28.88 -30.05 27.31
N GLY J 98 -29.76 -30.85 27.90
CA GLY J 98 -31.10 -31.05 27.38
C GLY J 98 -32.03 -29.87 27.62
N CYS J 99 -33.29 -30.10 27.28
CA CYS J 99 -34.32 -29.09 27.37
C CYS J 99 -35.60 -29.70 27.89
N ARG J 100 -35.50 -30.72 28.72
CA ARG J 100 -36.68 -31.39 29.23
C ARG J 100 -36.50 -31.74 30.70
N GLY J 101 -36.02 -30.77 31.46
CA GLY J 101 -35.90 -30.93 32.88
C GLY J 101 -34.51 -30.57 33.32
N SER J 102 -33.51 -30.97 32.56
CA SER J 102 -32.15 -30.79 33.01
C SER J 102 -31.60 -29.45 32.55
N THR J 103 -30.47 -29.08 33.12
CA THR J 103 -29.85 -27.81 32.80
C THR J 103 -29.44 -27.82 31.34
N GLY J 104 -30.00 -26.90 30.56
CA GLY J 104 -29.63 -26.77 29.18
C GLY J 104 -29.61 -25.32 28.78
N PRO J 105 -29.29 -25.02 27.52
CA PRO J 105 -29.29 -23.62 27.07
C PRO J 105 -30.61 -22.88 27.36
N SER J 106 -31.76 -23.55 27.27
CA SER J 106 -33.00 -22.85 27.54
C SER J 106 -33.22 -22.63 29.03
N SER J 107 -32.51 -23.34 29.89
CA SER J 107 -32.64 -23.15 31.33
C SER J 107 -32.15 -21.77 31.77
N LEU J 108 -32.66 -21.32 32.92
CA LEU J 108 -32.33 -20.01 33.47
C LEU J 108 -31.09 -20.10 34.35
N ALA J 109 -30.09 -19.26 34.05
CA ALA J 109 -28.82 -19.24 34.79
C ALA J 109 -28.94 -18.39 36.06
N ARG J 110 -27.81 -18.14 36.71
CA ARG J 110 -27.82 -17.36 37.97
C ARG J 110 -28.59 -16.07 37.71
N ASP J 111 -28.05 -15.15 36.91
CA ASP J 111 -28.88 -13.99 36.52
C ASP J 111 -30.13 -14.66 35.94
N GLY J 112 -31.30 -14.06 35.92
CA GLY J 112 -32.48 -14.79 35.43
C GLY J 112 -32.45 -14.93 33.92
N LYS J 113 -31.30 -14.71 33.30
CA LYS J 113 -31.10 -14.72 31.86
C LYS J 113 -30.90 -16.18 31.44
N PRO J 114 -31.58 -16.66 30.41
CA PRO J 114 -31.32 -18.03 29.96
C PRO J 114 -29.85 -18.23 29.64
N TRP J 115 -29.36 -19.44 29.93
CA TRP J 115 -27.97 -19.77 29.66
C TRP J 115 -27.56 -19.34 28.25
N GLY J 116 -28.26 -19.88 27.23
CA GLY J 116 -28.09 -19.41 25.86
C GLY J 116 -26.66 -19.52 25.36
N SER J 117 -26.18 -18.42 24.79
CA SER J 117 -24.83 -18.40 24.27
C SER J 117 -23.78 -18.70 25.32
N ARG J 118 -24.14 -18.60 26.59
CA ARG J 118 -23.21 -18.82 27.67
C ARG J 118 -23.08 -20.27 28.08
N PHE J 119 -23.91 -21.16 27.57
CA PHE J 119 -23.78 -22.55 27.95
C PHE J 119 -22.47 -23.09 27.40
N PRO J 120 -21.62 -23.68 28.24
CA PRO J 120 -20.32 -24.17 27.78
C PRO J 120 -20.49 -25.48 27.02
N LEU J 121 -19.57 -25.72 26.10
CA LEU J 121 -19.57 -26.98 25.36
C LEU J 121 -19.30 -28.16 26.26
N ILE J 122 -20.05 -29.24 26.05
CA ILE J 122 -19.97 -30.42 26.90
C ILE J 122 -19.66 -31.63 26.02
N SER J 123 -19.08 -32.64 26.65
CA SER J 123 -18.72 -33.88 25.99
C SER J 123 -19.60 -35.03 26.51
N ILE J 124 -19.64 -36.11 25.75
CA ILE J 124 -20.31 -37.30 26.27
C ILE J 124 -19.75 -37.61 27.66
N ARG J 125 -18.46 -37.39 27.85
CA ARG J 125 -17.85 -37.68 29.14
C ARG J 125 -18.46 -36.81 30.24
N ASP J 126 -18.70 -35.54 29.95
CA ASP J 126 -19.43 -34.70 30.89
C ASP J 126 -20.84 -35.25 31.14
N GLN J 127 -21.55 -35.63 30.09
CA GLN J 127 -22.91 -36.10 30.28
C GLN J 127 -22.98 -37.28 31.24
N VAL J 128 -21.95 -38.12 31.26
CA VAL J 128 -21.96 -39.28 32.15
C VAL J 128 -21.63 -38.86 33.58
N GLN J 129 -20.73 -37.90 33.77
CA GLN J 129 -20.49 -37.37 35.09
C GLN J 129 -21.80 -36.88 35.71
N ALA J 130 -22.54 -36.07 34.95
CA ALA J 130 -23.79 -35.51 35.45
C ALA J 130 -24.77 -36.61 35.84
N ASP J 131 -24.87 -37.66 35.03
CA ASP J 131 -25.75 -38.77 35.39
C ASP J 131 -25.22 -39.48 36.64
N VAL J 132 -23.91 -39.65 36.73
CA VAL J 132 -23.30 -40.28 37.90
C VAL J 132 -23.49 -39.41 39.13
N ALA J 133 -23.28 -38.10 39.00
CA ALA J 133 -23.51 -37.20 40.11
C ALA J 133 -24.96 -37.26 40.58
N ALA J 134 -25.89 -37.36 39.64
CA ALA J 134 -27.30 -37.42 39.98
C ALA J 134 -27.61 -38.66 40.81
N LEU J 135 -27.09 -39.82 40.38
CA LEU J 135 -27.31 -41.06 41.13
C LEU J 135 -26.63 -41.04 42.50
N ALA J 136 -25.48 -40.39 42.62
CA ALA J 136 -24.85 -40.31 43.92
C ALA J 136 -25.73 -39.54 44.90
N ALA J 137 -26.21 -38.37 44.47
CA ALA J 137 -27.09 -37.56 45.29
C ALA J 137 -28.35 -38.31 45.69
N LEU J 138 -28.65 -39.42 45.02
CA LEU J 138 -29.76 -40.29 45.36
C LEU J 138 -29.31 -41.51 46.16
N GLY J 139 -28.04 -41.57 46.55
CA GLY J 139 -27.52 -42.71 47.28
C GLY J 139 -27.21 -43.93 46.42
N ILE J 140 -27.37 -43.83 45.11
CA ILE J 140 -27.03 -44.93 44.20
C ILE J 140 -25.60 -44.69 43.73
N THR J 141 -24.70 -45.61 44.08
CA THR J 141 -23.29 -45.42 43.78
C THR J 141 -22.72 -46.40 42.78
N GLU J 142 -23.49 -47.43 42.42
CA GLU J 142 -23.05 -48.42 41.46
C GLU J 142 -24.27 -49.08 40.85
N VAL J 143 -24.26 -49.28 39.53
CA VAL J 143 -25.46 -49.63 38.81
C VAL J 143 -25.36 -51.04 38.25
N ALA J 144 -26.53 -51.66 38.08
CA ALA J 144 -26.58 -53.01 37.54
C ALA J 144 -26.27 -53.05 36.04
N ALA J 145 -26.77 -52.07 35.28
CA ALA J 145 -26.60 -52.06 33.83
C ALA J 145 -26.83 -50.66 33.31
N VAL J 146 -26.19 -50.35 32.20
CA VAL J 146 -26.51 -49.19 31.39
C VAL J 146 -26.93 -49.69 30.02
N VAL J 147 -27.97 -49.11 29.46
CA VAL J 147 -28.41 -49.45 28.11
C VAL J 147 -28.70 -48.16 27.37
N GLY J 148 -28.27 -48.11 26.11
CA GLY J 148 -28.48 -46.95 25.29
C GLY J 148 -28.28 -47.29 23.82
N GLY J 149 -28.96 -46.52 22.96
CA GLY J 149 -28.75 -46.61 21.52
C GLY J 149 -28.38 -45.25 21.02
N SER J 150 -27.77 -45.17 19.83
CA SER J 150 -27.35 -43.89 19.23
C SER J 150 -26.56 -43.11 20.28
N MET J 151 -26.89 -41.86 20.56
CA MET J 151 -26.22 -41.09 21.59
C MET J 151 -26.25 -41.82 22.92
N GLY J 152 -27.36 -42.49 23.21
CA GLY J 152 -27.45 -43.27 24.43
C GLY J 152 -26.41 -44.36 24.50
N GLY J 153 -26.11 -44.99 23.37
CA GLY J 153 -25.05 -45.97 23.34
C GLY J 153 -23.69 -45.34 23.58
N ALA J 154 -23.47 -44.14 23.05
CA ALA J 154 -22.21 -43.46 23.35
C ALA J 154 -22.11 -43.14 24.84
N ARG J 155 -23.22 -42.71 25.43
CA ARG J 155 -23.20 -42.49 26.87
C ARG J 155 -22.90 -43.79 27.60
N ALA J 156 -23.64 -44.86 27.28
CA ALA J 156 -23.39 -46.14 27.92
C ALA J 156 -21.94 -46.57 27.74
N LEU J 157 -21.41 -46.46 26.52
CA LEU J 157 -20.03 -46.86 26.30
C LEU J 157 -19.08 -46.06 27.19
N GLU J 158 -19.22 -44.73 27.21
CA GLU J 158 -18.33 -43.93 28.04
C GLU J 158 -18.54 -44.18 29.53
N TRP J 159 -19.72 -44.72 29.90
CA TRP J 159 -19.95 -45.09 31.30
C TRP J 159 -19.08 -46.29 31.66
N VAL J 160 -19.26 -47.41 30.93
CA VAL J 160 -18.56 -48.64 31.26
C VAL J 160 -17.05 -48.49 31.12
N VAL J 161 -16.58 -47.62 30.25
CA VAL J 161 -15.14 -47.48 30.13
C VAL J 161 -14.57 -46.66 31.28
N GLY J 162 -15.24 -45.58 31.67
CA GLY J 162 -14.71 -44.73 32.70
C GLY J 162 -15.10 -45.08 34.12
N TYR J 163 -16.19 -45.84 34.30
CA TYR J 163 -16.69 -46.22 35.62
C TYR J 163 -16.90 -47.73 35.66
N PRO J 164 -15.87 -48.49 35.26
CA PRO J 164 -16.04 -49.95 35.09
C PRO J 164 -16.28 -50.67 36.38
N ASP J 165 -15.78 -50.11 37.47
CA ASP J 165 -15.94 -50.78 38.72
C ASP J 165 -17.34 -50.66 39.24
N ARG J 166 -18.18 -49.84 38.63
CA ARG J 166 -19.44 -49.62 39.31
C ARG J 166 -20.63 -49.68 38.35
N VAL J 167 -20.50 -50.54 37.35
CA VAL J 167 -21.52 -50.94 36.40
C VAL J 167 -21.19 -52.38 36.04
N ARG J 168 -22.21 -53.24 36.00
CA ARG J 168 -21.93 -54.67 35.91
C ARG J 168 -22.02 -55.20 34.48
N ALA J 169 -22.84 -54.59 33.64
CA ALA J 169 -23.05 -55.00 32.26
C ALA J 169 -23.51 -53.78 31.47
N GLY J 170 -23.32 -53.84 30.17
CA GLY J 170 -23.71 -52.74 29.30
C GLY J 170 -24.33 -53.27 28.02
N LEU J 171 -25.28 -52.50 27.50
CA LEU J 171 -25.85 -52.75 26.19
C LEU J 171 -25.49 -51.57 25.32
N LEU J 172 -24.61 -51.78 24.33
CA LEU J 172 -24.19 -50.75 23.38
C LEU J 172 -24.89 -51.05 22.06
N LEU J 173 -25.77 -50.15 21.66
CA LEU J 173 -26.68 -50.39 20.55
C LEU J 173 -26.53 -49.28 19.52
N ALA J 174 -26.31 -49.64 18.25
CA ALA J 174 -26.26 -48.70 17.13
C ALA J 174 -25.39 -47.48 17.47
N VAL J 175 -24.12 -47.74 17.71
CA VAL J 175 -23.19 -46.71 18.18
C VAL J 175 -21.81 -47.16 17.74
N GLY J 176 -20.83 -46.25 17.85
CA GLY J 176 -19.47 -46.55 17.47
C GLY J 176 -18.50 -46.06 18.53
N ALA J 177 -17.24 -46.48 18.38
CA ALA J 177 -16.22 -46.11 19.37
C ALA J 177 -15.92 -44.63 19.36
N ARG J 178 -16.04 -43.97 18.21
CA ARG J 178 -15.83 -42.53 18.09
C ARG J 178 -16.68 -42.01 16.96
N ALA J 179 -16.76 -40.69 16.86
CA ALA J 179 -17.47 -40.08 15.76
C ALA J 179 -16.73 -40.37 14.47
N THR J 180 -17.48 -40.72 13.42
CA THR J 180 -16.91 -40.95 12.10
C THR J 180 -16.93 -39.65 11.31
N ALA J 181 -16.08 -39.58 10.28
CA ALA J 181 -16.05 -38.40 9.42
C ALA J 181 -17.42 -38.07 8.84
N ASP J 182 -18.15 -39.07 8.34
CA ASP J 182 -19.48 -38.78 7.81
C ASP J 182 -20.39 -38.19 8.90
N GLN J 183 -20.37 -38.78 10.09
CA GLN J 183 -21.18 -38.26 11.20
C GLN J 183 -20.86 -36.79 11.48
N ILE J 184 -19.57 -36.48 11.67
CA ILE J 184 -19.15 -35.11 11.92
C ILE J 184 -19.54 -34.20 10.75
N GLY J 185 -19.41 -34.71 9.53
CA GLY J 185 -19.77 -33.94 8.35
C GLY J 185 -21.22 -33.52 8.40
N THR J 186 -22.15 -34.46 8.52
CA THR J 186 -23.56 -34.09 8.54
C THR J 186 -23.92 -33.33 9.80
N GLN J 187 -23.27 -33.65 10.92
CA GLN J 187 -23.65 -33.01 12.18
C GLN J 187 -23.21 -31.55 12.23
N THR J 188 -21.98 -31.27 11.81
CA THR J 188 -21.58 -29.87 11.72
C THR J 188 -22.48 -29.09 10.74
N THR J 189 -22.86 -29.70 9.62
CA THR J 189 -23.73 -29.00 8.69
C THR J 189 -25.11 -28.80 9.27
N GLN J 190 -25.60 -29.80 9.99
CA GLN J 190 -26.83 -29.61 10.75
C GLN J 190 -26.70 -28.43 11.72
N ILE J 191 -25.59 -28.34 12.44
CA ILE J 191 -25.36 -27.19 13.31
C ILE J 191 -25.37 -25.89 12.50
N ALA J 192 -24.62 -25.85 11.39
CA ALA J 192 -24.57 -24.65 10.56
C ALA J 192 -25.95 -24.23 10.02
N ALA J 193 -26.84 -25.18 9.71
CA ALA J 193 -28.15 -24.80 9.20
C ALA J 193 -28.93 -24.01 10.24
N ILE J 194 -28.86 -24.43 11.51
CA ILE J 194 -29.52 -23.70 12.60
C ILE J 194 -28.91 -22.33 12.78
N LYS J 195 -27.58 -22.26 12.89
CA LYS J 195 -26.91 -21.00 13.14
C LYS J 195 -27.05 -20.00 11.98
N ALA J 196 -27.33 -20.50 10.77
CA ALA J 196 -27.52 -19.63 9.61
C ALA J 196 -28.88 -18.97 9.62
N ASP J 197 -29.79 -19.49 10.42
CA ASP J 197 -31.06 -18.81 10.62
C ASP J 197 -30.78 -17.43 11.19
N PRO J 198 -31.37 -16.38 10.63
CA PRO J 198 -31.14 -15.03 11.20
C PRO J 198 -31.74 -14.92 12.59
N ASP J 199 -32.80 -15.69 12.87
CA ASP J 199 -33.44 -15.71 14.18
C ASP J 199 -32.64 -16.52 15.21
N TRP J 200 -31.49 -17.08 14.83
CA TRP J 200 -30.63 -17.73 15.81
C TRP J 200 -30.15 -16.75 16.86
N GLN J 201 -29.78 -15.53 16.45
CA GLN J 201 -29.32 -14.46 17.35
C GLN J 201 -28.21 -14.93 18.28
N SER J 202 -27.14 -15.49 17.70
CA SER J 202 -25.96 -15.96 18.44
C SER J 202 -26.34 -16.97 19.53
N GLY J 203 -27.54 -17.54 19.46
CA GLY J 203 -27.99 -18.48 20.47
C GLY J 203 -28.75 -17.87 21.62
N ASP J 204 -29.05 -16.57 21.58
CA ASP J 204 -29.76 -15.89 22.65
C ASP J 204 -31.16 -15.46 22.22
N TYR J 205 -31.83 -16.36 21.52
CA TYR J 205 -33.20 -16.20 21.08
C TYR J 205 -34.22 -16.55 22.16
N HIS J 206 -33.78 -17.11 23.30
CA HIS J 206 -34.72 -17.79 24.20
C HIS J 206 -35.80 -16.88 24.80
N GLU J 207 -35.64 -15.55 24.77
CA GLU J 207 -36.67 -14.68 25.34
C GLU J 207 -36.99 -13.52 24.42
N THR J 208 -36.88 -13.71 23.10
CA THR J 208 -37.13 -12.65 22.15
C THR J 208 -38.41 -12.85 21.35
N GLY J 209 -39.05 -14.00 21.46
CA GLY J 209 -40.25 -14.27 20.68
C GLY J 209 -40.01 -14.58 19.21
N ARG J 210 -38.76 -14.67 18.77
CA ARG J 210 -38.44 -15.18 17.45
C ARG J 210 -37.43 -16.30 17.65
N ALA J 211 -37.59 -17.39 16.92
CA ALA J 211 -36.70 -18.53 17.12
C ALA J 211 -36.33 -19.12 15.78
N PRO J 212 -35.20 -19.87 15.72
CA PRO J 212 -34.68 -20.40 14.45
C PRO J 212 -35.43 -21.65 13.99
N ASP J 213 -36.74 -21.51 13.78
CA ASP J 213 -37.56 -22.66 13.46
C ASP J 213 -37.21 -23.24 12.10
N ALA J 214 -36.98 -22.38 11.11
CA ALA J 214 -36.61 -22.85 9.78
C ALA J 214 -35.29 -23.61 9.81
N GLY J 215 -34.27 -23.05 10.46
CA GLY J 215 -32.97 -23.70 10.50
C GLY J 215 -32.98 -25.00 11.28
N LEU J 216 -33.64 -25.01 12.43
CA LEU J 216 -33.76 -26.25 13.18
C LEU J 216 -34.55 -27.25 12.39
N ARG J 217 -35.60 -26.79 11.72
CA ARG J 217 -36.39 -27.70 10.90
C ARG J 217 -35.55 -28.26 9.75
N LEU J 218 -34.66 -27.44 9.18
CA LEU J 218 -33.73 -27.94 8.17
C LEU J 218 -32.84 -29.03 8.74
N ALA J 219 -32.24 -28.79 9.91
CA ALA J 219 -31.33 -29.77 10.52
C ALA J 219 -32.03 -31.11 10.72
N ARG J 220 -33.26 -31.09 11.24
CA ARG J 220 -33.92 -32.36 11.55
C ARG J 220 -34.24 -33.16 10.29
N ARG J 221 -34.63 -32.48 9.20
CA ARG J 221 -34.94 -33.16 7.94
C ARG J 221 -33.74 -33.92 7.41
N PHE J 222 -32.57 -33.29 7.40
CA PHE J 222 -31.38 -33.99 6.93
C PHE J 222 -31.03 -35.14 7.87
N ALA J 223 -31.08 -34.90 9.18
CA ALA J 223 -30.78 -35.97 10.13
C ALA J 223 -31.75 -37.13 9.95
N HIS J 224 -33.05 -36.85 9.83
CA HIS J 224 -34.02 -37.94 9.73
C HIS J 224 -33.69 -38.87 8.55
N LEU J 225 -33.27 -38.31 7.41
CA LEU J 225 -32.84 -39.19 6.33
C LEU J 225 -31.69 -40.07 6.79
N THR J 226 -30.79 -39.56 7.62
CA THR J 226 -29.71 -40.42 8.06
C THR J 226 -30.26 -41.53 8.94
N TYR J 227 -31.39 -41.28 9.61
CA TYR J 227 -31.96 -42.29 10.50
C TYR J 227 -32.70 -43.41 9.75
N ARG J 228 -33.07 -43.18 8.51
CA ARG J 228 -33.89 -44.19 7.83
C ARG J 228 -33.07 -45.09 6.91
N GLY J 229 -33.73 -46.08 6.34
CA GLY J 229 -33.09 -46.98 5.40
C GLY J 229 -33.52 -46.62 4.00
N GLU J 230 -32.56 -46.68 3.07
CA GLU J 230 -32.83 -46.24 1.71
C GLU J 230 -34.00 -46.99 1.09
N ILE J 231 -34.01 -48.32 1.18
CA ILE J 231 -35.05 -49.06 0.49
C ILE J 231 -36.41 -48.80 1.11
N GLU J 232 -36.53 -48.91 2.44
CA GLU J 232 -37.85 -48.75 3.03
C GLU J 232 -38.41 -47.37 2.71
N LEU J 233 -37.53 -46.37 2.63
CA LEU J 233 -38.01 -45.02 2.25
C LEU J 233 -38.58 -45.11 0.84
N ASP J 234 -37.86 -45.76 -0.07
CA ASP J 234 -38.38 -45.85 -1.42
C ASP J 234 -39.61 -46.73 -1.50
N THR J 235 -39.66 -47.80 -0.71
CA THR J 235 -40.83 -48.67 -0.74
C THR J 235 -42.06 -47.94 -0.26
N ARG J 236 -41.91 -47.16 0.81
CA ARG J 236 -43.04 -46.44 1.35
C ARG J 236 -43.49 -45.29 0.46
N PHE J 237 -42.56 -44.47 -0.02
CA PHE J 237 -42.87 -43.20 -0.68
C PHE J 237 -42.59 -43.15 -2.19
N ALA J 238 -41.53 -43.82 -2.65
CA ALA J 238 -41.08 -43.69 -4.03
C ALA J 238 -41.00 -42.23 -4.42
N ASN J 239 -41.34 -41.94 -5.67
CA ASN J 239 -41.45 -40.57 -6.15
C ASN J 239 -42.91 -40.11 -6.23
N HIS J 240 -43.80 -40.72 -5.43
CA HIS J 240 -45.22 -40.38 -5.46
C HIS J 240 -45.46 -38.97 -4.94
N ASN J 241 -46.52 -38.34 -5.47
CA ASN J 241 -46.91 -37.01 -4.99
C ASN J 241 -47.64 -37.14 -3.67
N GLN J 242 -47.72 -36.02 -2.96
CA GLN J 242 -48.47 -35.96 -1.72
C GLN J 242 -49.95 -35.72 -2.01
N GLY J 243 -50.78 -36.71 -1.66
CA GLY J 243 -52.22 -36.64 -1.89
C GLY J 243 -52.61 -36.28 -3.32
N ASN J 244 -53.27 -35.12 -3.47
CA ASN J 244 -53.66 -34.61 -4.78
C ASN J 244 -52.85 -33.39 -5.17
N GLU J 245 -51.65 -33.25 -4.61
CA GLU J 245 -50.82 -32.10 -4.88
C GLU J 245 -50.01 -32.29 -6.16
N ASP J 246 -49.70 -31.15 -6.81
CA ASP J 246 -48.93 -31.13 -8.06
C ASP J 246 -47.54 -30.53 -7.86
N PRO J 247 -46.48 -31.35 -7.82
CA PRO J 247 -45.13 -30.77 -7.71
C PRO J 247 -44.78 -29.83 -8.84
N THR J 248 -45.41 -29.97 -10.02
CA THR J 248 -45.14 -29.07 -11.13
C THR J 248 -45.82 -27.73 -10.98
N ALA J 249 -46.69 -27.58 -9.97
CA ALA J 249 -47.39 -26.34 -9.70
C ALA J 249 -47.24 -25.94 -8.25
N GLY J 250 -46.12 -26.30 -7.62
CA GLY J 250 -45.82 -25.90 -6.26
C GLY J 250 -46.15 -26.91 -5.19
N GLY J 251 -46.71 -28.05 -5.57
CA GLY J 251 -47.08 -29.09 -4.63
C GLY J 251 -45.90 -29.90 -4.15
N ARG J 252 -46.21 -30.88 -3.30
CA ARG J 252 -45.21 -31.63 -2.57
C ARG J 252 -45.20 -33.11 -2.96
N TYR J 253 -44.02 -33.70 -2.83
CA TYR J 253 -43.84 -35.12 -2.91
C TYR J 253 -44.21 -35.77 -1.58
N ALA J 254 -44.51 -37.06 -1.63
CA ALA J 254 -44.91 -37.76 -0.41
C ALA J 254 -43.80 -37.76 0.62
N VAL J 255 -42.57 -38.13 0.21
CA VAL J 255 -41.43 -38.11 1.12
C VAL J 255 -41.12 -36.68 1.55
N GLN J 256 -41.34 -35.73 0.64
CA GLN J 256 -41.11 -34.34 0.99
C GLN J 256 -42.04 -33.91 2.11
N SER J 257 -43.33 -34.22 1.97
CA SER J 257 -44.29 -33.93 3.02
C SER J 257 -43.96 -34.68 4.31
N TYR J 258 -43.61 -35.97 4.21
CA TYR J 258 -43.24 -36.70 5.41
C TYR J 258 -42.16 -35.97 6.18
N LEU J 259 -41.10 -35.54 5.48
CA LEU J 259 -39.97 -34.87 6.13
C LEU J 259 -40.38 -33.54 6.77
N GLU J 260 -41.24 -32.76 6.10
CA GLU J 260 -41.72 -31.51 6.69
C GLU J 260 -42.37 -31.76 8.04
N HIS J 261 -43.22 -32.78 8.10
CA HIS J 261 -43.90 -33.15 9.34
C HIS J 261 -42.90 -33.61 10.41
N GLN J 262 -41.87 -34.36 10.00
CA GLN J 262 -40.85 -34.80 10.95
C GLN J 262 -40.24 -33.60 11.67
N GLY J 263 -40.01 -32.52 10.94
CA GLY J 263 -39.48 -31.32 11.56
C GLY J 263 -40.52 -30.62 12.42
N ASP J 264 -41.77 -30.63 11.98
CA ASP J 264 -42.83 -30.05 12.78
C ASP J 264 -42.93 -30.74 14.14
N LYS J 265 -42.90 -32.08 14.14
CA LYS J 265 -42.98 -32.81 15.42
C LYS J 265 -41.84 -32.39 16.34
N LEU J 266 -40.65 -32.16 15.79
CA LEU J 266 -39.52 -31.76 16.64
C LEU J 266 -39.69 -30.35 17.15
N LEU J 267 -40.16 -29.43 16.29
CA LEU J 267 -40.24 -28.04 16.68
C LEU J 267 -41.10 -27.85 17.92
N SER J 268 -42.21 -28.57 18.02
CA SER J 268 -43.12 -28.31 19.13
C SER J 268 -42.66 -28.89 20.46
N ARG J 269 -41.46 -29.54 20.52
CA ARG J 269 -41.03 -30.18 21.76
C ARG J 269 -39.53 -30.04 22.01
N PHE J 270 -38.81 -29.28 21.20
CA PHE J 270 -37.37 -29.31 21.32
C PHE J 270 -36.80 -27.93 20.99
N ASP J 271 -35.67 -27.64 21.62
CA ASP J 271 -35.07 -26.33 21.62
C ASP J 271 -33.81 -26.38 20.77
N ALA J 272 -33.71 -25.47 19.79
CA ALA J 272 -32.56 -25.46 18.89
C ALA J 272 -31.26 -25.41 19.67
N GLY J 273 -31.22 -24.64 20.76
CA GLY J 273 -29.99 -24.53 21.53
C GLY J 273 -29.52 -25.86 22.05
N SER J 274 -30.46 -26.72 22.46
CA SER J 274 -30.05 -28.04 22.92
C SER J 274 -29.54 -28.87 21.75
N TYR J 275 -30.28 -28.83 20.63
CA TYR J 275 -29.84 -29.49 19.41
C TYR J 275 -28.39 -29.14 19.09
N VAL J 276 -27.99 -27.86 19.20
CA VAL J 276 -26.62 -27.52 18.88
C VAL J 276 -25.66 -28.10 19.92
N ILE J 277 -25.92 -27.84 21.20
CA ILE J 277 -25.00 -28.29 22.25
C ILE J 277 -24.85 -29.80 22.25
N LEU J 278 -25.96 -30.53 22.05
CA LEU J 278 -25.90 -31.98 22.10
C LEU J 278 -25.28 -32.57 20.84
N THR J 279 -25.54 -31.98 19.67
CA THR J 279 -24.85 -32.41 18.45
C THR J 279 -23.35 -32.13 18.56
N GLU J 280 -22.97 -30.99 19.12
CA GLU J 280 -21.58 -30.71 19.43
C GLU J 280 -20.98 -31.84 20.28
N ALA J 281 -21.76 -32.36 21.20
CA ALA J 281 -21.28 -33.44 22.05
C ALA J 281 -21.07 -34.72 21.24
N LEU J 282 -21.92 -34.97 20.24
CA LEU J 282 -21.71 -36.11 19.35
C LEU J 282 -20.39 -35.98 18.59
N ASN J 283 -20.07 -34.80 18.08
CA ASN J 283 -18.84 -34.65 17.31
C ASN J 283 -17.61 -34.95 18.14
N SER J 284 -17.58 -34.50 19.39
CA SER J 284 -16.42 -34.68 20.25
C SER J 284 -16.31 -36.09 20.80
N HIS J 285 -17.26 -36.97 20.46
CA HIS J 285 -17.26 -38.31 20.98
C HIS J 285 -16.02 -39.06 20.51
N ASP J 286 -15.33 -39.67 21.45
CA ASP J 286 -14.12 -40.42 21.14
C ASP J 286 -13.65 -41.15 22.38
N VAL J 287 -14.02 -42.43 22.52
CA VAL J 287 -13.71 -43.19 23.72
C VAL J 287 -12.22 -43.37 23.92
N GLY J 288 -11.43 -43.05 22.92
CA GLY J 288 -10.00 -43.21 23.01
C GLY J 288 -9.24 -41.99 23.47
N ARG J 289 -9.86 -40.82 23.46
CA ARG J 289 -9.18 -39.57 23.83
C ARG J 289 -8.49 -39.70 25.17
N GLY J 290 -7.21 -39.31 25.20
CA GLY J 290 -6.51 -39.33 26.47
C GLY J 290 -6.36 -40.70 27.08
N ARG J 291 -6.59 -41.75 26.29
CA ARG J 291 -6.44 -43.12 26.78
C ARG J 291 -5.55 -43.96 25.85
N GLY J 292 -4.78 -43.33 24.94
CA GLY J 292 -3.91 -44.09 24.06
C GLY J 292 -4.58 -44.62 22.81
N GLY J 293 -5.71 -44.05 22.42
CA GLY J 293 -6.41 -44.47 21.22
C GLY J 293 -7.58 -45.38 21.55
N VAL J 294 -8.46 -45.54 20.55
CA VAL J 294 -9.65 -46.35 20.74
C VAL J 294 -9.29 -47.77 21.17
N SER J 295 -8.34 -48.41 20.47
CA SER J 295 -7.99 -49.78 20.79
C SER J 295 -7.57 -49.90 22.24
N ALA J 296 -6.64 -49.04 22.66
CA ALA J 296 -6.11 -49.11 24.02
C ALA J 296 -7.22 -49.03 25.06
N ALA J 297 -8.15 -48.09 24.87
CA ALA J 297 -9.19 -47.88 25.87
C ALA J 297 -10.15 -49.06 25.94
N LEU J 298 -10.67 -49.50 24.79
CA LEU J 298 -11.65 -50.58 24.74
C LEU J 298 -11.03 -51.89 25.23
N ARG J 299 -9.76 -52.09 24.91
CA ARG J 299 -9.06 -53.34 25.30
C ARG J 299 -8.94 -53.39 26.80
N ALA J 300 -8.74 -52.24 27.43
CA ALA J 300 -8.61 -52.24 28.88
C ALA J 300 -9.93 -52.37 29.63
N CYS J 301 -11.09 -52.30 28.97
CA CYS J 301 -12.36 -52.28 29.67
C CYS J 301 -12.88 -53.70 29.83
N PRO J 302 -13.00 -54.21 31.06
CA PRO J 302 -13.45 -55.58 31.28
C PRO J 302 -14.96 -55.74 31.43
N VAL J 303 -15.73 -54.67 31.39
CA VAL J 303 -17.15 -54.85 31.68
C VAL J 303 -17.78 -55.77 30.63
N PRO J 304 -18.53 -56.80 31.03
CA PRO J 304 -19.35 -57.55 30.07
C PRO J 304 -20.32 -56.64 29.35
N VAL J 305 -20.40 -56.77 28.02
CA VAL J 305 -21.30 -55.93 27.22
C VAL J 305 -21.92 -56.75 26.12
N VAL J 306 -23.14 -56.37 25.73
CA VAL J 306 -23.76 -56.85 24.50
C VAL J 306 -23.72 -55.73 23.47
N VAL J 307 -23.30 -56.06 22.24
CA VAL J 307 -23.12 -55.08 21.19
C VAL J 307 -24.05 -55.43 20.04
N GLY J 308 -24.88 -54.49 19.64
CA GLY J 308 -25.82 -54.72 18.56
C GLY J 308 -25.74 -53.65 17.49
N GLY J 309 -25.91 -54.06 16.25
CA GLY J 309 -25.95 -53.12 15.14
C GLY J 309 -27.06 -53.52 14.20
N ILE J 310 -27.57 -52.53 13.47
CA ILE J 310 -28.66 -52.73 12.51
C ILE J 310 -28.07 -52.83 11.10
N THR J 311 -28.56 -53.82 10.32
CA THR J 311 -28.01 -54.06 8.99
C THR J 311 -28.10 -52.83 8.08
N SER J 312 -29.25 -52.16 8.06
CA SER J 312 -29.47 -51.07 7.12
C SER J 312 -29.09 -49.70 7.67
N ASP J 313 -28.37 -49.65 8.78
CA ASP J 313 -28.06 -48.36 9.39
C ASP J 313 -27.14 -47.56 8.47
N ARG J 314 -27.56 -46.33 8.13
CA ARG J 314 -26.72 -45.44 7.34
C ARG J 314 -25.97 -44.41 8.16
N LEU J 315 -26.38 -44.16 9.39
CA LEU J 315 -25.69 -43.18 10.22
C LEU J 315 -24.63 -43.80 11.10
N TYR J 316 -24.91 -44.95 11.70
CA TYR J 316 -23.94 -45.67 12.53
C TYR J 316 -23.79 -47.03 11.88
N PRO J 317 -23.08 -47.11 10.76
CA PRO J 317 -23.06 -48.33 9.97
C PRO J 317 -22.54 -49.50 10.79
N LEU J 318 -22.99 -50.70 10.39
CA LEU J 318 -22.72 -51.93 11.12
C LEU J 318 -21.24 -52.13 11.42
N ARG J 319 -20.34 -51.67 10.53
CA ARG J 319 -18.92 -51.89 10.80
C ARG J 319 -18.51 -51.30 12.13
N LEU J 320 -19.12 -50.18 12.52
CA LEU J 320 -18.72 -49.51 13.75
C LEU J 320 -19.02 -50.36 14.96
N GLN J 321 -20.12 -51.11 14.90
CA GLN J 321 -20.47 -51.98 16.00
C GLN J 321 -19.56 -53.21 16.02
N GLN J 322 -19.26 -53.77 14.84
CA GLN J 322 -18.30 -54.85 14.75
C GLN J 322 -16.96 -54.47 15.37
N GLU J 323 -16.48 -53.27 15.09
CA GLU J 323 -15.22 -52.84 15.67
C GLU J 323 -15.32 -52.82 17.18
N LEU J 324 -16.47 -52.39 17.72
CA LEU J 324 -16.67 -52.45 19.16
C LEU J 324 -16.60 -53.90 19.65
N ALA J 325 -17.32 -54.81 18.99
CA ALA J 325 -17.28 -56.21 19.42
C ALA J 325 -15.87 -56.78 19.37
N ASP J 326 -15.08 -56.36 18.38
CA ASP J 326 -13.74 -56.90 18.27
C ASP J 326 -12.90 -56.45 19.44
N LEU J 327 -13.09 -55.22 19.88
CA LEU J 327 -12.14 -54.57 20.77
C LEU J 327 -12.50 -54.68 22.24
N LEU J 328 -13.78 -54.85 22.57
CA LEU J 328 -14.21 -54.97 23.95
C LEU J 328 -14.13 -56.43 24.38
N PRO J 329 -13.22 -56.80 25.29
CA PRO J 329 -13.11 -58.21 25.69
C PRO J 329 -14.36 -58.72 26.36
N GLY J 330 -15.19 -57.83 26.90
CA GLY J 330 -16.44 -58.22 27.49
C GLY J 330 -17.51 -58.61 26.51
N CYS J 331 -17.24 -58.59 25.20
CA CYS J 331 -18.25 -58.87 24.17
C CYS J 331 -17.98 -60.24 23.53
N ALA J 332 -19.00 -61.11 23.55
CA ALA J 332 -18.81 -62.42 22.94
C ALA J 332 -18.67 -62.30 21.44
N GLY J 333 -19.45 -61.41 20.84
CA GLY J 333 -19.46 -61.17 19.41
C GLY J 333 -20.64 -60.31 18.98
N LEU J 334 -20.50 -59.66 17.84
CA LEU J 334 -21.51 -58.71 17.40
C LEU J 334 -22.85 -59.39 17.22
N ARG J 335 -23.91 -58.74 17.72
CA ARG J 335 -25.27 -59.17 17.51
C ARG J 335 -25.87 -58.30 16.42
N VAL J 336 -26.24 -58.92 15.31
CA VAL J 336 -26.72 -58.23 14.13
C VAL J 336 -28.24 -58.26 14.14
N VAL J 337 -28.86 -57.08 14.18
CA VAL J 337 -30.31 -56.94 14.03
C VAL J 337 -30.65 -56.74 12.54
N GLU J 338 -31.42 -57.66 11.97
CA GLU J 338 -31.85 -57.52 10.60
C GLU J 338 -33.09 -56.63 10.56
N SER J 339 -33.01 -55.53 9.83
CA SER J 339 -34.11 -54.57 9.78
C SER J 339 -33.97 -53.69 8.55
N VAL J 340 -35.12 -53.30 8.01
CA VAL J 340 -35.15 -52.40 6.86
C VAL J 340 -35.22 -50.94 7.25
N TYR J 341 -35.27 -50.62 8.55
CA TYR J 341 -35.63 -49.29 9.03
C TYR J 341 -34.43 -48.43 9.42
N GLY J 342 -33.21 -48.86 9.11
CA GLY J 342 -32.00 -48.11 9.36
C GLY J 342 -31.75 -47.84 10.83
N HIS J 343 -31.12 -46.70 11.11
CA HIS J 343 -30.75 -46.36 12.49
C HIS J 343 -31.96 -46.41 13.40
N ASP J 344 -33.11 -45.91 12.94
CA ASP J 344 -34.30 -45.93 13.80
C ASP J 344 -34.74 -47.34 14.09
N GLY J 345 -34.04 -48.32 13.54
CA GLY J 345 -34.37 -49.71 13.80
C GLY J 345 -34.22 -50.09 15.26
N PHE J 346 -33.30 -49.45 15.97
CA PHE J 346 -33.10 -49.82 17.37
C PHE J 346 -34.28 -49.42 18.25
N LEU J 347 -35.12 -48.47 17.79
CA LEU J 347 -36.34 -48.11 18.49
C LEU J 347 -37.55 -48.91 18.04
N VAL J 348 -37.46 -49.57 16.90
CA VAL J 348 -38.61 -50.15 16.22
C VAL J 348 -38.66 -51.66 16.41
N GLU J 349 -37.49 -52.27 16.40
CA GLU J 349 -37.44 -53.73 16.44
C GLU J 349 -37.56 -54.14 17.88
N THR J 350 -38.64 -53.74 18.52
CA THR J 350 -38.90 -54.02 19.95
C THR J 350 -38.58 -55.48 20.28
N GLU J 351 -38.96 -56.41 19.42
CA GLU J 351 -38.77 -57.85 19.74
C GLU J 351 -37.29 -58.19 19.78
N ALA J 352 -36.59 -57.95 18.68
CA ALA J 352 -35.16 -58.30 18.58
C ALA J 352 -34.39 -57.42 19.54
N VAL J 353 -34.75 -56.14 19.61
CA VAL J 353 -33.94 -55.37 20.58
C VAL J 353 -34.26 -55.77 22.03
N GLY J 354 -35.51 -56.18 22.30
CA GLY J 354 -35.83 -56.65 23.62
C GLY J 354 -34.96 -57.82 24.05
N GLU J 355 -34.77 -58.78 23.14
CA GLU J 355 -33.85 -59.88 23.43
C GLU J 355 -32.46 -59.36 23.80
N LEU J 356 -31.98 -58.32 23.12
CA LEU J 356 -30.64 -57.82 23.43
C LEU J 356 -30.58 -57.28 24.85
N ILE J 357 -31.66 -56.61 25.29
CA ILE J 357 -31.74 -56.07 26.65
C ILE J 357 -31.70 -57.18 27.68
N ARG J 358 -32.51 -58.23 27.48
CA ARG J 358 -32.50 -59.33 28.43
C ARG J 358 -31.10 -59.95 28.53
N GLN J 359 -30.44 -60.19 27.39
CA GLN J 359 -29.10 -60.74 27.45
C GLN J 359 -28.18 -59.86 28.30
N THR J 360 -28.30 -58.54 28.19
CA THR J 360 -27.50 -57.67 29.02
C THR J 360 -27.85 -57.87 30.49
N LEU J 361 -29.15 -57.88 30.78
CA LEU J 361 -29.60 -58.06 32.16
C LEU J 361 -29.23 -59.44 32.69
N GLY J 362 -29.24 -60.46 31.81
CA GLY J 362 -28.71 -61.76 32.19
C GLY J 362 -27.29 -61.66 32.73
N LEU J 363 -26.44 -60.85 32.09
CA LEU J 363 -25.07 -60.67 32.55
C LEU J 363 -24.99 -59.90 33.87
N ALA J 364 -25.83 -58.87 34.04
CA ALA J 364 -25.78 -58.15 35.31
C ALA J 364 -26.30 -59.01 36.44
N ASP J 365 -27.26 -59.88 36.15
CA ASP J 365 -27.72 -60.84 37.14
C ASP J 365 -26.59 -61.75 37.57
N ARG J 366 -25.91 -62.39 36.61
CA ARG J 366 -24.66 -63.10 36.85
C ARG J 366 -23.69 -62.29 37.71
N GLU J 367 -23.75 -60.97 37.61
CA GLU J 367 -23.10 -60.05 38.54
C GLU J 367 -21.63 -60.30 38.68
N THR K 1 -41.05 53.45 16.01
CA THR K 1 -41.12 53.64 14.56
C THR K 1 -39.90 52.90 14.01
N GLN K 2 -39.12 53.60 13.19
CA GLN K 2 -37.80 53.15 12.78
C GLN K 2 -36.80 54.15 13.35
N THR K 3 -35.54 53.78 13.37
CA THR K 3 -34.56 54.58 14.09
C THR K 3 -33.25 54.68 13.31
N LEU K 4 -32.55 55.78 13.53
CA LEU K 4 -31.20 55.92 13.02
C LEU K 4 -30.31 54.80 13.56
N PRO K 5 -29.35 54.31 12.78
CA PRO K 5 -28.38 53.37 13.33
C PRO K 5 -27.57 54.00 14.44
N ALA K 6 -26.75 53.19 15.10
CA ALA K 6 -25.83 53.76 16.06
C ALA K 6 -24.80 54.61 15.32
N GLU K 7 -24.23 55.57 16.04
CA GLU K 7 -23.24 56.42 15.42
C GLU K 7 -22.15 55.56 14.81
N GLY K 8 -21.89 55.78 13.52
CA GLY K 8 -20.93 55.02 12.73
C GLY K 8 -21.52 53.81 12.03
N GLU K 9 -22.48 53.14 12.69
CA GLU K 9 -23.08 51.94 12.12
C GLU K 9 -23.98 52.26 10.93
N ILE K 10 -24.06 51.30 10.00
CA ILE K 10 -24.95 51.31 8.85
C ILE K 10 -26.36 50.91 9.24
N GLY K 11 -27.35 51.58 8.65
CA GLY K 11 -28.74 51.21 8.84
C GLY K 11 -29.52 51.20 7.54
N LEU K 12 -30.66 50.51 7.58
CA LEU K 12 -31.60 50.41 6.47
C LEU K 12 -32.96 50.97 6.87
N ILE K 13 -33.52 51.85 6.06
CA ILE K 13 -34.83 52.45 6.32
C ILE K 13 -35.80 51.98 5.25
N ASP K 14 -36.87 51.28 5.67
CA ASP K 14 -37.90 50.82 4.76
C ASP K 14 -38.91 51.93 4.50
N VAL K 15 -38.97 52.44 3.28
CA VAL K 15 -39.89 53.52 2.92
C VAL K 15 -41.06 53.04 2.08
N GLY K 16 -41.05 51.77 1.65
CA GLY K 16 -42.18 51.26 0.91
C GLY K 16 -42.13 51.67 -0.55
N SER K 17 -43.31 51.76 -1.16
CA SER K 17 -43.39 52.10 -2.57
C SER K 17 -43.39 53.61 -2.76
N LEU K 18 -42.72 54.04 -3.83
CA LEU K 18 -42.57 55.44 -4.18
C LEU K 18 -43.05 55.63 -5.61
N GLN K 19 -43.84 56.68 -5.86
CA GLN K 19 -44.27 57.02 -7.22
C GLN K 19 -43.34 58.09 -7.78
N LEU K 20 -42.58 57.73 -8.81
CA LEU K 20 -41.59 58.62 -9.37
C LEU K 20 -42.25 59.77 -10.15
N GLU K 21 -41.45 60.80 -10.42
CA GLU K 21 -41.96 61.94 -11.18
C GLU K 21 -42.48 61.51 -12.55
N SER K 22 -41.85 60.49 -13.15
CA SER K 22 -42.29 60.00 -14.46
C SER K 22 -43.63 59.28 -14.39
N GLY K 23 -44.15 59.02 -13.19
CA GLY K 23 -45.32 58.22 -12.98
C GLY K 23 -45.06 56.76 -12.65
N ALA K 24 -43.98 56.18 -13.17
CA ALA K 24 -43.63 54.80 -12.85
C ALA K 24 -43.57 54.57 -11.34
N VAL K 25 -43.66 53.32 -10.90
CA VAL K 25 -43.67 53.02 -9.47
C VAL K 25 -42.58 52.02 -9.16
N ILE K 26 -41.79 52.33 -8.14
CA ILE K 26 -40.77 51.44 -7.60
C ILE K 26 -41.28 50.89 -6.26
N ASP K 27 -41.22 49.56 -6.09
CA ASP K 27 -41.79 48.89 -4.92
C ASP K 27 -40.74 48.60 -3.87
N ASP K 28 -41.14 48.66 -2.60
CA ASP K 28 -40.31 48.21 -1.49
C ASP K 28 -38.97 48.96 -1.46
N VAL K 29 -39.04 50.29 -1.49
CA VAL K 29 -37.81 51.07 -1.56
C VAL K 29 -37.09 51.02 -0.22
N CYS K 30 -35.78 50.89 -0.28
CA CYS K 30 -34.94 50.78 0.90
C CYS K 30 -33.79 51.78 0.76
N ILE K 31 -33.61 52.63 1.78
CA ILE K 31 -32.59 53.67 1.77
C ILE K 31 -31.60 53.40 2.90
N ALA K 32 -30.35 53.13 2.55
CA ALA K 32 -29.29 52.96 3.55
C ALA K 32 -28.88 54.30 4.11
N VAL K 33 -28.48 54.31 5.39
CA VAL K 33 -28.23 55.56 6.11
C VAL K 33 -27.08 55.35 7.08
N GLN K 34 -26.44 56.45 7.45
CA GLN K 34 -25.36 56.42 8.43
C GLN K 34 -25.40 57.74 9.18
N ARG K 35 -24.94 57.76 10.43
CA ARG K 35 -25.06 59.01 11.18
C ARG K 35 -23.90 59.17 12.14
N TRP K 36 -23.62 60.44 12.49
CA TRP K 36 -22.59 60.85 13.43
C TRP K 36 -23.15 61.96 14.31
N GLY K 37 -22.92 61.86 15.61
CA GLY K 37 -23.53 62.77 16.58
C GLY K 37 -24.97 62.39 16.87
N LYS K 38 -25.48 62.83 18.02
CA LYS K 38 -26.78 62.30 18.43
C LYS K 38 -27.93 63.22 18.02
N LEU K 39 -29.07 62.59 17.76
CA LEU K 39 -30.31 63.27 17.41
C LEU K 39 -30.99 63.80 18.67
N SER K 40 -31.27 65.11 18.69
CA SER K 40 -31.88 65.75 19.86
C SER K 40 -33.31 65.24 20.07
N PRO K 41 -33.85 65.39 21.29
CA PRO K 41 -35.18 64.84 21.57
C PRO K 41 -36.22 65.40 20.61
N ALA K 42 -36.01 66.62 20.13
CA ALA K 42 -36.88 67.29 19.18
C ALA K 42 -36.74 66.79 17.74
N ARG K 43 -35.72 66.00 17.41
CA ARG K 43 -35.53 65.51 16.04
C ARG K 43 -35.38 66.69 15.07
N ASP K 44 -34.71 67.76 15.52
CA ASP K 44 -34.68 69.02 14.77
C ASP K 44 -33.28 69.54 14.46
N ASN K 45 -32.22 68.75 14.67
CA ASN K 45 -30.85 69.19 14.44
C ASN K 45 -30.14 68.32 13.40
N VAL K 46 -30.89 67.72 12.50
CA VAL K 46 -30.30 66.89 11.45
C VAL K 46 -29.72 67.79 10.35
N VAL K 47 -28.49 67.49 9.93
CA VAL K 47 -27.80 68.16 8.85
C VAL K 47 -27.61 67.13 7.76
N VAL K 48 -28.41 67.21 6.68
CA VAL K 48 -28.33 66.19 5.63
C VAL K 48 -27.09 66.46 4.78
N VAL K 49 -26.19 65.47 4.71
CA VAL K 49 -25.00 65.52 3.86
C VAL K 49 -25.26 64.62 2.65
N LEU K 50 -25.22 65.19 1.45
CA LEU K 50 -25.67 64.52 0.25
C LEU K 50 -24.48 64.20 -0.65
N HIS K 51 -24.25 62.90 -0.89
CA HIS K 51 -23.08 62.44 -1.63
C HIS K 51 -23.29 62.59 -3.13
N ALA K 52 -22.19 62.54 -3.87
CA ALA K 52 -22.21 62.78 -5.32
C ALA K 52 -22.30 61.47 -6.09
N LEU K 53 -21.91 61.48 -7.37
CA LEU K 53 -22.26 60.41 -8.29
C LEU K 53 -21.84 59.05 -7.75
N THR K 54 -20.56 58.88 -7.42
CA THR K 54 -20.02 57.60 -6.98
C THR K 54 -19.87 57.52 -5.46
N GLY K 55 -20.41 58.49 -4.73
CA GLY K 55 -20.33 58.49 -3.29
C GLY K 55 -21.43 57.66 -2.66
N ASP K 56 -21.29 57.44 -1.34
CA ASP K 56 -22.27 56.68 -0.55
C ASP K 56 -22.46 57.40 0.78
N SER K 57 -23.03 56.67 1.75
CA SER K 57 -23.35 57.17 3.08
C SER K 57 -22.14 57.30 4.00
N HIS K 58 -20.97 56.79 3.61
CA HIS K 58 -19.80 56.78 4.49
C HIS K 58 -19.04 58.09 4.30
N ILE K 59 -19.56 59.15 4.93
CA ILE K 59 -19.01 60.48 4.66
C ILE K 59 -17.69 60.69 5.38
N THR K 60 -17.52 60.15 6.58
CA THR K 60 -16.30 60.38 7.33
C THR K 60 -15.87 59.08 8.00
N GLY K 61 -14.61 59.03 8.40
CA GLY K 61 -14.09 57.87 9.06
C GLY K 61 -12.97 57.21 8.30
N PRO K 62 -12.30 56.28 8.95
CA PRO K 62 -11.18 55.58 8.34
C PRO K 62 -11.67 54.34 7.60
N ALA K 63 -10.78 53.79 6.79
CA ALA K 63 -11.06 52.50 6.21
C ALA K 63 -11.15 51.46 7.32
N GLY K 64 -11.96 50.43 7.08
CA GLY K 64 -12.08 49.35 8.01
C GLY K 64 -12.86 48.23 7.35
N PRO K 65 -13.25 47.23 8.14
CA PRO K 65 -14.12 46.19 7.59
C PRO K 65 -15.48 46.77 7.23
N GLY K 66 -15.95 46.46 6.02
CA GLY K 66 -17.17 47.01 5.48
C GLY K 66 -17.04 48.40 4.89
N HIS K 67 -15.88 49.05 5.02
CA HIS K 67 -15.62 50.36 4.43
C HIS K 67 -14.19 50.33 3.90
N PRO K 68 -14.01 49.88 2.65
CA PRO K 68 -12.63 49.65 2.15
C PRO K 68 -11.76 50.91 2.11
N THR K 69 -12.36 52.10 1.99
CA THR K 69 -11.60 53.34 1.87
C THR K 69 -12.23 54.38 2.78
N PRO K 70 -11.43 55.31 3.31
CA PRO K 70 -11.95 56.31 4.25
C PRO K 70 -13.12 57.09 3.66
N GLY K 71 -13.81 57.80 4.55
CA GLY K 71 -15.01 58.52 4.17
C GLY K 71 -14.72 59.56 3.10
N TRP K 72 -15.67 59.70 2.17
CA TRP K 72 -15.41 60.57 1.05
C TRP K 72 -15.33 62.02 1.47
N TRP K 73 -15.95 62.41 2.59
CA TRP K 73 -15.70 63.79 2.99
C TRP K 73 -14.95 63.70 4.32
N ASP K 74 -13.92 62.86 4.40
CA ASP K 74 -13.37 62.52 5.71
C ASP K 74 -13.04 63.77 6.52
N GLY K 75 -13.51 63.80 7.77
CA GLY K 75 -13.26 64.89 8.68
C GLY K 75 -14.34 65.95 8.77
N VAL K 76 -15.35 65.91 7.89
CA VAL K 76 -16.30 67.01 7.85
C VAL K 76 -17.25 66.97 9.04
N ALA K 77 -17.50 65.81 9.60
CA ALA K 77 -18.43 65.66 10.70
C ALA K 77 -17.71 65.01 11.87
N GLY K 78 -17.86 65.59 13.05
CA GLY K 78 -17.20 65.09 14.23
C GLY K 78 -17.19 66.13 15.31
N PRO K 79 -16.60 65.80 16.45
CA PRO K 79 -16.45 66.80 17.51
C PRO K 79 -15.62 67.98 17.02
N GLY K 80 -16.24 69.16 16.95
CA GLY K 80 -15.50 70.34 16.56
C GLY K 80 -15.27 70.51 15.07
N ALA K 81 -15.69 69.54 14.25
CA ALA K 81 -15.53 69.64 12.81
C ALA K 81 -16.49 70.68 12.25
N PRO K 82 -16.37 71.00 10.97
CA PRO K 82 -17.34 71.92 10.35
C PRO K 82 -18.80 71.58 10.69
N ILE K 83 -19.22 70.34 10.50
CA ILE K 83 -20.48 69.86 11.06
C ILE K 83 -20.15 69.30 12.43
N ASP K 84 -20.32 70.14 13.46
CA ASP K 84 -19.97 69.77 14.81
C ASP K 84 -20.98 68.78 15.36
N THR K 85 -20.57 67.52 15.50
CA THR K 85 -21.50 66.49 15.93
C THR K 85 -21.79 66.53 17.42
N THR K 86 -21.04 67.33 18.19
CA THR K 86 -21.47 67.52 19.56
C THR K 86 -22.76 68.31 19.62
N ARG K 87 -23.12 69.00 18.54
CA ARG K 87 -24.35 69.84 18.47
C ARG K 87 -25.22 69.47 17.27
N TRP K 88 -24.68 68.79 16.25
CA TRP K 88 -25.44 68.45 15.07
C TRP K 88 -25.39 66.94 14.90
N CYS K 89 -26.42 66.41 14.27
CA CYS K 89 -26.51 65.01 13.91
C CYS K 89 -26.38 64.96 12.39
N ALA K 90 -25.20 64.59 11.89
CA ALA K 90 -24.95 64.48 10.45
C ALA K 90 -25.49 63.14 9.95
N VAL K 91 -26.52 63.19 9.08
CA VAL K 91 -27.17 62.02 8.51
C VAL K 91 -26.82 61.94 7.03
N ALA K 92 -26.47 60.76 6.54
CA ALA K 92 -26.15 60.60 5.13
C ALA K 92 -26.81 59.35 4.58
N THR K 93 -27.64 59.52 3.58
CA THR K 93 -28.19 58.35 2.92
C THR K 93 -27.28 57.93 1.78
N ASN K 94 -27.55 56.74 1.28
CA ASN K 94 -27.12 56.34 -0.04
C ASN K 94 -28.27 56.66 -1.00
N VAL K 95 -27.95 57.35 -2.10
CA VAL K 95 -29.03 57.88 -2.93
C VAL K 95 -29.88 56.75 -3.49
N LEU K 96 -31.16 57.04 -3.72
CA LEU K 96 -32.01 56.14 -4.48
C LEU K 96 -31.40 55.92 -5.88
N GLY K 97 -31.31 54.65 -6.28
CA GLY K 97 -30.63 54.26 -7.50
C GLY K 97 -29.18 53.85 -7.32
N GLY K 98 -28.62 54.07 -6.12
CA GLY K 98 -27.24 53.78 -5.81
C GLY K 98 -26.95 52.29 -5.63
N CYS K 99 -25.72 52.01 -5.19
CA CYS K 99 -25.26 50.63 -5.10
C CYS K 99 -24.44 50.35 -3.83
N ARG K 100 -24.73 51.01 -2.72
CA ARG K 100 -24.02 50.71 -1.46
C ARG K 100 -25.04 50.69 -0.32
N GLY K 101 -26.15 49.98 -0.56
CA GLY K 101 -27.20 49.76 0.43
C GLY K 101 -28.62 50.00 -0.07
N SER K 102 -28.81 51.05 -0.84
CA SER K 102 -30.14 51.48 -1.24
C SER K 102 -30.58 50.81 -2.53
N THR K 103 -31.88 50.93 -2.81
CA THR K 103 -32.49 50.27 -3.94
C THR K 103 -31.96 50.83 -5.25
N GLY K 104 -31.29 49.99 -6.04
CA GLY K 104 -30.74 50.37 -7.32
C GLY K 104 -30.82 49.26 -8.34
N PRO K 105 -30.28 49.48 -9.54
CA PRO K 105 -30.33 48.42 -10.56
C PRO K 105 -29.84 47.07 -10.06
N SER K 106 -28.79 47.06 -9.23
CA SER K 106 -28.27 45.79 -8.74
C SER K 106 -29.13 45.16 -7.65
N SER K 107 -30.02 45.93 -7.00
CA SER K 107 -30.91 45.42 -5.96
C SER K 107 -31.93 44.41 -6.51
N LEU K 108 -32.46 43.58 -5.62
CA LEU K 108 -33.39 42.52 -6.02
C LEU K 108 -34.82 43.02 -6.09
N ALA K 109 -35.49 42.74 -7.20
CA ALA K 109 -36.85 43.19 -7.44
C ALA K 109 -37.85 42.28 -6.74
N ARG K 110 -39.15 42.53 -6.97
CA ARG K 110 -40.16 41.70 -6.34
C ARG K 110 -40.29 40.31 -6.94
N ASP K 111 -39.59 40.02 -8.04
CA ASP K 111 -39.56 38.67 -8.61
C ASP K 111 -38.27 37.91 -8.29
N GLY K 112 -37.45 38.42 -7.38
CA GLY K 112 -36.22 37.75 -7.01
C GLY K 112 -35.06 37.91 -7.96
N LYS K 113 -35.25 38.52 -9.10
CA LYS K 113 -34.20 38.78 -10.07
C LYS K 113 -33.69 40.21 -9.90
N PRO K 114 -32.43 40.52 -10.20
CA PRO K 114 -31.99 41.90 -10.10
C PRO K 114 -32.85 42.80 -10.98
N TRP K 115 -33.16 43.98 -10.45
CA TRP K 115 -33.90 44.98 -11.21
C TRP K 115 -33.31 45.13 -12.60
N GLY K 116 -32.05 45.52 -12.67
CA GLY K 116 -31.36 45.58 -13.95
C GLY K 116 -32.07 46.53 -14.89
N SER K 117 -32.28 46.07 -16.13
CA SER K 117 -32.88 46.94 -17.14
C SER K 117 -34.28 47.40 -16.80
N ARG K 118 -34.92 46.77 -15.82
CA ARG K 118 -36.29 47.08 -15.44
C ARG K 118 -36.39 48.23 -14.45
N PHE K 119 -35.26 48.71 -13.94
CA PHE K 119 -35.26 49.85 -13.03
C PHE K 119 -35.65 51.09 -13.81
N PRO K 120 -36.67 51.84 -13.40
CA PRO K 120 -37.12 53.01 -14.14
C PRO K 120 -36.21 54.20 -13.91
N LEU K 121 -36.13 55.06 -14.93
CA LEU K 121 -35.32 56.26 -14.82
C LEU K 121 -35.82 57.16 -13.70
N ILE K 122 -34.88 57.71 -12.93
CA ILE K 122 -35.22 58.54 -11.80
C ILE K 122 -34.58 59.91 -11.99
N SER K 123 -35.18 60.89 -11.34
CA SER K 123 -34.75 62.27 -11.41
C SER K 123 -34.12 62.68 -10.08
N ILE K 124 -33.37 63.78 -10.13
CA ILE K 124 -32.85 64.34 -8.89
C ILE K 124 -33.98 64.55 -7.90
N ARG K 125 -35.16 64.92 -8.40
CA ARG K 125 -36.29 65.12 -7.52
C ARG K 125 -36.74 63.80 -6.90
N ASP K 126 -36.73 62.73 -7.69
CA ASP K 126 -37.08 61.41 -7.17
C ASP K 126 -36.16 61.06 -6.00
N GLN K 127 -34.86 61.28 -6.19
CA GLN K 127 -33.88 61.02 -5.14
C GLN K 127 -34.20 61.80 -3.85
N VAL K 128 -34.75 63.00 -3.99
CA VAL K 128 -35.12 63.79 -2.82
C VAL K 128 -36.40 63.25 -2.20
N GLN K 129 -37.36 62.76 -3.00
CA GLN K 129 -38.49 62.10 -2.35
C GLN K 129 -38.01 61.05 -1.38
N ALA K 130 -37.19 60.12 -1.88
CA ALA K 130 -36.75 59.00 -1.08
C ALA K 130 -36.03 59.47 0.17
N ASP K 131 -35.16 60.48 0.06
CA ASP K 131 -34.49 60.97 1.24
C ASP K 131 -35.47 61.61 2.23
N VAL K 132 -36.43 62.38 1.72
CA VAL K 132 -37.44 62.98 2.61
C VAL K 132 -38.32 61.90 3.22
N ALA K 133 -38.74 60.92 2.43
CA ALA K 133 -39.52 59.81 2.96
C ALA K 133 -38.76 59.00 4.00
N ALA K 134 -37.48 58.71 3.73
CA ALA K 134 -36.67 57.92 4.66
C ALA K 134 -36.54 58.62 6.00
N LEU K 135 -36.25 59.92 5.97
CA LEU K 135 -36.18 60.69 7.22
C LEU K 135 -37.54 60.70 7.91
N ALA K 136 -38.61 60.69 7.12
CA ALA K 136 -39.95 60.61 7.70
C ALA K 136 -40.12 59.30 8.49
N ALA K 137 -39.70 58.19 7.90
CA ALA K 137 -39.86 56.92 8.58
C ALA K 137 -39.19 56.90 9.94
N LEU K 138 -38.22 57.79 10.18
CA LEU K 138 -37.56 57.88 11.47
C LEU K 138 -38.15 58.96 12.35
N GLY K 139 -39.24 59.58 11.91
CA GLY K 139 -39.84 60.68 12.62
C GLY K 139 -39.17 62.02 12.44
N ILE K 140 -38.18 62.12 11.55
CA ILE K 140 -37.53 63.39 11.28
C ILE K 140 -38.33 64.04 10.17
N THR K 141 -38.99 65.15 10.47
CA THR K 141 -39.91 65.80 9.50
C THR K 141 -39.45 67.17 9.04
N GLU K 142 -38.37 67.69 9.60
CA GLU K 142 -37.82 69.00 9.18
C GLU K 142 -36.35 68.99 9.51
N VAL K 143 -35.53 69.39 8.55
CA VAL K 143 -34.06 69.33 8.77
C VAL K 143 -33.51 70.73 9.00
N ALA K 144 -32.38 70.80 9.68
CA ALA K 144 -31.71 72.09 9.92
C ALA K 144 -31.01 72.57 8.64
N ALA K 145 -30.36 71.66 7.94
CA ALA K 145 -29.62 72.10 6.76
C ALA K 145 -29.41 70.92 5.80
N VAL K 146 -29.26 71.23 4.53
CA VAL K 146 -28.76 70.26 3.56
C VAL K 146 -27.47 70.82 2.99
N VAL K 147 -26.48 69.95 2.80
CA VAL K 147 -25.19 70.34 2.23
C VAL K 147 -24.77 69.29 1.22
N GLY K 148 -24.31 69.73 0.06
CA GLY K 148 -23.89 68.81 -0.97
C GLY K 148 -23.05 69.53 -2.05
N GLY K 149 -22.19 68.75 -2.68
CA GLY K 149 -21.43 69.28 -3.79
C GLY K 149 -21.63 68.44 -5.02
N SER K 150 -21.26 68.96 -6.19
CA SER K 150 -21.45 68.22 -7.43
C SER K 150 -22.89 67.74 -7.49
N MET K 151 -23.16 66.46 -7.81
CA MET K 151 -24.52 65.91 -7.83
C MET K 151 -25.22 66.06 -6.49
N GLY K 152 -24.48 65.97 -5.38
CA GLY K 152 -25.06 66.20 -4.07
C GLY K 152 -25.61 67.61 -3.90
N GLY K 153 -24.96 68.60 -4.53
CA GLY K 153 -25.50 69.94 -4.52
C GLY K 153 -26.81 70.03 -5.28
N ALA K 154 -26.93 69.25 -6.37
CA ALA K 154 -28.20 69.19 -7.11
C ALA K 154 -29.31 68.63 -6.24
N ARG K 155 -29.02 67.59 -5.46
CA ARG K 155 -30.00 67.07 -4.51
C ARG K 155 -30.35 68.13 -3.49
N ALA K 156 -29.32 68.78 -2.91
CA ALA K 156 -29.55 69.86 -1.95
C ALA K 156 -30.41 70.95 -2.54
N LEU K 157 -30.05 71.42 -3.74
CA LEU K 157 -30.83 72.48 -4.38
C LEU K 157 -32.28 72.07 -4.54
N GLU K 158 -32.54 70.89 -5.11
CA GLU K 158 -33.93 70.47 -5.27
C GLU K 158 -34.63 70.26 -3.93
N TRP K 159 -33.87 70.01 -2.85
CA TRP K 159 -34.44 69.86 -1.51
C TRP K 159 -34.97 71.20 -1.00
N VAL K 160 -34.13 72.25 -0.99
CA VAL K 160 -34.59 73.55 -0.49
C VAL K 160 -35.63 74.18 -1.43
N VAL K 161 -35.58 73.91 -2.73
CA VAL K 161 -36.56 74.53 -3.64
C VAL K 161 -37.90 73.82 -3.53
N GLY K 162 -37.90 72.50 -3.41
CA GLY K 162 -39.14 71.74 -3.35
C GLY K 162 -39.75 71.55 -1.96
N TYR K 163 -38.95 71.73 -0.89
CA TYR K 163 -39.44 71.54 0.49
C TYR K 163 -39.04 72.70 1.39
N PRO K 164 -39.29 73.95 0.97
CA PRO K 164 -38.69 75.08 1.69
C PRO K 164 -39.16 75.23 3.12
N ASP K 165 -40.37 74.81 3.42
CA ASP K 165 -40.92 74.93 4.76
C ASP K 165 -40.34 73.86 5.67
N ARG K 166 -39.55 72.95 5.11
CA ARG K 166 -39.08 71.79 5.84
C ARG K 166 -37.56 71.65 5.88
N VAL K 167 -36.82 72.76 5.70
CA VAL K 167 -35.37 72.82 5.89
C VAL K 167 -34.99 74.28 6.15
N ARG K 168 -34.01 74.51 7.04
CA ARG K 168 -33.74 75.86 7.53
C ARG K 168 -32.64 76.60 6.78
N ALA K 169 -31.64 75.91 6.24
CA ALA K 169 -30.57 76.54 5.48
C ALA K 169 -29.93 75.49 4.58
N GLY K 170 -29.28 75.97 3.54
CA GLY K 170 -28.68 75.08 2.57
C GLY K 170 -27.30 75.57 2.19
N LEU K 171 -26.43 74.61 1.89
CA LEU K 171 -25.11 74.81 1.31
C LEU K 171 -25.02 74.10 -0.03
N LEU K 172 -24.93 74.88 -1.10
CA LEU K 172 -24.82 74.37 -2.47
C LEU K 172 -23.41 74.63 -2.98
N LEU K 173 -22.68 73.57 -3.33
CA LEU K 173 -21.26 73.67 -3.70
C LEU K 173 -21.03 73.04 -5.07
N ALA K 174 -20.37 73.77 -5.95
CA ALA K 174 -19.96 73.26 -7.25
C ALA K 174 -21.12 72.57 -7.95
N VAL K 175 -22.16 73.35 -8.24
CA VAL K 175 -23.39 72.85 -8.83
C VAL K 175 -24.04 74.00 -9.59
N GLY K 176 -25.02 73.65 -10.43
CA GLY K 176 -25.74 74.64 -11.20
C GLY K 176 -27.25 74.42 -11.10
N ALA K 177 -27.99 75.42 -11.55
CA ALA K 177 -29.45 75.35 -11.51
C ALA K 177 -30.00 74.28 -12.45
N ARG K 178 -29.27 73.97 -13.52
CA ARG K 178 -29.69 72.91 -14.42
C ARG K 178 -28.47 72.28 -15.07
N ALA K 179 -28.68 71.17 -15.76
CA ALA K 179 -27.60 70.55 -16.53
C ALA K 179 -27.22 71.43 -17.72
N THR K 180 -25.91 71.60 -17.95
CA THR K 180 -25.44 72.37 -19.10
C THR K 180 -25.27 71.46 -20.30
N ALA K 181 -25.24 72.05 -21.49
CA ALA K 181 -25.03 71.25 -22.68
C ALA K 181 -23.74 70.44 -22.60
N ASP K 182 -22.65 71.06 -22.09
CA ASP K 182 -21.40 70.30 -21.93
C ASP K 182 -21.57 69.13 -20.97
N GLN K 183 -22.16 69.38 -19.80
CA GLN K 183 -22.39 68.30 -18.85
C GLN K 183 -23.13 67.15 -19.53
N ILE K 184 -24.26 67.45 -20.17
CA ILE K 184 -25.01 66.43 -20.88
C ILE K 184 -24.16 65.78 -21.96
N GLY K 185 -23.33 66.56 -22.61
CA GLY K 185 -22.51 65.99 -23.67
C GLY K 185 -21.59 64.89 -23.17
N THR K 186 -20.77 65.23 -22.17
CA THR K 186 -19.82 64.25 -21.65
C THR K 186 -20.58 63.15 -20.92
N GLN K 187 -21.72 63.48 -20.30
CA GLN K 187 -22.43 62.52 -19.49
C GLN K 187 -23.15 61.48 -20.35
N THR K 188 -23.87 61.92 -21.38
CA THR K 188 -24.48 60.96 -22.29
C THR K 188 -23.42 60.11 -22.97
N THR K 189 -22.26 60.71 -23.27
CA THR K 189 -21.19 59.94 -23.91
C THR K 189 -20.57 58.96 -22.94
N GLN K 190 -20.46 59.32 -21.66
CA GLN K 190 -20.04 58.35 -20.65
C GLN K 190 -20.97 57.14 -20.60
N ILE K 191 -22.28 57.38 -20.53
CA ILE K 191 -23.26 56.28 -20.58
C ILE K 191 -23.08 55.47 -21.85
N ALA K 192 -22.87 56.14 -22.98
CA ALA K 192 -22.71 55.44 -24.25
C ALA K 192 -21.54 54.45 -24.22
N ALA K 193 -20.46 54.77 -23.51
CA ALA K 193 -19.30 53.88 -23.45
C ALA K 193 -19.64 52.59 -22.71
N ILE K 194 -20.42 52.68 -21.64
CA ILE K 194 -20.86 51.49 -20.91
C ILE K 194 -21.72 50.62 -21.82
N LYS K 195 -22.74 51.21 -22.45
CA LYS K 195 -23.65 50.45 -23.31
C LYS K 195 -22.94 49.90 -24.52
N ALA K 196 -21.80 50.48 -24.89
CA ALA K 196 -20.99 49.97 -25.99
C ALA K 196 -20.16 48.76 -25.58
N ASP K 197 -19.96 48.56 -24.28
CA ASP K 197 -19.31 47.36 -23.77
C ASP K 197 -20.17 46.15 -24.12
N PRO K 198 -19.60 45.09 -24.67
CA PRO K 198 -20.41 43.92 -25.03
C PRO K 198 -21.02 43.26 -23.82
N ASP K 199 -20.35 43.29 -22.69
CA ASP K 199 -20.89 42.64 -21.50
C ASP K 199 -21.97 43.47 -20.82
N TRP K 200 -22.37 44.61 -21.40
CA TRP K 200 -23.47 45.37 -20.82
C TRP K 200 -24.75 44.53 -20.80
N GLN K 201 -24.97 43.76 -21.85
CA GLN K 201 -26.13 42.88 -21.93
C GLN K 201 -27.41 43.65 -21.59
N SER K 202 -27.65 44.73 -22.33
CA SER K 202 -28.86 45.55 -22.19
C SER K 202 -29.10 46.01 -20.74
N GLY K 203 -28.08 45.94 -19.89
CA GLY K 203 -28.25 46.30 -18.50
C GLY K 203 -28.68 45.17 -17.60
N ASP K 204 -28.78 43.95 -18.13
CA ASP K 204 -29.14 42.78 -17.33
C ASP K 204 -27.96 41.81 -17.20
N TYR K 205 -26.77 42.38 -16.99
CA TYR K 205 -25.56 41.61 -16.76
C TYR K 205 -25.46 41.12 -15.33
N HIS K 206 -26.27 41.64 -14.41
CA HIS K 206 -26.09 41.34 -13.00
C HIS K 206 -26.25 39.85 -12.81
N GLU K 207 -25.32 39.24 -12.09
CA GLU K 207 -25.39 37.81 -11.81
C GLU K 207 -25.08 36.92 -13.02
N THR K 208 -24.32 37.41 -13.99
CA THR K 208 -23.91 36.63 -15.14
C THR K 208 -22.43 36.35 -15.17
N GLY K 209 -21.69 37.01 -14.29
CA GLY K 209 -20.24 36.80 -14.21
C GLY K 209 -19.48 37.62 -15.22
N ARG K 210 -20.20 38.39 -16.03
CA ARG K 210 -19.55 39.24 -17.05
C ARG K 210 -20.14 40.63 -16.85
N ALA K 211 -19.28 41.65 -16.73
CA ALA K 211 -19.83 42.97 -16.45
C ALA K 211 -19.11 43.97 -17.35
N PRO K 212 -19.75 45.15 -17.62
CA PRO K 212 -19.16 46.11 -18.58
C PRO K 212 -18.02 46.90 -17.95
N ASP K 213 -16.97 46.19 -17.57
CA ASP K 213 -15.84 46.80 -16.87
C ASP K 213 -15.06 47.74 -17.79
N ALA K 214 -14.87 47.35 -19.04
CA ALA K 214 -14.17 48.23 -19.97
C ALA K 214 -14.91 49.55 -20.11
N GLY K 215 -16.23 49.47 -20.30
CA GLY K 215 -17.01 50.67 -20.49
C GLY K 215 -17.01 51.54 -19.25
N LEU K 216 -17.16 50.91 -18.08
CA LEU K 216 -17.17 51.69 -16.84
C LEU K 216 -15.84 52.39 -16.60
N ARG K 217 -14.70 51.74 -16.88
CA ARG K 217 -13.42 52.41 -16.69
C ARG K 217 -13.28 53.57 -17.66
N LEU K 218 -13.74 53.38 -18.90
CA LEU K 218 -13.73 54.45 -19.87
C LEU K 218 -14.51 55.65 -19.36
N ALA K 219 -15.76 55.42 -18.94
CA ALA K 219 -16.56 56.52 -18.45
C ALA K 219 -15.85 57.21 -17.27
N ARG K 220 -15.32 56.41 -16.33
CA ARG K 220 -14.71 56.98 -15.14
C ARG K 220 -13.43 57.75 -15.48
N ARG K 221 -12.64 57.27 -16.43
CA ARG K 221 -11.43 58.01 -16.79
C ARG K 221 -11.78 59.38 -17.35
N PHE K 222 -12.72 59.44 -18.29
CA PHE K 222 -13.08 60.73 -18.86
C PHE K 222 -13.68 61.64 -17.82
N ALA K 223 -14.57 61.10 -16.98
CA ALA K 223 -15.24 61.89 -15.94
C ALA K 223 -14.22 62.51 -14.99
N HIS K 224 -13.20 61.73 -14.61
CA HIS K 224 -12.19 62.24 -13.70
C HIS K 224 -11.52 63.50 -14.23
N LEU K 225 -11.20 63.52 -15.53
CA LEU K 225 -10.55 64.71 -16.09
C LEU K 225 -11.43 65.95 -15.96
N THR K 226 -12.76 65.79 -16.06
CA THR K 226 -13.64 66.94 -15.92
C THR K 226 -13.63 67.48 -14.49
N TYR K 227 -13.37 66.61 -13.51
CA TYR K 227 -13.30 67.00 -12.11
C TYR K 227 -12.00 67.70 -11.78
N ARG K 228 -11.03 67.69 -12.69
CA ARG K 228 -9.68 68.13 -12.40
C ARG K 228 -9.44 69.60 -12.77
N GLY K 229 -8.33 70.09 -12.39
CA GLY K 229 -7.85 71.42 -12.78
C GLY K 229 -6.80 71.28 -13.77
N GLU K 230 -6.88 72.05 -14.89
CA GLU K 230 -5.96 71.86 -15.99
C GLU K 230 -4.53 72.10 -15.54
N ILE K 231 -4.27 73.24 -14.89
CA ILE K 231 -2.89 73.59 -14.55
C ILE K 231 -2.33 72.65 -13.50
N GLU K 232 -3.16 72.26 -12.52
CA GLU K 232 -2.75 71.27 -11.53
C GLU K 232 -2.21 70.01 -12.19
N LEU K 233 -3.04 69.40 -13.03
CA LEU K 233 -2.70 68.15 -13.69
C LEU K 233 -1.34 68.23 -14.35
N ASP K 234 -1.09 69.33 -15.07
CA ASP K 234 0.20 69.47 -15.74
C ASP K 234 1.34 69.53 -14.74
N THR K 235 1.17 70.22 -13.61
CA THR K 235 2.25 70.39 -12.59
C THR K 235 2.55 69.01 -11.98
N ARG K 236 1.54 68.19 -11.72
CA ARG K 236 1.68 66.85 -11.07
C ARG K 236 2.39 65.88 -12.03
N PHE K 237 1.80 65.61 -13.18
CA PHE K 237 2.29 64.58 -14.13
C PHE K 237 3.03 65.18 -15.32
N ALA K 238 2.63 66.35 -15.81
CA ALA K 238 3.13 66.88 -17.08
C ALA K 238 3.08 65.76 -18.12
N ASN K 239 4.04 65.73 -19.03
CA ASN K 239 4.23 64.68 -20.01
C ASN K 239 5.29 63.69 -19.56
N HIS K 240 5.53 63.63 -18.26
CA HIS K 240 6.53 62.73 -17.73
C HIS K 240 6.06 61.31 -17.93
N ASN K 241 7.02 60.42 -18.08
CA ASN K 241 6.72 59.01 -18.15
C ASN K 241 6.52 58.47 -16.74
N GLN K 242 5.98 57.27 -16.67
CA GLN K 242 5.90 56.54 -15.40
C GLN K 242 7.28 55.97 -15.12
N GLY K 243 7.90 56.41 -14.03
CA GLY K 243 9.29 56.02 -13.79
C GLY K 243 10.15 56.28 -15.01
N ASN K 244 10.78 55.24 -15.56
CA ASN K 244 11.65 55.34 -16.73
C ASN K 244 11.12 54.61 -17.97
N GLU K 245 9.81 54.40 -18.07
CA GLU K 245 9.25 53.67 -19.22
C GLU K 245 9.01 54.58 -20.43
N ASP K 246 9.07 53.96 -21.63
CA ASP K 246 8.93 54.66 -22.90
C ASP K 246 7.54 54.42 -23.44
N PRO K 247 6.66 55.44 -23.43
CA PRO K 247 5.29 55.23 -23.98
C PRO K 247 5.27 54.76 -25.42
N THR K 248 6.32 55.04 -26.20
CA THR K 248 6.33 54.67 -27.62
C THR K 248 6.61 53.19 -27.85
N ALA K 249 6.93 52.44 -26.80
CA ALA K 249 7.22 51.01 -26.89
C ALA K 249 6.41 50.20 -25.88
N GLY K 250 5.20 50.65 -25.57
CA GLY K 250 4.35 49.94 -24.63
C GLY K 250 4.34 50.49 -23.22
N GLY K 251 5.15 51.51 -22.93
CA GLY K 251 5.13 52.14 -21.63
C GLY K 251 3.96 53.11 -21.51
N ARG K 252 3.84 53.69 -20.31
CA ARG K 252 2.72 54.56 -19.99
C ARG K 252 3.21 55.95 -19.60
N TYR K 253 2.35 56.93 -19.86
CA TYR K 253 2.57 58.25 -19.30
C TYR K 253 2.07 58.30 -17.87
N ALA K 254 2.66 59.22 -17.09
CA ALA K 254 2.33 59.29 -15.67
C ALA K 254 0.85 59.57 -15.45
N VAL K 255 0.29 60.55 -16.16
CA VAL K 255 -1.14 60.82 -16.06
C VAL K 255 -1.95 59.64 -16.61
N GLN K 256 -1.47 59.00 -17.68
CA GLN K 256 -2.15 57.84 -18.24
C GLN K 256 -2.19 56.71 -17.25
N SER K 257 -1.04 56.38 -16.69
CA SER K 257 -0.99 55.36 -15.65
C SER K 257 -1.92 55.70 -14.50
N TYR K 258 -1.88 56.94 -14.04
CA TYR K 258 -2.78 57.36 -12.96
C TYR K 258 -4.23 57.13 -13.32
N LEU K 259 -4.62 57.51 -14.54
CA LEU K 259 -6.02 57.37 -14.92
C LEU K 259 -6.48 55.93 -14.86
N GLU K 260 -5.64 54.99 -15.31
CA GLU K 260 -5.99 53.57 -15.26
C GLU K 260 -6.29 53.14 -13.82
N HIS K 261 -5.49 53.60 -12.86
CA HIS K 261 -5.73 53.34 -11.46
C HIS K 261 -7.07 53.90 -10.99
N GLN K 262 -7.43 55.13 -11.41
CA GLN K 262 -8.75 55.67 -11.06
C GLN K 262 -9.89 54.79 -11.55
N GLY K 263 -9.75 54.23 -12.75
CA GLY K 263 -10.77 53.33 -13.25
C GLY K 263 -10.78 52.03 -12.48
N ASP K 264 -9.59 51.51 -12.16
CA ASP K 264 -9.51 50.32 -11.33
C ASP K 264 -10.16 50.55 -9.97
N LYS K 265 -9.85 51.69 -9.34
CA LYS K 265 -10.40 51.97 -8.02
C LYS K 265 -11.93 52.00 -8.05
N LEU K 266 -12.53 52.54 -9.12
CA LEU K 266 -13.99 52.61 -9.16
C LEU K 266 -14.62 51.23 -9.39
N LEU K 267 -14.02 50.44 -10.30
CA LEU K 267 -14.58 49.12 -10.65
C LEU K 267 -14.74 48.22 -9.44
N SER K 268 -13.79 48.29 -8.52
CA SER K 268 -13.85 47.40 -7.37
C SER K 268 -14.89 47.82 -6.32
N ARG K 269 -15.69 48.87 -6.53
CA ARG K 269 -16.57 49.29 -5.46
C ARG K 269 -17.90 49.82 -5.96
N PHE K 270 -18.14 49.78 -7.28
CA PHE K 270 -19.25 50.51 -7.89
C PHE K 270 -19.81 49.73 -9.08
N ASP K 271 -21.10 49.93 -9.35
CA ASP K 271 -21.87 49.17 -10.33
C ASP K 271 -22.19 50.01 -11.58
N ALA K 272 -21.91 49.45 -12.77
CA ALA K 272 -22.23 50.15 -14.00
C ALA K 272 -23.70 50.55 -14.09
N GLY K 273 -24.59 49.66 -13.64
CA GLY K 273 -26.01 49.97 -13.74
C GLY K 273 -26.37 51.23 -12.99
N SER K 274 -25.73 51.46 -11.85
CA SER K 274 -25.97 52.69 -11.10
C SER K 274 -25.34 53.88 -11.81
N TYR K 275 -24.12 53.72 -12.33
CA TYR K 275 -23.51 54.77 -13.13
C TYR K 275 -24.47 55.28 -14.22
N VAL K 276 -25.16 54.38 -14.92
CA VAL K 276 -26.11 54.80 -15.95
C VAL K 276 -27.33 55.49 -15.33
N ILE K 277 -28.01 54.81 -14.41
CA ILE K 277 -29.22 55.39 -13.84
C ILE K 277 -28.91 56.71 -13.16
N LEU K 278 -27.81 56.77 -12.44
CA LEU K 278 -27.50 57.98 -11.70
C LEU K 278 -27.03 59.11 -12.62
N THR K 279 -26.26 58.78 -13.67
CA THR K 279 -25.92 59.81 -14.66
C THR K 279 -27.14 60.28 -15.41
N GLU K 280 -28.06 59.36 -15.78
CA GLU K 280 -29.31 59.76 -16.42
C GLU K 280 -30.05 60.79 -15.57
N ALA K 281 -30.05 60.61 -14.25
CA ALA K 281 -30.73 61.56 -13.39
C ALA K 281 -30.06 62.94 -13.43
N LEU K 282 -28.73 62.96 -13.57
CA LEU K 282 -28.00 64.23 -13.71
C LEU K 282 -28.42 64.99 -14.96
N ASN K 283 -28.62 64.29 -16.08
CA ASN K 283 -29.07 64.94 -17.32
C ASN K 283 -30.45 65.58 -17.15
N SER K 284 -31.36 64.91 -16.44
CA SER K 284 -32.69 65.46 -16.27
C SER K 284 -32.72 66.62 -15.29
N HIS K 285 -31.59 66.96 -14.67
CA HIS K 285 -31.57 68.00 -13.66
C HIS K 285 -31.99 69.34 -14.23
N ASP K 286 -32.93 69.98 -13.55
CA ASP K 286 -33.48 71.24 -14.02
C ASP K 286 -34.38 71.79 -12.92
N VAL K 287 -33.87 72.72 -12.11
CA VAL K 287 -34.69 73.18 -11.00
C VAL K 287 -35.93 73.91 -11.47
N GLY K 288 -36.03 74.27 -12.76
CA GLY K 288 -37.14 75.03 -13.30
C GLY K 288 -38.30 74.27 -13.93
N ARG K 289 -38.11 73.00 -14.25
CA ARG K 289 -39.17 72.21 -14.87
C ARG K 289 -40.46 72.31 -14.07
N GLY K 290 -41.57 72.55 -14.77
CA GLY K 290 -42.91 72.55 -14.19
C GLY K 290 -43.20 73.58 -13.11
N ARG K 291 -42.27 74.51 -12.93
CA ARG K 291 -42.38 75.61 -11.97
C ARG K 291 -41.97 76.95 -12.60
N GLY K 292 -42.06 77.04 -13.93
CA GLY K 292 -41.88 78.27 -14.69
C GLY K 292 -40.48 78.68 -15.11
N GLY K 293 -39.50 77.78 -15.11
CA GLY K 293 -38.15 78.11 -15.53
C GLY K 293 -37.21 78.33 -14.35
N VAL K 294 -35.91 78.38 -14.66
CA VAL K 294 -34.91 78.49 -13.61
C VAL K 294 -35.14 79.75 -12.78
N SER K 295 -35.26 80.91 -13.44
CA SER K 295 -35.39 82.18 -12.72
C SER K 295 -36.65 82.20 -11.86
N ALA K 296 -37.77 81.82 -12.44
CA ALA K 296 -39.01 81.79 -11.68
C ALA K 296 -38.80 80.97 -10.41
N ALA K 297 -38.28 79.75 -10.58
CA ALA K 297 -38.17 78.82 -9.46
C ALA K 297 -37.21 79.32 -8.40
N LEU K 298 -36.02 79.77 -8.83
CA LEU K 298 -35.03 80.22 -7.85
C LEU K 298 -35.53 81.44 -7.08
N ARG K 299 -36.17 82.39 -7.78
CA ARG K 299 -36.62 83.62 -7.16
C ARG K 299 -37.69 83.36 -6.10
N ALA K 300 -38.46 82.28 -6.28
CA ALA K 300 -39.56 81.92 -5.38
C ALA K 300 -39.11 81.21 -4.12
N CYS K 301 -37.84 80.84 -4.01
CA CYS K 301 -37.36 80.05 -2.87
C CYS K 301 -36.84 80.96 -1.76
N PRO K 302 -37.45 80.94 -0.58
CA PRO K 302 -37.00 81.80 0.53
C PRO K 302 -35.92 81.22 1.42
N VAL K 303 -35.47 79.99 1.18
CA VAL K 303 -34.54 79.35 2.13
C VAL K 303 -33.25 80.15 2.18
N PRO K 304 -32.72 80.44 3.37
CA PRO K 304 -31.36 80.94 3.44
C PRO K 304 -30.44 79.95 2.76
N VAL K 305 -29.54 80.44 1.93
CA VAL K 305 -28.59 79.57 1.24
C VAL K 305 -27.23 80.23 1.19
N VAL K 306 -26.17 79.42 1.30
CA VAL K 306 -24.80 79.80 0.99
C VAL K 306 -24.40 79.10 -0.30
N VAL K 307 -23.76 79.81 -1.21
CA VAL K 307 -23.36 79.21 -2.48
C VAL K 307 -21.85 79.40 -2.68
N GLY K 308 -21.15 78.29 -2.95
CA GLY K 308 -19.72 78.32 -3.18
C GLY K 308 -19.36 77.67 -4.52
N GLY K 309 -18.39 78.25 -5.20
CA GLY K 309 -17.93 77.70 -6.46
C GLY K 309 -16.42 77.80 -6.53
N ILE K 310 -15.82 76.86 -7.27
CA ILE K 310 -14.36 76.79 -7.40
C ILE K 310 -13.92 77.51 -8.65
N THR K 311 -12.81 78.23 -8.53
CA THR K 311 -12.27 79.03 -9.62
C THR K 311 -12.00 78.16 -10.85
N SER K 312 -11.32 77.03 -10.64
CA SER K 312 -10.78 76.18 -11.71
C SER K 312 -11.69 75.05 -12.13
N ASP K 313 -12.95 75.05 -11.71
CA ASP K 313 -13.85 73.94 -12.01
C ASP K 313 -14.14 73.88 -13.51
N ARG K 314 -13.88 72.74 -14.14
CA ARG K 314 -14.15 72.60 -15.58
C ARG K 314 -15.48 71.93 -15.86
N LEU K 315 -16.09 71.27 -14.88
CA LEU K 315 -17.35 70.58 -15.08
C LEU K 315 -18.57 71.40 -14.67
N TYR K 316 -18.49 72.14 -13.56
CA TYR K 316 -19.55 73.06 -13.11
C TYR K 316 -18.93 74.45 -12.96
N PRO K 317 -18.65 75.13 -14.08
CA PRO K 317 -17.84 76.34 -14.03
C PRO K 317 -18.46 77.43 -13.16
N LEU K 318 -17.59 78.35 -12.72
CA LEU K 318 -18.00 79.38 -11.76
C LEU K 318 -19.27 80.11 -12.15
N ARG K 319 -19.54 80.26 -13.45
CA ARG K 319 -20.73 81.00 -13.83
C ARG K 319 -22.01 80.35 -13.29
N LEU K 320 -22.08 79.01 -13.24
CA LEU K 320 -23.34 78.38 -12.85
C LEU K 320 -23.72 78.75 -11.42
N GLN K 321 -22.71 78.96 -10.55
CA GLN K 321 -22.90 79.33 -9.15
C GLN K 321 -23.23 80.80 -8.96
N GLN K 322 -22.62 81.67 -9.78
CA GLN K 322 -23.02 83.07 -9.78
C GLN K 322 -24.52 83.20 -10.05
N GLU K 323 -25.02 82.45 -11.03
CA GLU K 323 -26.44 82.49 -11.36
C GLU K 323 -27.30 82.05 -10.18
N LEU K 324 -26.88 81.00 -9.47
CA LEU K 324 -27.63 80.55 -8.30
C LEU K 324 -27.66 81.62 -7.22
N ALA K 325 -26.49 82.21 -6.91
CA ALA K 325 -26.42 83.22 -5.84
C ALA K 325 -27.23 84.46 -6.19
N ASP K 326 -27.20 84.89 -7.46
CA ASP K 326 -27.92 86.10 -7.86
C ASP K 326 -29.42 85.92 -7.72
N LEU K 327 -29.92 84.75 -8.06
CA LEU K 327 -31.35 84.48 -8.19
C LEU K 327 -31.97 83.95 -6.90
N LEU K 328 -31.18 83.37 -5.99
CA LEU K 328 -31.70 82.87 -4.73
C LEU K 328 -31.75 84.03 -3.73
N PRO K 329 -32.96 84.47 -3.36
CA PRO K 329 -33.06 85.59 -2.43
C PRO K 329 -32.46 85.31 -1.08
N GLY K 330 -32.37 84.03 -0.71
CA GLY K 330 -31.77 83.68 0.54
C GLY K 330 -30.26 83.73 0.59
N CYS K 331 -29.60 84.07 -0.53
CA CYS K 331 -28.15 84.04 -0.62
C CYS K 331 -27.59 85.45 -0.67
N ALA K 332 -26.66 85.75 0.23
CA ALA K 332 -26.06 87.08 0.26
C ALA K 332 -25.22 87.34 -0.98
N GLY K 333 -24.56 86.32 -1.51
CA GLY K 333 -23.71 86.48 -2.67
C GLY K 333 -22.81 85.28 -2.88
N LEU K 334 -22.29 85.13 -4.09
CA LEU K 334 -21.42 84.00 -4.37
C LEU K 334 -20.18 84.09 -3.50
N ARG K 335 -19.86 83.00 -2.83
CA ARG K 335 -18.59 82.86 -2.14
C ARG K 335 -17.71 82.00 -3.02
N VAL K 336 -16.57 82.54 -3.42
CA VAL K 336 -15.66 81.84 -4.33
C VAL K 336 -14.62 81.10 -3.51
N VAL K 337 -14.58 79.79 -3.65
CA VAL K 337 -13.55 78.99 -3.02
C VAL K 337 -12.34 78.99 -3.95
N GLU K 338 -11.20 79.49 -3.46
CA GLU K 338 -10.00 79.50 -4.29
C GLU K 338 -9.38 78.12 -4.22
N SER K 339 -9.18 77.48 -5.38
CA SER K 339 -8.63 76.14 -5.40
C SER K 339 -8.05 75.83 -6.78
N VAL K 340 -6.93 75.10 -6.78
CA VAL K 340 -6.25 74.72 -8.04
C VAL K 340 -6.67 73.30 -8.45
N TYR K 341 -7.65 72.71 -7.77
CA TYR K 341 -7.98 71.28 -7.96
C TYR K 341 -9.27 71.03 -8.75
N GLY K 342 -9.97 72.06 -9.19
CA GLY K 342 -11.13 71.87 -10.07
C GLY K 342 -12.39 71.50 -9.36
N HIS K 343 -13.24 70.72 -10.03
CA HIS K 343 -14.44 70.24 -9.35
C HIS K 343 -14.11 69.58 -8.02
N ASP K 344 -13.04 68.79 -7.96
CA ASP K 344 -12.66 68.12 -6.72
C ASP K 344 -12.14 69.07 -5.66
N GLY K 345 -12.03 70.36 -5.96
CA GLY K 345 -11.52 71.29 -4.97
C GLY K 345 -12.37 71.37 -3.72
N PHE K 346 -13.68 71.18 -3.85
CA PHE K 346 -14.50 71.37 -2.67
C PHE K 346 -14.26 70.29 -1.64
N LEU K 347 -13.68 69.16 -2.03
CA LEU K 347 -13.36 68.11 -1.07
C LEU K 347 -11.97 68.24 -0.47
N VAL K 348 -11.13 69.13 -1.01
CA VAL K 348 -9.73 69.22 -0.62
C VAL K 348 -9.43 70.44 0.23
N GLU K 349 -10.05 71.58 -0.08
CA GLU K 349 -9.75 72.85 0.58
C GLU K 349 -10.54 72.90 1.89
N THR K 350 -10.08 72.12 2.87
CA THR K 350 -10.97 71.87 4.01
C THR K 350 -11.22 73.15 4.80
N GLU K 351 -10.20 73.98 5.00
CA GLU K 351 -10.38 75.22 5.75
C GLU K 351 -11.34 76.18 5.05
N ALA K 352 -11.12 76.44 3.75
CA ALA K 352 -11.97 77.38 3.03
C ALA K 352 -13.42 76.88 2.95
N VAL K 353 -13.61 75.59 2.67
CA VAL K 353 -14.98 75.07 2.63
C VAL K 353 -15.57 74.98 4.02
N GLY K 354 -14.73 74.81 5.04
CA GLY K 354 -15.23 74.82 6.41
C GLY K 354 -15.93 76.12 6.78
N GLU K 355 -15.35 77.26 6.38
CA GLU K 355 -16.00 78.55 6.62
C GLU K 355 -17.43 78.56 6.08
N LEU K 356 -17.61 77.99 4.88
CA LEU K 356 -18.93 77.97 4.25
C LEU K 356 -19.89 77.06 5.00
N ILE K 357 -19.39 75.93 5.48
CA ILE K 357 -20.22 75.04 6.27
C ILE K 357 -20.61 75.70 7.58
N ARG K 358 -19.65 76.28 8.29
CA ARG K 358 -19.95 76.95 9.55
C ARG K 358 -20.97 78.06 9.34
N GLN K 359 -20.75 78.91 8.31
CA GLN K 359 -21.69 79.98 8.00
C GLN K 359 -23.08 79.45 7.70
N THR K 360 -23.17 78.31 6.99
CA THR K 360 -24.46 77.71 6.66
C THR K 360 -25.20 77.28 7.93
N LEU K 361 -24.50 76.56 8.82
CA LEU K 361 -25.09 76.13 10.09
C LEU K 361 -25.39 77.32 10.99
N GLY K 362 -24.61 78.40 10.88
CA GLY K 362 -25.00 79.65 11.54
C GLY K 362 -26.37 80.13 11.12
N LEU K 363 -26.69 80.03 9.82
CA LEU K 363 -28.03 80.34 9.36
C LEU K 363 -29.06 79.34 9.88
N ALA K 364 -28.65 78.09 10.09
CA ALA K 364 -29.56 77.01 10.51
C ALA K 364 -30.21 77.25 11.88
N ASP K 365 -29.58 77.98 12.79
CA ASP K 365 -30.31 78.36 14.02
C ASP K 365 -30.38 79.89 14.26
N THR L 1 13.27 65.80 -59.51
CA THR L 1 13.23 64.50 -60.19
C THR L 1 11.80 64.11 -60.59
N GLN L 2 10.85 64.29 -59.69
CA GLN L 2 9.43 64.13 -60.01
C GLN L 2 8.72 65.47 -59.86
N THR L 3 7.48 65.50 -60.33
CA THR L 3 6.82 66.76 -60.59
C THR L 3 5.64 66.96 -59.66
N LEU L 4 5.38 68.22 -59.35
CA LEU L 4 4.18 68.60 -58.61
C LEU L 4 2.93 68.24 -59.41
N PRO L 5 1.87 67.79 -58.74
CA PRO L 5 0.59 67.58 -59.41
C PRO L 5 0.05 68.88 -59.97
N ALA L 6 -1.06 68.78 -60.68
CA ALA L 6 -1.78 69.97 -61.09
C ALA L 6 -2.41 70.64 -59.89
N GLU L 7 -2.66 71.94 -60.02
CA GLU L 7 -3.27 72.68 -58.93
C GLU L 7 -4.53 71.96 -58.49
N GLY L 8 -4.60 71.68 -57.19
CA GLY L 8 -5.77 71.06 -56.59
C GLY L 8 -5.64 69.56 -56.64
N GLU L 9 -4.98 69.04 -57.67
CA GLU L 9 -5.07 67.61 -57.87
C GLU L 9 -4.24 66.93 -56.77
N ILE L 10 -4.72 65.76 -56.32
CA ILE L 10 -3.87 64.95 -55.43
C ILE L 10 -2.76 64.20 -56.19
N GLY L 11 -1.54 64.27 -55.63
CA GLY L 11 -0.42 63.51 -56.15
C GLY L 11 0.33 62.75 -55.05
N LEU L 12 0.98 61.69 -55.49
CA LEU L 12 1.65 60.79 -54.56
C LEU L 12 3.15 60.89 -54.80
N ILE L 13 3.90 61.13 -53.72
CA ILE L 13 5.33 61.38 -53.81
C ILE L 13 6.05 60.20 -53.16
N ASP L 14 6.85 59.49 -53.95
CA ASP L 14 7.62 58.36 -53.44
C ASP L 14 8.86 58.90 -52.76
N VAL L 15 8.93 58.75 -51.43
CA VAL L 15 10.04 59.29 -50.67
C VAL L 15 11.02 58.22 -50.25
N GLY L 16 10.72 56.98 -50.54
CA GLY L 16 11.62 55.89 -50.23
C GLY L 16 11.49 55.45 -48.79
N SER L 17 12.57 54.85 -48.31
CA SER L 17 12.57 54.29 -46.98
C SER L 17 13.01 55.35 -45.98
N LEU L 18 12.33 55.38 -44.83
CA LEU L 18 12.57 56.42 -43.83
C LEU L 18 13.06 55.80 -42.54
N GLN L 19 14.13 56.39 -42.00
CA GLN L 19 14.66 56.05 -40.68
C GLN L 19 13.90 56.90 -39.67
N LEU L 20 13.00 56.27 -38.93
CA LEU L 20 12.17 56.99 -37.98
C LEU L 20 12.95 57.38 -36.74
N GLU L 21 12.35 58.27 -35.94
CA GLU L 21 12.98 58.68 -34.70
C GLU L 21 13.16 57.51 -33.74
N SER L 22 12.21 56.56 -33.75
CA SER L 22 12.30 55.42 -32.85
C SER L 22 13.42 54.46 -33.23
N GLY L 23 14.04 54.65 -34.40
CA GLY L 23 14.93 53.66 -34.96
C GLY L 23 14.20 52.73 -35.92
N ALA L 24 12.91 52.50 -35.71
CA ALA L 24 12.13 51.70 -36.64
C ALA L 24 12.24 52.27 -38.05
N VAL L 25 12.03 51.43 -39.05
CA VAL L 25 12.10 51.84 -40.44
C VAL L 25 10.81 51.44 -41.14
N ILE L 26 10.20 52.40 -41.79
CA ILE L 26 9.08 52.16 -42.68
C ILE L 26 9.59 52.29 -44.11
N ASP L 27 9.25 51.29 -44.93
CA ASP L 27 9.75 51.18 -46.29
C ASP L 27 8.71 51.63 -47.30
N ASP L 28 9.18 52.19 -48.41
CA ASP L 28 8.31 52.55 -49.52
C ASP L 28 7.29 53.58 -49.06
N VAL L 29 7.79 54.64 -48.45
CA VAL L 29 6.89 55.64 -47.92
C VAL L 29 6.33 56.49 -49.05
N CYS L 30 5.07 56.85 -48.92
CA CYS L 30 4.35 57.66 -49.90
C CYS L 30 3.59 58.77 -49.18
N ILE L 31 3.77 60.01 -49.64
CA ILE L 31 3.13 61.19 -49.05
C ILE L 31 2.24 61.86 -50.10
N ALA L 32 0.95 61.97 -49.80
CA ALA L 32 0.04 62.68 -50.70
C ALA L 32 0.29 64.18 -50.62
N VAL L 33 0.00 64.87 -51.72
CA VAL L 33 0.32 66.29 -51.86
C VAL L 33 -0.77 67.02 -52.65
N GLN L 34 -0.95 68.31 -52.35
CA GLN L 34 -1.80 69.19 -53.13
C GLN L 34 -1.21 70.59 -53.06
N ARG L 35 -1.46 71.40 -54.09
CA ARG L 35 -0.89 72.74 -54.13
C ARG L 35 -1.84 73.65 -54.88
N TRP L 36 -1.78 74.94 -54.55
CA TRP L 36 -2.63 75.97 -55.14
C TRP L 36 -1.78 77.20 -55.47
N GLY L 37 -2.00 77.75 -56.65
CA GLY L 37 -1.14 78.80 -57.16
C GLY L 37 0.13 78.21 -57.73
N LYS L 38 0.81 78.98 -58.56
CA LYS L 38 1.90 78.39 -59.32
C LYS L 38 3.18 78.54 -58.51
N LEU L 39 4.07 77.56 -58.66
CA LEU L 39 5.37 77.54 -58.00
C LEU L 39 6.35 78.42 -58.76
N SER L 40 6.98 79.38 -58.05
CA SER L 40 7.83 80.35 -58.71
C SER L 40 9.02 79.65 -59.37
N PRO L 41 9.67 80.33 -60.33
CA PRO L 41 10.75 79.67 -61.08
C PRO L 41 11.83 79.15 -60.17
N ALA L 42 12.03 79.80 -59.02
CA ALA L 42 13.18 79.40 -58.16
C ALA L 42 12.80 78.50 -56.97
N ARG L 43 11.57 77.97 -56.92
CA ARG L 43 11.13 77.02 -55.85
C ARG L 43 11.42 77.65 -54.48
N ASP L 44 11.04 78.92 -54.32
CA ASP L 44 11.35 79.68 -53.08
C ASP L 44 10.08 80.31 -52.55
N ASN L 45 8.92 79.93 -53.11
CA ASN L 45 7.73 80.63 -52.66
C ASN L 45 6.65 79.70 -52.09
N VAL L 46 7.08 78.54 -51.58
CA VAL L 46 6.19 77.53 -51.01
C VAL L 46 5.70 77.96 -49.63
N VAL L 47 4.41 77.80 -49.37
CA VAL L 47 3.82 78.03 -48.05
C VAL L 47 3.20 76.70 -47.60
N VAL L 48 3.84 76.00 -46.68
CA VAL L 48 3.36 74.69 -46.24
C VAL L 48 2.18 74.85 -45.30
N VAL L 49 1.05 74.22 -45.65
CA VAL L 49 -0.15 74.20 -44.83
C VAL L 49 -0.26 72.81 -44.22
N LEU L 50 -0.29 72.74 -42.89
CA LEU L 50 -0.17 71.49 -42.15
C LEU L 50 -1.50 71.17 -41.45
N HIS L 51 -2.12 70.06 -41.82
CA HIS L 51 -3.45 69.77 -41.30
C HIS L 51 -3.36 69.24 -39.88
N ALA L 52 -4.51 69.22 -39.20
CA ALA L 52 -4.57 68.78 -37.82
C ALA L 52 -4.87 67.28 -37.76
N LEU L 53 -5.39 66.79 -36.63
CA LEU L 53 -5.50 65.35 -36.39
C LEU L 53 -6.24 64.61 -37.50
N THR L 54 -7.49 64.99 -37.76
CA THR L 54 -8.29 64.27 -38.75
C THR L 54 -8.35 64.97 -40.11
N GLY L 55 -7.50 65.98 -40.34
CA GLY L 55 -7.54 66.70 -41.60
C GLY L 55 -6.72 66.03 -42.69
N ASP L 56 -6.90 66.54 -43.91
CA ASP L 56 -6.15 66.00 -45.05
C ASP L 56 -5.49 67.11 -45.87
N SER L 57 -4.92 66.76 -47.02
CA SER L 57 -4.22 67.71 -47.86
C SER L 57 -5.17 68.66 -48.57
N HIS L 58 -6.48 68.42 -48.48
CA HIS L 58 -7.49 69.22 -49.18
C HIS L 58 -7.83 70.43 -48.32
N ILE L 59 -6.94 71.43 -48.35
CA ILE L 59 -7.09 72.59 -47.48
C ILE L 59 -8.20 73.52 -47.96
N THR L 60 -8.41 73.60 -49.28
CA THR L 60 -9.49 74.40 -49.84
C THR L 60 -10.08 73.66 -51.04
N GLY L 61 -11.32 74.02 -51.38
CA GLY L 61 -11.99 73.35 -52.46
C GLY L 61 -13.27 72.68 -51.99
N PRO L 62 -13.99 72.09 -52.93
CA PRO L 62 -15.26 71.46 -52.58
C PRO L 62 -15.11 70.00 -52.18
N ALA L 63 -16.15 69.49 -51.53
CA ALA L 63 -16.28 68.05 -51.36
C ALA L 63 -16.55 67.42 -52.72
N GLY L 64 -16.05 66.22 -52.95
CA GLY L 64 -16.28 65.62 -54.23
C GLY L 64 -15.84 64.18 -54.35
N PRO L 65 -15.70 63.72 -55.58
CA PRO L 65 -15.17 62.36 -55.80
C PRO L 65 -13.72 62.33 -55.34
N GLY L 66 -13.38 61.33 -54.54
CA GLY L 66 -12.04 61.33 -54.03
C GLY L 66 -11.78 62.29 -52.89
N HIS L 67 -12.79 63.06 -52.47
CA HIS L 67 -12.65 64.00 -51.36
C HIS L 67 -13.89 63.96 -50.47
N PRO L 68 -13.88 63.10 -49.46
CA PRO L 68 -15.06 63.01 -48.57
C PRO L 68 -15.39 64.31 -47.88
N THR L 69 -14.40 65.21 -47.77
CA THR L 69 -14.57 66.43 -47.02
C THR L 69 -14.08 67.61 -47.84
N PRO L 70 -14.81 68.73 -47.77
CA PRO L 70 -14.31 69.98 -48.35
C PRO L 70 -13.06 70.42 -47.63
N GLY L 71 -12.42 71.45 -48.18
CA GLY L 71 -11.21 71.94 -47.56
C GLY L 71 -11.51 72.43 -46.15
N TRP L 72 -10.62 72.09 -45.23
CA TRP L 72 -10.86 72.48 -43.84
C TRP L 72 -10.63 73.97 -43.62
N TRP L 73 -9.78 74.59 -44.43
CA TRP L 73 -9.59 76.02 -44.42
C TRP L 73 -10.10 76.60 -45.73
N ASP L 74 -11.35 76.28 -46.05
CA ASP L 74 -11.86 76.63 -47.36
C ASP L 74 -11.68 78.13 -47.58
N GLY L 75 -11.07 78.49 -48.71
CA GLY L 75 -10.86 79.86 -49.09
C GLY L 75 -9.52 80.43 -48.69
N VAL L 76 -8.73 79.71 -47.90
CA VAL L 76 -7.51 80.27 -47.34
C VAL L 76 -6.45 80.54 -48.40
N ALA L 77 -6.53 79.89 -49.55
CA ALA L 77 -5.54 80.06 -50.62
C ALA L 77 -6.22 80.51 -51.91
N GLY L 78 -5.67 81.55 -52.53
CA GLY L 78 -6.20 82.06 -53.78
C GLY L 78 -5.72 83.48 -54.05
N PRO L 79 -6.12 84.04 -55.18
CA PRO L 79 -5.85 85.47 -55.43
C PRO L 79 -6.52 86.34 -54.38
N GLY L 80 -5.70 87.05 -53.60
CA GLY L 80 -6.17 87.93 -52.54
C GLY L 80 -6.46 87.23 -51.23
N ALA L 81 -6.37 85.90 -51.18
CA ALA L 81 -6.64 85.16 -49.99
C ALA L 81 -5.49 85.36 -49.02
N PRO L 82 -5.65 84.95 -47.76
CA PRO L 82 -4.53 85.04 -46.82
C PRO L 82 -3.23 84.47 -47.35
N ILE L 83 -3.26 83.23 -47.85
CA ILE L 83 -2.13 82.70 -48.63
C ILE L 83 -2.44 83.12 -50.06
N ASP L 84 -1.87 84.26 -50.47
CA ASP L 84 -2.16 84.85 -51.79
C ASP L 84 -1.43 84.11 -52.90
N THR L 85 -2.17 83.33 -53.70
CA THR L 85 -1.55 82.47 -54.71
C THR L 85 -1.10 83.22 -55.96
N THR L 86 -1.44 84.51 -56.09
CA THR L 86 -0.82 85.31 -57.13
C THR L 86 0.66 85.51 -56.85
N ARG L 87 1.13 85.12 -55.67
CA ARG L 87 2.59 85.19 -55.35
C ARG L 87 3.07 83.97 -54.56
N TRP L 88 2.18 83.26 -53.89
CA TRP L 88 2.56 82.12 -53.06
C TRP L 88 2.03 80.81 -53.66
N CYS L 89 2.72 79.71 -53.37
CA CYS L 89 2.32 78.35 -53.73
C CYS L 89 1.97 77.59 -52.44
N ALA L 90 0.68 77.43 -52.17
CA ALA L 90 0.21 76.72 -50.98
C ALA L 90 0.35 75.22 -51.20
N VAL L 91 1.22 74.57 -50.44
CA VAL L 91 1.44 73.12 -50.51
C VAL L 91 0.94 72.50 -49.22
N ALA L 92 0.17 71.41 -49.34
CA ALA L 92 -0.35 70.70 -48.17
C ALA L 92 -0.18 69.19 -48.36
N THR L 93 0.52 68.53 -47.44
CA THR L 93 0.60 67.07 -47.45
C THR L 93 -0.49 66.46 -46.57
N ASN L 94 -0.68 65.14 -46.76
CA ASN L 94 -1.35 64.28 -45.80
C ASN L 94 -0.27 63.68 -44.92
N VAL L 95 -0.40 63.86 -43.60
CA VAL L 95 0.74 63.59 -42.73
C VAL L 95 1.13 62.12 -42.79
N LEU L 96 2.42 61.83 -42.61
CA LEU L 96 2.83 60.44 -42.44
C LEU L 96 2.03 59.81 -41.30
N GLY L 97 1.47 58.64 -41.56
CA GLY L 97 0.56 58.00 -40.64
C GLY L 97 -0.91 58.22 -40.92
N GLY L 98 -1.24 59.06 -41.90
CA GLY L 98 -2.62 59.32 -42.23
C GLY L 98 -3.28 58.20 -43.00
N CYS L 99 -4.50 58.49 -43.46
CA CYS L 99 -5.33 57.51 -44.14
C CYS L 99 -6.02 58.15 -45.33
N ARG L 100 -5.39 59.13 -45.96
CA ARG L 100 -5.98 59.84 -47.06
C ARG L 100 -4.95 60.10 -48.14
N GLY L 101 -4.16 59.09 -48.45
CA GLY L 101 -3.19 59.23 -49.50
C GLY L 101 -1.83 58.80 -49.02
N SER L 102 -1.50 59.13 -47.78
CA SER L 102 -0.14 58.88 -47.31
C SER L 102 -0.05 57.49 -46.70
N THR L 103 1.19 57.04 -46.50
CA THR L 103 1.47 55.74 -45.91
C THR L 103 0.93 55.69 -44.49
N GLY L 104 -0.05 54.84 -44.24
CA GLY L 104 -0.62 54.75 -42.91
C GLY L 104 -1.02 53.33 -42.57
N PRO L 105 -1.61 53.14 -41.39
CA PRO L 105 -2.05 51.78 -41.03
C PRO L 105 -2.91 51.12 -42.09
N SER L 106 -3.80 51.85 -42.77
CA SER L 106 -4.65 51.26 -43.79
C SER L 106 -3.92 51.02 -45.10
N SER L 107 -2.78 51.68 -45.31
CA SER L 107 -2.02 51.47 -46.53
C SER L 107 -1.45 50.06 -46.56
N LEU L 108 -1.12 49.58 -47.77
CA LEU L 108 -0.62 48.23 -47.99
C LEU L 108 0.90 48.16 -47.85
N ALA L 109 1.38 47.19 -47.09
CA ALA L 109 2.82 47.04 -46.85
C ALA L 109 3.48 46.28 -48.01
N ARG L 110 4.79 46.03 -47.88
CA ARG L 110 5.50 45.37 -48.96
C ARG L 110 5.15 43.88 -49.06
N ASP L 111 4.34 43.37 -48.15
CA ASP L 111 3.83 42.00 -48.22
C ASP L 111 2.43 41.91 -48.82
N GLY L 112 1.89 43.00 -49.37
CA GLY L 112 0.55 42.96 -49.95
C GLY L 112 -0.61 43.05 -48.96
N LYS L 113 -0.35 42.97 -47.64
CA LYS L 113 -1.34 43.11 -46.57
C LYS L 113 -1.25 44.47 -45.86
N PRO L 114 -2.37 44.98 -45.34
CA PRO L 114 -2.33 46.28 -44.63
C PRO L 114 -1.35 46.30 -43.46
N TRP L 115 -0.64 47.44 -43.34
CA TRP L 115 0.32 47.67 -42.26
C TRP L 115 -0.27 47.31 -40.90
N GLY L 116 -1.36 47.97 -40.52
CA GLY L 116 -2.11 47.60 -39.33
C GLY L 116 -1.24 47.63 -38.09
N SER L 117 -1.35 46.55 -37.31
CA SER L 117 -0.55 46.42 -36.09
C SER L 117 0.94 46.42 -36.37
N ARG L 118 1.35 46.26 -37.62
CA ARG L 118 2.77 46.29 -37.93
C ARG L 118 3.28 47.71 -38.19
N PHE L 119 2.39 48.69 -38.28
CA PHE L 119 2.80 50.09 -38.47
C PHE L 119 3.50 50.61 -37.21
N PRO L 120 4.72 51.16 -37.34
CA PRO L 120 5.45 51.62 -36.15
C PRO L 120 4.99 52.98 -35.63
N LEU L 121 5.18 53.18 -34.31
CA LEU L 121 4.91 54.46 -33.68
C LEU L 121 5.82 55.56 -34.20
N ILE L 122 5.22 56.72 -34.45
CA ILE L 122 5.90 57.88 -35.03
C ILE L 122 5.68 59.09 -34.14
N SER L 123 6.57 60.06 -34.31
CA SER L 123 6.55 61.34 -33.62
C SER L 123 6.20 62.46 -34.60
N ILE L 124 5.78 63.60 -34.05
CA ILE L 124 5.62 64.79 -34.90
C ILE L 124 6.90 65.05 -35.67
N ARG L 125 8.04 64.80 -35.03
CA ARG L 125 9.31 64.99 -35.72
C ARG L 125 9.41 64.07 -36.93
N ASP L 126 8.92 62.84 -36.79
CA ASP L 126 8.85 61.90 -37.91
C ASP L 126 8.01 62.47 -39.05
N GLN L 127 6.81 62.96 -38.73
CA GLN L 127 5.92 63.52 -39.75
C GLN L 127 6.57 64.69 -40.47
N VAL L 128 7.41 65.45 -39.78
CA VAL L 128 8.05 66.58 -40.43
C VAL L 128 9.15 66.11 -41.36
N GLN L 129 9.92 65.10 -40.97
CA GLN L 129 10.93 64.54 -41.87
C GLN L 129 10.30 64.08 -43.18
N ALA L 130 9.20 63.33 -43.08
CA ALA L 130 8.50 62.86 -44.27
C ALA L 130 8.04 64.04 -45.12
N ASP L 131 7.48 65.07 -44.50
CA ASP L 131 7.04 66.23 -45.27
C ASP L 131 8.23 66.92 -45.94
N VAL L 132 9.34 67.06 -45.21
CA VAL L 132 10.52 67.66 -45.81
C VAL L 132 11.05 66.79 -46.94
N ALA L 133 11.06 65.48 -46.74
CA ALA L 133 11.48 64.56 -47.79
C ALA L 133 10.58 64.69 -49.01
N ALA L 134 9.27 64.83 -48.80
CA ALA L 134 8.36 64.97 -49.92
C ALA L 134 8.65 66.26 -50.71
N LEU L 135 8.82 67.37 -50.00
CA LEU L 135 9.13 68.63 -50.70
C LEU L 135 10.48 68.55 -51.41
N ALA L 136 11.44 67.86 -50.80
CA ALA L 136 12.75 67.73 -51.45
C ALA L 136 12.64 66.97 -52.77
N ALA L 137 11.92 65.84 -52.76
CA ALA L 137 11.76 65.04 -53.96
C ALA L 137 11.08 65.82 -55.09
N LEU L 138 10.43 66.94 -54.78
CA LEU L 138 9.88 67.80 -55.82
C LEU L 138 10.81 68.97 -56.13
N GLY L 139 12.05 68.94 -55.62
CA GLY L 139 13.00 69.99 -55.86
C GLY L 139 12.85 71.20 -54.96
N ILE L 140 11.97 71.13 -53.96
CA ILE L 140 11.79 72.21 -53.00
C ILE L 140 12.67 71.94 -51.79
N THR L 141 13.66 72.81 -51.55
CA THR L 141 14.53 72.66 -50.39
C THR L 141 14.40 73.78 -49.37
N GLU L 142 13.60 74.81 -49.65
CA GLU L 142 13.37 75.93 -48.75
C GLU L 142 11.93 76.39 -48.87
N VAL L 143 11.30 76.61 -47.72
CA VAL L 143 9.90 76.99 -47.69
C VAL L 143 9.85 78.44 -47.25
N ALA L 144 8.87 79.16 -47.77
CA ALA L 144 8.71 80.54 -47.36
C ALA L 144 8.18 80.59 -45.94
N ALA L 145 7.25 79.69 -45.61
CA ALA L 145 6.55 79.69 -44.33
C ALA L 145 5.94 78.31 -44.09
N VAL L 146 5.72 77.99 -42.81
CA VAL L 146 4.86 76.88 -42.39
C VAL L 146 3.72 77.47 -41.55
N VAL L 147 2.49 76.96 -41.74
CA VAL L 147 1.32 77.43 -40.99
C VAL L 147 0.47 76.24 -40.57
N GLY L 148 0.02 76.26 -39.32
CA GLY L 148 -0.78 75.14 -38.83
C GLY L 148 -1.49 75.47 -37.53
N GLY L 149 -2.58 74.74 -37.29
CA GLY L 149 -3.25 74.81 -36.01
C GLY L 149 -3.38 73.46 -35.37
N SER L 150 -3.57 73.43 -34.06
CA SER L 150 -3.68 72.17 -33.29
C SER L 150 -2.48 71.29 -33.66
N MET L 151 -2.68 70.02 -34.01
CA MET L 151 -1.58 69.14 -34.38
C MET L 151 -0.71 69.72 -35.49
N GLY L 152 -1.33 70.44 -36.44
CA GLY L 152 -0.57 71.11 -37.49
C GLY L 152 0.38 72.17 -36.97
N GLY L 153 -0.05 72.89 -35.92
CA GLY L 153 0.85 73.82 -35.25
C GLY L 153 2.01 73.11 -34.55
N ALA L 154 1.76 71.92 -34.00
CA ALA L 154 2.87 71.14 -33.47
C ALA L 154 3.86 70.79 -34.58
N ARG L 155 3.34 70.40 -35.75
CA ARG L 155 4.21 70.12 -36.91
C ARG L 155 4.99 71.37 -37.31
N ALA L 156 4.32 72.51 -37.42
CA ALA L 156 5.01 73.76 -37.72
C ALA L 156 6.09 74.02 -36.69
N LEU L 157 5.74 73.90 -35.40
CA LEU L 157 6.73 74.14 -34.36
C LEU L 157 7.93 73.24 -34.54
N GLU L 158 7.69 71.95 -34.72
CA GLU L 158 8.81 71.04 -34.91
C GLU L 158 9.57 71.28 -36.21
N TRP L 159 8.92 71.94 -37.18
CA TRP L 159 9.58 72.31 -38.43
C TRP L 159 10.58 73.44 -38.22
N VAL L 160 10.09 74.59 -37.74
CA VAL L 160 10.96 75.75 -37.57
C VAL L 160 12.04 75.46 -36.54
N VAL L 161 11.77 74.59 -35.57
CA VAL L 161 12.78 74.31 -34.55
C VAL L 161 13.85 73.37 -35.11
N GLY L 162 13.44 72.38 -35.91
CA GLY L 162 14.41 71.43 -36.43
C GLY L 162 15.08 71.78 -37.75
N TYR L 163 14.46 72.66 -38.52
CA TYR L 163 14.99 73.04 -39.83
C TYR L 163 15.02 74.55 -39.97
N PRO L 164 15.67 75.24 -39.03
CA PRO L 164 15.58 76.71 -38.98
C PRO L 164 16.19 77.40 -40.19
N ASP L 165 17.17 76.76 -40.84
CA ASP L 165 17.81 77.38 -42.00
C ASP L 165 16.97 77.28 -43.26
N ARG L 166 15.94 76.46 -43.28
CA ARG L 166 15.26 76.13 -44.52
C ARG L 166 13.78 76.51 -44.45
N VAL L 167 13.46 77.45 -43.56
CA VAL L 167 12.13 78.04 -43.44
C VAL L 167 12.31 79.46 -42.93
N ARG L 168 11.55 80.39 -43.51
CA ARG L 168 11.74 81.81 -43.26
C ARG L 168 10.83 82.38 -42.21
N ALA L 169 9.62 81.81 -42.03
CA ALA L 169 8.67 82.27 -41.03
C ALA L 169 7.72 81.13 -40.73
N GLY L 170 7.07 81.22 -39.57
CA GLY L 170 6.13 80.20 -39.13
C GLY L 170 4.93 80.83 -38.45
N LEU L 171 3.79 80.16 -38.57
CA LEU L 171 2.58 80.50 -37.82
C LEU L 171 2.24 79.33 -36.90
N LEU L 172 2.29 79.55 -35.58
CA LEU L 172 1.96 78.50 -34.64
C LEU L 172 0.62 78.89 -34.01
N LEU L 173 -0.43 78.13 -34.30
CA LEU L 173 -1.78 78.50 -33.93
C LEU L 173 -2.37 77.42 -33.04
N ALA L 174 -2.86 77.81 -31.87
CA ALA L 174 -3.56 76.91 -30.94
C ALA L 174 -2.79 75.61 -30.75
N VAL L 175 -1.60 75.73 -30.16
CA VAL L 175 -0.66 74.61 -30.01
C VAL L 175 0.17 74.89 -28.76
N GLY L 176 0.90 73.88 -28.29
CA GLY L 176 1.76 74.05 -27.15
C GLY L 176 3.14 73.48 -27.44
N ALA L 177 4.09 73.88 -26.58
CA ALA L 177 5.47 73.45 -26.72
C ALA L 177 5.60 71.97 -26.49
N ARG L 178 4.73 71.40 -25.65
CA ARG L 178 4.69 69.97 -25.39
C ARG L 178 3.25 69.58 -25.08
N ALA L 179 3.00 68.28 -25.04
CA ALA L 179 1.70 67.78 -24.63
C ALA L 179 1.48 68.03 -23.15
N THR L 180 0.30 68.49 -22.78
CA THR L 180 -0.03 68.69 -21.39
C THR L 180 -0.64 67.43 -20.82
N ALA L 181 -0.61 67.31 -19.49
CA ALA L 181 -1.19 66.15 -18.83
C ALA L 181 -2.66 65.95 -19.22
N ASP L 182 -3.45 67.02 -19.26
CA ASP L 182 -4.85 66.85 -19.64
C ASP L 182 -4.96 66.32 -21.06
N GLN L 183 -4.16 66.86 -21.98
CA GLN L 183 -4.14 66.36 -23.35
C GLN L 183 -3.80 64.87 -23.38
N ILE L 184 -2.68 64.49 -22.75
CA ILE L 184 -2.31 63.09 -22.69
C ILE L 184 -3.40 62.28 -22.02
N GLY L 185 -4.03 62.83 -20.99
CA GLY L 185 -5.09 62.12 -20.31
C GLY L 185 -6.26 61.76 -21.21
N THR L 186 -6.86 62.77 -21.88
CA THR L 186 -8.00 62.49 -22.74
C THR L 186 -7.56 61.67 -23.93
N GLN L 187 -6.34 61.89 -24.41
CA GLN L 187 -5.87 61.30 -25.65
C GLN L 187 -5.54 59.81 -25.50
N THR L 188 -4.83 59.43 -24.43
CA THR L 188 -4.61 57.99 -24.19
C THR L 188 -5.93 57.28 -23.91
N THR L 189 -6.85 57.95 -23.23
CA THR L 189 -8.15 57.32 -23.00
C THR L 189 -8.93 57.22 -24.30
N GLN L 190 -8.82 58.20 -25.19
CA GLN L 190 -9.43 58.08 -26.52
C GLN L 190 -8.91 56.83 -27.23
N ILE L 191 -7.61 56.60 -27.21
CA ILE L 191 -7.05 55.37 -27.77
C ILE L 191 -7.65 54.15 -27.07
N ALA L 192 -7.72 54.20 -25.73
CA ALA L 192 -8.21 53.06 -24.99
C ALA L 192 -9.62 52.67 -25.41
N ALA L 193 -10.46 53.66 -25.70
CA ALA L 193 -11.83 53.36 -26.12
C ALA L 193 -11.86 52.62 -27.46
N ILE L 194 -10.97 52.99 -28.40
CA ILE L 194 -10.88 52.26 -29.66
C ILE L 194 -10.44 50.83 -29.43
N LYS L 195 -9.34 50.66 -28.69
CA LYS L 195 -8.84 49.31 -28.43
C LYS L 195 -9.82 48.49 -27.59
N ALA L 196 -10.76 49.15 -26.88
CA ALA L 196 -11.78 48.43 -26.13
C ALA L 196 -12.90 47.90 -27.01
N ASP L 197 -13.03 48.43 -28.23
CA ASP L 197 -13.97 47.85 -29.17
C ASP L 197 -13.59 46.40 -29.45
N PRO L 198 -14.54 45.46 -29.43
CA PRO L 198 -14.17 44.07 -29.73
C PRO L 198 -13.60 43.89 -31.12
N ASP L 199 -14.05 44.70 -32.09
CA ASP L 199 -13.62 44.59 -33.48
C ASP L 199 -12.25 45.22 -33.78
N TRP L 200 -11.54 45.77 -32.79
CA TRP L 200 -10.20 46.31 -33.06
C TRP L 200 -9.29 45.22 -33.60
N GLN L 201 -9.41 43.99 -33.10
CA GLN L 201 -8.61 42.86 -33.56
C GLN L 201 -7.13 43.24 -33.57
N SER L 202 -6.64 43.71 -32.42
CA SER L 202 -5.24 44.09 -32.26
C SER L 202 -4.78 45.10 -33.32
N GLY L 203 -5.73 45.77 -33.98
CA GLY L 203 -5.43 46.70 -35.03
C GLY L 203 -5.35 46.12 -36.45
N ASP L 204 -5.65 44.83 -36.62
CA ASP L 204 -5.60 44.16 -37.91
C ASP L 204 -6.99 43.82 -38.40
N TYR L 205 -7.92 44.77 -38.23
CA TYR L 205 -9.30 44.63 -38.66
C TYR L 205 -9.52 44.94 -40.13
N HIS L 206 -8.53 45.46 -40.86
CA HIS L 206 -8.81 46.08 -42.15
C HIS L 206 -9.45 45.09 -43.14
N GLU L 207 -8.80 43.96 -43.39
CA GLU L 207 -9.39 42.98 -44.31
C GLU L 207 -10.20 41.95 -43.54
N THR L 208 -11.26 42.42 -42.88
CA THR L 208 -12.13 41.54 -42.11
C THR L 208 -13.61 41.89 -42.23
N GLY L 209 -14.00 42.96 -42.90
CA GLY L 209 -15.40 43.34 -42.89
C GLY L 209 -15.95 43.64 -41.51
N ARG L 210 -15.07 43.70 -40.50
CA ARG L 210 -15.43 44.17 -39.17
C ARG L 210 -14.56 45.39 -38.88
N ALA L 211 -15.16 46.40 -38.25
CA ALA L 211 -14.41 47.62 -37.95
C ALA L 211 -14.77 48.14 -36.56
N PRO L 212 -13.84 48.84 -35.90
CA PRO L 212 -14.11 49.32 -34.53
C PRO L 212 -14.90 50.62 -34.53
N ASP L 213 -16.08 50.59 -35.13
CA ASP L 213 -16.82 51.83 -35.28
C ASP L 213 -17.28 52.40 -33.95
N ALA L 214 -17.67 51.54 -33.02
CA ALA L 214 -18.14 52.00 -31.71
C ALA L 214 -17.07 52.79 -30.95
N GLY L 215 -15.86 52.23 -30.88
CA GLY L 215 -14.80 52.92 -30.17
C GLY L 215 -14.42 54.22 -30.85
N LEU L 216 -14.29 54.19 -32.18
CA LEU L 216 -13.97 55.42 -32.90
C LEU L 216 -15.04 56.48 -32.66
N ARG L 217 -16.30 56.08 -32.69
CA ARG L 217 -17.36 57.05 -32.45
C ARG L 217 -17.26 57.61 -31.03
N LEU L 218 -16.99 56.76 -30.05
CA LEU L 218 -16.80 57.23 -28.68
C LEU L 218 -15.61 58.18 -28.57
N ALA L 219 -14.48 57.81 -29.18
CA ALA L 219 -13.30 58.67 -29.11
C ALA L 219 -13.62 60.05 -29.67
N ARG L 220 -14.30 60.10 -30.81
CA ARG L 220 -14.56 61.40 -31.43
C ARG L 220 -15.51 62.24 -30.59
N ARG L 221 -16.53 61.62 -30.00
CA ARG L 221 -17.46 62.39 -29.19
C ARG L 221 -16.72 63.07 -28.04
N PHE L 222 -15.88 62.34 -27.34
CA PHE L 222 -15.16 62.96 -26.24
C PHE L 222 -14.21 64.02 -26.76
N ALA L 223 -13.49 63.71 -27.84
CA ALA L 223 -12.55 64.67 -28.41
C ALA L 223 -13.26 65.95 -28.79
N HIS L 224 -14.39 65.84 -29.49
CA HIS L 224 -15.11 67.04 -29.93
C HIS L 224 -15.42 67.95 -28.75
N LEU L 225 -15.82 67.39 -27.62
CA LEU L 225 -16.10 68.22 -26.46
C LEU L 225 -14.87 69.02 -26.08
N THR L 226 -13.68 68.44 -26.24
CA THR L 226 -12.48 69.19 -25.90
C THR L 226 -12.19 70.31 -26.89
N TYR L 227 -12.62 70.12 -28.12
CA TYR L 227 -12.51 71.11 -29.17
C TYR L 227 -13.47 72.31 -29.07
N ARG L 228 -14.44 72.28 -28.18
CA ARG L 228 -15.46 73.33 -28.20
C ARG L 228 -15.37 74.24 -27.00
N GLY L 229 -16.23 75.25 -27.02
CA GLY L 229 -16.32 76.21 -25.93
C GLY L 229 -17.51 75.92 -25.04
N GLU L 230 -17.29 76.07 -23.74
CA GLU L 230 -18.31 75.68 -22.76
C GLU L 230 -19.63 76.44 -22.97
N ILE L 231 -19.57 77.77 -23.04
CA ILE L 231 -20.81 78.55 -23.13
C ILE L 231 -21.49 78.33 -24.47
N GLU L 232 -20.75 78.43 -25.58
CA GLU L 232 -21.43 78.28 -26.86
C GLU L 232 -22.16 76.94 -26.94
N LEU L 233 -21.63 75.90 -26.28
CA LEU L 233 -22.38 74.64 -26.22
C LEU L 233 -23.67 74.80 -25.45
N ASP L 234 -23.61 75.46 -24.30
CA ASP L 234 -24.83 75.66 -23.53
C ASP L 234 -25.78 76.61 -24.26
N THR L 235 -25.23 77.56 -25.02
CA THR L 235 -26.09 78.45 -25.80
C THR L 235 -26.71 77.76 -26.99
N ARG L 236 -25.94 76.95 -27.73
CA ARG L 236 -26.48 76.29 -28.90
C ARG L 236 -27.57 75.31 -28.51
N PHE L 237 -27.30 74.49 -27.48
CA PHE L 237 -28.17 73.38 -27.08
C PHE L 237 -28.80 73.55 -25.72
N ALA L 238 -28.11 74.18 -24.77
CA ALA L 238 -28.59 74.17 -23.40
C ALA L 238 -28.86 72.73 -23.02
N ASN L 239 -29.91 72.48 -22.24
CA ASN L 239 -30.37 71.14 -21.93
C ASN L 239 -31.60 70.77 -22.73
N HIS L 240 -31.77 71.36 -23.91
CA HIS L 240 -32.93 71.07 -24.75
C HIS L 240 -32.88 69.66 -25.32
N ASN L 241 -34.08 69.11 -25.54
CA ASN L 241 -34.27 67.82 -26.18
C ASN L 241 -34.17 67.97 -27.70
N GLN L 242 -34.00 66.83 -28.36
CA GLN L 242 -34.02 66.77 -29.82
C GLN L 242 -35.44 66.72 -30.36
N GLY L 243 -35.81 67.71 -31.16
CA GLY L 243 -37.10 67.69 -31.83
C GLY L 243 -38.26 67.34 -30.95
N ASN L 244 -38.93 66.23 -31.28
CA ASN L 244 -40.07 65.73 -30.53
C ASN L 244 -39.73 64.47 -29.73
N GLU L 245 -38.44 64.29 -29.41
CA GLU L 245 -37.99 63.13 -28.65
C GLU L 245 -38.15 63.39 -27.16
N ASP L 246 -38.45 62.31 -26.43
CA ASP L 246 -38.63 62.36 -24.99
C ASP L 246 -37.49 61.66 -24.26
N PRO L 247 -36.54 62.39 -23.66
CA PRO L 247 -35.47 61.71 -22.90
C PRO L 247 -35.96 60.84 -21.76
N THR L 248 -37.14 61.12 -21.16
CA THR L 248 -37.58 60.28 -20.06
C THR L 248 -38.16 58.96 -20.53
N ALA L 249 -38.27 58.76 -21.86
CA ALA L 249 -38.79 57.53 -22.45
C ALA L 249 -37.85 57.00 -23.52
N GLY L 250 -36.55 57.26 -23.38
CA GLY L 250 -35.55 56.78 -24.31
C GLY L 250 -35.10 57.75 -25.37
N GLY L 251 -35.67 58.96 -25.44
CA GLY L 251 -35.27 59.94 -26.42
C GLY L 251 -33.97 60.64 -26.06
N ARG L 252 -33.54 61.53 -26.95
CA ARG L 252 -32.21 62.12 -26.92
C ARG L 252 -32.25 63.63 -26.64
N TYR L 253 -31.18 64.13 -26.01
CA TYR L 253 -30.96 65.55 -25.88
C TYR L 253 -30.35 66.15 -27.16
N ALA L 254 -30.54 67.46 -27.32
CA ALA L 254 -30.05 68.11 -28.54
C ALA L 254 -28.53 67.99 -28.66
N VAL L 255 -27.82 68.28 -27.57
CA VAL L 255 -26.35 68.17 -27.60
C VAL L 255 -25.95 66.73 -27.79
N GLN L 256 -26.71 65.80 -27.20
CA GLN L 256 -26.44 64.38 -27.33
C GLN L 256 -26.54 63.93 -28.77
N SER L 257 -27.67 64.24 -29.41
CA SER L 257 -27.84 63.89 -30.81
C SER L 257 -26.79 64.53 -31.69
N TYR L 258 -26.49 65.82 -31.46
CA TYR L 258 -25.43 66.49 -32.20
C TYR L 258 -24.11 65.74 -32.06
N LEU L 259 -23.79 65.33 -30.84
CA LEU L 259 -22.55 64.61 -30.60
C LEU L 259 -22.54 63.30 -31.38
N GLU L 260 -23.67 62.60 -31.41
CA GLU L 260 -23.77 61.37 -32.19
C GLU L 260 -23.43 61.63 -33.66
N HIS L 261 -23.96 62.72 -34.23
CA HIS L 261 -23.75 63.01 -35.65
C HIS L 261 -22.28 63.27 -35.96
N GLN L 262 -21.58 64.03 -35.09
CA GLN L 262 -20.17 64.28 -35.30
C GLN L 262 -19.39 62.98 -35.46
N GLY L 263 -19.74 61.95 -34.68
CA GLY L 263 -19.05 60.68 -34.79
C GLY L 263 -19.42 59.93 -36.05
N ASP L 264 -20.70 59.96 -36.43
CA ASP L 264 -21.13 59.34 -37.67
C ASP L 264 -20.35 59.87 -38.86
N LYS L 265 -20.11 61.17 -38.87
CA LYS L 265 -19.43 61.82 -40.02
C LYS L 265 -17.96 61.44 -40.06
N LEU L 266 -17.35 61.24 -38.92
CA LEU L 266 -15.94 60.83 -38.91
C LEU L 266 -15.77 59.37 -39.38
N LEU L 267 -16.72 58.51 -39.00
CA LEU L 267 -16.63 57.12 -39.42
C LEU L 267 -16.59 57.00 -40.93
N SER L 268 -17.41 57.80 -41.62
CA SER L 268 -17.54 57.66 -43.06
C SER L 268 -16.36 58.22 -43.84
N ARG L 269 -15.32 58.71 -43.16
CA ARG L 269 -14.18 59.28 -43.86
C ARG L 269 -12.82 59.03 -43.20
N PHE L 270 -12.76 58.26 -42.12
CA PHE L 270 -11.54 58.21 -41.33
C PHE L 270 -11.34 56.80 -40.79
N ASP L 271 -10.07 56.44 -40.62
CA ASP L 271 -9.66 55.08 -40.26
C ASP L 271 -9.22 55.04 -38.81
N ALA L 272 -9.87 54.18 -38.02
CA ALA L 272 -9.54 54.08 -36.61
C ALA L 272 -8.04 53.90 -36.39
N GLY L 273 -7.38 53.11 -37.23
CA GLY L 273 -5.96 52.89 -37.06
C GLY L 273 -5.15 54.18 -37.11
N SER L 274 -5.54 55.11 -37.98
CA SER L 274 -4.82 56.37 -38.00
C SER L 274 -5.11 57.18 -36.74
N TYR L 275 -6.38 57.24 -36.33
CA TYR L 275 -6.69 57.92 -35.07
C TYR L 275 -5.76 57.46 -33.95
N VAL L 276 -5.49 56.16 -33.85
CA VAL L 276 -4.60 55.69 -32.80
C VAL L 276 -3.17 56.14 -33.08
N ILE L 277 -2.66 55.83 -34.28
CA ILE L 277 -1.25 56.12 -34.55
C ILE L 277 -0.98 57.62 -34.46
N LEU L 278 -1.91 58.45 -34.94
CA LEU L 278 -1.72 59.88 -34.93
C LEU L 278 -1.87 60.46 -33.53
N THR L 279 -2.84 59.97 -32.75
CA THR L 279 -2.97 60.43 -31.37
C THR L 279 -1.74 60.07 -30.56
N GLU L 280 -1.17 58.88 -30.77
CA GLU L 280 0.10 58.57 -30.12
C GLU L 280 1.14 59.62 -30.42
N ALA L 281 1.17 60.11 -31.67
CA ALA L 281 2.14 61.13 -32.03
C ALA L 281 1.88 62.47 -31.33
N LEU L 282 0.61 62.81 -31.10
CA LEU L 282 0.30 63.96 -30.26
C LEU L 282 0.80 63.74 -28.82
N ASN L 283 0.61 62.52 -28.29
CA ASN L 283 1.07 62.25 -26.94
C ASN L 283 2.56 62.49 -26.80
N SER L 284 3.35 62.04 -27.76
CA SER L 284 4.81 62.16 -27.72
C SER L 284 5.32 63.55 -28.06
N HIS L 285 4.46 64.49 -28.45
CA HIS L 285 4.92 65.81 -28.85
C HIS L 285 5.62 66.49 -27.67
N ASP L 286 6.84 66.98 -27.91
CA ASP L 286 7.69 67.59 -26.88
C ASP L 286 8.88 68.25 -27.56
N VAL L 287 8.75 69.56 -27.84
CA VAL L 287 9.78 70.23 -28.62
C VAL L 287 11.12 70.26 -27.90
N GLY L 288 11.13 69.91 -26.61
CA GLY L 288 12.34 70.00 -25.83
C GLY L 288 13.15 68.73 -25.79
N ARG L 289 12.54 67.61 -26.19
CA ARG L 289 13.21 66.31 -26.17
C ARG L 289 14.55 66.37 -26.88
N GLY L 290 15.59 65.90 -26.20
CA GLY L 290 16.90 65.81 -26.81
C GLY L 290 17.52 67.14 -27.20
N ARG L 291 16.92 68.24 -26.74
CA ARG L 291 17.42 69.57 -27.04
C ARG L 291 17.64 70.37 -25.75
N GLY L 292 17.67 69.69 -24.62
CA GLY L 292 17.92 70.35 -23.36
C GLY L 292 16.70 70.93 -22.71
N GLY L 293 15.51 70.49 -23.12
CA GLY L 293 14.24 70.92 -22.55
C GLY L 293 13.52 71.96 -23.40
N VAL L 294 12.25 72.15 -23.08
CA VAL L 294 11.41 73.07 -23.85
C VAL L 294 12.06 74.44 -23.94
N SER L 295 12.46 74.99 -22.78
CA SER L 295 13.01 76.34 -22.76
C SER L 295 14.29 76.44 -23.59
N ALA L 296 15.25 75.55 -23.35
CA ALA L 296 16.50 75.60 -24.10
C ALA L 296 16.21 75.57 -25.60
N ALA L 297 15.32 74.67 -26.01
CA ALA L 297 15.09 74.48 -27.43
C ALA L 297 14.46 75.71 -28.07
N LEU L 298 13.37 76.21 -27.48
CA LEU L 298 12.76 77.38 -28.09
C LEU L 298 13.70 78.58 -28.06
N ARG L 299 14.55 78.70 -27.02
CA ARG L 299 15.45 79.85 -26.92
C ARG L 299 16.49 79.87 -28.04
N ALA L 300 16.90 78.70 -28.54
CA ALA L 300 17.87 78.64 -29.65
C ALA L 300 17.26 78.81 -31.05
N CYS L 301 15.93 78.87 -31.18
CA CYS L 301 15.32 78.94 -32.49
C CYS L 301 15.10 80.39 -32.92
N PRO L 302 15.80 80.88 -33.95
CA PRO L 302 15.68 82.27 -34.36
C PRO L 302 14.59 82.55 -35.39
N VAL L 303 13.88 81.55 -35.85
CA VAL L 303 12.92 81.79 -36.94
C VAL L 303 11.86 82.77 -36.48
N PRO L 304 11.55 83.83 -37.26
CA PRO L 304 10.37 84.64 -36.98
C PRO L 304 9.11 83.78 -36.99
N VAL L 305 8.23 84.05 -36.02
CA VAL L 305 6.97 83.31 -35.86
C VAL L 305 5.85 84.25 -35.43
N VAL L 306 4.63 83.89 -35.80
CA VAL L 306 3.41 84.46 -35.23
C VAL L 306 2.81 83.39 -34.35
N VAL L 307 2.39 83.76 -33.14
CA VAL L 307 1.83 82.80 -32.18
C VAL L 307 0.42 83.26 -31.80
N GLY L 308 -0.57 82.42 -32.05
CA GLY L 308 -1.96 82.76 -31.75
C GLY L 308 -2.66 81.69 -30.95
N GLY L 309 -3.53 82.13 -30.03
CA GLY L 309 -4.33 81.23 -29.23
C GLY L 309 -5.73 81.81 -29.09
N ILE L 310 -6.70 80.91 -28.82
CA ILE L 310 -8.11 81.28 -28.65
C ILE L 310 -8.45 81.38 -27.17
N THR L 311 -9.18 82.44 -26.79
CA THR L 311 -9.47 82.66 -25.38
C THR L 311 -10.18 81.47 -24.75
N SER L 312 -11.19 80.93 -25.41
CA SER L 312 -11.99 79.90 -24.79
C SER L 312 -11.52 78.49 -25.10
N ASP L 313 -10.31 78.32 -25.61
CA ASP L 313 -9.78 77.02 -25.99
C ASP L 313 -9.57 76.14 -24.76
N ARG L 314 -10.20 74.96 -24.73
CA ARG L 314 -10.10 74.04 -23.60
C ARG L 314 -9.09 72.92 -23.79
N LEU L 315 -8.69 72.61 -25.01
CA LEU L 315 -7.72 71.53 -25.22
C LEU L 315 -6.29 72.04 -25.25
N TYR L 316 -6.03 73.18 -25.89
CA TYR L 316 -4.71 73.83 -25.89
C TYR L 316 -4.93 75.25 -25.35
N PRO L 317 -5.10 75.39 -24.03
CA PRO L 317 -5.46 76.69 -23.44
C PRO L 317 -4.42 77.78 -23.70
N LEU L 318 -4.89 79.02 -23.57
CA LEU L 318 -4.07 80.19 -23.90
C LEU L 318 -2.69 80.18 -23.24
N ARG L 319 -2.58 79.68 -22.00
CA ARG L 319 -1.30 79.71 -21.31
C ARG L 319 -0.21 79.01 -22.13
N LEU L 320 -0.57 77.97 -22.87
CA LEU L 320 0.42 77.21 -23.64
C LEU L 320 0.99 78.03 -24.77
N GLN L 321 0.14 78.86 -25.40
CA GLN L 321 0.58 79.73 -26.49
C GLN L 321 1.36 80.91 -25.95
N GLN L 322 0.88 81.49 -24.84
CA GLN L 322 1.67 82.53 -24.19
C GLN L 322 3.06 82.00 -23.89
N GLU L 323 3.15 80.75 -23.46
CA GLU L 323 4.45 80.18 -23.17
C GLU L 323 5.32 80.14 -24.42
N LEU L 324 4.72 79.81 -25.56
CA LEU L 324 5.49 79.81 -26.81
C LEU L 324 5.97 81.22 -27.16
N ALA L 325 5.07 82.21 -27.04
CA ALA L 325 5.45 83.59 -27.34
C ALA L 325 6.60 84.05 -26.44
N ASP L 326 6.57 83.65 -25.17
CA ASP L 326 7.60 84.10 -24.24
C ASP L 326 8.98 83.55 -24.59
N LEU L 327 9.04 82.31 -25.05
CA LEU L 327 10.28 81.54 -25.17
C LEU L 327 10.96 81.60 -26.54
N LEU L 328 10.21 81.85 -27.63
CA LEU L 328 10.79 81.97 -28.96
C LEU L 328 11.22 83.41 -29.22
N PRO L 329 12.52 83.72 -29.34
CA PRO L 329 12.91 85.11 -29.56
C PRO L 329 12.33 85.67 -30.83
N GLY L 330 11.93 84.82 -31.78
CA GLY L 330 11.30 85.25 -33.01
C GLY L 330 9.86 85.72 -32.89
N CYS L 331 9.25 85.71 -31.72
CA CYS L 331 7.86 86.09 -31.54
C CYS L 331 7.78 87.49 -30.92
N ALA L 332 7.04 88.40 -31.57
CA ALA L 332 6.91 89.75 -31.03
C ALA L 332 6.03 89.76 -29.79
N GLY L 333 5.05 88.88 -29.74
CA GLY L 333 4.12 88.77 -28.63
C GLY L 333 2.91 87.90 -28.92
N LEU L 334 2.28 87.39 -27.87
CA LEU L 334 1.14 86.50 -28.05
C LEU L 334 0.02 87.21 -28.80
N ARG L 335 -0.61 86.56 -29.79
CA ARG L 335 -1.82 87.10 -30.44
C ARG L 335 -3.03 86.31 -29.97
N VAL L 336 -3.92 86.90 -29.19
CA VAL L 336 -5.11 86.31 -28.60
C VAL L 336 -6.23 86.53 -29.60
N VAL L 337 -6.71 85.43 -30.18
CA VAL L 337 -7.89 85.41 -31.03
C VAL L 337 -9.05 85.22 -30.08
N GLU L 338 -9.84 86.24 -29.86
CA GLU L 338 -10.90 86.04 -28.87
C GLU L 338 -12.14 85.60 -29.60
N SER L 339 -12.62 84.42 -29.21
CA SER L 339 -13.69 83.68 -29.85
C SER L 339 -14.33 82.80 -28.81
N VAL L 340 -15.64 82.59 -28.95
CA VAL L 340 -16.37 81.74 -28.01
C VAL L 340 -16.39 80.30 -28.46
N TYR L 341 -15.72 79.96 -29.56
CA TYR L 341 -15.86 78.66 -30.20
C TYR L 341 -14.74 77.68 -29.81
N GLY L 342 -13.94 78.00 -28.78
CA GLY L 342 -12.93 77.12 -28.26
C GLY L 342 -11.89 76.71 -29.29
N HIS L 343 -11.34 75.51 -29.08
CA HIS L 343 -10.26 75.04 -29.95
C HIS L 343 -10.67 75.08 -31.42
N ASP L 344 -11.92 74.76 -31.72
CA ASP L 344 -12.37 74.77 -33.12
C ASP L 344 -12.30 76.19 -33.65
N GLY L 345 -11.91 77.15 -32.81
CA GLY L 345 -11.79 78.51 -33.27
C GLY L 345 -10.77 78.64 -34.39
N PHE L 346 -9.75 77.79 -34.38
CA PHE L 346 -8.72 77.90 -35.41
C PHE L 346 -9.24 77.48 -36.79
N LEU L 347 -10.34 76.72 -36.84
CA LEU L 347 -10.99 76.37 -38.12
C LEU L 347 -12.11 77.31 -38.51
N VAL L 348 -12.66 78.07 -37.55
CA VAL L 348 -13.85 78.86 -37.75
C VAL L 348 -13.55 80.36 -37.76
N GLU L 349 -12.60 80.83 -36.97
CA GLU L 349 -12.33 82.25 -36.85
C GLU L 349 -11.51 82.66 -38.07
N THR L 350 -12.12 82.53 -39.26
CA THR L 350 -11.41 82.75 -40.54
C THR L 350 -10.83 84.15 -40.69
N GLU L 351 -11.54 85.18 -40.27
CA GLU L 351 -11.03 86.55 -40.48
C GLU L 351 -9.75 86.69 -39.68
N ALA L 352 -9.79 86.29 -38.41
CA ALA L 352 -8.62 86.41 -37.52
C ALA L 352 -7.51 85.47 -37.94
N VAL L 353 -7.86 84.25 -38.30
CA VAL L 353 -6.86 83.28 -38.74
C VAL L 353 -6.21 83.76 -40.04
N GLY L 354 -7.00 84.34 -40.95
CA GLY L 354 -6.41 84.90 -42.16
C GLY L 354 -5.47 86.06 -41.84
N GLU L 355 -5.93 86.97 -40.99
CA GLU L 355 -5.08 88.06 -40.56
C GLU L 355 -3.76 87.55 -39.97
N LEU L 356 -3.82 86.48 -39.16
CA LEU L 356 -2.58 85.94 -38.60
C LEU L 356 -1.72 85.32 -39.68
N ILE L 357 -2.36 84.64 -40.64
CA ILE L 357 -1.63 84.08 -41.76
C ILE L 357 -0.99 85.20 -42.58
N ARG L 358 -1.72 86.29 -42.80
CA ARG L 358 -1.17 87.40 -43.56
C ARG L 358 0.08 87.96 -42.89
N GLN L 359 0.01 88.19 -41.57
CA GLN L 359 1.18 88.66 -40.85
C GLN L 359 2.36 87.69 -40.99
N THR L 360 2.10 86.39 -40.90
CA THR L 360 3.21 85.44 -41.03
C THR L 360 3.88 85.59 -42.38
N LEU L 361 3.08 85.76 -43.42
CA LEU L 361 3.68 85.78 -44.77
C LEU L 361 4.43 87.09 -45.00
N GLY L 362 4.04 88.16 -44.32
CA GLY L 362 4.79 89.42 -44.40
C GLY L 362 6.16 89.30 -43.78
N LEU L 363 6.36 88.32 -42.90
CA LEU L 363 7.64 88.17 -42.20
C LEU L 363 8.51 87.34 -43.11
N ALA L 364 7.88 86.54 -43.97
CA ALA L 364 8.63 85.72 -44.94
C ALA L 364 9.07 86.64 -46.07
N ASP L 365 8.17 87.50 -46.54
CA ASP L 365 8.56 88.48 -47.57
C ASP L 365 9.78 89.23 -47.04
N ARG L 366 9.62 89.96 -45.94
CA ARG L 366 10.74 90.72 -45.33
C ARG L 366 12.04 89.90 -45.37
N GLU L 367 11.95 88.59 -45.22
CA GLU L 367 13.17 87.76 -45.13
C GLU L 367 13.32 86.95 -46.42
N HSE M . -6.66 10.23 -18.60
CA HSE M . -6.67 8.79 -18.73
C HSE M . -7.98 8.38 -19.27
C3 HSE M . -6.46 8.15 -17.37
O HSE M . -9.01 8.75 -18.69
OXT HSE M . -7.98 7.70 -20.30
C4 HSE M . -4.98 8.12 -17.03
O3 HSE M . -4.43 9.44 -17.09
N HSE N . -16.38 20.25 9.35
CA HSE N . -16.32 20.46 7.94
C HSE N . -17.05 19.36 7.29
C3 HSE N . -14.89 20.33 7.47
O HSE N . -17.40 18.39 7.96
OXT HSE N . -17.27 19.47 6.10
C4 HSE N . -14.34 18.97 7.86
O3 HSE N . -12.92 18.98 7.64
N HSE O . 10.89 -65.91 -4.52
CA HSE O . 11.40 -64.94 -3.55
C HSE O . 12.79 -65.40 -3.17
C3 HSE O . 10.51 -64.89 -2.32
O HSE O . 12.89 -65.96 -2.05
OXT HSE O . 13.72 -65.24 -3.96
C4 HSE O . 9.55 -66.07 -2.35
O3 HSE O . 8.50 -65.89 -3.28
N HSE P . 1.41 -67.78 24.18
CA HSE P . 1.22 -69.01 24.95
C HSE P . 2.54 -69.45 25.59
C3 HSE P . 0.62 -70.13 24.09
O HSE P . 2.51 -69.81 26.79
OXT HSE P . 3.59 -69.42 24.84
C4 HSE P . 1.67 -70.85 23.27
O3 HSE P . 1.39 -72.23 23.17
N HSE Q . 34.10 32.52 -15.93
CA HSE Q . 33.05 32.42 -16.93
C HSE Q . 32.97 33.72 -17.62
C3 HSE Q . 31.72 32.16 -16.24
O HSE Q . 33.16 34.75 -16.96
OXT HSE Q . 32.73 33.73 -18.83
C4 HSE Q . 30.63 33.00 -16.88
O3 HSE Q . 29.36 32.44 -16.59
N HSE R . 19.64 -20.65 3.61
CA HSE R . 20.87 -21.00 2.92
C HSE R . 21.21 -22.39 3.40
C3 HSE R . 21.97 -20.05 3.35
O HSE R . 20.75 -22.55 4.58
OXT HSE R . 21.81 -23.19 2.66
C4 HSE R . 22.79 -20.74 4.42
O3 HSE R . 23.99 -20.03 4.65
N HSE S . 14.98 -7.67 28.28
CA HSE S . 13.84 -8.20 29.04
C HSE S . 14.42 -9.15 30.09
C3 HSE S . 12.82 -8.91 28.11
O HSE S . 13.65 -9.88 30.76
OXT HSE S . 15.72 -9.08 30.16
C4 HSE S . 11.39 -8.37 28.24
O3 HSE S . 10.50 -8.88 27.27
N HSE T . -20.13 -34.02 -8.54
CA HSE T . -21.22 -33.81 -9.50
C HSE T . -21.75 -32.41 -9.36
C3 HSE T . -22.43 -34.73 -9.26
O HSE T . -21.65 -31.92 -8.19
OXT HSE T . -22.24 -31.84 -10.33
C4 HSE T . -23.69 -33.88 -9.14
O3 HSE T . -24.83 -34.48 -9.75
N HSE U . -34.60 -40.05 16.68
CA HSE U . -33.58 -40.05 17.71
C HSE U . -33.40 -38.65 18.20
C3 HSE U . -32.27 -40.54 17.12
O HSE U . -33.10 -38.46 19.37
OXT HSE U . -33.58 -37.74 17.39
C4 HSE U . -31.10 -39.66 17.54
O3 HSE U . -29.95 -40.45 17.77
N HSE V . -15.98 62.84 -7.70
CA HSE V . -17.38 62.88 -7.31
C HSE V . -17.89 61.47 -7.43
C3 HSE V . -18.19 63.77 -8.24
O HSE V . -18.59 60.96 -6.53
OXT HSE V . -17.50 60.92 -8.52
C4 HSE V . -19.41 63.00 -8.73
O3 HSE V . -20.49 63.84 -9.07
N HSE W . -10.91 69.22 -35.37
CA HSE W . -9.53 68.87 -35.57
C HSE W . -9.47 67.50 -36.16
C3 HSE W . -8.81 68.92 -34.22
O HSE W . -10.54 66.91 -36.32
OXT HSE W . -8.38 67.01 -36.48
C4 HSE W . -7.31 68.75 -34.31
O3 HSE W . -6.86 67.94 -33.22
#